data_8D7I
#
_entry.id   8D7I
#
_cell.length_a   102.230
_cell.length_b   152.270
_cell.length_c   296.380
_cell.angle_alpha   90.000
_cell.angle_beta   90.000
_cell.angle_gamma   90.000
#
_symmetry.space_group_name_H-M   'P 21 21 21'
#
loop_
_entity.id
_entity.type
_entity.pdbx_description
1 polymer 'Neutrophil elastase'
2 polymer 'Extracellular Adherence Protein'
3 polymer 'Cathepsin G, C-terminal truncated form'
#
loop_
_entity_poly.entity_id
_entity_poly.type
_entity_poly.pdbx_seq_one_letter_code
_entity_poly.pdbx_strand_id
1 'polypeptide(L)'
;IVGGRRARPHAWPFMVSLQLRGGHFCGATLIAPNFVMSAAHCVANVNVRAVRVVLGAHNLSRREPTRQVFAVQRIFENGY
DPVNLLNDIVILQLNGSATINANVQVAQLPAQGRRLGNGVQCLAMGWGLLGRNRGIASVLQELNVTVVTSLCRRSNVCTL
VRGRQAGVCFGDSGSPLVCNGLIHGIASFVRGGCASGLYPDAFAPVAQFVNWIDSIIQ
;
A,D,G,J,M,P
2 'polypeptide(L)'
;GSTIQIPYTITVNGTSQNILSSLTFNKNQNISYKDIENKVKSVLYFNRGISDIDLRLSKQAEYTVHFKNGTKRVIDLKSG
IYTADLINTSDIKAISVNVD
;
B,E,H,K,N,Q
3 'polypeptide(L)'
;IIGGRESRPHSRPYMAYLQIQSPAGQSRCGGFLVREDFVLTAAHCWGSNINVTLGAHNIQRRENTQQHITARRAIRHPQY
NQRTIQNDIMLLQLSRRVRRNRNVNPVALPRAQEGLRPGTLCTVAGWGRVSMRRGTDTLREVQLRVQRDRQCLRIFGSYD
PRRQICVGDRRERKAAFKGDSGGPLLCNNVAHGIVSYGKSSGVPPEVFTRVSSFLPWIRTTMR
;
C,F,I,L,O,R
#
# COMPACT_ATOMS: atom_id res chain seq x y z
N ILE A 1 -18.49 8.94 36.94
CA ILE A 1 -17.80 9.93 37.76
C ILE A 1 -18.09 9.70 39.25
N VAL A 2 -17.03 9.59 40.05
CA VAL A 2 -17.15 9.30 41.48
C VAL A 2 -17.17 10.61 42.26
N GLY A 3 -18.19 10.80 43.09
CA GLY A 3 -18.31 11.99 43.90
C GLY A 3 -18.79 13.23 43.16
N GLY A 4 -19.48 13.06 42.04
CA GLY A 4 -19.98 14.18 41.26
C GLY A 4 -21.44 14.47 41.52
N ARG A 5 -22.06 15.13 40.55
CA ARG A 5 -23.47 15.49 40.60
C ARG A 5 -24.14 15.18 39.27
N ARG A 6 -25.45 15.04 39.31
CA ARG A 6 -26.23 14.95 38.07
C ARG A 6 -26.02 16.23 37.27
N ALA A 7 -25.78 16.07 35.97
CA ALA A 7 -25.59 17.20 35.08
C ALA A 7 -26.94 17.72 34.61
N ARG A 8 -27.04 19.05 34.47
CA ARG A 8 -28.18 19.64 33.82
C ARG A 8 -28.43 18.92 32.50
N PRO A 9 -29.67 18.46 32.23
CA PRO A 9 -29.94 17.75 30.97
C PRO A 9 -29.43 18.49 29.74
N HIS A 10 -28.53 17.84 29.01
CA HIS A 10 -27.92 18.37 27.80
C HIS A 10 -27.15 19.67 28.02
N ALA A 11 -26.71 19.94 29.25
CA ALA A 11 -25.81 21.06 29.47
C ALA A 11 -24.49 20.90 28.72
N TRP A 12 -24.19 19.70 28.24
CA TRP A 12 -22.99 19.42 27.47
C TRP A 12 -23.43 18.63 26.24
N PRO A 13 -23.78 19.33 25.15
CA PRO A 13 -24.31 18.63 23.97
C PRO A 13 -23.23 17.89 23.18
N PHE A 14 -22.00 18.40 23.26
CA PHE A 14 -20.87 17.73 22.64
C PHE A 14 -20.51 16.40 23.29
N MET A 15 -21.15 16.05 24.41
CA MET A 15 -20.83 14.82 25.11
C MET A 15 -21.37 13.62 24.33
N VAL A 16 -20.54 12.58 24.20
CA VAL A 16 -20.84 11.44 23.35
C VAL A 16 -20.70 10.15 24.15
N SER A 17 -21.59 9.20 23.88
CA SER A 17 -21.53 7.88 24.49
C SER A 17 -21.19 6.85 23.43
N LEU A 18 -20.16 6.05 23.69
CA LEU A 18 -19.82 4.91 22.85
C LEU A 18 -20.37 3.65 23.50
N GLN A 19 -21.08 2.84 22.71
CA GLN A 19 -21.82 1.71 23.24
C GLN A 19 -21.56 0.46 22.42
N LEU A 20 -21.41 -0.66 23.11
CA LEU A 20 -21.25 -1.98 22.49
C LEU A 20 -22.37 -2.87 23.02
N ARG A 21 -23.26 -3.30 22.12
CA ARG A 21 -24.44 -4.09 22.49
C ARG A 21 -25.25 -3.38 23.57
N GLY A 22 -25.56 -2.12 23.28
CA GLY A 22 -26.40 -1.29 24.12
C GLY A 22 -25.78 -0.85 25.43
N GLY A 23 -24.55 -1.26 25.69
CA GLY A 23 -23.89 -0.97 26.93
C GLY A 23 -22.79 0.07 26.74
N HIS A 24 -22.88 1.14 27.52
CA HIS A 24 -21.84 2.15 27.54
C HIS A 24 -20.51 1.54 27.99
N PHE A 25 -19.45 1.89 27.27
CA PHE A 25 -18.11 1.47 27.67
C PHE A 25 -17.06 2.57 27.59
N CYS A 26 -17.30 3.65 26.87
CA CYS A 26 -16.39 4.79 26.85
C CYS A 26 -17.15 6.04 26.44
N GLY A 27 -16.65 7.19 26.88
CA GLY A 27 -17.16 8.46 26.41
C GLY A 27 -16.43 8.92 25.16
N ALA A 28 -16.98 9.97 24.54
CA ALA A 28 -16.33 10.59 23.40
C ALA A 28 -16.73 12.05 23.34
N THR A 29 -16.12 12.77 22.41
CA THR A 29 -16.38 14.20 22.24
C THR A 29 -16.69 14.48 20.77
N LEU A 30 -17.79 15.17 20.52
CA LEU A 30 -18.15 15.58 19.17
C LEU A 30 -17.34 16.83 18.81
N ILE A 31 -16.40 16.68 17.89
CA ILE A 31 -15.55 17.79 17.43
C ILE A 31 -15.94 18.30 16.06
N ALA A 32 -16.78 17.59 15.32
CA ALA A 32 -17.26 17.99 14.01
C ALA A 32 -18.44 17.10 13.66
N PRO A 33 -19.35 17.56 12.80
CA PRO A 33 -20.59 16.80 12.56
C PRO A 33 -20.40 15.36 12.10
N ASN A 34 -19.19 14.95 11.69
CA ASN A 34 -18.94 13.56 11.31
C ASN A 34 -17.65 13.03 11.93
N PHE A 35 -17.25 13.57 13.08
CA PHE A 35 -16.03 13.12 13.75
C PHE A 35 -16.19 13.25 15.27
N VAL A 36 -16.00 12.15 15.97
CA VAL A 36 -15.91 12.17 17.42
C VAL A 36 -14.46 11.93 17.81
N MET A 37 -14.07 12.50 18.94
CA MET A 37 -12.72 12.39 19.47
C MET A 37 -12.79 11.67 20.80
N SER A 38 -12.06 10.56 20.92
CA SER A 38 -12.15 9.74 22.12
C SER A 38 -10.73 9.28 22.47
N ALA A 39 -10.65 8.38 23.45
CA ALA A 39 -9.38 7.82 23.87
C ALA A 39 -8.97 6.68 22.95
N ALA A 40 -7.67 6.58 22.68
CA ALA A 40 -7.19 5.61 21.71
C ALA A 40 -7.43 4.17 22.17
N HIS A 41 -7.29 3.90 23.47
CA HIS A 41 -7.45 2.54 23.99
C HIS A 41 -8.90 2.08 24.05
N CYS A 42 -9.87 3.01 23.96
CA CYS A 42 -11.26 2.61 23.93
C CYS A 42 -11.60 1.80 22.69
N VAL A 43 -10.86 2.02 21.60
CA VAL A 43 -11.13 1.37 20.32
C VAL A 43 -10.02 0.43 19.89
N ALA A 44 -8.97 0.27 20.71
CA ALA A 44 -7.82 -0.51 20.27
C ALA A 44 -8.08 -2.01 20.30
N ASN A 45 -9.07 -2.48 21.07
CA ASN A 45 -9.32 -3.92 21.21
C ASN A 45 -10.76 -4.29 20.90
N VAL A 46 -11.56 -3.38 20.34
CA VAL A 46 -12.98 -3.59 20.21
C VAL A 46 -13.33 -3.81 18.74
N ASN A 47 -14.46 -4.50 18.53
CA ASN A 47 -15.05 -4.66 17.20
C ASN A 47 -15.62 -3.32 16.77
N VAL A 48 -14.86 -2.59 15.94
CA VAL A 48 -15.25 -1.24 15.58
C VAL A 48 -16.58 -1.22 14.85
N ARG A 49 -16.91 -2.29 14.15
CA ARG A 49 -18.15 -2.34 13.39
C ARG A 49 -19.37 -2.58 14.27
N ALA A 50 -19.18 -2.94 15.53
CA ALA A 50 -20.28 -3.04 16.49
C ALA A 50 -20.44 -1.80 17.35
N VAL A 51 -19.41 -0.96 17.43
CA VAL A 51 -19.51 0.28 18.20
C VAL A 51 -20.58 1.17 17.60
N ARG A 52 -21.38 1.79 18.47
CA ARG A 52 -22.42 2.72 18.05
C ARG A 52 -22.24 4.02 18.80
N VAL A 53 -21.93 5.08 18.06
CA VAL A 53 -21.74 6.42 18.60
C VAL A 53 -23.11 7.03 18.87
N VAL A 54 -23.36 7.41 20.13
CA VAL A 54 -24.65 7.93 20.56
C VAL A 54 -24.47 9.37 20.99
N LEU A 55 -25.15 10.28 20.28
CA LEU A 55 -25.00 11.70 20.49
C LEU A 55 -26.21 12.27 21.22
N GLY A 56 -25.95 13.21 22.11
CA GLY A 56 -27.03 13.97 22.74
C GLY A 56 -27.96 13.15 23.62
N ALA A 57 -27.45 12.08 24.23
CA ALA A 57 -28.21 11.37 25.23
C ALA A 57 -27.99 12.02 26.59
N HIS A 58 -28.79 11.63 27.58
CA HIS A 58 -28.63 12.14 28.93
C HIS A 58 -28.87 11.05 29.97
N ASN A 59 -30.07 10.46 29.96
CA ASN A 59 -30.37 9.26 30.74
C ASN A 59 -30.18 8.07 29.81
N LEU A 60 -29.01 7.43 29.89
CA LEU A 60 -28.69 6.32 28.99
C LEU A 60 -29.67 5.16 29.11
N SER A 61 -30.33 5.02 30.26
CA SER A 61 -31.15 3.84 30.52
C SER A 61 -32.56 3.92 29.95
N ARG A 62 -33.04 5.11 29.62
CA ARG A 62 -34.40 5.27 29.15
C ARG A 62 -34.44 5.84 27.73
N ARG A 63 -35.58 5.66 27.07
CA ARG A 63 -35.73 6.09 25.69
C ARG A 63 -35.74 7.61 25.61
N GLU A 64 -34.85 8.17 24.80
CA GLU A 64 -34.77 9.60 24.62
C GLU A 64 -34.96 9.95 23.15
N PRO A 65 -35.89 10.85 22.81
CA PRO A 65 -36.10 11.15 21.39
C PRO A 65 -35.03 12.06 20.82
N THR A 66 -34.25 12.73 21.66
CA THR A 66 -33.20 13.62 21.20
C THR A 66 -31.97 12.89 20.68
N ARG A 67 -31.93 11.56 20.78
CA ARG A 67 -30.73 10.80 20.47
C ARG A 67 -30.52 10.67 18.97
N GLN A 68 -29.25 10.58 18.58
CA GLN A 68 -28.86 10.23 17.22
C GLN A 68 -27.71 9.24 17.32
N VAL A 69 -27.76 8.20 16.49
CA VAL A 69 -26.84 7.06 16.60
C VAL A 69 -26.14 6.85 15.26
N PHE A 70 -24.83 6.62 15.33
CA PHE A 70 -24.01 6.44 14.15
C PHE A 70 -23.07 5.26 14.35
N ALA A 71 -22.60 4.73 13.23
CA ALA A 71 -21.54 3.73 13.21
C ALA A 71 -20.21 4.41 12.91
N VAL A 72 -19.13 3.67 13.11
CA VAL A 72 -17.77 4.16 12.86
C VAL A 72 -17.33 3.68 11.49
N GLN A 73 -16.87 4.62 10.68
CA GLN A 73 -16.48 4.36 9.31
C GLN A 73 -14.95 4.28 9.16
N ARG A 74 -14.23 5.23 9.74
CA ARG A 74 -12.77 5.26 9.68
C ARG A 74 -12.23 5.68 11.04
N ILE A 75 -10.97 5.31 11.27
CA ILE A 75 -10.28 5.57 12.54
C ILE A 75 -8.97 6.30 12.24
N PHE A 76 -8.66 7.30 13.05
CA PHE A 76 -7.45 8.11 12.89
C PHE A 76 -6.69 8.15 14.21
N GLU A 77 -5.49 7.60 14.21
CA GLU A 77 -4.61 7.62 15.37
C GLU A 77 -3.42 8.53 15.11
N ASN A 78 -2.69 8.83 16.18
CA ASN A 78 -1.53 9.72 16.10
C ASN A 78 -0.39 9.20 16.98
N GLY A 79 -0.11 7.90 16.89
CA GLY A 79 1.00 7.30 17.62
C GLY A 79 0.69 6.90 19.05
N TYR A 80 -0.35 6.08 19.23
CA TYR A 80 -0.76 5.67 20.57
C TYR A 80 0.16 4.56 21.09
N ASP A 81 0.61 4.71 22.34
CA ASP A 81 1.50 3.74 22.99
C ASP A 81 0.75 3.07 24.12
N PRO A 82 0.25 1.84 23.93
CA PRO A 82 -0.49 1.18 25.03
C PRO A 82 0.41 0.68 26.14
N VAL A 83 1.73 0.68 25.95
CA VAL A 83 2.64 0.24 26.99
C VAL A 83 2.89 1.37 27.99
N ASN A 84 2.94 2.61 27.52
CA ASN A 84 3.19 3.76 28.38
C ASN A 84 2.01 4.70 28.48
N LEU A 85 0.89 4.40 27.84
CA LEU A 85 -0.30 5.27 27.81
C LEU A 85 0.08 6.67 27.34
N LEU A 86 0.64 6.72 26.13
CA LEU A 86 1.05 7.95 25.48
C LEU A 86 0.25 8.16 24.20
N ASN A 87 -0.11 9.40 23.94
CA ASN A 87 -0.96 9.75 22.79
C ASN A 87 -2.25 8.94 22.81
N ASP A 88 -2.96 9.04 23.92
CA ASP A 88 -4.19 8.28 24.12
C ASP A 88 -5.36 8.99 23.45
N ILE A 89 -5.21 9.33 22.18
CA ILE A 89 -6.22 10.07 21.43
C ILE A 89 -6.52 9.34 20.13
N VAL A 90 -7.78 9.34 19.75
CA VAL A 90 -8.25 8.74 18.51
C VAL A 90 -9.39 9.60 17.97
N ILE A 91 -9.53 9.61 16.65
CA ILE A 91 -10.60 10.34 15.97
C ILE A 91 -11.36 9.35 15.10
N LEU A 92 -12.66 9.25 15.32
CA LEU A 92 -13.52 8.30 14.63
C LEU A 92 -14.39 9.06 13.65
N GLN A 93 -14.34 8.67 12.38
CA GLN A 93 -15.26 9.23 11.39
C GLN A 93 -16.57 8.45 11.42
N LEU A 94 -17.67 9.17 11.33
CA LEU A 94 -19.00 8.56 11.48
C LEU A 94 -19.56 8.15 10.12
N ASN A 95 -20.51 7.21 10.15
CA ASN A 95 -21.22 6.78 8.94
C ASN A 95 -22.26 7.80 8.48
N GLY A 96 -22.22 9.00 9.04
CA GLY A 96 -23.12 10.05 8.62
C GLY A 96 -22.66 11.38 9.14
N SER A 97 -23.58 12.34 9.16
CA SER A 97 -23.31 13.66 9.72
C SER A 97 -24.43 14.03 10.68
N ALA A 98 -24.06 14.32 11.93
CA ALA A 98 -25.03 14.66 12.95
C ALA A 98 -25.73 15.97 12.64
N THR A 99 -26.99 16.08 13.05
CA THR A 99 -27.74 17.32 12.92
C THR A 99 -27.54 18.15 14.17
N ILE A 100 -26.79 19.25 14.04
CA ILE A 100 -26.57 20.14 15.18
C ILE A 100 -27.90 20.76 15.60
N ASN A 101 -28.18 20.73 16.89
CA ASN A 101 -29.34 21.40 17.45
C ASN A 101 -29.04 21.73 18.92
N ALA A 102 -30.09 21.96 19.72
CA ALA A 102 -29.87 22.31 21.11
C ALA A 102 -29.21 21.17 21.89
N ASN A 103 -29.50 19.94 21.52
CA ASN A 103 -29.01 18.78 22.26
C ASN A 103 -27.71 18.23 21.70
N VAL A 104 -27.30 18.63 20.50
CA VAL A 104 -26.12 18.09 19.83
C VAL A 104 -25.36 19.25 19.21
N GLN A 105 -24.17 19.56 19.74
CA GLN A 105 -23.36 20.66 19.22
C GLN A 105 -21.90 20.24 19.18
N VAL A 106 -21.12 20.97 18.37
CA VAL A 106 -19.70 20.71 18.21
C VAL A 106 -18.93 21.43 19.30
N ALA A 107 -17.93 20.75 19.87
CA ALA A 107 -17.15 21.29 20.97
C ALA A 107 -16.02 22.17 20.45
N GLN A 108 -15.48 23.00 21.33
CA GLN A 108 -14.40 23.93 21.04
C GLN A 108 -13.10 23.39 21.62
N LEU A 109 -12.05 23.30 20.79
CA LEU A 109 -10.75 22.83 21.20
C LEU A 109 -9.78 24.00 21.37
N PRO A 110 -8.78 23.87 22.25
CA PRO A 110 -7.88 25.00 22.51
C PRO A 110 -6.96 25.29 21.35
N ALA A 111 -6.06 26.26 21.53
CA ALA A 111 -4.99 26.48 20.57
C ALA A 111 -3.92 25.43 20.72
N GLN A 112 -3.24 25.12 19.62
CA GLN A 112 -2.18 24.12 19.63
C GLN A 112 -1.07 24.51 20.60
N GLY A 113 -0.78 23.62 21.54
CA GLY A 113 0.30 23.82 22.47
C GLY A 113 -0.05 24.59 23.73
N ARG A 114 -1.25 25.16 23.83
CA ARG A 114 -1.62 25.89 25.03
C ARG A 114 -1.68 24.94 26.21
N ARG A 115 -0.78 25.15 27.18
CA ARG A 115 -0.69 24.29 28.35
C ARG A 115 -1.33 24.98 29.55
N LEU A 116 -2.08 24.21 30.34
CA LEU A 116 -2.70 24.71 31.55
C LEU A 116 -1.75 24.52 32.73
N GLY A 117 -1.43 25.61 33.41
CA GLY A 117 -0.61 25.54 34.60
C GLY A 117 -1.37 24.94 35.77
N ASN A 118 -0.70 24.90 36.92
CA ASN A 118 -1.30 24.34 38.11
C ASN A 118 -2.39 25.25 38.65
N GLY A 119 -3.43 24.65 39.21
CA GLY A 119 -4.48 25.38 39.89
C GLY A 119 -5.72 25.68 39.07
N VAL A 120 -5.69 25.47 37.76
CA VAL A 120 -6.81 25.84 36.89
C VAL A 120 -8.02 24.99 37.22
N GLN A 121 -9.20 25.62 37.21
CA GLN A 121 -10.46 24.92 37.47
C GLN A 121 -11.02 24.33 36.18
N CYS A 122 -11.43 23.07 36.26
CA CYS A 122 -11.95 22.33 35.11
C CYS A 122 -13.23 21.62 35.51
N LEU A 123 -13.76 20.81 34.58
CA LEU A 123 -14.97 20.05 34.81
C LEU A 123 -14.87 18.72 34.07
N ALA A 124 -14.75 17.64 34.83
CA ALA A 124 -14.78 16.29 34.28
C ALA A 124 -16.20 15.78 34.24
N MET A 125 -16.48 14.92 33.27
CA MET A 125 -17.84 14.43 33.06
C MET A 125 -17.76 13.05 32.45
N GLY A 126 -18.90 12.37 32.43
CA GLY A 126 -19.00 11.05 31.83
C GLY A 126 -19.97 10.17 32.59
N TRP A 127 -20.38 9.08 31.92
CA TRP A 127 -21.24 8.08 32.55
C TRP A 127 -20.47 6.97 33.23
N GLY A 128 -19.28 7.25 33.77
CA GLY A 128 -18.49 6.22 34.43
C GLY A 128 -19.14 5.73 35.70
N LEU A 129 -18.52 4.77 36.39
CA LEU A 129 -19.09 4.26 37.63
C LEU A 129 -19.25 5.38 38.65
N LEU A 130 -20.38 5.37 39.37
CA LEU A 130 -20.62 6.35 40.43
C LEU A 130 -19.71 6.14 41.62
N GLY A 131 -19.15 4.95 41.77
CA GLY A 131 -18.25 4.64 42.84
C GLY A 131 -17.62 3.29 42.57
N ARG A 132 -16.33 3.15 42.84
CA ARG A 132 -15.69 1.85 42.74
C ARG A 132 -16.50 0.85 43.56
N ASN A 133 -16.96 -0.21 42.90
CA ASN A 133 -17.80 -1.27 43.49
C ASN A 133 -19.27 -0.85 43.60
N ARG A 134 -19.67 0.24 42.94
CA ARG A 134 -21.02 0.77 43.09
C ARG A 134 -21.89 0.71 41.83
N GLY A 135 -21.31 0.85 40.64
CA GLY A 135 -22.09 0.63 39.43
C GLY A 135 -22.04 1.74 38.41
N ILE A 136 -22.41 1.41 37.17
CA ILE A 136 -22.33 2.36 36.06
C ILE A 136 -23.36 3.47 36.23
N ALA A 137 -23.10 4.60 35.58
CA ALA A 137 -24.02 5.72 35.63
C ALA A 137 -25.17 5.54 34.64
N SER A 138 -26.34 6.05 35.04
CA SER A 138 -27.48 6.16 34.14
C SER A 138 -27.74 7.58 33.69
N VAL A 139 -27.32 8.57 34.48
CA VAL A 139 -27.43 9.99 34.14
C VAL A 139 -26.02 10.55 34.05
N LEU A 140 -25.78 11.45 33.09
CA LEU A 140 -24.47 12.06 32.95
C LEU A 140 -24.06 12.73 34.26
N GLN A 141 -22.81 12.53 34.64
CA GLN A 141 -22.27 13.08 35.87
C GLN A 141 -21.23 14.13 35.54
N GLU A 142 -21.20 15.21 36.33
CA GLU A 142 -20.17 16.23 36.20
C GLU A 142 -19.53 16.45 37.56
N LEU A 143 -18.36 17.07 37.54
CA LEU A 143 -17.55 17.19 38.75
C LEU A 143 -16.52 18.29 38.58
N ASN A 144 -16.62 19.35 39.38
CA ASN A 144 -15.56 20.35 39.45
C ASN A 144 -14.27 19.67 39.88
N VAL A 145 -13.19 19.94 39.14
CA VAL A 145 -11.86 19.42 39.45
C VAL A 145 -10.85 20.54 39.29
N THR A 146 -9.64 20.29 39.79
CA THR A 146 -8.53 21.23 39.71
C THR A 146 -7.37 20.56 38.98
N VAL A 147 -6.72 21.32 38.10
CA VAL A 147 -5.55 20.82 37.39
C VAL A 147 -4.33 20.85 38.32
N VAL A 148 -3.54 19.78 38.28
CA VAL A 148 -2.34 19.67 39.08
C VAL A 148 -1.16 19.34 38.17
N THR A 149 0.03 19.64 38.66
CA THR A 149 1.26 19.28 37.98
C THR A 149 2.12 18.31 38.78
N SER A 150 1.98 18.29 40.10
CA SER A 150 2.72 17.36 40.93
C SER A 150 2.19 15.93 40.72
N LEU A 151 3.09 14.96 40.86
CA LEU A 151 2.80 13.54 40.61
C LEU A 151 2.41 13.28 39.17
N CYS A 152 2.72 14.22 38.27
CA CYS A 152 2.32 14.15 36.88
C CYS A 152 3.54 14.26 35.99
N ARG A 153 3.37 13.87 34.73
CA ARG A 153 4.38 14.03 33.71
C ARG A 153 3.88 15.01 32.66
N ARG A 154 4.82 15.57 31.90
CA ARG A 154 4.48 16.53 30.86
C ARG A 154 3.57 15.95 29.78
N SER A 155 3.55 14.63 29.63
CA SER A 155 2.80 13.99 28.56
C SER A 155 1.31 13.94 28.82
N ASN A 156 0.85 14.37 30.00
CA ASN A 156 -0.57 14.26 30.35
C ASN A 156 -1.05 15.53 31.01
N VAL A 157 -2.37 15.65 31.08
CA VAL A 157 -3.05 16.65 31.90
C VAL A 157 -3.65 15.92 33.09
N CYS A 158 -3.25 16.31 34.30
CA CYS A 158 -3.65 15.63 35.52
C CYS A 158 -4.57 16.52 36.34
N THR A 159 -5.60 15.89 36.93
CA THR A 159 -6.58 16.57 37.76
C THR A 159 -6.68 15.88 39.10
N LEU A 160 -7.27 16.59 40.07
CA LEU A 160 -7.38 16.06 41.43
C LEU A 160 -8.49 16.78 42.18
N VAL A 161 -9.53 16.05 42.57
CA VAL A 161 -10.51 16.58 43.51
C VAL A 161 -9.82 16.73 44.86
N ARG A 162 -9.66 17.97 45.31
CA ARG A 162 -8.80 18.27 46.43
C ARG A 162 -9.55 18.12 47.75
N GLY A 163 -8.97 17.37 48.68
CA GLY A 163 -9.52 17.22 50.01
C GLY A 163 -10.60 16.17 50.15
N ARG A 164 -10.99 15.51 49.06
CA ARG A 164 -12.00 14.46 49.08
C ARG A 164 -11.49 13.28 48.26
N GLN A 165 -12.21 12.16 48.39
CA GLN A 165 -12.01 11.02 47.51
C GLN A 165 -13.08 11.11 46.43
N ALA A 166 -12.68 11.56 45.25
CA ALA A 166 -13.59 11.76 44.12
C ALA A 166 -12.77 11.92 42.86
N GLY A 167 -13.31 11.45 41.75
CA GLY A 167 -12.61 11.57 40.48
C GLY A 167 -13.30 10.75 39.41
N VAL A 168 -12.59 10.56 38.29
CA VAL A 168 -13.12 9.72 37.24
C VAL A 168 -13.07 8.26 37.68
N CYS A 169 -13.89 7.44 37.01
CA CYS A 169 -13.90 6.01 37.25
C CYS A 169 -13.97 5.32 35.90
N PHE A 170 -14.20 4.00 35.93
CA PHE A 170 -14.16 3.22 34.70
C PHE A 170 -15.42 3.46 33.89
N GLY A 171 -15.26 3.54 32.57
CA GLY A 171 -16.31 4.01 31.69
C GLY A 171 -16.25 5.50 31.42
N ASP A 172 -15.37 6.23 32.11
CA ASP A 172 -15.12 7.64 31.83
C ASP A 172 -14.02 7.85 30.81
N SER A 173 -13.32 6.79 30.39
CA SER A 173 -12.34 6.92 29.31
C SER A 173 -12.99 7.51 28.06
N GLY A 174 -12.28 8.43 27.42
CA GLY A 174 -12.78 9.10 26.25
C GLY A 174 -13.60 10.34 26.52
N SER A 175 -14.14 10.48 27.73
CA SER A 175 -14.93 11.64 28.06
C SER A 175 -14.07 12.89 28.12
N PRO A 176 -14.61 14.04 27.75
CA PRO A 176 -13.80 15.26 27.70
C PRO A 176 -13.55 15.85 29.08
N LEU A 177 -12.52 16.70 29.12
CA LEU A 177 -12.22 17.54 30.27
C LEU A 177 -12.37 18.99 29.82
N VAL A 178 -13.35 19.69 30.37
CA VAL A 178 -13.72 21.03 29.94
C VAL A 178 -13.12 22.04 30.91
N CYS A 179 -12.29 22.94 30.40
CA CYS A 179 -11.71 24.03 31.18
C CYS A 179 -11.86 25.32 30.41
N ASN A 180 -12.46 26.33 31.03
CA ASN A 180 -12.64 27.64 30.42
C ASN A 180 -13.43 27.55 29.11
N GLY A 181 -14.20 26.48 28.93
CA GLY A 181 -15.01 26.29 27.75
C GLY A 181 -14.36 25.50 26.63
N LEU A 182 -13.25 24.82 26.89
CA LEU A 182 -12.51 24.10 25.86
C LEU A 182 -12.22 22.67 26.31
N ILE A 183 -12.18 21.75 25.34
CA ILE A 183 -11.83 20.36 25.61
C ILE A 183 -10.30 20.29 25.71
N HIS A 184 -9.77 20.29 26.94
CA HIS A 184 -8.33 20.22 27.11
C HIS A 184 -7.82 18.81 27.33
N GLY A 185 -8.69 17.87 27.67
CA GLY A 185 -8.25 16.52 27.96
C GLY A 185 -9.25 15.43 27.65
N ILE A 186 -8.74 14.30 27.18
CA ILE A 186 -9.52 13.08 27.02
C ILE A 186 -9.11 12.13 28.14
N ALA A 187 -10.09 11.66 28.91
CA ALA A 187 -9.79 10.86 30.10
C ALA A 187 -9.09 9.55 29.72
N SER A 188 -7.94 9.30 30.34
CA SER A 188 -7.10 8.17 29.99
C SER A 188 -7.05 7.10 31.07
N PHE A 189 -6.48 7.40 32.24
CA PHE A 189 -6.26 6.37 33.24
C PHE A 189 -6.19 6.99 34.62
N VAL A 190 -6.38 6.13 35.63
CA VAL A 190 -6.23 6.48 37.05
C VAL A 190 -5.06 5.70 37.64
N ARG A 191 -4.78 5.94 38.91
CA ARG A 191 -3.72 5.23 39.62
C ARG A 191 -4.25 4.75 40.97
N GLY A 192 -3.97 3.49 41.29
CA GLY A 192 -4.40 2.90 42.55
C GLY A 192 -5.87 2.53 42.63
N GLY A 193 -6.70 3.01 41.71
CA GLY A 193 -8.13 2.81 41.76
C GLY A 193 -8.88 4.11 41.62
N CYS A 194 -10.21 3.99 41.50
CA CYS A 194 -11.02 5.19 41.34
C CYS A 194 -10.99 6.03 42.60
N ALA A 195 -10.90 7.36 42.42
CA ALA A 195 -11.07 8.31 43.50
C ALA A 195 -10.17 8.01 44.69
N SER A 196 -8.90 7.70 44.39
CA SER A 196 -7.95 7.37 45.45
C SER A 196 -7.75 8.54 46.41
N GLY A 197 -7.89 9.77 45.92
CA GLY A 197 -7.61 10.95 46.71
C GLY A 197 -6.14 11.26 46.87
N LEU A 198 -5.26 10.38 46.41
CA LEU A 198 -3.82 10.54 46.48
C LEU A 198 -3.19 10.78 45.13
N TYR A 199 -3.63 10.06 44.10
CA TYR A 199 -2.99 10.10 42.79
C TYR A 199 -3.91 10.77 41.79
N PRO A 200 -3.44 11.81 41.10
CA PRO A 200 -4.28 12.49 40.12
C PRO A 200 -4.71 11.56 39.00
N ASP A 201 -5.91 11.80 38.48
CA ASP A 201 -6.35 11.16 37.26
C ASP A 201 -5.63 11.80 36.06
N ALA A 202 -5.58 11.05 34.96
CA ALA A 202 -4.74 11.42 33.82
C ALA A 202 -5.58 11.56 32.56
N PHE A 203 -5.42 12.68 31.86
CA PHE A 203 -6.10 12.96 30.61
C PHE A 203 -5.09 13.08 29.47
N ALA A 204 -5.48 12.63 28.28
CA ALA A 204 -4.67 12.88 27.11
C ALA A 204 -4.69 14.37 26.81
N PRO A 205 -3.54 15.00 26.59
CA PRO A 205 -3.52 16.46 26.43
C PRO A 205 -3.98 16.86 25.03
N VAL A 206 -5.25 17.28 24.92
CA VAL A 206 -5.81 17.62 23.62
C VAL A 206 -5.01 18.74 22.97
N ALA A 207 -4.60 19.73 23.76
CA ALA A 207 -3.98 20.92 23.20
C ALA A 207 -2.66 20.61 22.48
N GLN A 208 -2.10 19.42 22.68
CA GLN A 208 -0.88 19.03 22.00
C GLN A 208 -1.15 18.39 20.64
N PHE A 209 -2.41 18.17 20.28
CA PHE A 209 -2.76 17.49 19.03
C PHE A 209 -3.68 18.31 18.14
N VAL A 210 -3.94 19.58 18.48
CA VAL A 210 -4.88 20.40 17.71
C VAL A 210 -4.49 20.40 16.24
N ASN A 211 -3.19 20.53 15.96
CA ASN A 211 -2.72 20.51 14.58
C ASN A 211 -3.07 19.18 13.90
N TRP A 212 -2.79 18.06 14.58
CA TRP A 212 -3.14 16.77 14.00
C TRP A 212 -4.64 16.59 13.86
N ILE A 213 -5.42 17.12 14.81
CA ILE A 213 -6.87 16.98 14.76
C ILE A 213 -7.44 17.80 13.59
N ASP A 214 -6.91 19.01 13.39
CA ASP A 214 -7.44 19.86 12.32
C ASP A 214 -7.22 19.22 10.95
N SER A 215 -6.05 18.61 10.73
CA SER A 215 -5.78 17.99 9.44
C SER A 215 -6.75 16.85 9.14
N ILE A 216 -7.27 16.20 10.19
CA ILE A 216 -8.22 15.11 9.99
C ILE A 216 -9.58 15.66 9.60
N ILE A 217 -10.15 16.53 10.43
CA ILE A 217 -11.49 17.03 10.17
C ILE A 217 -11.51 18.16 9.14
N GLN A 218 -10.37 18.81 8.91
CA GLN A 218 -10.25 19.85 7.88
C GLN A 218 -11.23 20.99 8.08
N SER B 2 -26.18 -17.22 31.35
CA SER B 2 -26.09 -16.12 32.32
C SER B 2 -24.64 -15.85 32.71
N THR B 3 -23.83 -16.89 32.79
CA THR B 3 -22.40 -16.77 33.03
C THR B 3 -21.64 -17.56 31.98
N ILE B 4 -20.37 -17.21 31.82
CA ILE B 4 -19.48 -17.86 30.87
C ILE B 4 -18.18 -18.21 31.59
N GLN B 5 -17.38 -19.06 30.95
CA GLN B 5 -16.08 -19.46 31.46
C GLN B 5 -15.01 -19.01 30.48
N ILE B 6 -14.12 -18.15 30.93
CA ILE B 6 -13.00 -17.66 30.12
C ILE B 6 -11.73 -18.38 30.61
N PRO B 7 -11.06 -19.14 29.75
CA PRO B 7 -9.90 -19.91 30.22
C PRO B 7 -8.67 -19.04 30.41
N TYR B 8 -7.83 -19.47 31.35
CA TYR B 8 -6.61 -18.74 31.70
C TYR B 8 -5.48 -19.73 31.92
N THR B 9 -4.25 -19.22 31.83
CA THR B 9 -3.05 -20.01 32.07
C THR B 9 -2.05 -19.18 32.86
N ILE B 10 -1.42 -19.82 33.85
CA ILE B 10 -0.47 -19.15 34.73
C ILE B 10 0.87 -19.86 34.61
N THR B 11 1.91 -19.10 34.26
CA THR B 11 3.27 -19.60 34.23
C THR B 11 4.11 -18.74 35.17
N VAL B 12 4.60 -19.35 36.25
CA VAL B 12 5.44 -18.68 37.23
C VAL B 12 6.80 -19.35 37.24
N ASN B 13 7.86 -18.54 37.29
CA ASN B 13 9.26 -18.97 37.35
C ASN B 13 9.70 -19.72 36.09
N GLY B 14 8.87 -19.79 35.06
CA GLY B 14 9.22 -20.48 33.84
C GLY B 14 8.54 -21.82 33.65
N THR B 15 7.59 -22.18 34.50
CA THR B 15 6.84 -23.42 34.39
C THR B 15 5.35 -23.11 34.52
N SER B 16 4.55 -23.81 33.72
CA SER B 16 3.10 -23.67 33.72
C SER B 16 2.47 -25.03 33.94
N GLN B 17 1.58 -25.11 34.93
CA GLN B 17 0.83 -26.33 35.17
C GLN B 17 0.04 -26.73 33.93
N ASN B 18 -0.14 -28.04 33.73
CA ASN B 18 -0.86 -28.58 32.58
C ASN B 18 -2.35 -28.71 32.84
N ILE B 19 -2.92 -27.85 33.65
CA ILE B 19 -4.33 -27.88 34.01
C ILE B 19 -5.12 -26.99 33.06
N LEU B 20 -6.36 -27.40 32.78
CA LEU B 20 -7.31 -26.59 32.00
C LEU B 20 -8.18 -25.82 33.00
N SER B 21 -7.84 -24.56 33.21
CA SER B 21 -8.47 -23.75 34.23
C SER B 21 -9.16 -22.55 33.59
N SER B 22 -10.32 -22.19 34.14
CA SER B 22 -11.15 -21.13 33.58
C SER B 22 -11.82 -20.34 34.70
N LEU B 23 -11.92 -19.03 34.51
CA LEU B 23 -12.58 -18.14 35.44
C LEU B 23 -14.08 -18.02 35.11
N THR B 24 -14.83 -17.42 36.02
CA THR B 24 -16.27 -17.28 35.88
C THR B 24 -16.63 -15.80 35.71
N PHE B 25 -17.18 -15.45 34.55
CA PHE B 25 -17.67 -14.11 34.28
C PHE B 25 -19.13 -14.19 33.82
N ASN B 26 -19.83 -13.06 33.92
CA ASN B 26 -21.21 -13.02 33.49
C ASN B 26 -21.31 -12.77 31.99
N LYS B 27 -22.35 -13.34 31.39
CA LYS B 27 -22.55 -13.21 29.95
C LYS B 27 -22.88 -11.77 29.60
N ASN B 28 -22.12 -11.21 28.66
CA ASN B 28 -22.37 -9.89 28.08
C ASN B 28 -22.48 -8.81 29.17
N GLN B 29 -21.30 -8.50 29.73
CA GLN B 29 -21.19 -7.48 30.76
C GLN B 29 -19.88 -6.74 30.57
N ASN B 30 -19.95 -5.42 30.68
CA ASN B 30 -18.77 -4.57 30.61
C ASN B 30 -18.16 -4.44 32.01
N ILE B 31 -16.86 -4.74 32.11
CA ILE B 31 -16.14 -4.69 33.38
C ILE B 31 -14.85 -3.91 33.14
N SER B 32 -14.15 -3.60 34.24
CA SER B 32 -12.93 -2.81 34.19
C SER B 32 -11.71 -3.70 34.36
N TYR B 33 -10.56 -3.13 33.99
CA TYR B 33 -9.29 -3.84 34.15
C TYR B 33 -8.89 -4.04 35.61
N LYS B 34 -9.61 -3.41 36.55
CA LYS B 34 -9.40 -3.67 37.97
C LYS B 34 -10.18 -4.90 38.43
N ASP B 35 -11.40 -5.09 37.91
CA ASP B 35 -12.13 -6.32 38.14
C ASP B 35 -11.29 -7.53 37.71
N ILE B 36 -10.66 -7.42 36.54
CA ILE B 36 -9.85 -8.52 36.01
C ILE B 36 -8.60 -8.72 36.86
N GLU B 37 -8.01 -7.63 37.36
CA GLU B 37 -6.79 -7.77 38.13
C GLU B 37 -7.02 -8.56 39.41
N ASN B 38 -8.13 -8.31 40.10
CA ASN B 38 -8.39 -8.99 41.36
C ASN B 38 -8.68 -10.48 41.14
N LYS B 39 -9.15 -10.84 39.94
CA LYS B 39 -9.34 -12.25 39.62
C LYS B 39 -8.05 -12.91 39.16
N VAL B 40 -7.13 -12.15 38.58
CA VAL B 40 -5.83 -12.70 38.21
C VAL B 40 -4.98 -12.90 39.46
N LYS B 41 -4.89 -11.89 40.32
CA LYS B 41 -4.23 -12.05 41.60
C LYS B 41 -4.88 -13.12 42.45
N SER B 42 -6.13 -13.48 42.15
CA SER B 42 -6.82 -14.57 42.86
C SER B 42 -6.25 -15.92 42.45
N VAL B 43 -6.45 -16.30 41.18
CA VAL B 43 -5.95 -17.59 40.72
C VAL B 43 -4.43 -17.67 40.77
N LEU B 44 -3.74 -16.54 40.81
CA LEU B 44 -2.30 -16.57 41.04
C LEU B 44 -1.98 -17.17 42.40
N TYR B 45 -2.81 -16.89 43.41
CA TYR B 45 -2.55 -17.49 44.70
C TYR B 45 -3.11 -18.90 44.78
N PHE B 46 -4.30 -19.14 44.22
CA PHE B 46 -4.92 -20.45 44.40
C PHE B 46 -4.18 -21.53 43.63
N ASN B 47 -3.58 -21.20 42.49
CA ASN B 47 -2.95 -22.23 41.68
C ASN B 47 -1.49 -22.45 42.05
N ARG B 48 -0.73 -21.38 42.33
CA ARG B 48 0.71 -21.52 42.52
C ARG B 48 1.25 -20.69 43.68
N GLY B 49 0.41 -20.31 44.63
CA GLY B 49 0.90 -19.69 45.86
C GLY B 49 1.66 -18.39 45.65
N ILE B 50 1.20 -17.56 44.72
CA ILE B 50 1.78 -16.26 44.47
C ILE B 50 0.93 -15.23 45.22
N SER B 51 1.50 -14.65 46.27
CA SER B 51 0.82 -13.67 47.11
C SER B 51 1.18 -12.26 46.64
N ASP B 52 0.56 -11.27 47.29
CA ASP B 52 0.84 -9.88 46.97
C ASP B 52 2.29 -9.52 47.19
N ILE B 53 2.94 -10.13 48.19
CA ILE B 53 4.35 -9.83 48.45
C ILE B 53 5.23 -10.38 47.34
N ASP B 54 4.88 -11.56 46.81
CA ASP B 54 5.64 -12.14 45.72
C ASP B 54 5.55 -11.29 44.47
N LEU B 55 4.39 -10.69 44.19
CA LEU B 55 4.27 -9.79 43.05
C LEU B 55 5.18 -8.59 43.19
N ARG B 56 5.13 -7.92 44.35
CA ARG B 56 5.93 -6.72 44.57
C ARG B 56 7.41 -7.01 44.38
N LEU B 57 7.88 -8.17 44.84
CA LEU B 57 9.28 -8.55 44.75
C LEU B 57 9.61 -9.32 43.47
N SER B 58 8.63 -9.58 42.61
CA SER B 58 8.91 -10.28 41.37
C SER B 58 9.75 -9.44 40.43
N LYS B 59 10.52 -10.12 39.57
CA LYS B 59 11.31 -9.42 38.56
C LYS B 59 10.41 -8.63 37.62
N GLN B 60 9.32 -9.26 37.18
CA GLN B 60 8.26 -8.61 36.40
C GLN B 60 7.00 -9.43 36.62
N ALA B 61 5.85 -8.79 36.46
CA ALA B 61 4.58 -9.48 36.61
C ALA B 61 3.57 -8.83 35.69
N GLU B 62 3.01 -9.61 34.77
CA GLU B 62 2.09 -9.07 33.79
C GLU B 62 1.08 -10.15 33.40
N TYR B 63 -0.06 -9.70 32.89
CA TYR B 63 -1.04 -10.58 32.28
C TYR B 63 -1.52 -9.96 30.97
N THR B 64 -2.11 -10.79 30.12
CA THR B 64 -2.43 -10.42 28.75
C THR B 64 -3.85 -10.86 28.43
N VAL B 65 -4.75 -9.90 28.23
CA VAL B 65 -6.10 -10.20 27.79
C VAL B 65 -6.09 -10.43 26.29
N HIS B 66 -6.44 -11.65 25.87
CA HIS B 66 -6.57 -11.98 24.46
C HIS B 66 -8.04 -11.84 24.08
N PHE B 67 -8.32 -10.99 23.10
CA PHE B 67 -9.68 -10.82 22.64
C PHE B 67 -9.93 -11.72 21.44
N LYS B 68 -11.22 -12.06 21.23
CA LYS B 68 -11.56 -13.02 20.19
C LYS B 68 -11.37 -12.47 18.78
N ASN B 69 -11.19 -11.16 18.61
CA ASN B 69 -10.96 -10.61 17.28
C ASN B 69 -9.51 -10.69 16.84
N GLY B 70 -8.60 -11.15 17.70
CA GLY B 70 -7.20 -11.28 17.35
C GLY B 70 -6.29 -10.29 18.04
N THR B 71 -6.83 -9.29 18.73
CA THR B 71 -6.03 -8.27 19.40
C THR B 71 -5.89 -8.60 20.88
N LYS B 72 -4.87 -8.02 21.51
CA LYS B 72 -4.60 -8.26 22.91
C LYS B 72 -4.20 -6.97 23.60
N ARG B 73 -4.16 -7.01 24.92
CA ARG B 73 -3.78 -5.86 25.74
C ARG B 73 -2.93 -6.36 26.90
N VAL B 74 -1.70 -5.88 26.99
CA VAL B 74 -0.72 -6.37 27.96
C VAL B 74 -0.74 -5.44 29.17
N ILE B 75 -1.02 -6.00 30.34
CA ILE B 75 -1.22 -5.24 31.57
C ILE B 75 -0.05 -5.50 32.51
N ASP B 76 0.49 -4.42 33.10
CA ASP B 76 1.62 -4.50 34.03
C ASP B 76 1.10 -4.60 35.45
N LEU B 77 1.25 -5.78 36.05
CA LEU B 77 0.69 -6.03 37.38
C LEU B 77 1.37 -5.20 38.46
N LYS B 78 2.66 -4.88 38.29
CA LYS B 78 3.39 -4.07 39.24
C LYS B 78 3.33 -2.58 38.91
N SER B 79 2.39 -2.16 38.07
CA SER B 79 2.26 -0.76 37.70
C SER B 79 1.19 -0.01 38.48
N GLY B 80 0.10 -0.68 38.84
CA GLY B 80 -0.96 -0.02 39.57
C GLY B 80 -1.71 1.03 38.77
N ILE B 81 -1.64 0.96 37.44
CA ILE B 81 -2.28 1.93 36.56
C ILE B 81 -3.38 1.22 35.79
N TYR B 82 -4.53 1.88 35.65
CA TYR B 82 -5.69 1.29 34.99
C TYR B 82 -6.29 2.31 34.05
N THR B 83 -6.32 1.99 32.75
CA THR B 83 -7.12 2.77 31.83
C THR B 83 -8.58 2.74 32.27
N ALA B 84 -9.18 3.93 32.34
CA ALA B 84 -10.54 4.11 32.85
C ALA B 84 -11.63 3.62 31.90
N ASP B 85 -11.36 2.57 31.14
CA ASP B 85 -12.32 2.05 30.19
C ASP B 85 -13.02 0.81 30.73
N LEU B 86 -14.06 0.37 30.03
CA LEU B 86 -14.73 -0.89 30.28
C LEU B 86 -14.57 -1.79 29.06
N ILE B 87 -14.48 -3.10 29.32
CA ILE B 87 -14.45 -4.09 28.25
C ILE B 87 -15.52 -5.14 28.52
N ASN B 88 -16.11 -5.67 27.45
CA ASN B 88 -17.23 -6.59 27.56
C ASN B 88 -16.72 -8.01 27.75
N THR B 89 -17.24 -8.70 28.77
CA THR B 89 -16.75 -10.03 29.13
C THR B 89 -16.90 -11.01 27.97
N SER B 90 -17.93 -10.86 27.14
CA SER B 90 -18.17 -11.81 26.07
C SER B 90 -17.22 -11.63 24.88
N ASP B 91 -16.37 -10.60 24.90
CA ASP B 91 -15.40 -10.37 23.83
C ASP B 91 -14.02 -10.93 24.15
N ILE B 92 -13.82 -11.46 25.37
CA ILE B 92 -12.50 -11.91 25.82
C ILE B 92 -12.29 -13.36 25.42
N LYS B 93 -11.20 -13.62 24.71
CA LYS B 93 -10.87 -14.97 24.24
C LYS B 93 -10.25 -15.79 25.35
N ALA B 94 -9.21 -15.27 26.00
CA ALA B 94 -8.53 -15.95 27.10
C ALA B 94 -7.62 -14.93 27.79
N ILE B 95 -7.07 -15.35 28.92
CA ILE B 95 -6.10 -14.56 29.67
C ILE B 95 -4.86 -15.41 29.91
N SER B 96 -3.69 -14.79 29.76
CA SER B 96 -2.43 -15.43 30.10
C SER B 96 -1.74 -14.62 31.18
N VAL B 97 -1.08 -15.31 32.11
CA VAL B 97 -0.40 -14.68 33.23
C VAL B 97 1.03 -15.20 33.29
N ASN B 98 1.99 -14.29 33.46
CA ASN B 98 3.40 -14.63 33.56
C ASN B 98 4.02 -13.81 34.69
N VAL B 99 4.71 -14.49 35.59
CA VAL B 99 5.35 -13.86 36.75
C VAL B 99 6.76 -14.40 36.91
N ASP B 100 7.67 -13.53 37.32
CA ASP B 100 9.06 -13.92 37.61
C ASP B 100 9.49 -13.45 39.01
N ILE C 1 -4.10 -33.11 24.30
CA ILE C 1 -2.86 -33.79 23.99
C ILE C 1 -2.34 -33.35 22.62
N ILE C 2 -1.13 -32.81 22.61
CA ILE C 2 -0.56 -32.22 21.41
C ILE C 2 0.13 -33.30 20.59
N GLY C 3 -0.28 -33.47 19.34
CA GLY C 3 0.41 -34.33 18.41
C GLY C 3 0.08 -35.80 18.49
N GLY C 4 -1.05 -36.18 19.09
CA GLY C 4 -1.45 -37.56 19.21
C GLY C 4 -2.63 -37.92 18.34
N ARG C 5 -3.09 -39.15 18.50
CA ARG C 5 -4.25 -39.66 17.78
C ARG C 5 -5.39 -39.89 18.75
N GLU C 6 -6.57 -40.19 18.21
CA GLU C 6 -7.74 -40.45 19.02
C GLU C 6 -7.71 -41.86 19.57
N SER C 7 -8.23 -42.01 20.79
CA SER C 7 -8.14 -43.29 21.50
C SER C 7 -9.20 -44.27 21.00
N ARG C 8 -8.83 -45.55 20.98
CA ARG C 8 -9.79 -46.62 20.75
C ARG C 8 -10.76 -46.65 21.94
N PRO C 9 -12.07 -46.50 21.73
CA PRO C 9 -12.96 -46.18 22.84
C PRO C 9 -12.96 -47.25 23.92
N HIS C 10 -12.84 -46.80 25.17
CA HIS C 10 -12.86 -47.62 26.37
C HIS C 10 -11.74 -48.67 26.40
N SER C 11 -10.72 -48.52 25.56
CA SER C 11 -9.53 -49.33 25.65
C SER C 11 -8.63 -48.91 26.80
N ARG C 12 -8.97 -47.83 27.49
CA ARG C 12 -8.24 -47.36 28.66
C ARG C 12 -9.26 -47.14 29.77
N PRO C 13 -9.74 -48.23 30.40
CA PRO C 13 -10.86 -48.10 31.34
C PRO C 13 -10.50 -47.41 32.64
N TYR C 14 -9.22 -47.17 32.92
CA TYR C 14 -8.77 -46.53 34.14
C TYR C 14 -8.91 -45.01 34.12
N MET C 15 -9.14 -44.41 32.95
CA MET C 15 -9.09 -42.96 32.84
C MET C 15 -10.24 -42.30 33.60
N ALA C 16 -9.92 -41.18 34.24
CA ALA C 16 -10.86 -40.40 35.02
C ALA C 16 -10.89 -38.97 34.51
N TYR C 17 -12.10 -38.43 34.37
CA TYR C 17 -12.31 -37.03 34.01
C TYR C 17 -12.75 -36.27 35.27
N LEU C 18 -12.06 -35.19 35.58
CA LEU C 18 -12.27 -34.44 36.81
C LEU C 18 -12.90 -33.08 36.50
N GLN C 19 -14.10 -32.85 37.03
CA GLN C 19 -14.75 -31.54 37.01
C GLN C 19 -14.51 -30.89 38.36
N ILE C 20 -13.64 -29.88 38.39
CA ILE C 20 -13.17 -29.29 39.64
C ILE C 20 -13.79 -27.91 39.80
N GLN C 21 -14.35 -27.66 40.97
CA GLN C 21 -14.96 -26.37 41.31
C GLN C 21 -13.98 -25.61 42.20
N SER C 22 -13.40 -24.55 41.66
CA SER C 22 -12.47 -23.69 42.37
C SER C 22 -13.18 -22.42 42.80
N PRO C 23 -12.53 -21.60 43.65
CA PRO C 23 -13.06 -20.25 43.88
C PRO C 23 -12.90 -19.41 42.62
N ALA C 24 -14.00 -18.79 42.20
CA ALA C 24 -14.06 -17.90 41.05
C ALA C 24 -13.88 -18.62 39.72
N GLY C 25 -14.09 -19.92 39.66
CA GLY C 25 -14.02 -20.61 38.38
C GLY C 25 -14.12 -22.11 38.52
N GLN C 26 -14.00 -22.77 37.37
CA GLN C 26 -13.90 -24.22 37.27
C GLN C 26 -12.51 -24.60 36.78
N SER C 27 -12.20 -25.88 36.87
CA SER C 27 -11.00 -26.44 36.28
C SER C 27 -11.29 -27.86 35.85
N ARG C 28 -10.59 -28.30 34.80
CA ARG C 28 -10.78 -29.64 34.25
C ARG C 28 -9.44 -30.35 34.20
N CYS C 29 -9.39 -31.56 34.73
CA CYS C 29 -8.15 -32.32 34.83
C CYS C 29 -8.38 -33.75 34.37
N GLY C 30 -7.28 -34.51 34.37
CA GLY C 30 -7.33 -35.95 34.21
C GLY C 30 -7.13 -36.68 35.52
N GLY C 31 -6.89 -37.98 35.41
CA GLY C 31 -6.76 -38.82 36.57
C GLY C 31 -6.95 -40.26 36.15
N PHE C 32 -6.66 -41.15 37.08
CA PHE C 32 -6.77 -42.57 36.74
C PHE C 32 -7.16 -43.38 37.96
N LEU C 33 -7.95 -44.42 37.73
CA LEU C 33 -8.40 -45.33 38.77
C LEU C 33 -7.26 -46.26 39.17
N VAL C 34 -6.90 -46.24 40.45
CA VAL C 34 -5.88 -47.14 40.99
C VAL C 34 -6.48 -48.26 41.83
N ARG C 35 -7.60 -48.03 42.50
CA ARG C 35 -8.36 -49.09 43.17
C ARG C 35 -9.85 -48.82 42.96
N GLU C 36 -10.67 -49.75 43.44
CA GLU C 36 -12.11 -49.64 43.22
C GLU C 36 -12.70 -48.38 43.84
N ASP C 37 -11.98 -47.74 44.77
CA ASP C 37 -12.51 -46.57 45.49
C ASP C 37 -11.55 -45.39 45.48
N PHE C 38 -10.52 -45.42 44.63
CA PHE C 38 -9.50 -44.36 44.64
C PHE C 38 -9.06 -44.01 43.22
N VAL C 39 -8.96 -42.71 42.96
CA VAL C 39 -8.38 -42.19 41.73
C VAL C 39 -7.14 -41.39 42.10
N LEU C 40 -6.03 -41.71 41.43
CA LEU C 40 -4.80 -40.93 41.58
C LEU C 40 -4.79 -39.81 40.53
N THR C 41 -4.19 -38.69 40.90
CA THR C 41 -4.15 -37.52 40.03
C THR C 41 -3.02 -36.61 40.51
N ALA C 42 -2.98 -35.40 39.99
CA ALA C 42 -2.04 -34.38 40.45
C ALA C 42 -2.66 -33.55 41.57
N ALA C 43 -1.78 -32.93 42.35
CA ALA C 43 -2.20 -32.18 43.54
C ALA C 43 -2.66 -30.76 43.24
N HIS C 44 -2.34 -30.21 42.07
CA HIS C 44 -2.85 -28.91 41.69
C HIS C 44 -4.20 -29.00 40.97
N CYS C 45 -4.67 -30.21 40.70
CA CYS C 45 -6.05 -30.43 40.30
C CYS C 45 -7.00 -30.40 41.48
N TRP C 46 -6.52 -29.97 42.64
CA TRP C 46 -7.32 -29.95 43.84
C TRP C 46 -8.28 -28.77 43.84
N GLY C 47 -9.50 -29.00 44.32
CA GLY C 47 -10.47 -27.96 44.54
C GLY C 47 -11.38 -28.28 45.69
N SER C 48 -12.56 -27.67 45.74
CA SER C 48 -13.51 -27.96 46.82
C SER C 48 -14.39 -29.16 46.49
N ASN C 49 -14.92 -29.23 45.27
CA ASN C 49 -15.72 -30.36 44.84
C ASN C 49 -15.14 -30.91 43.54
N ILE C 50 -15.28 -32.22 43.34
CA ILE C 50 -14.68 -32.90 42.20
C ILE C 50 -15.67 -33.94 41.67
N ASN C 51 -16.22 -33.70 40.49
CA ASN C 51 -17.04 -34.68 39.79
C ASN C 51 -16.12 -35.58 38.96
N VAL C 52 -15.98 -36.84 39.37
CA VAL C 52 -15.14 -37.80 38.66
C VAL C 52 -16.00 -38.59 37.69
N THR C 53 -15.53 -38.75 36.47
CA THR C 53 -16.27 -39.42 35.39
C THR C 53 -15.41 -40.56 34.85
N LEU C 54 -15.78 -41.79 35.16
CA LEU C 54 -15.06 -42.98 34.74
C LEU C 54 -15.77 -43.62 33.55
N GLY C 55 -15.01 -44.43 32.82
CA GLY C 55 -15.56 -45.14 31.67
C GLY C 55 -16.16 -44.26 30.61
N ALA C 56 -15.72 -43.01 30.53
CA ALA C 56 -16.19 -42.13 29.47
C ALA C 56 -15.26 -42.19 28.27
N HIS C 57 -15.78 -41.71 27.14
CA HIS C 57 -14.92 -41.43 25.99
C HIS C 57 -15.24 -40.01 25.50
N ASN C 58 -16.51 -39.74 25.23
CA ASN C 58 -16.98 -38.40 24.89
C ASN C 58 -17.65 -37.83 26.14
N ILE C 59 -16.99 -36.85 26.77
CA ILE C 59 -17.49 -36.35 28.05
C ILE C 59 -18.53 -35.26 27.89
N GLN C 60 -18.64 -34.65 26.70
CA GLN C 60 -19.65 -33.64 26.45
C GLN C 60 -20.96 -34.24 25.95
N ARG C 61 -21.04 -35.56 25.84
CA ARG C 61 -22.27 -36.31 25.87
C ARG C 61 -22.37 -37.01 27.22
N ARG C 62 -23.46 -37.74 27.44
CA ARG C 62 -23.60 -38.56 28.64
C ARG C 62 -23.85 -40.00 28.21
N GLU C 63 -22.82 -40.82 28.32
CA GLU C 63 -22.90 -42.21 27.90
C GLU C 63 -23.35 -43.09 29.06
N ASN C 64 -24.12 -44.13 28.74
CA ASN C 64 -24.52 -45.09 29.77
C ASN C 64 -23.32 -45.89 30.27
N THR C 65 -22.21 -45.87 29.54
CA THR C 65 -20.98 -46.50 30.04
C THR C 65 -20.34 -45.68 31.15
N GLN C 66 -20.62 -44.38 31.20
CA GLN C 66 -20.03 -43.50 32.19
C GLN C 66 -20.55 -43.83 33.60
N GLN C 67 -19.84 -43.28 34.58
CA GLN C 67 -20.24 -43.35 35.99
C GLN C 67 -19.78 -42.06 36.66
N HIS C 68 -20.74 -41.28 37.16
CA HIS C 68 -20.46 -39.99 37.79
C HIS C 68 -20.39 -40.17 39.30
N ILE C 69 -19.23 -39.88 39.89
CA ILE C 69 -18.99 -40.01 41.33
C ILE C 69 -18.31 -38.74 41.81
N THR C 70 -18.90 -38.09 42.81
CA THR C 70 -18.20 -37.00 43.48
C THR C 70 -17.15 -37.57 44.42
N ALA C 71 -16.11 -36.79 44.67
CA ALA C 71 -14.98 -37.22 45.49
C ALA C 71 -15.25 -36.93 46.96
N ARG C 72 -15.13 -37.96 47.80
CA ARG C 72 -15.37 -37.77 49.24
C ARG C 72 -14.20 -37.04 49.88
N ARG C 73 -12.96 -37.39 49.52
CA ARG C 73 -11.78 -36.69 50.00
C ARG C 73 -10.81 -36.48 48.84
N ALA C 74 -10.20 -35.31 48.81
CA ALA C 74 -9.08 -35.03 47.92
C ALA C 74 -7.89 -34.76 48.82
N ILE C 75 -6.99 -35.74 48.92
CA ILE C 75 -5.85 -35.67 49.82
C ILE C 75 -4.63 -35.30 49.00
N ARG C 76 -4.21 -34.05 49.13
CA ARG C 76 -2.96 -33.63 48.54
C ARG C 76 -1.79 -34.21 49.32
N HIS C 77 -0.65 -34.34 48.66
CA HIS C 77 0.56 -34.74 49.35
C HIS C 77 0.97 -33.66 50.35
N PRO C 78 1.40 -34.04 51.56
CA PRO C 78 1.72 -33.02 52.58
C PRO C 78 2.92 -32.16 52.25
N GLN C 79 3.75 -32.56 51.28
CA GLN C 79 4.87 -31.73 50.84
C GLN C 79 4.62 -31.09 49.48
N TYR C 80 3.36 -31.07 49.03
CA TYR C 80 3.05 -30.43 47.76
C TYR C 80 3.30 -28.94 47.85
N ASN C 81 4.16 -28.44 46.96
CA ASN C 81 4.52 -27.02 46.88
C ASN C 81 4.03 -26.49 45.54
N GLN C 82 2.98 -25.68 45.56
CA GLN C 82 2.38 -25.20 44.34
C GLN C 82 3.29 -24.21 43.61
N ARG C 83 4.14 -23.48 44.35
CA ARG C 83 5.05 -22.53 43.72
C ARG C 83 6.02 -23.23 42.78
N THR C 84 6.62 -24.32 43.22
CA THR C 84 7.58 -25.07 42.42
C THR C 84 6.99 -26.27 41.73
N ILE C 85 5.72 -26.59 41.99
CA ILE C 85 5.12 -27.86 41.63
C ILE C 85 6.04 -28.98 42.07
N GLN C 86 6.08 -29.24 43.38
CA GLN C 86 6.86 -30.32 43.95
C GLN C 86 5.93 -31.28 44.68
N ASN C 87 6.22 -32.58 44.60
CA ASN C 87 5.35 -33.61 45.16
C ASN C 87 3.92 -33.44 44.67
N ASP C 88 3.79 -33.24 43.36
CA ASP C 88 2.51 -32.96 42.72
C ASP C 88 1.73 -34.27 42.55
N ILE C 89 1.15 -34.73 43.66
CA ILE C 89 0.38 -35.97 43.67
C ILE C 89 -0.76 -35.82 44.66
N MET C 90 -1.92 -36.38 44.31
CA MET C 90 -3.11 -36.28 45.13
C MET C 90 -3.96 -37.53 44.95
N LEU C 91 -4.53 -38.02 46.05
CA LEU C 91 -5.44 -39.15 46.03
C LEU C 91 -6.88 -38.67 46.16
N LEU C 92 -7.77 -39.25 45.36
CA LEU C 92 -9.19 -38.97 45.44
C LEU C 92 -9.89 -40.18 46.05
N GLN C 93 -10.54 -39.98 47.18
CA GLN C 93 -11.35 -41.02 47.81
C GLN C 93 -12.76 -40.89 47.25
N LEU C 94 -13.12 -41.79 46.33
CA LEU C 94 -14.45 -41.75 45.75
C LEU C 94 -15.51 -42.05 46.82
N SER C 95 -16.70 -41.50 46.61
CA SER C 95 -17.80 -41.70 47.53
C SER C 95 -18.48 -43.05 47.37
N ARG C 96 -18.19 -43.79 46.30
CA ARG C 96 -18.73 -45.13 46.13
C ARG C 96 -17.79 -45.91 45.22
N ARG C 97 -17.75 -47.22 45.42
CA ARG C 97 -16.94 -48.09 44.58
C ARG C 97 -17.49 -48.11 43.16
N VAL C 98 -16.60 -48.34 42.20
CA VAL C 98 -17.01 -48.33 40.80
C VAL C 98 -17.72 -49.62 40.45
N ARG C 99 -18.49 -49.59 39.36
CA ARG C 99 -19.19 -50.79 38.90
C ARG C 99 -18.20 -51.89 38.53
N ARG C 100 -17.00 -51.52 38.09
CA ARG C 100 -16.03 -52.41 37.44
C ARG C 100 -16.66 -53.19 36.30
N ASN C 101 -16.42 -52.75 35.07
CA ASN C 101 -16.82 -53.47 33.88
C ASN C 101 -15.63 -53.43 32.91
N ARG C 102 -15.88 -53.78 31.65
CA ARG C 102 -14.81 -53.70 30.66
C ARG C 102 -14.58 -52.29 30.16
N ASN C 103 -15.31 -51.31 30.69
CA ASN C 103 -15.06 -49.90 30.45
C ASN C 103 -14.56 -49.15 31.68
N VAL C 104 -14.64 -49.75 32.87
CA VAL C 104 -14.23 -49.11 34.12
C VAL C 104 -13.52 -50.15 34.97
N ASN C 105 -12.23 -49.93 35.24
CA ASN C 105 -11.49 -50.71 36.23
C ASN C 105 -10.14 -50.01 36.47
N PRO C 106 -9.49 -50.30 37.60
CA PRO C 106 -8.27 -49.60 37.95
C PRO C 106 -7.07 -50.00 37.10
N VAL C 107 -5.97 -49.28 37.32
CA VAL C 107 -4.72 -49.48 36.60
C VAL C 107 -3.66 -49.92 37.59
N ALA C 108 -2.67 -50.67 37.10
CA ALA C 108 -1.61 -51.15 37.95
C ALA C 108 -0.62 -50.03 38.27
N LEU C 109 -0.24 -49.90 39.57
CA LEU C 109 0.77 -48.97 40.02
C LEU C 109 2.11 -49.68 40.13
N PRO C 110 3.23 -48.97 39.95
CA PRO C 110 4.54 -49.63 39.96
C PRO C 110 4.97 -50.03 41.36
N ARG C 111 6.05 -50.80 41.41
CA ARG C 111 6.67 -51.25 42.65
C ARG C 111 7.55 -50.14 43.21
N ALA C 112 7.67 -50.10 44.54
CA ALA C 112 8.31 -49.00 45.27
C ALA C 112 9.62 -48.55 44.62
N GLN C 113 9.64 -47.29 44.17
CA GLN C 113 10.62 -46.75 43.23
C GLN C 113 11.18 -47.78 42.25
N GLU C 114 10.30 -48.37 41.44
CA GLU C 114 10.72 -48.93 40.17
C GLU C 114 11.47 -47.85 39.38
N GLY C 115 12.51 -48.24 38.68
CA GLY C 115 13.17 -47.35 37.75
C GLY C 115 12.32 -47.12 36.51
N LEU C 116 12.89 -46.36 35.58
CA LEU C 116 12.32 -46.18 34.23
C LEU C 116 13.45 -45.65 33.35
N ARG C 117 14.07 -46.55 32.60
CA ARG C 117 15.32 -46.19 31.93
C ARG C 117 15.04 -45.26 30.74
N PRO C 118 15.91 -44.27 30.52
CA PRO C 118 15.70 -43.33 29.41
C PRO C 118 15.56 -44.04 28.08
N GLY C 119 14.80 -43.42 27.18
CA GLY C 119 14.45 -44.02 25.90
C GLY C 119 13.16 -44.82 25.90
N THR C 120 12.67 -45.20 27.07
CA THR C 120 11.45 -45.99 27.17
C THR C 120 10.27 -45.27 26.51
N LEU C 121 9.51 -46.01 25.73
CA LEU C 121 8.36 -45.47 25.01
C LEU C 121 7.10 -45.72 25.83
N CYS C 122 6.43 -44.65 26.24
CA CYS C 122 5.26 -44.72 27.09
C CYS C 122 4.08 -44.05 26.39
N THR C 123 2.91 -44.11 27.04
CA THR C 123 1.67 -43.58 26.50
C THR C 123 0.99 -42.71 27.56
N VAL C 124 0.57 -41.51 27.17
CA VAL C 124 -0.18 -40.61 28.03
C VAL C 124 -1.48 -40.23 27.33
N ALA C 125 -2.59 -40.28 28.08
CA ALA C 125 -3.92 -40.03 27.54
C ALA C 125 -4.67 -39.07 28.45
N GLY C 126 -5.65 -38.39 27.86
CA GLY C 126 -6.39 -37.36 28.57
C GLY C 126 -7.26 -36.58 27.61
N TRP C 127 -8.04 -35.67 28.20
CA TRP C 127 -9.00 -34.86 27.47
C TRP C 127 -8.54 -33.42 27.28
N GLY C 128 -7.24 -33.17 27.31
CA GLY C 128 -6.74 -31.81 27.24
C GLY C 128 -6.77 -31.23 25.84
N ARG C 129 -6.42 -29.96 25.76
CA ARG C 129 -6.37 -29.26 24.48
C ARG C 129 -5.28 -29.85 23.59
N VAL C 130 -5.51 -29.78 22.28
CA VAL C 130 -4.58 -30.34 21.31
C VAL C 130 -3.73 -29.27 20.63
N SER C 131 -4.14 -28.00 20.72
CA SER C 131 -3.32 -26.87 20.28
C SER C 131 -3.62 -25.70 21.21
N MET C 132 -3.13 -24.52 20.87
CA MET C 132 -3.45 -23.34 21.66
C MET C 132 -4.80 -22.73 21.30
N ARG C 133 -5.54 -23.30 20.35
CA ARG C 133 -6.85 -22.81 19.95
C ARG C 133 -7.94 -23.87 19.91
N ARG C 134 -7.58 -25.16 19.88
CA ARG C 134 -8.55 -26.22 19.67
C ARG C 134 -8.43 -27.27 20.77
N GLY C 135 -9.55 -27.91 21.08
CA GLY C 135 -9.58 -28.97 22.08
C GLY C 135 -10.14 -30.26 21.54
N THR C 136 -10.78 -31.06 22.40
CA THR C 136 -11.35 -32.33 21.97
C THR C 136 -12.46 -32.73 22.94
N ASP C 137 -13.53 -33.31 22.41
CA ASP C 137 -14.60 -33.88 23.21
C ASP C 137 -14.36 -35.34 23.56
N THR C 138 -13.44 -36.01 22.87
CA THR C 138 -13.15 -37.41 23.08
C THR C 138 -11.73 -37.60 23.58
N LEU C 139 -11.52 -38.71 24.30
CA LEU C 139 -10.21 -38.98 24.91
C LEU C 139 -9.17 -39.26 23.84
N ARG C 140 -8.03 -38.58 23.94
CA ARG C 140 -6.94 -38.73 22.99
C ARG C 140 -5.70 -39.24 23.72
N GLU C 141 -4.68 -39.60 22.94
CA GLU C 141 -3.47 -40.19 23.51
C GLU C 141 -2.30 -39.95 22.57
N VAL C 142 -1.09 -40.12 23.11
CA VAL C 142 0.12 -39.97 22.33
C VAL C 142 1.21 -40.77 23.02
N GLN C 143 2.26 -41.11 22.28
CA GLN C 143 3.38 -41.88 22.81
C GLN C 143 4.61 -40.99 22.91
N LEU C 144 5.20 -40.94 24.10
CA LEU C 144 6.32 -40.06 24.41
C LEU C 144 7.53 -40.88 24.86
N ARG C 145 8.71 -40.26 24.77
CA ARG C 145 9.96 -40.94 25.10
C ARG C 145 10.62 -40.27 26.31
N VAL C 146 10.91 -41.07 27.33
CA VAL C 146 11.63 -40.57 28.50
C VAL C 146 13.00 -40.06 28.08
N GLN C 147 13.42 -38.96 28.68
CA GLN C 147 14.71 -38.36 28.40
C GLN C 147 15.63 -38.51 29.60
N ARG C 148 16.90 -38.19 29.39
CA ARG C 148 17.83 -38.08 30.50
C ARG C 148 17.44 -36.89 31.37
N ASP C 149 17.67 -37.02 32.68
CA ASP C 149 17.27 -35.98 33.61
C ASP C 149 17.94 -34.65 33.32
N ARG C 150 19.08 -34.66 32.63
CA ARG C 150 19.78 -33.42 32.32
C ARG C 150 18.93 -32.51 31.42
N GLN C 151 18.13 -33.10 30.53
CA GLN C 151 17.30 -32.29 29.65
C GLN C 151 16.31 -31.43 30.42
N CYS C 152 15.82 -31.93 31.56
CA CYS C 152 14.90 -31.16 32.37
C CYS C 152 15.60 -30.32 33.43
N LEU C 153 16.80 -30.73 33.85
CA LEU C 153 17.57 -29.90 34.77
C LEU C 153 17.99 -28.59 34.11
N ARG C 154 18.21 -28.61 32.79
CA ARG C 154 18.48 -27.38 32.05
C ARG C 154 17.29 -26.43 32.12
N ILE C 155 16.13 -26.94 31.73
CA ILE C 155 15.01 -26.06 31.37
C ILE C 155 14.27 -25.57 32.62
N PHE C 156 14.02 -26.45 33.58
CA PHE C 156 13.14 -26.15 34.71
C PHE C 156 13.96 -25.95 35.97
N GLY C 157 13.71 -24.84 36.66
CA GLY C 157 14.52 -24.47 37.81
C GLY C 157 14.27 -25.30 39.04
N SER C 158 13.15 -26.02 39.10
CA SER C 158 12.81 -26.82 40.28
C SER C 158 12.53 -28.27 39.90
N TYR C 159 13.21 -28.79 38.88
CA TYR C 159 13.09 -30.19 38.54
C TYR C 159 13.90 -31.02 39.52
N ASP C 160 13.24 -31.98 40.18
CA ASP C 160 13.84 -32.82 41.20
C ASP C 160 13.74 -34.27 40.75
N PRO C 161 14.80 -34.83 40.16
CA PRO C 161 14.69 -36.19 39.60
C PRO C 161 14.47 -37.27 40.64
N ARG C 162 14.62 -36.97 41.94
CA ARG C 162 14.27 -37.94 42.97
C ARG C 162 12.77 -38.18 43.05
N ARG C 163 11.96 -37.25 42.55
CA ARG C 163 10.51 -37.35 42.68
C ARG C 163 9.76 -36.98 41.40
N GLN C 164 10.43 -36.88 40.26
CA GLN C 164 9.79 -36.47 39.02
C GLN C 164 10.47 -37.15 37.84
N ILE C 165 9.74 -37.27 36.74
CA ILE C 165 10.23 -37.88 35.51
C ILE C 165 10.34 -36.82 34.42
N CYS C 166 11.31 -37.01 33.53
CA CYS C 166 11.56 -36.10 32.42
C CYS C 166 11.14 -36.81 31.13
N VAL C 167 10.07 -36.31 30.51
CA VAL C 167 9.38 -37.01 29.42
C VAL C 167 9.26 -36.09 28.21
N GLY C 168 9.48 -36.65 27.02
CA GLY C 168 9.23 -35.94 25.79
C GLY C 168 10.49 -35.59 25.01
N ASP C 169 10.60 -36.10 23.78
CA ASP C 169 11.79 -35.82 22.99
C ASP C 169 11.75 -34.39 22.46
N ARG C 170 12.87 -33.69 22.59
CA ARG C 170 12.99 -32.30 22.15
C ARG C 170 12.62 -32.15 20.69
N ARG C 171 12.81 -33.19 19.89
CA ARG C 171 12.78 -33.06 18.44
C ARG C 171 11.44 -33.43 17.83
N GLU C 172 10.59 -34.16 18.55
CA GLU C 172 9.25 -34.48 18.08
C GLU C 172 8.22 -33.65 18.82
N ARG C 173 7.14 -33.31 18.12
CA ARG C 173 6.15 -32.35 18.63
C ARG C 173 4.96 -33.09 19.25
N LYS C 174 5.26 -33.88 20.27
CA LYS C 174 4.26 -34.57 21.06
C LYS C 174 4.47 -34.22 22.53
N ALA C 175 3.36 -34.02 23.26
CA ALA C 175 3.39 -33.74 24.68
C ALA C 175 1.95 -33.71 25.18
N ALA C 176 1.80 -33.78 26.51
CA ALA C 176 0.53 -33.54 27.18
C ALA C 176 0.37 -32.05 27.45
N PHE C 177 -0.88 -31.58 27.43
CA PHE C 177 -1.12 -30.14 27.48
C PHE C 177 -2.25 -29.84 28.45
N LYS C 178 -2.78 -28.61 28.37
CA LYS C 178 -3.74 -28.06 29.32
C LYS C 178 -5.00 -28.90 29.42
N GLY C 179 -5.22 -29.53 30.58
CA GLY C 179 -6.31 -30.45 30.78
C GLY C 179 -5.88 -31.90 31.01
N ASP C 180 -4.63 -32.23 30.73
CA ASP C 180 -4.12 -33.58 30.95
C ASP C 180 -3.48 -33.75 32.32
N SER C 181 -3.31 -32.67 33.08
CA SER C 181 -2.82 -32.76 34.46
C SER C 181 -3.59 -33.83 35.24
N GLY C 182 -2.85 -34.63 35.98
CA GLY C 182 -3.43 -35.73 36.73
C GLY C 182 -3.50 -37.03 35.96
N GLY C 183 -3.37 -36.99 34.64
CA GLY C 183 -3.44 -38.18 33.83
C GLY C 183 -2.21 -39.05 34.01
N PRO C 184 -2.33 -40.33 33.69
CA PRO C 184 -1.23 -41.26 33.90
C PRO C 184 -0.24 -41.31 32.75
N LEU C 185 1.01 -41.59 33.11
CA LEU C 185 2.06 -41.95 32.17
C LEU C 185 2.22 -43.47 32.23
N LEU C 186 2.03 -44.14 31.10
CA LEU C 186 1.84 -45.59 31.06
C LEU C 186 2.91 -46.25 30.23
N CYS C 187 3.68 -47.15 30.88
CA CYS C 187 4.69 -47.96 30.22
C CYS C 187 4.51 -49.39 30.70
N ASN C 188 4.22 -50.30 29.76
CA ASN C 188 3.90 -51.70 30.09
C ASN C 188 2.70 -51.78 31.02
N ASN C 189 1.69 -50.95 30.75
CA ASN C 189 0.40 -51.00 31.45
C ASN C 189 0.56 -50.76 32.96
N VAL C 190 1.47 -49.85 33.32
CA VAL C 190 1.70 -49.49 34.71
C VAL C 190 1.81 -47.97 34.80
N ALA C 191 1.03 -47.37 35.70
CA ALA C 191 0.99 -45.92 35.82
C ALA C 191 2.25 -45.38 36.51
N HIS C 192 3.28 -45.09 35.71
CA HIS C 192 4.56 -44.67 36.26
C HIS C 192 4.65 -43.17 36.53
N GLY C 193 3.86 -42.36 35.84
CA GLY C 193 3.94 -40.92 35.99
C GLY C 193 2.57 -40.28 35.99
N ILE C 194 2.54 -39.06 36.51
CA ILE C 194 1.34 -38.23 36.52
C ILE C 194 1.67 -36.94 35.79
N VAL C 195 0.80 -36.56 34.85
CA VAL C 195 0.99 -35.30 34.14
C VAL C 195 1.01 -34.16 35.15
N SER C 196 2.01 -33.30 35.04
CA SER C 196 2.13 -32.21 35.99
C SER C 196 2.30 -30.87 35.26
N TYR C 197 3.43 -30.67 34.59
CA TYR C 197 3.68 -29.38 33.95
C TYR C 197 4.73 -29.52 32.87
N GLY C 198 4.87 -28.45 32.12
CA GLY C 198 5.95 -28.27 31.17
C GLY C 198 6.04 -26.80 30.87
N LYS C 199 6.74 -26.46 29.80
CA LYS C 199 6.69 -25.08 29.32
C LYS C 199 5.33 -24.83 28.68
N SER C 200 4.86 -23.59 28.78
CA SER C 200 3.51 -23.27 28.31
C SER C 200 3.38 -23.35 26.79
N SER C 201 4.50 -23.37 26.06
CA SER C 201 4.41 -23.54 24.61
C SER C 201 4.00 -24.95 24.22
N GLY C 202 4.06 -25.90 25.15
CA GLY C 202 3.87 -27.30 24.81
C GLY C 202 5.09 -27.97 24.23
N VAL C 203 6.17 -27.23 24.00
CA VAL C 203 7.42 -27.79 23.50
C VAL C 203 8.01 -28.73 24.54
N PRO C 204 8.16 -30.02 24.24
CA PRO C 204 8.80 -30.94 25.18
C PRO C 204 10.27 -30.61 25.33
N PRO C 205 10.96 -31.16 26.35
CA PRO C 205 10.48 -32.09 27.38
C PRO C 205 9.56 -31.46 28.43
N GLU C 206 8.95 -32.30 29.26
CA GLU C 206 8.03 -31.85 30.30
C GLU C 206 8.15 -32.80 31.49
N VAL C 207 7.56 -32.39 32.60
CA VAL C 207 7.80 -33.02 33.90
C VAL C 207 6.56 -33.77 34.35
N PHE C 208 6.75 -35.03 34.74
CA PHE C 208 5.72 -35.86 35.34
C PHE C 208 6.07 -36.11 36.81
N THR C 209 5.03 -36.31 37.63
CA THR C 209 5.27 -36.77 38.99
C THR C 209 5.64 -38.24 38.98
N ARG C 210 6.79 -38.58 39.57
CA ARG C 210 7.29 -39.96 39.58
C ARG C 210 6.45 -40.78 40.55
N VAL C 211 5.51 -41.55 40.01
CA VAL C 211 4.58 -42.32 40.85
C VAL C 211 5.34 -43.32 41.70
N SER C 212 6.36 -43.96 41.14
CA SER C 212 7.08 -45.00 41.86
C SER C 212 7.70 -44.44 43.14
N SER C 213 8.15 -43.19 43.11
CA SER C 213 8.82 -42.57 44.24
C SER C 213 7.87 -42.08 45.32
N PHE C 214 6.57 -42.45 45.25
CA PHE C 214 5.60 -42.06 46.27
C PHE C 214 4.79 -43.24 46.78
N LEU C 215 5.18 -44.48 46.47
CA LEU C 215 4.33 -45.62 46.77
C LEU C 215 4.01 -45.81 48.25
N PRO C 216 4.95 -45.63 49.20
CA PRO C 216 4.57 -45.82 50.62
C PRO C 216 3.48 -44.87 51.09
N TRP C 217 3.53 -43.60 50.68
CA TRP C 217 2.48 -42.66 51.08
C TRP C 217 1.14 -43.02 50.47
N ILE C 218 1.13 -43.56 49.25
CA ILE C 218 -0.14 -43.93 48.62
C ILE C 218 -0.84 -45.02 49.41
N ARG C 219 -0.14 -46.13 49.67
CA ARG C 219 -0.76 -47.24 50.38
C ARG C 219 -1.16 -46.86 51.80
N THR C 220 -0.34 -46.03 52.45
CA THR C 220 -0.71 -45.54 53.78
C THR C 220 -2.01 -44.74 53.74
N THR C 221 -2.14 -43.85 52.76
CA THR C 221 -3.35 -43.05 52.64
C THR C 221 -4.54 -43.90 52.22
N MET C 222 -4.34 -44.81 51.27
CA MET C 222 -5.40 -45.72 50.85
C MET C 222 -5.92 -46.60 51.97
N ARG C 223 -5.36 -46.51 53.17
CA ARG C 223 -6.04 -47.00 54.37
C ARG C 223 -6.24 -48.52 54.39
N ILE D 1 7.84 2.28 66.94
CA ILE D 1 6.48 1.74 66.88
C ILE D 1 5.46 2.86 66.75
N VAL D 2 4.57 2.74 65.76
CA VAL D 2 3.56 3.76 65.47
C VAL D 2 2.25 3.33 66.08
N GLY D 3 1.64 4.22 66.86
CA GLY D 3 0.39 3.91 67.53
C GLY D 3 0.52 3.05 68.76
N GLY D 4 1.65 3.11 69.45
CA GLY D 4 1.86 2.28 70.61
C GLY D 4 1.78 2.98 71.95
N ARG D 5 2.55 2.49 72.92
CA ARG D 5 2.55 3.01 74.28
C ARG D 5 3.92 2.81 74.89
N ARG D 6 4.14 3.51 76.01
CA ARG D 6 5.37 3.33 76.78
C ARG D 6 5.42 1.93 77.36
N ALA D 7 6.46 1.18 77.06
CA ALA D 7 6.65 -0.13 77.66
C ALA D 7 7.09 0.04 79.10
N ARG D 8 6.61 -0.83 79.98
CA ARG D 8 6.99 -0.74 81.38
C ARG D 8 8.51 -0.84 81.50
N PRO D 9 9.14 -0.09 82.42
CA PRO D 9 10.60 -0.13 82.55
C PRO D 9 11.15 -1.53 82.73
N HIS D 10 11.86 -2.02 81.72
CA HIS D 10 12.47 -3.35 81.69
C HIS D 10 11.43 -4.46 81.79
N ALA D 11 10.20 -4.20 81.36
CA ALA D 11 9.22 -5.26 81.27
C ALA D 11 9.59 -6.30 80.23
N TRP D 12 10.50 -5.97 79.32
CA TRP D 12 10.95 -6.87 78.27
C TRP D 12 12.46 -6.99 78.39
N PRO D 13 12.95 -7.84 79.31
CA PRO D 13 14.40 -7.91 79.54
C PRO D 13 15.17 -8.56 78.40
N PHE D 14 14.51 -9.34 77.54
CA PHE D 14 15.17 -9.91 76.38
C PHE D 14 15.36 -8.91 75.25
N MET D 15 14.84 -7.69 75.40
CA MET D 15 14.86 -6.69 74.33
C MET D 15 16.24 -6.06 74.20
N VAL D 16 16.72 -5.92 72.97
CA VAL D 16 18.06 -5.46 72.67
C VAL D 16 17.96 -4.21 71.79
N SER D 17 19.02 -3.41 71.83
CA SER D 17 19.16 -2.24 70.98
C SER D 17 20.49 -2.33 70.24
N LEU D 18 20.43 -2.42 68.91
CA LEU D 18 21.62 -2.44 68.08
C LEU D 18 22.00 -1.01 67.70
N GLN D 19 23.24 -0.63 68.00
CA GLN D 19 23.65 0.76 67.93
C GLN D 19 24.94 0.92 67.16
N LEU D 20 24.98 1.96 66.31
CA LEU D 20 26.16 2.36 65.56
C LEU D 20 26.44 3.82 65.84
N ARG D 21 27.66 4.11 66.30
CA ARG D 21 28.06 5.48 66.65
C ARG D 21 27.12 6.08 67.71
N GLY D 22 26.76 5.25 68.69
CA GLY D 22 25.79 5.66 69.69
C GLY D 22 24.41 5.94 69.17
N GLY D 23 24.11 5.54 67.94
CA GLY D 23 22.78 5.73 67.40
C GLY D 23 22.05 4.43 67.15
N HIS D 24 20.85 4.29 67.71
CA HIS D 24 20.06 3.09 67.52
C HIS D 24 19.58 2.97 66.07
N PHE D 25 19.60 1.74 65.54
CA PHE D 25 19.08 1.48 64.20
C PHE D 25 18.30 0.18 64.07
N CYS D 26 18.45 -0.77 65.00
CA CYS D 26 17.73 -2.03 64.91
C CYS D 26 17.53 -2.64 66.29
N GLY D 27 16.52 -3.49 66.39
CA GLY D 27 16.30 -4.27 67.59
C GLY D 27 16.90 -5.66 67.47
N ALA D 28 17.01 -6.33 68.62
CA ALA D 28 17.46 -7.71 68.67
C ALA D 28 16.84 -8.36 69.90
N THR D 29 17.05 -9.67 70.02
CA THR D 29 16.46 -10.45 71.11
C THR D 29 17.54 -11.31 71.75
N LEU D 30 17.65 -11.22 73.07
CA LEU D 30 18.62 -12.03 73.81
C LEU D 30 18.11 -13.46 73.90
N ILE D 31 18.74 -14.36 73.17
CA ILE D 31 18.38 -15.77 73.16
C ILE D 31 19.32 -16.61 73.97
N ALA D 32 20.38 -16.03 74.49
CA ALA D 32 21.39 -16.70 75.29
C ALA D 32 22.33 -15.65 75.84
N PRO D 33 23.01 -15.91 76.95
CA PRO D 33 23.87 -14.88 77.55
C PRO D 33 24.85 -14.23 76.59
N ASN D 34 25.32 -14.95 75.56
CA ASN D 34 26.28 -14.41 74.61
C ASN D 34 25.78 -14.46 73.18
N PHE D 35 24.46 -14.46 72.98
CA PHE D 35 23.89 -14.55 71.64
C PHE D 35 22.63 -13.70 71.57
N VAL D 36 22.65 -12.67 70.72
CA VAL D 36 21.46 -11.92 70.38
C VAL D 36 21.02 -12.36 68.99
N MET D 37 19.72 -12.21 68.72
CA MET D 37 19.11 -12.66 67.47
C MET D 37 18.35 -11.49 66.88
N SER D 38 18.69 -11.13 65.64
CA SER D 38 18.12 -9.95 65.00
C SER D 38 17.80 -10.30 63.55
N ALA D 39 17.49 -9.27 62.76
CA ALA D 39 17.18 -9.43 61.34
C ALA D 39 18.45 -9.32 60.52
N ALA D 40 18.51 -10.10 59.43
CA ALA D 40 19.76 -10.23 58.68
C ALA D 40 20.14 -8.92 58.00
N HIS D 41 19.15 -8.17 57.51
CA HIS D 41 19.46 -6.94 56.78
C HIS D 41 19.98 -5.83 57.69
N CYS D 42 19.76 -5.94 59.01
CA CYS D 42 20.31 -4.96 59.93
C CYS D 42 21.83 -4.97 59.88
N VAL D 43 22.43 -6.14 59.72
CA VAL D 43 23.88 -6.30 59.77
C VAL D 43 24.46 -6.71 58.43
N ALA D 44 23.65 -6.80 57.38
CA ALA D 44 24.16 -7.27 56.10
C ALA D 44 25.06 -6.25 55.43
N ASN D 45 24.90 -4.97 55.74
CA ASN D 45 25.67 -3.92 55.10
C ASN D 45 26.46 -3.07 56.09
N VAL D 46 26.30 -3.28 57.39
CA VAL D 46 27.01 -2.49 58.38
C VAL D 46 28.40 -3.07 58.58
N ASN D 47 29.29 -2.29 59.21
CA ASN D 47 30.53 -2.83 59.72
C ASN D 47 30.22 -3.48 61.06
N VAL D 48 30.23 -4.81 61.10
CA VAL D 48 29.87 -5.56 62.30
C VAL D 48 30.73 -5.13 63.49
N ARG D 49 31.93 -4.63 63.23
CA ARG D 49 32.87 -4.29 64.29
C ARG D 49 32.59 -2.96 64.95
N ALA D 50 31.80 -2.09 64.32
CA ALA D 50 31.37 -0.86 64.95
C ALA D 50 30.01 -0.99 65.64
N VAL D 51 29.23 -2.01 65.29
CA VAL D 51 28.01 -2.29 66.01
C VAL D 51 28.37 -2.64 67.45
N ARG D 52 27.58 -2.12 68.38
CA ARG D 52 27.75 -2.48 69.79
C ARG D 52 26.37 -2.63 70.41
N VAL D 53 26.22 -3.71 71.18
CA VAL D 53 24.93 -4.30 71.53
C VAL D 53 24.55 -3.85 72.94
N VAL D 54 23.31 -3.40 73.11
CA VAL D 54 22.84 -2.82 74.37
C VAL D 54 21.73 -3.70 74.93
N LEU D 55 21.96 -4.23 76.12
CA LEU D 55 21.00 -5.07 76.81
C LEU D 55 20.46 -4.35 78.03
N GLY D 56 19.19 -4.58 78.33
CA GLY D 56 18.62 -4.05 79.56
C GLY D 56 18.50 -2.54 79.57
N ALA D 57 18.26 -1.95 78.40
CA ALA D 57 17.97 -0.53 78.32
C ALA D 57 16.47 -0.31 78.32
N HIS D 58 16.07 0.94 78.50
CA HIS D 58 14.65 1.28 78.45
C HIS D 58 14.43 2.67 77.85
N ASN D 59 15.07 3.68 78.42
CA ASN D 59 15.11 5.02 77.83
C ASN D 59 16.47 5.20 77.16
N LEU D 60 16.47 5.22 75.82
CA LEU D 60 17.72 5.29 75.07
C LEU D 60 18.40 6.65 75.16
N SER D 61 17.75 7.65 75.74
CA SER D 61 18.38 8.96 75.89
C SER D 61 19.15 9.09 77.19
N ARG D 62 18.53 8.73 78.31
CA ARG D 62 19.15 8.87 79.62
C ARG D 62 20.44 8.07 79.73
N ARG D 63 21.26 8.43 80.71
CA ARG D 63 22.28 7.52 81.21
C ARG D 63 21.61 6.51 82.14
N GLU D 64 21.64 5.24 81.75
CA GLU D 64 21.00 4.21 82.54
C GLU D 64 22.03 3.28 83.14
N PRO D 65 21.99 3.04 84.46
CA PRO D 65 22.97 2.13 85.06
C PRO D 65 22.70 0.68 84.75
N THR D 66 21.48 0.33 84.36
CA THR D 66 21.07 -1.04 84.13
C THR D 66 21.59 -1.64 82.84
N ARG D 67 22.31 -0.87 82.03
CA ARG D 67 22.68 -1.34 80.70
C ARG D 67 23.93 -2.22 80.74
N GLN D 68 23.99 -3.16 79.81
CA GLN D 68 25.20 -3.92 79.52
C GLN D 68 25.48 -3.81 78.03
N VAL D 69 26.75 -3.62 77.68
CA VAL D 69 27.16 -3.37 76.30
C VAL D 69 28.19 -4.40 75.88
N PHE D 70 27.97 -5.02 74.72
CA PHE D 70 28.92 -5.94 74.12
C PHE D 70 29.07 -5.62 72.64
N ALA D 71 30.25 -5.92 72.10
CA ALA D 71 30.47 -5.87 70.67
C ALA D 71 30.13 -7.22 70.05
N VAL D 72 29.80 -7.20 68.76
CA VAL D 72 29.56 -8.43 68.03
C VAL D 72 30.91 -9.06 67.70
N GLN D 73 31.05 -10.35 67.99
CA GLN D 73 32.29 -11.09 67.75
C GLN D 73 32.21 -11.98 66.51
N ARG D 74 31.07 -12.62 66.27
CA ARG D 74 30.91 -13.51 65.14
C ARG D 74 29.45 -13.47 64.72
N ILE D 75 29.19 -13.83 63.46
CA ILE D 75 27.86 -13.74 62.88
C ILE D 75 27.51 -15.07 62.23
N PHE D 76 26.26 -15.49 62.42
CA PHE D 76 25.72 -16.69 61.77
C PHE D 76 24.46 -16.30 61.00
N GLU D 77 24.48 -16.52 59.70
CA GLU D 77 23.33 -16.30 58.82
C GLU D 77 22.76 -17.64 58.38
N ASN D 78 21.68 -17.58 57.59
CA ASN D 78 20.96 -18.79 57.20
C ASN D 78 20.29 -18.59 55.84
N GLY D 79 21.10 -18.40 54.81
CA GLY D 79 20.60 -18.26 53.46
C GLY D 79 19.70 -17.07 53.25
N TYR D 80 20.15 -15.90 53.70
CA TYR D 80 19.39 -14.67 53.54
C TYR D 80 19.28 -14.32 52.05
N ASP D 81 18.08 -13.93 51.64
CA ASP D 81 17.80 -13.53 50.26
C ASP D 81 17.36 -12.07 50.24
N PRO D 82 18.27 -11.14 49.93
CA PRO D 82 17.94 -9.70 50.03
C PRO D 82 17.13 -9.13 48.88
N VAL D 83 16.69 -9.92 47.91
CA VAL D 83 15.77 -9.44 46.89
C VAL D 83 14.33 -9.89 47.18
N ASN D 84 14.15 -11.10 47.68
CA ASN D 84 12.83 -11.58 48.08
C ASN D 84 12.57 -11.41 49.57
N LEU D 85 13.56 -10.93 50.33
CA LEU D 85 13.46 -10.76 51.77
C LEU D 85 13.02 -12.08 52.43
N LEU D 86 13.83 -13.12 52.20
CA LEU D 86 13.59 -14.46 52.71
C LEU D 86 14.72 -14.86 53.66
N ASN D 87 14.35 -15.58 54.72
CA ASN D 87 15.30 -16.02 55.76
C ASN D 87 16.04 -14.82 56.35
N ASP D 88 15.26 -13.85 56.83
CA ASP D 88 15.77 -12.56 57.28
C ASP D 88 16.16 -12.62 58.76
N ILE D 89 17.05 -13.55 59.08
CA ILE D 89 17.42 -13.86 60.45
C ILE D 89 18.94 -13.98 60.54
N VAL D 90 19.49 -13.49 61.64
CA VAL D 90 20.92 -13.55 61.90
C VAL D 90 21.13 -13.62 63.41
N ILE D 91 22.15 -14.38 63.83
CA ILE D 91 22.52 -14.53 65.23
C ILE D 91 23.89 -13.89 65.41
N LEU D 92 24.04 -13.13 66.50
CA LEU D 92 25.26 -12.39 66.79
C LEU D 92 25.87 -12.91 68.09
N GLN D 93 27.10 -13.43 68.01
CA GLN D 93 27.85 -13.81 69.20
C GLN D 93 28.57 -12.59 69.74
N LEU D 94 28.46 -12.37 71.05
CA LEU D 94 28.99 -11.18 71.68
C LEU D 94 30.42 -11.42 72.18
N ASN D 95 31.13 -10.33 72.48
CA ASN D 95 32.48 -10.41 73.02
C ASN D 95 32.49 -10.70 74.51
N GLY D 96 31.41 -11.27 75.03
CA GLY D 96 31.34 -11.62 76.43
C GLY D 96 30.05 -12.37 76.69
N SER D 97 29.61 -12.35 77.95
CA SER D 97 28.32 -12.91 78.31
C SER D 97 27.59 -11.95 79.22
N ALA D 98 26.28 -11.80 78.98
CA ALA D 98 25.46 -10.92 79.79
C ALA D 98 25.34 -11.47 81.21
N THR D 99 25.39 -10.56 82.18
CA THR D 99 25.01 -10.88 83.55
C THR D 99 23.49 -10.96 83.60
N ILE D 100 22.97 -12.16 83.77
CA ILE D 100 21.51 -12.36 83.79
C ILE D 100 20.96 -11.85 85.11
N ASN D 101 20.04 -10.90 85.04
CA ASN D 101 19.36 -10.35 86.21
C ASN D 101 17.96 -9.89 85.79
N ALA D 102 17.30 -9.14 86.67
CA ALA D 102 15.90 -8.77 86.43
C ALA D 102 15.71 -7.95 85.17
N ASN D 103 16.74 -7.25 84.70
CA ASN D 103 16.62 -6.39 83.52
C ASN D 103 17.22 -7.00 82.26
N VAL D 104 17.97 -8.10 82.38
CA VAL D 104 18.66 -8.73 81.25
C VAL D 104 18.39 -10.23 81.35
N GLN D 105 17.51 -10.74 80.48
CA GLN D 105 17.11 -12.14 80.57
C GLN D 105 16.99 -12.75 79.18
N VAL D 106 17.15 -14.07 79.13
CA VAL D 106 17.07 -14.82 77.88
C VAL D 106 15.61 -15.05 77.52
N ALA D 107 15.27 -14.82 76.26
CA ALA D 107 13.90 -15.04 75.79
C ALA D 107 13.65 -16.51 75.50
N GLN D 108 12.37 -16.85 75.43
CA GLN D 108 11.93 -18.20 75.09
C GLN D 108 11.49 -18.23 73.64
N LEU D 109 12.07 -19.18 72.86
CA LEU D 109 11.63 -19.37 71.48
C LEU D 109 10.67 -20.56 71.40
N PRO D 110 9.75 -20.58 70.45
CA PRO D 110 8.79 -21.68 70.37
C PRO D 110 9.40 -22.92 69.75
N ALA D 111 8.62 -24.00 69.74
CA ALA D 111 9.08 -25.25 69.16
C ALA D 111 9.19 -25.13 67.64
N GLN D 112 10.03 -25.99 67.07
CA GLN D 112 10.24 -25.98 65.62
C GLN D 112 8.96 -26.34 64.88
N GLY D 113 8.54 -25.48 63.96
CA GLY D 113 7.39 -25.73 63.14
C GLY D 113 6.09 -25.13 63.62
N ARG D 114 6.01 -24.76 64.90
CA ARG D 114 4.85 -24.05 65.43
C ARG D 114 4.46 -22.91 64.51
N ARG D 115 3.22 -22.93 64.03
CA ARG D 115 2.72 -21.86 63.18
C ARG D 115 1.48 -21.24 63.83
N LEU D 116 1.49 -19.91 63.91
CA LEU D 116 0.39 -19.17 64.52
C LEU D 116 -0.78 -19.08 63.57
N GLY D 117 -1.94 -19.54 64.02
CA GLY D 117 -3.14 -19.44 63.22
C GLY D 117 -3.62 -18.01 63.09
N ASN D 118 -4.62 -17.84 62.25
CA ASN D 118 -5.19 -16.52 62.04
C ASN D 118 -5.93 -16.04 63.29
N GLY D 119 -5.62 -14.83 63.73
CA GLY D 119 -6.31 -14.21 64.84
C GLY D 119 -5.56 -14.19 66.15
N VAL D 120 -4.38 -14.80 66.22
CA VAL D 120 -3.63 -14.88 67.47
C VAL D 120 -3.21 -13.48 67.91
N GLN D 121 -3.33 -13.23 69.22
CA GLN D 121 -2.98 -11.93 69.79
C GLN D 121 -1.50 -11.92 70.17
N CYS D 122 -0.75 -11.01 69.55
CA CYS D 122 0.68 -10.88 69.74
C CYS D 122 1.02 -9.48 70.24
N LEU D 123 2.32 -9.24 70.41
CA LEU D 123 2.84 -7.98 70.94
C LEU D 123 4.17 -7.68 70.27
N ALA D 124 4.23 -6.55 69.57
CA ALA D 124 5.47 -6.05 68.99
C ALA D 124 6.05 -4.95 69.87
N MET D 125 7.33 -4.67 69.67
CA MET D 125 8.02 -3.69 70.48
C MET D 125 9.24 -3.20 69.72
N GLY D 126 9.85 -2.15 70.23
CA GLY D 126 11.06 -1.62 69.63
C GLY D 126 11.15 -0.12 69.85
N TRP D 127 12.31 0.42 69.45
CA TRP D 127 12.59 1.84 69.61
C TRP D 127 12.49 2.62 68.30
N GLY D 128 11.75 2.10 67.33
CA GLY D 128 11.66 2.72 66.02
C GLY D 128 10.89 4.03 66.07
N LEU D 129 10.63 4.56 64.87
CA LEU D 129 9.94 5.83 64.75
C LEU D 129 8.57 5.77 65.41
N LEU D 130 8.21 6.85 66.10
CA LEU D 130 6.94 6.91 66.83
C LEU D 130 5.76 7.17 65.91
N GLY D 131 6.00 7.73 64.73
CA GLY D 131 4.96 7.91 63.74
C GLY D 131 5.60 8.11 62.39
N ARG D 132 4.85 7.79 61.33
CA ARG D 132 5.33 8.08 59.99
C ARG D 132 5.62 9.56 59.90
N ASN D 133 6.93 9.92 59.88
CA ASN D 133 7.44 11.29 59.77
C ASN D 133 7.52 11.95 61.15
N ARG D 134 7.79 11.19 62.20
CA ARG D 134 7.67 11.72 63.56
C ARG D 134 8.94 11.62 64.41
N GLY D 135 9.88 10.76 64.07
CA GLY D 135 11.16 10.75 64.76
C GLY D 135 11.33 9.51 65.63
N ILE D 136 12.60 9.29 66.01
CA ILE D 136 12.95 8.06 66.71
C ILE D 136 12.31 8.04 68.10
N ALA D 137 11.99 6.84 68.56
CA ALA D 137 11.59 6.66 69.94
C ALA D 137 12.80 6.78 70.85
N SER D 138 12.57 7.32 72.05
CA SER D 138 13.56 7.30 73.12
C SER D 138 13.22 6.30 74.22
N VAL D 139 11.94 6.11 74.50
CA VAL D 139 11.47 5.12 75.48
C VAL D 139 10.86 3.97 74.71
N LEU D 140 11.15 2.75 75.16
CA LEU D 140 10.70 1.55 74.46
C LEU D 140 9.17 1.57 74.27
N GLN D 141 8.74 1.11 73.11
CA GLN D 141 7.33 1.10 72.74
C GLN D 141 6.83 -0.33 72.63
N GLU D 142 5.53 -0.52 72.88
CA GLU D 142 4.87 -1.81 72.71
C GLU D 142 3.50 -1.57 72.10
N LEU D 143 2.96 -2.60 71.46
CA LEU D 143 1.73 -2.46 70.68
C LEU D 143 1.03 -3.79 70.55
N ASN D 144 -0.24 -3.85 70.95
CA ASN D 144 -1.07 -5.03 70.74
C ASN D 144 -1.37 -5.16 69.25
N VAL D 145 -1.04 -6.32 68.66
CA VAL D 145 -1.28 -6.59 67.26
C VAL D 145 -2.00 -7.93 67.13
N THR D 146 -2.48 -8.20 65.92
CA THR D 146 -3.22 -9.42 65.62
C THR D 146 -2.61 -10.09 64.40
N VAL D 147 -2.24 -11.36 64.54
CA VAL D 147 -1.66 -12.11 63.43
C VAL D 147 -2.70 -12.30 62.33
N VAL D 148 -2.31 -11.99 61.10
CA VAL D 148 -3.18 -12.14 59.93
C VAL D 148 -2.52 -13.09 58.96
N THR D 149 -3.35 -13.83 58.22
CA THR D 149 -2.89 -14.70 57.17
C THR D 149 -3.14 -14.16 55.77
N SER D 150 -4.06 -13.22 55.62
CA SER D 150 -4.34 -12.63 54.33
C SER D 150 -3.35 -11.51 54.04
N LEU D 151 -3.12 -11.25 52.74
CA LEU D 151 -2.09 -10.34 52.26
C LEU D 151 -0.70 -10.74 52.75
N CYS D 152 -0.52 -12.01 53.04
CA CYS D 152 0.75 -12.54 53.51
C CYS D 152 1.14 -13.73 52.64
N ARG D 153 2.34 -14.24 52.88
CA ARG D 153 2.81 -15.48 52.27
C ARG D 153 3.22 -16.44 53.38
N ARG D 154 3.48 -17.69 52.99
CA ARG D 154 3.86 -18.70 53.96
C ARG D 154 5.23 -18.44 54.58
N SER D 155 6.06 -17.64 53.93
CA SER D 155 7.44 -17.42 54.37
C SER D 155 7.55 -16.44 55.53
N ASN D 156 6.47 -15.77 55.92
CA ASN D 156 6.52 -14.72 56.94
C ASN D 156 5.40 -14.92 57.96
N VAL D 157 5.50 -14.16 59.04
CA VAL D 157 4.43 -13.97 60.00
C VAL D 157 3.96 -12.52 59.86
N CYS D 158 2.67 -12.34 59.59
CA CYS D 158 2.10 -11.02 59.37
C CYS D 158 1.18 -10.61 60.50
N THR D 159 1.28 -9.35 60.90
CA THR D 159 0.48 -8.76 61.96
C THR D 159 -0.13 -7.46 61.43
N LEU D 160 -1.21 -7.03 62.08
CA LEU D 160 -2.03 -5.94 61.54
C LEU D 160 -2.92 -5.38 62.64
N VAL D 161 -2.67 -4.13 63.02
CA VAL D 161 -3.59 -3.42 63.91
C VAL D 161 -4.81 -3.03 63.10
N ARG D 162 -5.92 -3.71 63.31
CA ARG D 162 -7.11 -3.46 62.51
C ARG D 162 -7.87 -2.26 63.03
N GLY D 163 -8.49 -1.51 62.12
CA GLY D 163 -9.28 -0.34 62.46
C GLY D 163 -8.49 0.93 62.66
N ARG D 164 -7.22 0.82 63.03
CA ARG D 164 -6.35 1.97 63.24
C ARG D 164 -5.15 1.86 62.33
N GLN D 165 -4.44 2.98 62.18
CA GLN D 165 -3.21 3.03 61.40
C GLN D 165 -2.04 2.87 62.38
N ALA D 166 -1.57 1.64 62.53
CA ALA D 166 -0.51 1.33 63.47
C ALA D 166 0.30 0.15 62.95
N GLY D 167 1.61 0.20 63.21
CA GLY D 167 2.48 -0.89 62.80
C GLY D 167 3.90 -0.58 63.23
N VAL D 168 4.80 -1.50 62.88
CA VAL D 168 6.23 -1.27 63.11
C VAL D 168 6.71 -0.19 62.16
N CYS D 169 7.76 0.52 62.58
CA CYS D 169 8.34 1.58 61.77
C CYS D 169 9.86 1.47 61.80
N PHE D 170 10.52 2.37 61.08
CA PHE D 170 11.94 2.23 60.82
C PHE D 170 12.76 2.37 62.08
N GLY D 171 13.66 1.41 62.29
CA GLY D 171 14.35 1.22 63.56
C GLY D 171 13.82 0.05 64.35
N ASP D 172 12.70 -0.53 63.96
CA ASP D 172 12.15 -1.71 64.61
C ASP D 172 12.53 -3.01 63.92
N SER D 173 13.30 -2.94 62.83
CA SER D 173 13.88 -4.13 62.25
C SER D 173 14.64 -4.92 63.31
N GLY D 174 14.44 -6.23 63.33
CA GLY D 174 15.10 -7.10 64.27
C GLY D 174 14.46 -7.19 65.63
N SER D 175 13.57 -6.26 65.96
CA SER D 175 12.88 -6.30 67.24
C SER D 175 11.91 -7.48 67.28
N PRO D 176 11.70 -8.08 68.44
CA PRO D 176 10.94 -9.34 68.50
C PRO D 176 9.44 -9.14 68.38
N LEU D 177 8.75 -10.26 68.16
CA LEU D 177 7.29 -10.34 68.21
C LEU D 177 6.94 -11.41 69.24
N VAL D 178 6.33 -11.00 70.35
CA VAL D 178 6.03 -11.88 71.46
C VAL D 178 4.60 -12.38 71.33
N CYS D 179 4.44 -13.70 71.22
CA CYS D 179 3.14 -14.32 71.10
C CYS D 179 3.03 -15.43 72.12
N ASN D 180 2.11 -15.27 73.07
CA ASN D 180 1.92 -16.25 74.14
C ASN D 180 3.24 -16.54 74.86
N GLY D 181 4.06 -15.50 75.03
CA GLY D 181 5.29 -15.59 75.79
C GLY D 181 6.50 -16.04 75.01
N LEU D 182 6.36 -16.26 73.71
CA LEU D 182 7.42 -16.81 72.87
C LEU D 182 7.71 -15.87 71.71
N ILE D 183 9.00 -15.70 71.42
CA ILE D 183 9.42 -14.91 70.27
C ILE D 183 9.09 -15.68 68.99
N HIS D 184 7.97 -15.34 68.35
CA HIS D 184 7.57 -15.96 67.10
C HIS D 184 8.06 -15.24 65.86
N GLY D 185 8.38 -13.96 65.95
CA GLY D 185 8.75 -13.18 64.78
C GLY D 185 9.87 -12.21 65.04
N ILE D 186 10.60 -11.89 63.97
CA ILE D 186 11.61 -10.84 63.94
C ILE D 186 11.22 -9.85 62.86
N ALA D 187 11.09 -8.58 63.22
CA ALA D 187 10.52 -7.59 62.32
C ALA D 187 11.36 -7.42 61.06
N SER D 188 10.70 -7.44 59.90
CA SER D 188 11.39 -7.52 58.61
C SER D 188 11.09 -6.30 57.74
N PHE D 189 9.88 -6.17 57.20
CA PHE D 189 9.59 -5.13 56.22
C PHE D 189 8.12 -4.75 56.26
N VAL D 190 7.84 -3.53 55.80
CA VAL D 190 6.48 -3.04 55.67
C VAL D 190 6.17 -2.82 54.19
N ARG D 191 4.89 -2.54 53.90
CA ARG D 191 4.43 -2.25 52.56
C ARG D 191 3.70 -0.91 52.55
N GLY D 192 4.01 -0.08 51.56
CA GLY D 192 3.42 1.24 51.43
C GLY D 192 3.99 2.30 52.36
N GLY D 193 4.71 1.91 53.39
CA GLY D 193 5.18 2.82 54.41
C GLY D 193 4.67 2.43 55.79
N CYS D 194 5.20 3.14 56.78
CA CYS D 194 4.84 2.86 58.17
C CYS D 194 3.36 3.10 58.40
N ALA D 195 2.74 2.21 59.18
CA ALA D 195 1.37 2.40 59.66
C ALA D 195 0.39 2.62 58.53
N SER D 196 0.51 1.80 57.47
CA SER D 196 -0.43 1.92 56.36
C SER D 196 -1.87 1.67 56.80
N GLY D 197 -2.05 0.88 57.86
CA GLY D 197 -3.36 0.40 58.21
C GLY D 197 -4.04 -0.44 57.16
N LEU D 198 -3.38 -0.67 56.02
CA LEU D 198 -3.91 -1.48 54.94
C LEU D 198 -3.13 -2.78 54.74
N TYR D 199 -1.81 -2.70 54.61
CA TYR D 199 -0.89 -3.81 54.38
C TYR D 199 -0.24 -4.22 55.69
N PRO D 200 -0.39 -5.49 56.08
CA PRO D 200 0.23 -5.95 57.33
C PRO D 200 1.74 -5.83 57.28
N ASP D 201 2.33 -5.65 58.46
CA ASP D 201 3.77 -5.77 58.64
C ASP D 201 4.18 -7.23 58.56
N ALA D 202 5.46 -7.45 58.26
CA ALA D 202 6.00 -8.78 58.04
C ALA D 202 7.14 -9.07 59.01
N PHE D 203 7.05 -10.22 59.67
CA PHE D 203 8.09 -10.67 60.59
C PHE D 203 8.75 -11.94 60.05
N ALA D 204 10.05 -12.07 60.29
CA ALA D 204 10.72 -13.32 59.97
C ALA D 204 10.16 -14.42 60.86
N PRO D 205 9.79 -15.58 60.31
CA PRO D 205 9.14 -16.60 61.15
C PRO D 205 10.13 -17.37 62.00
N VAL D 206 10.36 -16.89 63.23
CA VAL D 206 11.35 -17.50 64.11
C VAL D 206 11.06 -18.99 64.29
N ALA D 207 9.78 -19.35 64.35
CA ALA D 207 9.42 -20.73 64.62
C ALA D 207 9.89 -21.69 63.54
N GLN D 208 10.20 -21.21 62.34
CA GLN D 208 10.72 -22.06 61.27
C GLN D 208 12.23 -22.23 61.33
N PHE D 209 12.91 -21.56 62.27
CA PHE D 209 14.36 -21.61 62.36
C PHE D 209 14.85 -22.16 63.69
N VAL D 210 13.97 -22.77 64.48
CA VAL D 210 14.32 -23.12 65.86
C VAL D 210 15.40 -24.20 65.90
N ASN D 211 15.30 -25.21 65.01
CA ASN D 211 16.34 -26.23 64.96
C ASN D 211 17.69 -25.63 64.58
N TRP D 212 17.68 -24.62 63.70
CA TRP D 212 18.92 -23.96 63.32
C TRP D 212 19.47 -23.13 64.46
N ILE D 213 18.61 -22.35 65.13
CA ILE D 213 19.06 -21.51 66.24
C ILE D 213 19.64 -22.37 67.36
N ASP D 214 18.92 -23.44 67.72
CA ASP D 214 19.40 -24.31 68.78
C ASP D 214 20.76 -24.91 68.46
N SER D 215 21.05 -25.15 67.18
CA SER D 215 22.34 -25.71 66.79
C SER D 215 23.48 -24.72 67.01
N ILE D 216 23.19 -23.42 67.04
CA ILE D 216 24.23 -22.42 67.14
C ILE D 216 24.54 -22.06 68.59
N ILE D 217 23.52 -21.96 69.44
CA ILE D 217 23.72 -21.53 70.81
C ILE D 217 23.88 -22.74 71.73
N GLN D 218 23.28 -23.87 71.34
CA GLN D 218 23.43 -25.14 72.06
C GLN D 218 23.04 -25.01 73.54
N SER E 2 28.45 19.34 59.15
CA SER E 2 27.04 19.63 59.40
C SER E 2 26.15 18.90 58.40
N THR E 3 26.55 18.92 57.13
CA THR E 3 25.87 18.16 56.08
C THR E 3 26.92 17.50 55.20
N ILE E 4 26.48 16.53 54.39
CA ILE E 4 27.36 15.80 53.49
C ILE E 4 26.77 15.78 52.09
N GLN E 5 27.61 15.45 51.12
CA GLN E 5 27.26 15.41 49.71
C GLN E 5 27.50 13.98 49.20
N ILE E 6 26.43 13.20 49.09
CA ILE E 6 26.53 11.84 48.58
C ILE E 6 26.37 11.86 47.06
N PRO E 7 27.32 11.31 46.31
CA PRO E 7 27.21 11.34 44.85
C PRO E 7 26.21 10.32 44.33
N TYR E 8 25.57 10.66 43.21
CA TYR E 8 24.62 9.75 42.57
C TYR E 8 24.73 9.86 41.06
N THR E 9 24.51 8.72 40.40
CA THR E 9 24.44 8.64 38.94
C THR E 9 23.11 8.03 38.56
N ILE E 10 22.47 8.59 37.54
CA ILE E 10 21.18 8.12 37.05
C ILE E 10 21.37 7.54 35.66
N THR E 11 20.82 6.36 35.43
CA THR E 11 20.71 5.78 34.09
C THR E 11 19.22 5.58 33.80
N VAL E 12 18.73 6.23 32.74
CA VAL E 12 17.33 6.12 32.36
C VAL E 12 17.14 5.30 31.09
N ASN E 13 18.09 5.33 30.16
CA ASN E 13 18.08 4.44 29.00
C ASN E 13 19.52 4.22 28.56
N GLY E 14 20.44 4.92 29.21
CA GLY E 14 21.81 4.98 28.77
C GLY E 14 22.30 6.40 28.86
N THR E 15 23.03 6.71 29.94
CA THR E 15 23.47 8.08 30.20
C THR E 15 24.66 8.07 31.14
N SER E 16 25.85 8.42 30.63
CA SER E 16 27.07 8.40 31.42
C SER E 16 27.56 9.83 31.63
N GLN E 17 28.31 10.40 30.67
CA GLN E 17 29.12 11.60 30.89
C GLN E 17 28.28 12.81 31.31
N ASN E 18 27.23 12.57 32.07
CA ASN E 18 26.38 13.60 32.63
C ASN E 18 27.14 14.38 33.70
N ILE E 19 26.50 14.63 34.84
CA ILE E 19 27.09 15.47 35.87
C ILE E 19 27.85 14.63 36.88
N LEU E 20 28.67 15.30 37.69
CA LEU E 20 29.05 14.78 39.00
C LEU E 20 27.95 15.22 39.96
N SER E 21 26.84 14.48 39.94
CA SER E 21 25.65 14.83 40.70
C SER E 21 25.79 14.38 42.14
N SER E 22 25.09 15.07 43.04
CA SER E 22 25.27 14.84 44.47
C SER E 22 24.03 15.27 45.23
N LEU E 23 23.56 14.40 46.13
CA LEU E 23 22.47 14.70 47.04
C LEU E 23 23.00 15.26 48.35
N THR E 24 22.20 16.11 48.99
CA THR E 24 22.56 16.71 50.28
C THR E 24 21.92 15.91 51.39
N PHE E 25 22.75 15.36 52.27
CA PHE E 25 22.30 14.60 53.43
C PHE E 25 22.93 15.17 54.69
N ASN E 26 22.47 14.68 55.85
CA ASN E 26 22.99 15.12 57.13
C ASN E 26 24.17 14.24 57.56
N LYS E 27 25.20 14.88 58.10
CA LYS E 27 26.39 14.17 58.56
C LYS E 27 26.02 13.29 59.75
N ASN E 28 26.27 11.99 59.63
CA ASN E 28 26.14 11.03 60.73
C ASN E 28 24.71 11.02 61.28
N GLN E 29 23.83 10.43 60.48
CA GLN E 29 22.42 10.35 60.86
C GLN E 29 21.83 9.05 60.34
N ASN E 30 20.89 8.49 61.09
CA ASN E 30 20.19 7.28 60.70
C ASN E 30 18.93 7.66 59.91
N ILE E 31 18.83 7.18 58.67
CA ILE E 31 17.69 7.44 57.81
C ILE E 31 17.17 6.10 57.28
N SER E 32 16.00 6.13 56.68
CA SER E 32 15.32 4.93 56.21
C SER E 32 15.31 4.86 54.69
N TYR E 33 14.95 3.68 54.18
CA TYR E 33 14.91 3.49 52.74
C TYR E 33 13.70 4.16 52.09
N LYS E 34 12.70 4.55 52.88
CA LYS E 34 11.64 5.41 52.37
C LYS E 34 12.15 6.84 52.21
N ASP E 35 13.03 7.28 53.11
CA ASP E 35 13.67 8.58 52.96
C ASP E 35 14.52 8.62 51.71
N ILE E 36 15.34 7.58 51.51
CA ILE E 36 16.21 7.54 50.33
C ILE E 36 15.39 7.43 49.06
N GLU E 37 14.29 6.65 49.10
CA GLU E 37 13.44 6.54 47.92
C GLU E 37 12.87 7.90 47.52
N ASN E 38 12.42 8.69 48.51
CA ASN E 38 11.90 10.01 48.21
C ASN E 38 12.91 10.88 47.49
N LYS E 39 14.20 10.72 47.80
CA LYS E 39 15.21 11.53 47.14
C LYS E 39 15.61 10.96 45.79
N VAL E 40 15.54 9.64 45.61
CA VAL E 40 15.68 9.06 44.28
C VAL E 40 14.56 9.54 43.38
N LYS E 41 13.31 9.40 43.83
CA LYS E 41 12.17 9.84 43.03
C LYS E 41 12.20 11.34 42.77
N SER E 42 12.94 12.11 43.57
CA SER E 42 13.03 13.55 43.35
C SER E 42 14.01 13.87 42.22
N VAL E 43 15.26 13.42 42.35
CA VAL E 43 16.26 13.73 41.34
C VAL E 43 16.07 12.93 40.05
N LEU E 44 15.33 11.81 40.10
CA LEU E 44 14.96 11.15 38.86
C LEU E 44 14.14 12.06 37.97
N TYR E 45 13.24 12.83 38.57
CA TYR E 45 12.43 13.77 37.81
C TYR E 45 13.21 15.04 37.47
N PHE E 46 14.12 15.44 38.37
CA PHE E 46 14.83 16.70 38.15
C PHE E 46 15.85 16.59 37.03
N ASN E 47 16.59 15.49 36.98
CA ASN E 47 17.64 15.32 35.97
C ASN E 47 17.13 14.72 34.68
N ARG E 48 16.04 13.94 34.73
CA ARG E 48 15.61 13.16 33.58
C ARG E 48 14.11 13.22 33.32
N GLY E 49 13.32 13.81 34.22
CA GLY E 49 11.89 13.88 34.00
C GLY E 49 11.16 12.57 34.12
N ILE E 50 11.68 11.65 34.92
CA ILE E 50 10.99 10.39 35.20
C ILE E 50 10.02 10.64 36.34
N SER E 51 8.73 10.75 36.02
CA SER E 51 7.73 11.00 37.03
C SER E 51 7.17 9.67 37.54
N ASP E 52 6.22 9.77 38.47
CA ASP E 52 5.63 8.58 39.07
C ASP E 52 5.04 7.66 38.01
N ILE E 53 4.34 8.23 37.03
CA ILE E 53 3.77 7.43 35.94
C ILE E 53 4.89 6.73 35.16
N ASP E 54 5.98 7.45 34.89
CA ASP E 54 7.08 6.85 34.15
C ASP E 54 7.74 5.71 34.92
N LEU E 55 7.71 5.77 36.24
CA LEU E 55 8.23 4.68 37.05
C LEU E 55 7.26 3.50 37.13
N ARG E 56 5.96 3.80 37.24
CA ARG E 56 4.96 2.73 37.29
C ARG E 56 4.95 1.94 35.99
N LEU E 57 5.02 2.62 34.86
CA LEU E 57 4.97 1.95 33.56
C LEU E 57 6.33 1.51 33.05
N SER E 58 7.39 1.75 33.82
CA SER E 58 8.73 1.33 33.42
C SER E 58 8.83 -0.20 33.40
N LYS E 59 9.81 -0.70 32.62
CA LYS E 59 10.01 -2.13 32.48
C LYS E 59 10.63 -2.73 33.74
N GLN E 60 11.76 -2.16 34.18
CA GLN E 60 12.36 -2.47 35.46
C GLN E 60 12.94 -1.18 36.02
N ALA E 61 12.77 -0.98 37.33
CA ALA E 61 13.15 0.30 37.95
C ALA E 61 13.70 0.02 39.34
N GLU E 62 14.91 0.53 39.62
CA GLU E 62 15.62 0.17 40.83
C GLU E 62 16.68 1.22 41.12
N TYR E 63 17.22 1.18 42.34
CA TYR E 63 18.41 1.95 42.70
C TYR E 63 19.25 1.11 43.65
N THR E 64 20.53 1.43 43.72
CA THR E 64 21.50 0.64 44.49
C THR E 64 22.23 1.54 45.47
N VAL E 65 22.22 1.15 46.75
CA VAL E 65 22.95 1.89 47.78
C VAL E 65 24.31 1.20 47.94
N HIS E 66 25.38 1.91 47.57
CA HIS E 66 26.74 1.41 47.71
C HIS E 66 27.33 1.93 49.00
N PHE E 67 27.84 1.03 49.84
CA PHE E 67 28.35 1.41 51.15
C PHE E 67 29.87 1.50 51.11
N LYS E 68 30.43 2.30 52.02
CA LYS E 68 31.86 2.53 52.00
C LYS E 68 32.65 1.26 52.29
N ASN E 69 32.06 0.30 53.01
CA ASN E 69 32.74 -0.95 53.29
C ASN E 69 32.71 -1.93 52.13
N GLY E 70 32.26 -1.50 50.96
CA GLY E 70 32.37 -2.30 49.75
C GLY E 70 31.15 -3.12 49.41
N THR E 71 30.09 -3.07 50.22
CA THR E 71 28.87 -3.81 49.94
C THR E 71 27.84 -2.92 49.27
N LYS E 72 26.85 -3.54 48.64
CA LYS E 72 25.77 -2.81 48.00
C LYS E 72 24.44 -3.47 48.32
N ARG E 73 23.37 -2.68 48.24
CA ARG E 73 22.01 -3.13 48.51
C ARG E 73 21.10 -2.59 47.41
N VAL E 74 20.46 -3.48 46.67
CA VAL E 74 19.70 -3.13 45.48
C VAL E 74 18.22 -3.07 45.83
N ILE E 75 17.63 -1.88 45.73
CA ILE E 75 16.24 -1.63 46.11
C ILE E 75 15.38 -1.61 44.84
N ASP E 76 14.17 -2.14 44.92
CA ASP E 76 13.23 -2.12 43.82
C ASP E 76 12.25 -0.96 44.03
N LEU E 77 12.22 -0.04 43.07
CA LEU E 77 11.33 1.11 43.15
C LEU E 77 9.87 0.75 42.88
N LYS E 78 9.61 -0.38 42.21
CA LYS E 78 8.27 -0.78 41.86
C LYS E 78 7.66 -1.77 42.84
N SER E 79 8.32 -2.03 43.97
CA SER E 79 7.86 -2.99 44.96
C SER E 79 7.02 -2.37 46.07
N GLY E 80 7.29 -1.12 46.44
CA GLY E 80 6.58 -0.54 47.57
C GLY E 80 6.92 -1.18 48.88
N ILE E 81 8.05 -1.87 48.96
CA ILE E 81 8.47 -2.61 50.14
C ILE E 81 9.70 -1.93 50.72
N TYR E 82 9.69 -1.72 52.04
CA TYR E 82 10.79 -1.09 52.76
C TYR E 82 11.09 -1.91 54.00
N THR E 83 12.33 -2.40 54.11
CA THR E 83 12.76 -3.01 55.36
C THR E 83 12.73 -1.98 56.48
N ALA E 84 12.39 -2.43 57.69
CA ALA E 84 12.11 -1.52 58.79
C ALA E 84 13.36 -1.10 59.56
N ASP E 85 14.47 -0.87 58.87
CA ASP E 85 15.73 -0.56 59.54
C ASP E 85 16.14 0.89 59.25
N LEU E 86 17.23 1.30 59.90
CA LEU E 86 17.84 2.60 59.68
C LEU E 86 19.29 2.38 59.25
N ILE E 87 19.79 3.25 58.38
CA ILE E 87 21.18 3.21 57.95
C ILE E 87 21.80 4.59 58.14
N ASN E 88 23.10 4.61 58.38
CA ASN E 88 23.82 5.83 58.72
C ASN E 88 24.30 6.53 57.45
N THR E 89 23.90 7.80 57.28
CA THR E 89 24.24 8.54 56.08
C THR E 89 25.74 8.59 55.83
N SER E 90 26.54 8.64 56.90
CA SER E 90 27.98 8.79 56.74
C SER E 90 28.68 7.49 56.32
N ASP E 91 27.97 6.36 56.32
CA ASP E 91 28.52 5.10 55.85
C ASP E 91 28.20 4.84 54.38
N ILE E 92 27.39 5.69 53.76
CA ILE E 92 27.03 5.55 52.35
C ILE E 92 28.14 6.15 51.49
N LYS E 93 28.51 5.44 50.42
CA LYS E 93 29.47 5.94 49.47
C LYS E 93 28.81 6.54 48.23
N ALA E 94 27.84 5.85 47.65
CA ALA E 94 27.22 6.35 46.43
C ALA E 94 25.90 5.63 46.19
N ILE E 95 25.08 6.22 45.32
CA ILE E 95 23.79 5.67 44.93
C ILE E 95 23.72 5.67 43.41
N SER E 96 23.34 4.55 42.82
CA SER E 96 23.16 4.43 41.39
C SER E 96 21.71 4.09 41.09
N VAL E 97 21.13 4.79 40.10
CA VAL E 97 19.74 4.63 39.73
C VAL E 97 19.67 4.08 38.31
N ASN E 98 18.68 3.23 38.05
CA ASN E 98 18.48 2.65 36.73
C ASN E 98 17.00 2.46 36.48
N VAL E 99 16.51 3.07 35.41
CA VAL E 99 15.12 2.95 34.98
C VAL E 99 15.12 2.45 33.53
N ASP E 100 14.13 1.64 33.18
CA ASP E 100 14.00 1.14 31.81
C ASP E 100 12.60 1.42 31.24
N ILE F 1 38.10 12.86 33.35
CA ILE F 1 38.64 12.46 32.07
C ILE F 1 39.32 11.10 32.19
N ILE F 2 38.68 10.08 31.64
CA ILE F 2 39.14 8.70 31.78
C ILE F 2 40.27 8.44 30.80
N GLY F 3 41.36 7.87 31.30
CA GLY F 3 42.48 7.52 30.44
C GLY F 3 43.26 8.68 29.86
N GLY F 4 43.08 9.89 30.41
CA GLY F 4 43.77 11.06 29.93
C GLY F 4 44.98 11.42 30.77
N ARG F 5 45.66 12.48 30.32
CA ARG F 5 46.79 13.04 31.03
C ARG F 5 46.44 14.42 31.57
N GLU F 6 47.25 14.90 32.50
CA GLU F 6 46.97 16.18 33.12
C GLU F 6 47.17 17.31 32.11
N SER F 7 46.43 18.40 32.31
CA SER F 7 46.53 19.55 31.41
C SER F 7 47.75 20.38 31.78
N ARG F 8 48.34 21.01 30.77
CA ARG F 8 49.30 22.06 31.05
C ARG F 8 48.55 23.23 31.68
N PRO F 9 49.01 23.76 32.82
CA PRO F 9 48.21 24.73 33.57
C PRO F 9 47.85 25.95 32.73
N HIS F 10 46.56 26.28 32.74
CA HIS F 10 45.96 27.45 32.08
C HIS F 10 46.13 27.42 30.56
N SER F 11 46.48 26.27 29.97
CA SER F 11 46.68 26.17 28.54
C SER F 11 45.39 26.14 27.75
N ARG F 12 44.24 26.00 28.41
CA ARG F 12 42.93 26.02 27.77
C ARG F 12 42.13 27.12 28.45
N PRO F 13 42.38 28.39 28.10
CA PRO F 13 41.86 29.50 28.90
C PRO F 13 40.36 29.67 28.84
N TYR F 14 39.68 29.02 27.88
CA TYR F 14 38.23 29.13 27.74
C TYR F 14 37.47 28.22 28.71
N MET F 15 38.16 27.29 29.35
CA MET F 15 37.49 26.31 30.21
C MET F 15 36.89 26.98 31.44
N ALA F 16 35.71 26.50 31.83
CA ALA F 16 34.98 27.01 32.98
C ALA F 16 34.63 25.87 33.92
N TYR F 17 34.69 26.15 35.22
CA TYR F 17 34.24 25.20 36.25
C TYR F 17 32.88 25.65 36.74
N LEU F 18 31.84 24.87 36.42
CA LEU F 18 30.47 25.20 36.78
C LEU F 18 30.12 24.55 38.12
N GLN F 19 29.63 25.36 39.04
CA GLN F 19 29.14 24.90 40.33
C GLN F 19 27.66 25.24 40.43
N ILE F 20 26.81 24.21 40.52
CA ILE F 20 25.38 24.33 40.29
C ILE F 20 24.64 23.91 41.55
N GLN F 21 23.68 24.72 41.98
CA GLN F 21 22.87 24.43 43.14
C GLN F 21 21.50 23.98 42.67
N SER F 22 21.21 22.69 42.81
CA SER F 22 19.94 22.10 42.50
C SER F 22 19.14 21.87 43.77
N PRO F 23 17.83 21.68 43.69
CA PRO F 23 17.10 21.20 44.85
C PRO F 23 17.59 19.82 45.25
N ALA F 24 17.77 19.62 46.55
CA ALA F 24 18.19 18.37 47.19
C ALA F 24 19.66 18.03 46.95
N GLY F 25 20.46 18.95 46.41
CA GLY F 25 21.88 18.68 46.32
C GLY F 25 22.62 19.69 45.47
N GLN F 26 23.76 19.23 44.96
CA GLN F 26 24.69 20.02 44.15
C GLN F 26 25.02 19.26 42.88
N SER F 27 25.79 19.92 42.01
CA SER F 27 26.23 19.31 40.75
C SER F 27 27.43 20.09 40.23
N ARG F 28 28.32 19.38 39.53
CA ARG F 28 29.56 19.95 39.00
C ARG F 28 29.69 19.58 37.53
N CYS F 29 29.91 20.58 36.68
CA CYS F 29 30.03 20.39 35.24
C CYS F 29 31.27 21.08 34.72
N GLY F 30 31.48 20.96 33.42
CA GLY F 30 32.44 21.76 32.69
C GLY F 30 31.75 22.85 31.90
N GLY F 31 32.48 23.40 30.93
CA GLY F 31 31.94 24.44 30.09
C GLY F 31 33.05 25.20 29.40
N PHE F 32 32.64 26.17 28.59
CA PHE F 32 33.60 27.00 27.89
C PHE F 32 33.00 28.38 27.61
N LEU F 33 33.88 29.36 27.52
CA LEU F 33 33.50 30.75 27.27
C LEU F 33 33.48 31.01 25.78
N VAL F 34 32.38 31.60 25.29
CA VAL F 34 32.22 31.91 23.89
C VAL F 34 32.13 33.40 23.61
N ARG F 35 31.69 34.20 24.57
CA ARG F 35 31.83 35.64 24.56
C ARG F 35 32.25 36.04 25.97
N GLU F 36 32.76 37.27 26.10
CA GLU F 36 33.26 37.72 27.40
C GLU F 36 32.13 37.86 28.41
N ASP F 37 30.89 37.66 27.95
CA ASP F 37 29.72 37.69 28.80
C ASP F 37 28.86 36.43 28.69
N PHE F 38 29.27 35.44 27.90
CA PHE F 38 28.46 34.24 27.69
C PHE F 38 29.31 32.98 27.79
N VAL F 39 28.80 32.00 28.54
CA VAL F 39 29.43 30.69 28.69
C VAL F 39 28.49 29.65 28.09
N LEU F 40 29.04 28.78 27.26
CA LEU F 40 28.27 27.71 26.63
C LEU F 40 28.55 26.39 27.34
N THR F 41 27.49 25.63 27.60
CA THR F 41 27.60 24.36 28.30
C THR F 41 26.36 23.53 27.98
N ALA F 42 26.21 22.41 28.66
CA ALA F 42 25.11 21.50 28.39
C ALA F 42 23.84 21.97 29.11
N ALA F 43 22.70 21.52 28.58
CA ALA F 43 21.40 21.95 29.09
C ALA F 43 21.03 21.25 30.40
N HIS F 44 21.55 20.04 30.64
CA HIS F 44 21.23 19.33 31.88
C HIS F 44 22.11 19.77 33.06
N CYS F 45 23.08 20.64 32.83
CA CYS F 45 23.85 21.27 33.90
C CYS F 45 23.11 22.46 34.51
N TRP F 46 21.79 22.51 34.38
CA TRP F 46 21.01 23.65 34.83
C TRP F 46 20.68 23.56 36.31
N GLY F 47 20.64 24.72 36.97
CA GLY F 47 20.19 24.83 38.34
C GLY F 47 19.62 26.20 38.61
N SER F 48 19.62 26.64 39.87
CA SER F 48 19.12 27.97 40.19
C SER F 48 20.22 29.00 40.37
N ASN F 49 21.43 28.56 40.72
CA ASN F 49 22.58 29.45 40.85
C ASN F 49 23.82 28.71 40.39
N ILE F 50 24.74 29.45 39.77
CA ILE F 50 25.94 28.86 39.19
C ILE F 50 27.14 29.74 39.49
N ASN F 51 28.17 29.17 40.10
CA ASN F 51 29.47 29.81 40.26
C ASN F 51 30.38 29.33 39.14
N VAL F 52 30.73 30.23 38.23
CA VAL F 52 31.62 29.92 37.11
C VAL F 52 33.03 30.34 37.49
N THR F 53 34.01 29.50 37.16
CA THR F 53 35.40 29.72 37.56
C THR F 53 36.29 29.62 36.32
N LEU F 54 36.77 30.76 35.84
CA LEU F 54 37.65 30.84 34.68
C LEU F 54 39.10 30.99 35.12
N GLY F 55 40.01 30.56 34.26
CA GLY F 55 41.43 30.70 34.53
C GLY F 55 41.94 29.88 35.68
N ALA F 56 41.38 28.69 35.90
CA ALA F 56 41.84 27.79 36.95
C ALA F 56 42.59 26.61 36.35
N HIS F 57 43.35 25.94 37.20
CA HIS F 57 43.89 24.63 36.87
C HIS F 57 43.60 23.66 38.01
N ASN F 58 44.15 23.96 39.19
CA ASN F 58 43.86 23.21 40.40
C ASN F 58 42.69 23.92 41.08
N ILE F 59 41.47 23.49 40.74
CA ILE F 59 40.28 24.17 41.25
C ILE F 59 40.08 23.94 42.74
N GLN F 60 40.79 22.98 43.34
CA GLN F 60 40.70 22.74 44.77
C GLN F 60 41.47 23.79 45.58
N ARG F 61 42.19 24.67 44.90
CA ARG F 61 42.63 25.95 45.43
C ARG F 61 41.68 27.03 44.96
N ARG F 62 41.81 28.23 45.51
CA ARG F 62 41.22 29.41 44.89
C ARG F 62 42.41 30.29 44.51
N GLU F 63 42.87 30.10 43.28
CA GLU F 63 44.11 30.70 42.81
C GLU F 63 43.93 32.18 42.52
N ASN F 64 45.06 32.89 42.50
CA ASN F 64 45.04 34.31 42.17
C ASN F 64 44.69 34.52 40.70
N THR F 65 45.15 33.63 39.82
CA THR F 65 44.86 33.75 38.40
C THR F 65 43.39 33.45 38.08
N GLN F 66 42.68 32.76 38.97
CA GLN F 66 41.31 32.38 38.72
C GLN F 66 40.38 33.60 38.73
N GLN F 67 39.16 33.38 38.23
CA GLN F 67 38.11 34.39 38.23
C GLN F 67 36.79 33.68 38.46
N HIS F 68 36.08 34.08 39.52
CA HIS F 68 34.82 33.48 39.91
C HIS F 68 33.68 34.44 39.60
N ILE F 69 32.70 33.97 38.82
CA ILE F 69 31.61 34.81 38.33
C ILE F 69 30.29 34.10 38.57
N THR F 70 29.29 34.85 39.01
CA THR F 70 27.94 34.33 39.14
C THR F 70 27.23 34.40 37.80
N ALA F 71 26.01 33.88 37.74
CA ALA F 71 25.26 33.76 36.50
C ALA F 71 23.98 34.58 36.56
N ARG F 72 23.72 35.36 35.51
CA ARG F 72 22.57 36.25 35.41
C ARG F 72 21.34 35.54 34.85
N ARG F 73 21.52 34.82 33.75
CA ARG F 73 20.48 33.98 33.16
C ARG F 73 21.11 32.68 32.70
N ALA F 74 20.32 31.61 32.74
CA ALA F 74 20.71 30.30 32.22
C ALA F 74 19.67 29.90 31.19
N ILE F 75 19.95 30.20 29.92
CA ILE F 75 18.98 30.01 28.85
C ILE F 75 19.18 28.61 28.28
N ARG F 76 18.30 27.69 28.68
CA ARG F 76 18.30 26.36 28.08
C ARG F 76 17.65 26.41 26.71
N HIS F 77 18.08 25.51 25.84
CA HIS F 77 17.52 25.45 24.50
C HIS F 77 16.01 25.21 24.57
N PRO F 78 15.22 25.91 23.75
CA PRO F 78 13.75 25.76 23.85
C PRO F 78 13.24 24.36 23.59
N GLN F 79 14.03 23.47 22.97
CA GLN F 79 13.58 22.11 22.68
C GLN F 79 14.33 21.06 23.48
N TYR F 80 14.90 21.43 24.63
CA TYR F 80 15.67 20.48 25.42
C TYR F 80 14.76 19.42 26.01
N ASN F 81 15.17 18.16 25.86
CA ASN F 81 14.36 16.99 26.23
C ASN F 81 15.15 16.20 27.26
N GLN F 82 14.68 16.21 28.52
CA GLN F 82 15.52 15.71 29.61
C GLN F 82 15.47 14.20 29.76
N ARG F 83 14.46 13.51 29.21
CA ARG F 83 14.49 12.05 29.27
C ARG F 83 15.40 11.46 28.20
N THR F 84 15.43 12.06 27.01
CA THR F 84 16.25 11.57 25.92
C THR F 84 17.61 12.24 25.84
N ILE F 85 17.86 13.26 26.66
CA ILE F 85 18.97 14.19 26.47
C ILE F 85 19.06 14.58 25.00
N GLN F 86 18.08 15.34 24.52
CA GLN F 86 18.12 15.88 23.18
C GLN F 86 18.15 17.39 23.25
N ASN F 87 18.89 17.99 22.32
CA ASN F 87 19.13 19.44 22.31
C ASN F 87 19.79 19.88 23.62
N ASP F 88 20.92 19.22 23.93
CA ASP F 88 21.63 19.42 25.19
C ASP F 88 22.63 20.56 25.02
N ILE F 89 22.11 21.79 25.04
CA ILE F 89 22.92 22.99 24.89
C ILE F 89 22.27 24.12 25.67
N MET F 90 23.09 24.92 26.34
CA MET F 90 22.60 25.99 27.20
C MET F 90 23.62 27.10 27.25
N LEU F 91 23.12 28.34 27.20
CA LEU F 91 23.95 29.53 27.28
C LEU F 91 23.79 30.15 28.66
N LEU F 92 24.92 30.49 29.28
CA LEU F 92 24.97 31.12 30.59
C LEU F 92 25.33 32.59 30.42
N GLN F 93 24.42 33.47 30.82
CA GLN F 93 24.66 34.91 30.75
C GLN F 93 25.37 35.34 32.02
N LEU F 94 26.64 35.73 31.91
CA LEU F 94 27.40 36.11 33.09
C LEU F 94 26.90 37.43 33.67
N SER F 95 27.19 37.65 34.95
CA SER F 95 26.80 38.89 35.60
C SER F 95 27.72 40.05 35.27
N ARG F 96 28.94 39.75 34.81
CA ARG F 96 29.87 40.81 34.42
C ARG F 96 30.82 40.25 33.37
N ARG F 97 31.43 41.17 32.63
CA ARG F 97 32.48 40.81 31.69
C ARG F 97 33.62 40.10 32.42
N VAL F 98 34.38 39.32 31.68
CA VAL F 98 35.59 38.71 32.23
C VAL F 98 36.71 39.74 32.25
N ARG F 99 37.69 39.49 33.12
CA ARG F 99 38.90 40.31 33.10
C ARG F 99 39.67 40.11 31.80
N ARG F 100 39.65 38.89 31.27
CA ARG F 100 40.37 38.48 30.07
C ARG F 100 41.87 38.73 30.20
N ASN F 101 42.62 37.65 30.32
CA ASN F 101 44.08 37.69 30.35
C ASN F 101 44.58 36.48 29.57
N ARG F 102 45.82 36.05 29.84
CA ARG F 102 46.38 34.87 29.20
C ARG F 102 45.84 33.58 29.79
N ASN F 103 44.95 33.66 30.79
CA ASN F 103 44.28 32.50 31.35
C ASN F 103 42.78 32.50 31.11
N VAL F 104 42.21 33.60 30.62
CA VAL F 104 40.76 33.76 30.47
C VAL F 104 40.50 34.46 29.14
N ASN F 105 39.92 33.74 28.18
CA ASN F 105 39.50 34.33 26.90
C ASN F 105 38.58 33.35 26.20
N PRO F 106 37.65 33.84 25.38
CA PRO F 106 36.67 32.95 24.74
C PRO F 106 37.33 32.01 23.75
N VAL F 107 36.51 31.08 23.23
CA VAL F 107 36.97 30.04 22.33
C VAL F 107 36.21 30.15 21.00
N ALA F 108 36.77 29.51 19.98
CA ALA F 108 36.26 29.60 18.62
C ALA F 108 35.13 28.60 18.39
N LEU F 109 33.99 29.09 17.92
CA LEU F 109 32.81 28.31 17.55
C LEU F 109 32.88 27.92 16.07
N PRO F 110 32.34 26.75 15.70
CA PRO F 110 32.30 26.37 14.28
C PRO F 110 31.36 27.28 13.49
N ARG F 111 31.25 27.10 12.18
CA ARG F 111 30.34 27.89 11.37
C ARG F 111 29.05 27.11 11.17
N ALA F 112 27.95 27.85 10.94
CA ALA F 112 26.62 27.25 10.92
C ALA F 112 26.57 26.02 10.02
N GLN F 113 26.28 24.88 10.63
CA GLN F 113 26.16 23.58 9.96
C GLN F 113 27.52 23.04 9.48
N GLU F 114 28.59 23.34 10.20
CA GLU F 114 29.89 22.76 9.89
C GLU F 114 29.90 21.27 10.18
N GLY F 115 30.54 20.50 9.30
CA GLY F 115 30.64 19.08 9.47
C GLY F 115 31.74 18.69 10.43
N LEU F 116 31.98 17.39 10.51
CA LEU F 116 33.07 16.82 11.31
C LEU F 116 33.25 15.37 10.93
N ARG F 117 34.21 15.09 10.04
CA ARG F 117 34.28 13.77 9.43
C ARG F 117 34.84 12.74 10.41
N PRO F 118 34.45 11.47 10.27
CA PRO F 118 35.02 10.42 11.12
C PRO F 118 36.53 10.32 10.95
N GLY F 119 37.19 9.85 12.01
CA GLY F 119 38.63 9.81 12.07
C GLY F 119 39.27 11.06 12.63
N THR F 120 38.55 12.19 12.65
CA THR F 120 39.10 13.43 13.17
C THR F 120 39.50 13.26 14.63
N LEU F 121 40.77 13.57 14.94
CA LEU F 121 41.30 13.47 16.30
C LEU F 121 41.08 14.79 17.02
N CYS F 122 40.36 14.73 18.14
CA CYS F 122 39.96 15.92 18.87
C CYS F 122 40.30 15.76 20.35
N THR F 123 40.20 16.86 21.09
CA THR F 123 40.51 16.88 22.51
C THR F 123 39.27 17.30 23.30
N VAL F 124 39.15 16.74 24.51
CA VAL F 124 38.13 17.12 25.47
C VAL F 124 38.80 17.30 26.83
N ALA F 125 38.29 18.24 27.61
CA ALA F 125 38.88 18.58 28.91
C ALA F 125 37.79 18.78 29.95
N GLY F 126 38.13 18.46 31.18
CA GLY F 126 37.19 18.63 32.28
C GLY F 126 37.86 18.28 33.60
N TRP F 127 37.04 18.27 34.65
CA TRP F 127 37.50 17.99 36.01
C TRP F 127 36.81 16.76 36.58
N GLY F 128 36.59 15.74 35.74
CA GLY F 128 35.79 14.60 36.12
C GLY F 128 36.62 13.43 36.62
N ARG F 129 35.90 12.39 37.06
CA ARG F 129 36.55 11.18 37.54
C ARG F 129 37.36 10.52 36.42
N VAL F 130 38.46 9.87 36.80
CA VAL F 130 39.28 9.12 35.85
C VAL F 130 39.01 7.61 35.92
N SER F 131 38.33 7.15 36.97
CA SER F 131 37.68 5.84 37.01
C SER F 131 36.47 5.99 37.93
N MET F 132 35.82 4.88 38.24
CA MET F 132 34.67 4.94 39.13
C MET F 132 35.06 5.13 40.60
N ARG F 133 36.30 5.51 40.90
CA ARG F 133 36.72 5.61 42.30
C ARG F 133 37.49 6.89 42.61
N ARG F 134 38.20 7.45 41.63
CA ARG F 134 39.09 8.58 41.89
C ARG F 134 38.80 9.71 40.92
N GLY F 135 38.92 10.95 41.42
CA GLY F 135 38.66 12.14 40.64
C GLY F 135 39.90 12.94 40.31
N THR F 136 39.81 14.27 40.34
CA THR F 136 40.97 15.11 40.06
C THR F 136 40.76 16.49 40.66
N ASP F 137 41.83 17.05 41.21
CA ASP F 137 41.84 18.46 41.58
C ASP F 137 42.21 19.35 40.38
N THR F 138 42.94 18.80 39.43
CA THR F 138 43.45 19.55 38.30
C THR F 138 42.74 19.16 37.01
N LEU F 139 42.61 20.13 36.11
CA LEU F 139 42.02 19.90 34.79
C LEU F 139 42.85 18.90 34.00
N ARG F 140 42.16 18.02 33.27
CA ARG F 140 42.78 16.97 32.47
C ARG F 140 42.16 16.96 31.07
N GLU F 141 42.83 16.27 30.15
CA GLU F 141 42.40 16.23 28.76
C GLU F 141 42.86 14.91 28.13
N VAL F 142 42.39 14.66 26.91
CA VAL F 142 42.55 13.37 26.26
C VAL F 142 42.26 13.51 24.77
N GLN F 143 42.81 12.61 23.97
CA GLN F 143 42.56 12.55 22.53
C GLN F 143 41.40 11.62 22.25
N LEU F 144 40.49 12.03 21.37
CA LEU F 144 39.33 11.24 21.02
C LEU F 144 39.13 11.28 19.50
N ARG F 145 38.62 10.18 18.95
CA ARG F 145 38.36 10.06 17.52
C ARG F 145 36.85 10.04 17.27
N VAL F 146 36.39 10.94 16.40
CA VAL F 146 34.99 10.96 16.01
C VAL F 146 34.65 9.67 15.28
N GLN F 147 33.49 9.10 15.58
CA GLN F 147 33.11 7.78 15.10
C GLN F 147 32.06 7.86 14.00
N ARG F 148 31.99 6.79 13.23
CA ARG F 148 30.88 6.61 12.30
C ARG F 148 29.56 6.70 13.06
N ASP F 149 28.51 7.10 12.36
CA ASP F 149 27.22 7.25 13.01
C ASP F 149 26.56 5.91 13.31
N ARG F 150 26.95 4.83 12.61
CA ARG F 150 26.40 3.52 12.92
C ARG F 150 26.80 3.06 14.32
N GLN F 151 27.94 3.54 14.83
CA GLN F 151 28.41 3.12 16.14
C GLN F 151 27.45 3.55 17.25
N CYS F 152 26.94 4.79 17.16
CA CYS F 152 26.07 5.32 18.20
C CYS F 152 24.59 5.02 17.96
N LEU F 153 24.17 4.89 16.70
CA LEU F 153 22.78 4.54 16.43
C LEU F 153 22.47 3.12 16.92
N ARG F 154 23.48 2.25 16.99
CA ARG F 154 23.28 0.92 17.55
C ARG F 154 23.13 0.97 19.07
N ILE F 155 23.99 1.75 19.72
CA ILE F 155 24.10 1.70 21.17
C ILE F 155 23.06 2.58 21.85
N PHE F 156 22.84 3.78 21.33
CA PHE F 156 21.97 4.76 21.96
C PHE F 156 20.66 4.91 21.20
N GLY F 157 19.59 5.16 21.95
CA GLY F 157 18.26 5.21 21.36
C GLY F 157 17.79 6.62 21.05
N SER F 158 18.46 7.62 21.60
CA SER F 158 18.10 9.01 21.36
C SER F 158 19.18 9.76 20.60
N TYR F 159 20.01 9.06 19.84
CA TYR F 159 21.10 9.70 19.11
C TYR F 159 20.57 10.23 17.79
N ASP F 160 20.76 11.53 17.56
CA ASP F 160 20.30 12.18 16.34
C ASP F 160 21.50 12.80 15.64
N PRO F 161 22.03 12.17 14.60
CA PRO F 161 23.21 12.73 13.92
C PRO F 161 22.97 14.13 13.36
N ARG F 162 21.71 14.57 13.25
CA ARG F 162 21.44 15.96 12.94
C ARG F 162 22.08 16.89 13.96
N ARG F 163 22.03 16.51 15.24
CA ARG F 163 22.37 17.41 16.33
C ARG F 163 23.50 16.94 17.23
N GLN F 164 24.10 15.79 16.97
CA GLN F 164 25.03 15.20 17.92
C GLN F 164 26.18 14.52 17.20
N ILE F 165 27.28 14.34 17.94
CA ILE F 165 28.50 13.72 17.44
C ILE F 165 28.75 12.42 18.18
N CYS F 166 29.16 11.40 17.44
CA CYS F 166 29.55 10.11 18.03
C CYS F 166 31.06 10.13 18.24
N VAL F 167 31.49 10.00 19.49
CA VAL F 167 32.87 10.27 19.88
C VAL F 167 33.40 9.09 20.69
N GLY F 168 34.68 8.78 20.51
CA GLY F 168 35.37 7.82 21.35
C GLY F 168 35.48 6.45 20.74
N ASP F 169 36.71 5.96 20.58
CA ASP F 169 36.93 4.63 20.04
C ASP F 169 36.76 3.60 21.15
N ARG F 170 35.91 2.60 20.88
CA ARG F 170 35.55 1.63 21.92
C ARG F 170 36.76 0.89 22.46
N ARG F 171 37.78 0.68 21.63
CA ARG F 171 38.89 -0.19 22.01
C ARG F 171 39.87 0.47 22.96
N GLU F 172 39.86 1.80 23.06
CA GLU F 172 40.76 2.52 23.95
C GLU F 172 39.99 3.12 25.11
N ARG F 173 40.59 3.05 26.31
CA ARG F 173 39.99 3.58 27.53
C ARG F 173 40.16 5.11 27.61
N LYS F 174 39.56 5.79 26.64
CA LYS F 174 39.60 7.25 26.57
C LYS F 174 38.18 7.76 26.39
N ALA F 175 37.75 8.62 27.31
CA ALA F 175 36.39 9.17 27.32
C ALA F 175 36.29 10.24 28.39
N ALA F 176 35.36 11.17 28.19
CA ALA F 176 34.95 12.07 29.26
C ALA F 176 34.15 11.27 30.29
N PHE F 177 33.79 11.94 31.40
CA PHE F 177 33.06 11.22 32.43
C PHE F 177 32.35 12.21 33.35
N LYS F 178 31.96 11.74 34.54
CA LYS F 178 31.08 12.45 35.46
C LYS F 178 31.70 13.76 35.94
N GLY F 179 31.14 14.87 35.47
CA GLY F 179 31.68 16.19 35.73
C GLY F 179 32.23 16.87 34.50
N ASP F 180 32.44 16.13 33.41
CA ASP F 180 32.94 16.71 32.17
C ASP F 180 31.83 17.27 31.29
N SER F 181 30.56 17.05 31.67
CA SER F 181 29.44 17.57 30.88
C SER F 181 29.55 19.07 30.70
N GLY F 182 29.37 19.52 29.46
CA GLY F 182 29.45 20.92 29.11
C GLY F 182 30.79 21.34 28.56
N GLY F 183 31.86 20.61 28.84
CA GLY F 183 33.17 20.91 28.33
C GLY F 183 33.23 20.77 26.82
N PRO F 184 34.10 21.54 26.18
CA PRO F 184 34.16 21.55 24.70
C PRO F 184 34.95 20.38 24.13
N LEU F 185 34.46 19.87 23.02
CA LEU F 185 35.22 18.98 22.15
C LEU F 185 35.97 19.84 21.15
N LEU F 186 37.29 19.73 21.12
CA LEU F 186 38.14 20.68 20.38
C LEU F 186 38.90 19.99 19.27
N CYS F 187 38.74 20.52 18.05
CA CYS F 187 39.43 20.03 16.86
C CYS F 187 40.01 21.24 16.13
N ASN F 188 41.34 21.37 16.14
CA ASN F 188 42.03 22.51 15.53
C ASN F 188 41.58 23.83 16.17
N ASN F 189 41.54 23.83 17.50
CA ASN F 189 41.18 25.01 18.28
C ASN F 189 39.80 25.55 17.91
N VAL F 190 38.85 24.63 17.73
CA VAL F 190 37.45 24.97 17.48
C VAL F 190 36.58 24.03 18.30
N ALA F 191 35.54 24.59 18.93
CA ALA F 191 34.68 23.84 19.85
C ALA F 191 33.47 23.29 19.07
N HIS F 192 33.63 22.07 18.56
CA HIS F 192 32.57 21.41 17.79
C HIS F 192 31.56 20.65 18.65
N GLY F 193 31.92 20.29 19.87
CA GLY F 193 31.09 19.41 20.66
C GLY F 193 30.94 19.86 22.09
N ILE F 194 29.86 19.40 22.72
CA ILE F 194 29.59 19.60 24.14
C ILE F 194 29.37 18.21 24.75
N VAL F 195 30.08 17.93 25.84
CA VAL F 195 29.93 16.64 26.50
C VAL F 195 28.48 16.45 26.93
N SER F 196 27.92 15.28 26.61
CA SER F 196 26.50 15.04 26.86
C SER F 196 26.28 13.77 27.67
N TYR F 197 26.54 12.60 27.07
CA TYR F 197 26.27 11.35 27.77
C TYR F 197 26.94 10.18 27.06
N GLY F 198 26.79 9.02 27.68
CA GLY F 198 27.33 7.80 27.16
C GLY F 198 26.79 6.63 27.95
N LYS F 199 27.42 5.47 27.79
CA LYS F 199 27.06 4.31 28.59
C LYS F 199 27.68 4.47 29.98
N SER F 200 26.84 4.35 31.02
CA SER F 200 27.24 4.67 32.40
C SER F 200 28.49 3.94 32.85
N SER F 201 28.92 2.90 32.14
CA SER F 201 30.19 2.24 32.42
C SER F 201 31.39 3.08 32.04
N GLY F 202 31.20 4.22 31.39
CA GLY F 202 32.30 5.01 30.87
C GLY F 202 32.90 4.50 29.57
N VAL F 203 32.46 3.35 29.09
CA VAL F 203 33.00 2.79 27.85
C VAL F 203 32.58 3.66 26.68
N PRO F 204 33.50 4.04 25.79
CA PRO F 204 33.10 4.67 24.52
C PRO F 204 32.37 3.67 23.64
N PRO F 205 31.57 4.15 22.67
CA PRO F 205 31.38 5.54 22.27
C PRO F 205 30.45 6.33 23.19
N GLU F 206 30.40 7.63 22.96
CA GLU F 206 29.58 8.56 23.73
C GLU F 206 28.94 9.56 22.77
N VAL F 207 28.16 10.48 23.32
CA VAL F 207 27.41 11.45 22.53
C VAL F 207 27.79 12.86 22.97
N PHE F 208 28.11 13.70 22.00
CA PHE F 208 28.36 15.11 22.19
C PHE F 208 27.32 15.92 21.43
N THR F 209 26.84 17.00 22.03
CA THR F 209 25.95 17.91 21.32
C THR F 209 26.74 18.65 20.24
N ARG F 210 26.23 18.65 19.01
CA ARG F 210 26.93 19.26 17.88
C ARG F 210 26.66 20.76 17.88
N VAL F 211 27.69 21.56 18.19
CA VAL F 211 27.51 22.99 18.39
C VAL F 211 27.05 23.68 17.11
N SER F 212 27.57 23.22 15.96
CA SER F 212 27.23 23.85 14.69
C SER F 212 25.73 23.86 14.45
N SER F 213 25.05 22.77 14.81
CA SER F 213 23.64 22.60 14.49
C SER F 213 22.71 23.48 15.32
N PHE F 214 23.23 24.19 16.32
CA PHE F 214 22.43 25.10 17.13
C PHE F 214 22.93 26.54 17.07
N LEU F 215 23.80 26.86 16.11
CA LEU F 215 24.54 28.12 16.00
C LEU F 215 23.65 29.34 15.76
N PRO F 216 22.65 29.28 14.86
CA PRO F 216 21.79 30.46 14.70
C PRO F 216 21.04 30.83 15.97
N TRP F 217 20.70 29.85 16.80
CA TRP F 217 20.09 30.15 18.09
C TRP F 217 21.11 30.73 19.05
N ILE F 218 22.36 30.29 18.97
CA ILE F 218 23.41 30.83 19.83
C ILE F 218 23.56 32.33 19.58
N ARG F 219 23.69 32.72 18.31
CA ARG F 219 23.88 34.13 18.00
C ARG F 219 22.63 34.95 18.37
N THR F 220 21.45 34.39 18.17
CA THR F 220 20.22 35.11 18.47
C THR F 220 20.05 35.32 19.96
N THR F 221 20.45 34.33 20.78
CA THR F 221 20.26 34.43 22.21
C THR F 221 21.21 35.44 22.83
N MET F 222 22.46 35.45 22.38
CA MET F 222 23.49 36.31 22.99
C MET F 222 23.20 37.80 22.79
N ARG F 223 22.04 38.11 22.21
CA ARG F 223 21.51 39.45 21.84
C ARG F 223 21.40 39.51 20.32
N ILE G 1 23.17 41.68 -13.31
CA ILE G 1 22.58 42.83 -12.66
C ILE G 1 22.85 44.10 -13.47
N VAL G 2 21.78 44.82 -13.82
CA VAL G 2 21.89 46.06 -14.58
C VAL G 2 21.93 47.22 -13.60
N GLY G 3 23.02 47.99 -13.64
CA GLY G 3 23.18 49.09 -12.71
C GLY G 3 23.67 48.70 -11.35
N GLY G 4 24.59 47.74 -11.26
CA GLY G 4 25.09 47.27 -10.00
C GLY G 4 26.57 47.53 -9.82
N ARG G 5 27.18 46.82 -8.87
CA ARG G 5 28.59 46.99 -8.56
C ARG G 5 29.22 45.63 -8.27
N ARG G 6 30.53 45.57 -8.37
CA ARG G 6 31.26 44.38 -7.95
C ARG G 6 31.07 44.17 -6.46
N ALA G 7 30.85 42.92 -6.08
CA ALA G 7 30.76 42.54 -4.68
C ALA G 7 32.14 42.18 -4.16
N ARG G 8 32.40 42.52 -2.90
CA ARG G 8 33.63 42.09 -2.25
C ARG G 8 33.73 40.57 -2.36
N PRO G 9 34.89 40.03 -2.77
CA PRO G 9 34.96 38.59 -3.08
C PRO G 9 34.49 37.71 -1.93
N HIS G 10 33.57 36.81 -2.25
CA HIS G 10 32.97 35.86 -1.32
C HIS G 10 32.29 36.56 -0.14
N ALA G 11 31.94 37.83 -0.27
CA ALA G 11 31.13 38.47 0.76
C ALA G 11 29.79 37.79 0.93
N TRP G 12 29.28 37.13 -0.13
CA TRP G 12 28.08 36.32 -0.07
C TRP G 12 28.47 34.88 -0.35
N PRO G 13 28.92 34.15 0.67
CA PRO G 13 29.35 32.76 0.45
C PRO G 13 28.22 31.77 0.21
N PHE G 14 26.98 32.17 0.44
CA PHE G 14 25.80 31.36 0.14
C PHE G 14 25.34 31.49 -1.31
N MET G 15 25.84 32.50 -2.03
CA MET G 15 25.53 32.64 -3.44
C MET G 15 26.10 31.47 -4.22
N VAL G 16 25.25 30.82 -5.03
CA VAL G 16 25.69 29.74 -5.89
C VAL G 16 25.30 30.06 -7.33
N SER G 17 25.94 29.35 -8.26
CA SER G 17 25.73 29.52 -9.69
C SER G 17 25.36 28.18 -10.30
N LEU G 18 24.24 28.14 -11.03
CA LEU G 18 23.80 26.95 -11.72
C LEU G 18 24.27 27.01 -13.17
N GLN G 19 24.97 25.96 -13.61
CA GLN G 19 25.71 26.00 -14.88
C GLN G 19 25.38 24.81 -15.75
N LEU G 20 25.30 25.08 -17.06
CA LEU G 20 25.06 24.07 -18.08
C LEU G 20 26.23 24.08 -19.06
N ARG G 21 26.95 22.96 -19.14
CA ARG G 21 28.12 22.85 -20.00
C ARG G 21 29.14 23.95 -19.70
N GLY G 22 29.36 24.20 -18.41
CA GLY G 22 30.23 25.28 -17.99
C GLY G 22 29.64 26.66 -18.19
N GLY G 23 28.37 26.76 -18.53
CA GLY G 23 27.74 28.05 -18.76
C GLY G 23 26.70 28.40 -17.72
N HIS G 24 26.94 29.48 -16.98
CA HIS G 24 25.98 29.94 -15.97
C HIS G 24 24.68 30.39 -16.63
N PHE G 25 23.56 30.03 -16.01
CA PHE G 25 22.25 30.51 -16.47
C PHE G 25 21.32 30.93 -15.35
N CYS G 26 21.44 30.39 -14.14
CA CYS G 26 20.61 30.80 -13.03
C CYS G 26 21.44 30.83 -11.75
N GLY G 27 21.01 31.66 -10.80
CA GLY G 27 21.53 31.60 -9.46
C GLY G 27 20.68 30.71 -8.56
N ALA G 28 21.20 30.48 -7.37
CA ALA G 28 20.45 29.77 -6.33
C ALA G 28 21.09 30.12 -4.99
N THR G 29 20.47 29.65 -3.92
CA THR G 29 20.85 30.02 -2.57
C THR G 29 21.11 28.76 -1.75
N LEU G 30 22.31 28.64 -1.20
CA LEU G 30 22.64 27.52 -0.33
C LEU G 30 21.87 27.65 0.98
N ILE G 31 20.89 26.78 1.19
CA ILE G 31 20.08 26.80 2.40
C ILE G 31 20.44 25.68 3.35
N ALA G 32 21.31 24.76 2.96
CA ALA G 32 21.71 23.63 3.78
C ALA G 32 22.98 23.03 3.18
N PRO G 33 23.74 22.25 3.95
CA PRO G 33 24.99 21.69 3.41
C PRO G 33 24.82 20.82 2.17
N ASN G 34 23.60 20.33 1.88
CA ASN G 34 23.38 19.57 0.65
C ASN G 34 22.07 19.97 -0.02
N PHE G 35 21.63 21.20 0.17
CA PHE G 35 20.41 21.72 -0.45
C PHE G 35 20.63 23.15 -0.92
N VAL G 36 20.39 23.39 -2.20
CA VAL G 36 20.36 24.74 -2.77
C VAL G 36 18.93 25.04 -3.19
N MET G 37 18.57 26.33 -3.11
CA MET G 37 17.21 26.79 -3.30
C MET G 37 17.18 27.80 -4.44
N SER G 38 16.44 27.48 -5.50
CA SER G 38 16.44 28.31 -6.68
C SER G 38 15.01 28.60 -7.16
N ALA G 39 14.92 29.22 -8.33
CA ALA G 39 13.65 29.44 -9.00
C ALA G 39 13.23 28.17 -9.73
N ALA G 40 11.93 27.86 -9.65
CA ALA G 40 11.45 26.59 -10.19
C ALA G 40 11.60 26.52 -11.71
N HIS G 41 11.41 27.65 -12.41
CA HIS G 41 11.48 27.62 -13.87
C HIS G 41 12.89 27.40 -14.39
N CYS G 42 13.91 27.64 -13.57
CA CYS G 42 15.28 27.34 -13.97
C CYS G 42 15.45 25.85 -14.26
N VAL G 43 14.81 25.00 -13.45
CA VAL G 43 14.90 23.56 -13.63
C VAL G 43 13.66 22.96 -14.26
N ALA G 44 12.60 23.75 -14.47
CA ALA G 44 11.34 23.19 -14.94
C ALA G 44 11.50 22.55 -16.32
N ASN G 45 12.46 23.02 -17.13
CA ASN G 45 12.64 22.51 -18.47
C ASN G 45 14.04 21.97 -18.75
N VAL G 46 14.94 22.03 -17.78
CA VAL G 46 16.32 21.67 -18.02
C VAL G 46 16.51 20.17 -17.79
N ASN G 47 17.57 19.63 -18.39
CA ASN G 47 18.02 18.27 -18.11
C ASN G 47 18.86 18.29 -16.85
N VAL G 48 18.19 18.04 -15.72
CA VAL G 48 18.81 18.07 -14.40
C VAL G 48 20.08 17.21 -14.36
N ARG G 49 20.11 16.15 -15.16
CA ARG G 49 21.24 15.23 -15.21
C ARG G 49 22.56 15.92 -15.55
N ALA G 50 22.51 17.07 -16.23
CA ALA G 50 23.71 17.77 -16.66
C ALA G 50 23.92 19.10 -15.94
N VAL G 51 23.10 19.41 -14.95
CA VAL G 51 23.26 20.64 -14.18
C VAL G 51 24.32 20.43 -13.11
N ARG G 52 25.18 21.42 -12.91
CA ARG G 52 26.24 21.36 -11.91
C ARG G 52 26.18 22.60 -11.05
N VAL G 53 26.05 22.40 -9.74
CA VAL G 53 25.89 23.49 -8.78
C VAL G 53 27.27 23.95 -8.32
N VAL G 54 27.57 25.22 -8.53
CA VAL G 54 28.88 25.79 -8.20
C VAL G 54 28.71 26.69 -6.98
N LEU G 55 29.47 26.40 -5.93
CA LEU G 55 29.37 27.10 -4.66
C LEU G 55 30.61 27.93 -4.42
N GLY G 56 30.42 29.14 -3.89
CA GLY G 56 31.55 29.93 -3.43
C GLY G 56 32.51 30.35 -4.51
N ALA G 57 32.00 30.66 -5.70
CA ALA G 57 32.82 31.29 -6.72
C ALA G 57 32.65 32.81 -6.62
N HIS G 58 33.45 33.53 -7.40
CA HIS G 58 33.30 34.98 -7.45
C HIS G 58 33.47 35.49 -8.88
N ASN G 59 34.55 35.10 -9.54
CA ASN G 59 34.76 35.38 -10.95
C ASN G 59 34.53 34.08 -11.72
N LEU G 60 33.40 34.00 -12.41
CA LEU G 60 33.07 32.78 -13.16
C LEU G 60 34.07 32.50 -14.27
N SER G 61 34.79 33.52 -14.75
CA SER G 61 35.67 33.36 -15.90
C SER G 61 37.06 32.86 -15.54
N ARG G 62 37.56 33.19 -14.35
CA ARG G 62 38.86 32.72 -13.91
C ARG G 62 38.74 31.40 -13.17
N ARG G 63 39.85 30.67 -13.14
CA ARG G 63 39.94 29.48 -12.30
C ARG G 63 40.03 29.90 -10.85
N GLU G 64 39.06 29.51 -10.04
CA GLU G 64 39.09 29.77 -8.61
C GLU G 64 39.18 28.44 -7.88
N PRO G 65 40.23 28.19 -7.11
CA PRO G 65 40.29 26.94 -6.33
C PRO G 65 39.29 26.90 -5.20
N THR G 66 38.63 28.03 -4.92
CA THR G 66 37.68 28.14 -3.81
C THR G 66 36.35 27.44 -4.09
N ARG G 67 36.09 27.04 -5.32
CA ARG G 67 34.78 26.51 -5.67
C ARG G 67 34.60 25.08 -5.18
N GLN G 68 33.34 24.69 -5.02
CA GLN G 68 32.93 23.31 -4.80
C GLN G 68 31.77 23.01 -5.72
N VAL G 69 31.88 21.95 -6.51
CA VAL G 69 30.92 21.64 -7.55
C VAL G 69 30.23 20.32 -7.21
N PHE G 70 28.91 20.29 -7.40
CA PHE G 70 28.11 19.10 -7.14
C PHE G 70 27.13 18.89 -8.28
N ALA G 71 26.58 17.68 -8.33
CA ALA G 71 25.46 17.37 -9.22
C ALA G 71 24.16 17.52 -8.45
N VAL G 72 23.06 17.60 -9.19
CA VAL G 72 21.73 17.68 -8.60
C VAL G 72 21.18 16.26 -8.51
N GLN G 73 20.75 15.86 -7.31
CA GLN G 73 20.27 14.50 -7.07
C GLN G 73 18.75 14.39 -7.03
N ARG G 74 18.09 15.32 -6.35
CA ARG G 74 16.64 15.31 -6.23
C ARG G 74 16.11 16.72 -6.44
N ILE G 75 14.86 16.80 -6.89
CA ILE G 75 14.19 18.07 -7.13
C ILE G 75 12.87 18.06 -6.38
N PHE G 76 12.65 19.10 -5.58
CA PHE G 76 11.44 19.22 -4.78
C PHE G 76 10.73 20.51 -5.16
N GLU G 77 9.51 20.38 -5.67
CA GLU G 77 8.68 21.49 -6.12
C GLU G 77 7.66 21.87 -5.05
N ASN G 78 6.97 22.99 -5.29
CA ASN G 78 5.89 23.43 -4.44
C ASN G 78 4.81 24.12 -5.28
N GLY G 79 4.28 23.38 -6.26
CA GLY G 79 3.20 23.90 -7.09
C GLY G 79 3.56 25.06 -7.99
N TYR G 80 4.71 25.01 -8.64
CA TYR G 80 5.09 26.07 -9.57
C TYR G 80 4.05 26.17 -10.68
N ASP G 81 3.57 27.39 -10.91
CA ASP G 81 2.56 27.69 -11.93
C ASP G 81 3.22 28.50 -13.04
N PRO G 82 3.62 27.86 -14.15
CA PRO G 82 4.39 28.59 -15.18
C PRO G 82 3.56 29.56 -15.99
N VAL G 83 2.23 29.46 -15.96
CA VAL G 83 1.42 30.39 -16.74
C VAL G 83 1.08 31.66 -15.95
N ASN G 84 0.98 31.56 -14.62
CA ASN G 84 0.80 32.73 -13.77
C ASN G 84 2.05 33.09 -12.99
N LEU G 85 3.13 32.34 -13.16
CA LEU G 85 4.38 32.56 -12.44
C LEU G 85 4.14 32.61 -10.92
N LEU G 86 3.41 31.61 -10.43
CA LEU G 86 3.11 31.46 -9.01
C LEU G 86 3.94 30.32 -8.42
N ASN G 87 4.33 30.48 -7.15
CA ASN G 87 5.09 29.46 -6.41
C ASN G 87 6.35 29.06 -7.16
N ASP G 88 7.13 30.06 -7.55
CA ASP G 88 8.32 29.84 -8.38
C ASP G 88 9.54 29.54 -7.51
N ILE G 89 9.47 28.43 -6.79
CA ILE G 89 10.55 28.00 -5.91
C ILE G 89 10.79 26.51 -6.09
N VAL G 90 12.07 26.13 -6.05
CA VAL G 90 12.49 24.73 -6.13
C VAL G 90 13.67 24.55 -5.19
N ILE G 91 13.80 23.33 -4.66
CA ILE G 91 14.90 22.97 -3.77
C ILE G 91 15.62 21.78 -4.37
N LEU G 92 16.93 21.93 -4.60
CA LEU G 92 17.74 20.91 -5.24
C LEU G 92 18.59 20.21 -4.19
N GLN G 93 18.58 18.88 -4.20
CA GLN G 93 19.51 18.10 -3.40
C GLN G 93 20.74 17.75 -4.23
N LEU G 94 21.90 17.73 -3.58
CA LEU G 94 23.18 17.53 -4.24
C LEU G 94 23.64 16.09 -4.10
N ASN G 95 24.44 15.64 -5.08
CA ASN G 95 25.05 14.31 -5.04
C ASN G 95 26.07 14.16 -3.92
N GLY G 96 26.27 15.21 -3.13
CA GLY G 96 27.16 15.15 -1.98
C GLY G 96 26.79 16.24 -0.99
N SER G 97 27.76 16.59 -0.13
CA SER G 97 27.58 17.65 0.84
C SER G 97 28.77 18.60 0.80
N ALA G 98 28.51 19.87 1.10
CA ALA G 98 29.50 20.93 0.93
C ALA G 98 30.31 21.13 2.20
N THR G 99 31.57 21.48 2.01
CA THR G 99 32.48 21.78 3.12
C THR G 99 32.30 23.25 3.51
N ILE G 100 31.73 23.48 4.68
CA ILE G 100 31.49 24.85 5.14
C ILE G 100 32.82 25.51 5.47
N ASN G 101 33.09 26.65 4.82
CA ASN G 101 34.22 27.50 5.16
C ASN G 101 33.84 28.94 4.84
N ALA G 102 34.82 29.84 4.89
CA ALA G 102 34.53 31.25 4.64
C ALA G 102 34.04 31.50 3.23
N ASN G 103 34.29 30.58 2.30
CA ASN G 103 33.80 30.73 0.93
C ASN G 103 32.45 30.07 0.70
N VAL G 104 32.08 29.08 1.51
CA VAL G 104 30.89 28.28 1.28
C VAL G 104 30.12 28.20 2.59
N GLN G 105 28.98 28.88 2.67
CA GLN G 105 28.21 28.93 3.90
C GLN G 105 26.72 28.84 3.62
N VAL G 106 25.99 28.34 4.62
CA VAL G 106 24.54 28.22 4.54
C VAL G 106 23.91 29.57 4.90
N ALA G 107 22.84 29.94 4.20
CA ALA G 107 22.15 31.20 4.41
C ALA G 107 21.04 31.07 5.45
N GLN G 108 20.60 32.23 5.97
CA GLN G 108 19.56 32.32 6.99
C GLN G 108 18.24 32.73 6.37
N LEU G 109 17.25 31.86 6.44
CA LEU G 109 15.90 32.16 5.99
C LEU G 109 15.09 32.80 7.10
N PRO G 110 14.05 33.57 6.76
CA PRO G 110 13.25 34.24 7.80
C PRO G 110 12.16 33.33 8.35
N ALA G 111 11.32 33.90 9.21
CA ALA G 111 10.22 33.15 9.81
C ALA G 111 9.10 32.95 8.81
N GLN G 112 8.34 31.87 9.01
CA GLN G 112 7.20 31.56 8.16
C GLN G 112 6.11 32.61 8.29
N GLY G 113 5.62 33.10 7.16
CA GLY G 113 4.56 34.09 7.14
C GLY G 113 5.01 35.53 7.32
N ARG G 114 6.29 35.75 7.60
CA ARG G 114 6.82 37.09 7.84
C ARG G 114 6.80 37.91 6.56
N ARG G 115 6.11 39.04 6.56
CA ARG G 115 5.93 39.85 5.36
C ARG G 115 6.66 41.17 5.49
N LEU G 116 7.09 41.70 4.35
CA LEU G 116 7.85 42.94 4.28
C LEU G 116 6.97 44.03 3.68
N GLY G 117 6.84 45.13 4.41
CA GLY G 117 6.08 46.27 3.93
C GLY G 117 6.90 47.14 3.00
N ASN G 118 6.24 48.21 2.53
CA ASN G 118 6.88 49.12 1.59
C ASN G 118 8.04 49.86 2.25
N GLY G 119 9.16 49.95 1.53
CA GLY G 119 10.27 50.77 1.95
C GLY G 119 11.44 50.02 2.55
N VAL G 120 11.38 48.69 2.67
CA VAL G 120 12.46 47.95 3.28
C VAL G 120 13.69 47.99 2.38
N GLN G 121 14.85 48.19 2.99
CA GLN G 121 16.12 48.25 2.25
C GLN G 121 16.68 46.84 2.09
N CYS G 122 16.90 46.43 0.83
CA CYS G 122 17.41 45.11 0.52
C CYS G 122 18.59 45.17 -0.44
N LEU G 123 19.03 44.01 -0.92
CA LEU G 123 20.18 43.93 -1.81
C LEU G 123 20.02 42.72 -2.71
N ALA G 124 19.91 42.96 -4.02
CA ALA G 124 19.84 41.89 -4.99
C ALA G 124 21.25 41.59 -5.52
N MET G 125 21.42 40.38 -6.05
CA MET G 125 22.72 39.95 -6.53
C MET G 125 22.50 38.89 -7.61
N GLY G 126 23.62 38.47 -8.20
CA GLY G 126 23.58 37.47 -9.26
C GLY G 126 24.67 37.73 -10.27
N TRP G 127 24.79 36.80 -11.22
CA TRP G 127 25.78 36.87 -12.28
C TRP G 127 25.17 37.20 -13.64
N GLY G 128 23.97 37.77 -13.66
CA GLY G 128 23.25 37.99 -14.90
C GLY G 128 23.87 39.05 -15.80
N LEU G 129 23.08 39.55 -16.75
CA LEU G 129 23.56 40.55 -17.68
C LEU G 129 23.83 41.87 -16.96
N LEU G 130 24.92 42.53 -17.35
CA LEU G 130 25.28 43.82 -16.79
C LEU G 130 24.42 44.95 -17.32
N GLY G 131 23.76 44.75 -18.46
CA GLY G 131 22.87 45.75 -19.00
C GLY G 131 22.15 45.21 -20.21
N ARG G 132 21.07 45.88 -20.56
CA ARG G 132 20.43 45.61 -21.85
C ARG G 132 21.48 45.79 -22.94
N ASN G 133 21.81 44.70 -23.65
CA ASN G 133 22.71 44.64 -24.81
C ASN G 133 24.20 44.78 -24.50
N ARG G 134 24.65 44.56 -23.26
CA ARG G 134 26.09 44.64 -22.98
C ARG G 134 26.63 43.42 -22.25
N GLY G 135 25.85 42.35 -22.12
CA GLY G 135 26.40 41.02 -21.93
C GLY G 135 26.46 40.55 -20.50
N ILE G 136 26.94 39.31 -20.36
CA ILE G 136 26.91 38.59 -19.09
C ILE G 136 27.96 39.16 -18.13
N ALA G 137 27.72 38.97 -16.83
CA ALA G 137 28.69 39.36 -15.82
C ALA G 137 29.73 38.25 -15.62
N SER G 138 30.97 38.67 -15.37
CA SER G 138 32.02 37.75 -14.97
C SER G 138 32.28 37.76 -13.47
N VAL G 139 32.06 38.91 -12.82
CA VAL G 139 32.25 39.06 -11.39
C VAL G 139 30.88 39.32 -10.75
N LEU G 140 30.62 38.68 -9.62
CA LEU G 140 29.32 38.80 -8.97
C LEU G 140 28.98 40.27 -8.72
N GLN G 141 27.70 40.60 -8.91
CA GLN G 141 27.21 41.95 -8.71
C GLN G 141 26.26 42.00 -7.51
N GLU G 142 26.16 43.17 -6.90
CA GLU G 142 25.18 43.45 -5.87
C GLU G 142 24.49 44.77 -6.21
N LEU G 143 23.39 45.05 -5.50
CA LEU G 143 22.56 46.21 -5.86
C LEU G 143 21.55 46.55 -4.77
N ASN G 144 21.69 47.73 -4.16
CA ASN G 144 20.70 48.19 -3.21
C ASN G 144 19.37 48.45 -3.91
N VAL G 145 18.27 48.05 -3.26
CA VAL G 145 16.94 48.12 -3.82
C VAL G 145 15.95 48.43 -2.70
N THR G 146 14.69 48.64 -3.07
CA THR G 146 13.65 49.04 -2.12
C THR G 146 12.37 48.25 -2.42
N VAL G 147 11.76 47.72 -1.36
CA VAL G 147 10.53 46.96 -1.50
C VAL G 147 9.38 47.90 -1.85
N VAL G 148 8.57 47.52 -2.84
CA VAL G 148 7.42 48.30 -3.26
C VAL G 148 6.18 47.42 -3.20
N THR G 149 5.02 48.05 -3.00
CA THR G 149 3.74 47.37 -3.04
C THR G 149 2.87 47.79 -4.20
N SER G 150 3.06 49.00 -4.74
CA SER G 150 2.36 49.40 -5.94
C SER G 150 2.89 48.61 -7.13
N LEU G 151 2.00 48.34 -8.09
CA LEU G 151 2.30 47.48 -9.23
C LEU G 151 2.76 46.09 -8.78
N CYS G 152 2.16 45.57 -7.72
CA CYS G 152 2.60 44.29 -7.19
C CYS G 152 1.42 43.52 -6.63
N ARG G 153 1.59 42.19 -6.59
CA ARG G 153 0.63 41.29 -5.97
C ARG G 153 1.26 40.64 -4.74
N ARG G 154 0.41 40.20 -3.81
CA ARG G 154 0.89 39.56 -2.60
C ARG G 154 1.58 38.23 -2.88
N SER G 155 1.32 37.62 -4.04
CA SER G 155 1.94 36.36 -4.40
C SER G 155 3.42 36.50 -4.70
N ASN G 156 3.95 37.72 -4.78
CA ASN G 156 5.34 37.95 -5.10
C ASN G 156 5.90 39.04 -4.20
N VAL G 157 7.23 39.12 -4.19
CA VAL G 157 7.97 40.20 -3.52
C VAL G 157 8.57 41.08 -4.60
N CYS G 158 8.13 42.33 -4.69
CA CYS G 158 8.53 43.23 -5.74
C CYS G 158 9.58 44.22 -5.25
N THR G 159 10.52 44.54 -6.13
CA THR G 159 11.60 45.47 -5.83
C THR G 159 11.71 46.49 -6.96
N LEU G 160 12.19 47.69 -6.63
CA LEU G 160 12.22 48.76 -7.61
C LEU G 160 13.23 49.82 -7.18
N VAL G 161 14.24 50.06 -8.02
CA VAL G 161 15.20 51.14 -7.78
C VAL G 161 14.60 52.43 -8.34
N ARG G 162 14.23 53.35 -7.45
CA ARG G 162 13.60 54.60 -7.87
C ARG G 162 14.66 55.59 -8.35
N GLY G 163 14.31 56.34 -9.41
CA GLY G 163 15.15 57.41 -9.89
C GLY G 163 16.22 57.00 -10.88
N ARG G 164 16.44 55.71 -11.06
CA ARG G 164 17.46 55.21 -11.97
C ARG G 164 16.95 53.95 -12.65
N GLN G 165 17.49 53.68 -13.83
CA GLN G 165 17.23 52.43 -14.56
C GLN G 165 18.21 51.38 -14.04
N ALA G 166 17.77 50.57 -13.08
CA ALA G 166 18.59 49.52 -12.51
C ALA G 166 17.70 48.43 -11.97
N GLY G 167 18.13 47.18 -12.13
CA GLY G 167 17.37 46.05 -11.62
C GLY G 167 18.04 44.76 -12.01
N VAL G 168 17.39 43.65 -11.66
CA VAL G 168 17.90 42.33 -12.03
C VAL G 168 17.67 42.10 -13.52
N CYS G 169 18.44 41.19 -14.08
CA CYS G 169 18.35 40.91 -15.50
C CYS G 169 18.51 39.40 -15.73
N PHE G 170 18.61 39.03 -17.00
CA PHE G 170 18.58 37.63 -17.38
C PHE G 170 19.83 36.91 -16.87
N GLY G 171 19.63 35.75 -16.27
CA GLY G 171 20.66 35.05 -15.56
C GLY G 171 20.64 35.28 -14.06
N ASP G 172 19.85 36.22 -13.58
CA ASP G 172 19.70 36.47 -12.15
C ASP G 172 18.58 35.67 -11.52
N SER G 173 17.75 34.99 -12.31
CA SER G 173 16.70 34.13 -11.76
C SER G 173 17.30 33.11 -10.80
N GLY G 174 16.61 32.90 -9.67
CA GLY G 174 17.10 32.03 -8.62
C GLY G 174 18.04 32.69 -7.64
N SER G 175 18.65 33.81 -8.00
CA SER G 175 19.55 34.50 -7.09
C SER G 175 18.77 35.09 -5.92
N PRO G 176 19.35 35.06 -4.71
CA PRO G 176 18.57 35.46 -3.53
C PRO G 176 18.32 36.97 -3.47
N LEU G 177 17.45 37.34 -2.53
CA LEU G 177 17.19 38.73 -2.18
C LEU G 177 17.30 38.83 -0.67
N VAL G 178 18.37 39.47 -0.20
CA VAL G 178 18.70 39.53 1.23
C VAL G 178 18.14 40.82 1.81
N CYS G 179 17.29 40.70 2.82
CA CYS G 179 16.74 41.83 3.54
C CYS G 179 16.93 41.58 5.03
N ASN G 180 17.54 42.56 5.72
CA ASN G 180 17.78 42.44 7.16
C ASN G 180 18.58 41.17 7.48
N GLY G 181 19.42 40.75 6.54
CA GLY G 181 20.25 39.57 6.71
C GLY G 181 19.61 38.25 6.35
N LEU G 182 18.35 38.25 5.91
CA LEU G 182 17.60 37.02 5.67
C LEU G 182 17.18 36.91 4.21
N ILE G 183 17.32 35.70 3.65
CA ILE G 183 16.91 35.42 2.27
C ILE G 183 15.39 35.54 2.16
N HIS G 184 14.91 36.67 1.62
CA HIS G 184 13.48 36.90 1.53
C HIS G 184 12.89 36.64 0.15
N GLY G 185 13.71 36.59 -0.89
CA GLY G 185 13.17 36.46 -2.23
C GLY G 185 14.08 35.66 -3.15
N ILE G 186 13.46 35.07 -4.16
CA ILE G 186 14.14 34.35 -5.23
C ILE G 186 13.76 35.01 -6.56
N ALA G 187 14.76 35.45 -7.31
CA ALA G 187 14.50 36.22 -8.52
C ALA G 187 13.69 35.41 -9.52
N SER G 188 12.56 35.98 -9.96
CA SER G 188 11.60 35.29 -10.81
C SER G 188 11.51 35.94 -12.19
N PHE G 189 10.88 37.10 -12.30
CA PHE G 189 10.63 37.69 -13.62
C PHE G 189 10.70 39.21 -13.54
N VAL G 190 10.74 39.83 -14.72
CA VAL G 190 10.76 41.28 -14.88
C VAL G 190 9.63 41.68 -15.82
N ARG G 191 9.36 42.98 -15.87
CA ARG G 191 8.27 43.52 -16.67
C ARG G 191 8.79 44.60 -17.62
N GLY G 192 8.33 44.55 -18.86
CA GLY G 192 8.79 45.48 -19.87
C GLY G 192 10.16 45.11 -20.40
N GLY G 193 11.14 45.11 -19.51
CA GLY G 193 12.48 44.68 -19.86
C GLY G 193 13.40 44.90 -18.68
N CYS G 194 14.61 44.36 -18.81
CA CYS G 194 15.63 44.61 -17.80
C CYS G 194 15.82 46.11 -17.60
N ALA G 195 15.90 46.52 -16.34
CA ALA G 195 16.11 47.92 -15.99
C ALA G 195 15.08 48.81 -16.67
N SER G 196 13.82 48.37 -16.66
CA SER G 196 12.75 49.16 -17.25
C SER G 196 12.62 50.52 -16.58
N GLY G 197 13.01 50.62 -15.30
CA GLY G 197 12.83 51.85 -14.54
C GLY G 197 11.40 52.16 -14.22
N LEU G 198 10.43 51.57 -14.92
CA LEU G 198 9.02 51.80 -14.66
C LEU G 198 8.44 50.74 -13.73
N TYR G 199 8.56 49.46 -14.12
CA TYR G 199 7.89 48.35 -13.47
C TYR G 199 8.83 47.60 -12.56
N PRO G 200 8.45 47.42 -11.30
CA PRO G 200 9.29 46.68 -10.35
C PRO G 200 9.57 45.25 -10.80
N ASP G 201 10.68 44.73 -10.30
CA ASP G 201 11.06 43.34 -10.50
C ASP G 201 10.28 42.45 -9.53
N ALA G 202 10.30 41.14 -9.80
CA ALA G 202 9.46 40.19 -9.07
C ALA G 202 10.29 39.04 -8.52
N PHE G 203 10.11 38.76 -7.23
CA PHE G 203 10.75 37.65 -6.55
C PHE G 203 9.69 36.72 -5.97
N ALA G 204 9.97 35.42 -6.00
CA ALA G 204 9.13 34.48 -5.29
C ALA G 204 9.32 34.65 -3.79
N PRO G 205 8.24 34.66 -3.00
CA PRO G 205 8.37 35.03 -1.58
C PRO G 205 8.84 33.87 -0.71
N VAL G 206 10.14 33.84 -0.41
CA VAL G 206 10.69 32.77 0.41
C VAL G 206 9.98 32.70 1.75
N ALA G 207 9.60 33.86 2.29
CA ALA G 207 9.02 33.90 3.62
C ALA G 207 7.68 33.19 3.72
N GLN G 208 7.03 32.90 2.60
CA GLN G 208 5.77 32.16 2.60
C GLN G 208 5.96 30.66 2.47
N PHE G 209 7.18 30.19 2.17
CA PHE G 209 7.44 28.77 1.96
C PHE G 209 8.41 28.19 2.99
N VAL G 210 8.70 28.92 4.07
CA VAL G 210 9.70 28.45 5.03
C VAL G 210 9.29 27.10 5.62
N ASN G 211 8.01 26.95 5.96
CA ASN G 211 7.56 25.68 6.56
C ASN G 211 7.71 24.52 5.58
N TRP G 212 7.45 24.76 4.30
CA TRP G 212 7.69 23.71 3.31
C TRP G 212 9.18 23.45 3.13
N ILE G 213 9.98 24.52 3.06
CA ILE G 213 11.43 24.38 2.92
C ILE G 213 12.00 23.58 4.08
N ASP G 214 11.58 23.90 5.30
CA ASP G 214 12.11 23.22 6.48
C ASP G 214 11.79 21.74 6.44
N SER G 215 10.59 21.37 5.99
CA SER G 215 10.24 19.96 5.91
C SER G 215 11.14 19.22 4.93
N ILE G 216 11.67 19.93 3.93
CA ILE G 216 12.56 19.28 2.96
C ILE G 216 13.95 19.09 3.57
N ILE G 217 14.45 20.09 4.29
CA ILE G 217 15.83 20.08 4.78
C ILE G 217 15.94 19.64 6.23
N GLN G 218 14.90 19.84 7.04
CA GLN G 218 14.87 19.35 8.42
C GLN G 218 16.06 19.84 9.25
N SER H 2 29.34 27.02 -35.77
CA SER H 2 29.24 28.43 -35.43
C SER H 2 27.80 28.88 -35.27
N THR H 3 26.91 28.27 -36.05
CA THR H 3 25.49 28.58 -35.98
C THR H 3 24.69 27.28 -36.08
N ILE H 4 23.41 27.35 -35.71
CA ILE H 4 22.48 26.25 -35.82
C ILE H 4 21.17 26.76 -36.40
N GLN H 5 20.33 25.82 -36.82
CA GLN H 5 19.03 26.11 -37.43
C GLN H 5 17.94 25.49 -36.56
N ILE H 6 17.13 26.35 -35.94
CA ILE H 6 16.01 25.90 -35.11
C ILE H 6 14.72 26.14 -35.90
N PRO H 7 13.92 25.11 -36.14
CA PRO H 7 12.71 25.30 -36.96
C PRO H 7 11.59 25.96 -36.19
N TYR H 8 10.86 26.83 -36.88
CA TYR H 8 9.69 27.48 -36.32
C TYR H 8 8.52 27.32 -37.28
N THR H 9 7.31 27.37 -36.70
CA THR H 9 6.08 27.36 -37.48
C THR H 9 5.14 28.41 -36.91
N ILE H 10 4.36 29.03 -37.80
CA ILE H 10 3.47 30.13 -37.44
C ILE H 10 2.07 29.80 -37.90
N THR H 11 1.11 29.83 -36.98
CA THR H 11 -0.30 29.80 -37.30
C THR H 11 -0.93 31.11 -36.84
N VAL H 12 -1.48 31.88 -37.78
CA VAL H 12 -2.26 33.05 -37.41
C VAL H 12 -3.69 32.84 -37.88
N ASN H 13 -4.63 33.32 -37.06
CA ASN H 13 -6.04 32.91 -36.99
C ASN H 13 -6.42 31.82 -37.98
N GLY H 14 -6.02 30.59 -37.70
CA GLY H 14 -6.55 29.41 -38.33
C GLY H 14 -5.66 28.73 -39.36
N THR H 15 -4.75 29.48 -39.98
CA THR H 15 -4.01 28.99 -41.14
C THR H 15 -2.51 28.99 -40.89
N SER H 16 -1.86 27.90 -41.26
CA SER H 16 -0.41 27.76 -41.22
C SER H 16 0.12 27.59 -42.65
N GLN H 17 1.04 28.45 -43.04
CA GLN H 17 1.75 28.26 -44.30
C GLN H 17 2.43 26.88 -44.30
N ASN H 18 2.66 26.37 -45.51
CA ASN H 18 3.31 25.08 -45.72
C ASN H 18 4.82 25.23 -45.92
N ILE H 19 5.39 26.31 -45.40
CA ILE H 19 6.82 26.57 -45.50
C ILE H 19 7.55 25.76 -44.44
N LEU H 20 8.71 25.21 -44.82
CA LEU H 20 9.65 24.64 -43.85
C LEU H 20 10.67 25.72 -43.49
N SER H 21 10.26 26.59 -42.56
CA SER H 21 11.07 27.73 -42.13
C SER H 21 11.85 27.39 -40.88
N SER H 22 12.88 28.20 -40.60
CA SER H 22 13.84 27.88 -39.54
C SER H 22 14.60 29.14 -39.16
N LEU H 23 14.55 29.50 -37.87
CA LEU H 23 15.35 30.61 -37.35
C LEU H 23 16.81 30.21 -37.18
N THR H 24 17.69 31.20 -37.26
CA THR H 24 19.14 30.98 -37.16
C THR H 24 19.61 31.40 -35.77
N PHE H 25 20.27 30.48 -35.06
CA PHE H 25 20.80 30.72 -33.72
C PHE H 25 22.27 30.33 -33.69
N ASN H 26 22.95 30.77 -32.62
CA ASN H 26 24.33 30.39 -32.40
C ASN H 26 24.40 29.04 -31.71
N LYS H 27 25.35 28.21 -32.14
CA LYS H 27 25.48 26.86 -31.58
C LYS H 27 25.94 26.93 -30.13
N ASN H 28 25.12 26.36 -29.25
CA ASN H 28 25.47 26.17 -27.84
C ASN H 28 25.75 27.51 -27.15
N GLN H 29 24.67 28.27 -27.00
CA GLN H 29 24.76 29.60 -26.39
C GLN H 29 23.50 29.84 -25.55
N ASN H 30 23.70 30.58 -24.45
CA ASN H 30 22.62 30.93 -23.54
C ASN H 30 21.96 32.22 -24.02
N ILE H 31 20.66 32.16 -24.30
CA ILE H 31 19.89 33.33 -24.70
C ILE H 31 18.73 33.49 -23.71
N SER H 32 18.08 34.65 -23.77
CA SER H 32 16.94 34.93 -22.92
C SER H 32 15.66 34.84 -23.72
N TYR H 33 14.54 34.81 -23.01
CA TYR H 33 13.25 34.80 -23.67
C TYR H 33 12.91 36.15 -24.31
N LYS H 34 13.74 37.18 -24.11
CA LYS H 34 13.55 38.43 -24.82
C LYS H 34 14.21 38.39 -26.19
N ASP H 35 15.43 37.84 -26.27
CA ASP H 35 16.07 37.60 -27.56
C ASP H 35 15.16 36.76 -28.45
N ILE H 36 14.58 35.70 -27.88
CA ILE H 36 13.69 34.83 -28.65
C ILE H 36 12.43 35.58 -29.08
N GLU H 37 11.83 36.34 -28.16
CA GLU H 37 10.67 37.14 -28.52
C GLU H 37 11.00 38.08 -29.67
N ASN H 38 12.19 38.70 -29.64
CA ASN H 38 12.59 39.57 -30.74
C ASN H 38 12.67 38.81 -32.05
N LYS H 39 12.97 37.51 -31.99
CA LYS H 39 13.02 36.69 -33.19
C LYS H 39 11.65 36.11 -33.57
N VAL H 40 10.80 35.86 -32.58
CA VAL H 40 9.42 35.48 -32.89
C VAL H 40 8.66 36.66 -33.49
N LYS H 41 8.78 37.82 -32.86
CA LYS H 41 8.25 39.05 -33.45
C LYS H 41 8.87 39.33 -34.81
N SER H 42 10.11 38.87 -35.02
CA SER H 42 10.79 39.10 -36.29
C SER H 42 10.14 38.32 -37.42
N VAL H 43 10.08 36.98 -37.27
CA VAL H 43 9.53 36.14 -38.34
C VAL H 43 8.01 36.15 -38.39
N LEU H 44 7.34 36.71 -37.39
CA LEU H 44 5.89 36.87 -37.49
C LEU H 44 5.52 37.86 -38.59
N TYR H 45 6.31 38.94 -38.71
CA TYR H 45 6.01 39.97 -39.69
C TYR H 45 6.40 39.56 -41.09
N PHE H 46 7.59 38.96 -41.25
CA PHE H 46 8.06 38.63 -42.60
C PHE H 46 7.21 37.55 -43.23
N ASN H 47 6.69 36.62 -42.42
CA ASN H 47 5.92 35.51 -42.97
C ASN H 47 4.44 35.84 -43.09
N ARG H 48 3.85 36.45 -42.05
CA ARG H 48 2.42 36.69 -42.01
C ARG H 48 2.04 38.16 -41.87
N GLY H 49 3.00 39.07 -41.77
CA GLY H 49 2.67 40.48 -41.72
C GLY H 49 2.06 40.93 -40.42
N ILE H 50 2.26 40.18 -39.33
CA ILE H 50 1.71 40.54 -38.02
C ILE H 50 2.65 41.55 -37.39
N SER H 51 2.26 42.83 -37.45
CA SER H 51 3.10 43.90 -36.92
C SER H 51 2.99 43.97 -35.40
N ASP H 52 3.77 44.88 -34.81
CA ASP H 52 3.68 45.11 -33.38
C ASP H 52 2.27 45.55 -32.99
N ILE H 53 1.64 46.36 -33.83
CA ILE H 53 0.25 46.76 -33.61
C ILE H 53 -0.67 45.53 -33.69
N ASP H 54 -0.46 44.69 -34.71
CA ASP H 54 -1.32 43.51 -34.87
C ASP H 54 -1.18 42.54 -33.71
N LEU H 55 0.01 42.42 -33.13
CA LEU H 55 0.15 41.61 -31.91
C LEU H 55 -0.62 42.23 -30.75
N ARG H 56 -0.53 43.54 -30.59
CA ARG H 56 -1.17 44.19 -29.45
C ARG H 56 -2.70 44.09 -29.52
N LEU H 57 -3.26 44.12 -30.72
CA LEU H 57 -4.70 44.14 -30.91
C LEU H 57 -5.31 42.75 -31.13
N SER H 58 -4.47 41.70 -31.16
CA SER H 58 -5.01 40.36 -31.31
C SER H 58 -5.75 39.93 -30.05
N LYS H 59 -6.63 38.94 -30.22
CA LYS H 59 -7.34 38.36 -29.08
C LYS H 59 -6.39 37.58 -28.18
N GLN H 60 -5.62 36.67 -28.78
CA GLN H 60 -4.56 35.96 -28.07
C GLN H 60 -3.35 35.86 -28.98
N ALA H 61 -2.17 35.83 -28.37
CA ALA H 61 -0.93 35.66 -29.11
C ALA H 61 0.09 35.00 -28.21
N GLU H 62 0.69 33.92 -28.69
CA GLU H 62 1.61 33.13 -27.88
C GLU H 62 2.60 32.41 -28.78
N TYR H 63 3.70 31.96 -28.17
CA TYR H 63 4.62 31.04 -28.83
C TYR H 63 5.08 30.01 -27.81
N THR H 64 5.26 28.78 -28.29
CA THR H 64 5.64 27.66 -27.45
C THR H 64 7.05 27.21 -27.81
N VAL H 65 7.91 27.09 -26.80
CA VAL H 65 9.29 26.66 -26.97
C VAL H 65 9.35 25.17 -26.64
N HIS H 66 9.54 24.35 -27.66
CA HIS H 66 9.68 22.91 -27.48
C HIS H 66 11.14 22.57 -27.30
N PHE H 67 11.47 21.93 -26.17
CA PHE H 67 12.82 21.50 -25.87
C PHE H 67 13.03 20.06 -26.33
N LYS H 68 14.30 19.71 -26.54
CA LYS H 68 14.65 18.38 -27.05
C LYS H 68 14.24 17.27 -26.08
N ASN H 69 14.19 17.54 -24.78
CA ASN H 69 13.82 16.51 -23.82
C ASN H 69 12.31 16.26 -23.75
N GLY H 70 11.50 17.03 -24.49
CA GLY H 70 10.07 16.82 -24.55
C GLY H 70 9.25 17.86 -23.81
N THR H 71 9.84 18.58 -22.85
CA THR H 71 9.11 19.60 -22.14
C THR H 71 8.94 20.85 -23.00
N LYS H 72 7.84 21.55 -22.78
CA LYS H 72 7.52 22.76 -23.53
C LYS H 72 7.30 23.92 -22.58
N ARG H 73 7.35 25.13 -23.14
CA ARG H 73 7.16 26.36 -22.39
C ARG H 73 6.33 27.30 -23.23
N VAL H 74 5.22 27.78 -22.67
CA VAL H 74 4.24 28.59 -23.39
C VAL H 74 4.41 30.04 -22.94
N ILE H 75 4.76 30.92 -23.87
CA ILE H 75 5.08 32.31 -23.58
C ILE H 75 3.95 33.19 -24.10
N ASP H 76 3.43 34.07 -23.25
CA ASP H 76 2.37 34.99 -23.62
C ASP H 76 2.98 36.22 -24.27
N LEU H 77 2.75 36.40 -25.58
CA LEU H 77 3.31 37.54 -26.29
C LEU H 77 2.64 38.85 -25.93
N LYS H 78 1.46 38.81 -25.32
CA LYS H 78 0.74 40.01 -24.91
C LYS H 78 0.95 40.34 -23.44
N SER H 79 1.97 39.76 -22.81
CA SER H 79 2.15 39.89 -21.37
C SER H 79 3.25 40.88 -20.98
N GLY H 80 4.29 41.02 -21.80
CA GLY H 80 5.42 41.86 -21.41
C GLY H 80 6.12 41.36 -20.17
N ILE H 81 6.09 40.06 -19.91
CA ILE H 81 6.69 39.46 -18.74
C ILE H 81 7.72 38.43 -19.20
N TYR H 82 8.92 38.51 -18.63
CA TYR H 82 10.04 37.67 -19.04
C TYR H 82 10.71 37.12 -17.79
N THR H 83 10.75 35.79 -17.66
CA THR H 83 11.51 35.17 -16.59
C THR H 83 12.99 35.47 -16.78
N ALA H 84 13.68 35.78 -15.68
CA ALA H 84 15.02 36.34 -15.76
C ALA H 84 16.07 35.25 -15.85
N ASP H 85 15.77 34.17 -16.56
CA ASP H 85 16.69 33.07 -16.72
C ASP H 85 17.27 33.06 -18.14
N LEU H 86 18.23 32.17 -18.36
CA LEU H 86 18.83 31.92 -19.66
C LEU H 86 18.51 30.50 -20.08
N ILE H 87 18.36 30.29 -21.39
CA ILE H 87 18.21 28.95 -21.95
C ILE H 87 19.23 28.77 -23.06
N ASN H 88 19.64 27.53 -23.28
CA ASN H 88 20.75 27.20 -24.15
C ASN H 88 20.23 26.79 -25.52
N THR H 89 20.71 27.46 -26.58
CA THR H 89 20.15 27.27 -27.92
C THR H 89 20.22 25.83 -28.38
N SER H 90 21.25 25.09 -27.98
CA SER H 90 21.40 23.71 -28.43
C SER H 90 20.37 22.77 -27.81
N ASP H 91 19.61 23.22 -26.81
CA ASP H 91 18.59 22.41 -26.18
C ASP H 91 17.20 22.59 -26.79
N ILE H 92 17.01 23.56 -27.67
CA ILE H 92 15.69 23.87 -28.21
C ILE H 92 15.41 22.96 -29.41
N LYS H 93 14.26 22.30 -29.39
CA LYS H 93 13.91 21.41 -30.48
C LYS H 93 13.21 22.17 -31.61
N ALA H 94 12.27 23.05 -31.25
CA ALA H 94 11.52 23.84 -32.22
C ALA H 94 10.73 24.90 -31.48
N ILE H 95 10.27 25.90 -32.23
CA ILE H 95 9.36 26.93 -31.74
C ILE H 95 8.10 26.89 -32.57
N SER H 96 6.94 27.04 -31.92
CA SER H 96 5.67 27.18 -32.59
C SER H 96 4.99 28.45 -32.11
N VAL H 97 4.26 29.10 -33.02
CA VAL H 97 3.63 30.39 -32.77
C VAL H 97 2.16 30.31 -33.13
N ASN H 98 1.34 31.03 -32.35
CA ASN H 98 -0.10 31.08 -32.57
C ASN H 98 -0.61 32.47 -32.26
N VAL H 99 -1.33 33.06 -33.22
CA VAL H 99 -1.93 34.38 -33.08
C VAL H 99 -3.36 34.32 -33.60
N ASP H 100 -4.27 35.05 -32.96
CA ASP H 100 -5.66 35.12 -33.38
C ASP H 100 -6.16 36.56 -33.48
N ILE I 1 5.90 15.19 -47.85
CA ILE I 1 4.53 14.81 -48.18
C ILE I 1 4.02 13.76 -47.21
N ILE I 2 2.89 14.05 -46.57
CA ILE I 2 2.30 13.15 -45.60
C ILE I 2 1.53 12.06 -46.33
N GLY I 3 1.80 10.80 -45.98
CA GLY I 3 1.02 9.69 -46.47
C GLY I 3 1.27 9.26 -47.89
N GLY I 4 2.45 9.54 -48.45
CA GLY I 4 2.77 9.23 -49.82
C GLY I 4 3.97 8.31 -49.95
N ARG I 5 4.26 7.98 -51.20
CA ARG I 5 5.39 7.15 -51.56
C ARG I 5 6.53 7.99 -52.11
N GLU I 6 7.75 7.44 -52.03
CA GLU I 6 8.87 8.08 -52.69
C GLU I 6 8.66 8.08 -54.19
N SER I 7 9.02 9.18 -54.84
CA SER I 7 8.87 9.28 -56.27
C SER I 7 9.91 8.43 -56.99
N ARG I 8 9.54 7.90 -58.14
CA ARG I 8 10.51 7.26 -59.02
C ARG I 8 11.49 8.32 -59.51
N PRO I 9 12.80 8.13 -59.33
CA PRO I 9 13.74 9.24 -59.51
C PRO I 9 13.69 9.83 -60.92
N HIS I 10 13.51 11.15 -60.97
CA HIS I 10 13.47 11.98 -62.17
C HIS I 10 12.25 11.70 -63.04
N SER I 11 11.24 11.01 -62.53
CA SER I 11 9.99 10.87 -63.26
C SER I 11 9.17 12.15 -63.24
N ARG I 12 9.57 13.12 -62.43
CA ARG I 12 8.91 14.44 -62.36
C ARG I 12 9.97 15.50 -62.59
N PRO I 13 10.42 15.67 -63.84
CA PRO I 13 11.59 16.53 -64.09
C PRO I 13 11.36 17.99 -63.78
N TYR I 14 10.11 18.44 -63.69
CA TYR I 14 9.82 19.86 -63.49
C TYR I 14 10.07 20.32 -62.07
N MET I 15 10.18 19.40 -61.10
CA MET I 15 10.25 19.77 -59.70
C MET I 15 11.50 20.59 -59.37
N ALA I 16 11.34 21.55 -58.46
CA ALA I 16 12.42 22.45 -58.06
C ALA I 16 12.47 22.56 -56.54
N TYR I 17 13.68 22.56 -56.01
CA TYR I 17 13.95 22.71 -54.59
C TYR I 17 14.56 24.08 -54.36
N LEU I 18 13.92 24.86 -53.50
CA LEU I 18 14.26 26.27 -53.29
C LEU I 18 14.98 26.44 -51.95
N GLN I 19 16.17 27.02 -52.00
CA GLN I 19 16.88 27.44 -50.79
C GLN I 19 16.66 28.93 -50.60
N ILE I 20 16.00 29.30 -49.51
CA ILE I 20 15.55 30.67 -49.28
C ILE I 20 16.26 31.21 -48.04
N GLN I 21 16.93 32.35 -48.20
CA GLN I 21 17.64 33.01 -47.11
C GLN I 21 16.85 34.23 -46.69
N SER I 22 16.29 34.18 -45.50
CA SER I 22 15.51 35.24 -44.90
C SER I 22 16.33 35.99 -43.87
N PRO I 23 15.90 37.19 -43.48
CA PRO I 23 16.46 37.79 -42.26
C PRO I 23 16.11 36.95 -41.04
N ALA I 24 17.13 36.62 -40.26
CA ALA I 24 17.08 35.84 -39.03
C ALA I 24 16.86 34.34 -39.27
N GLY I 25 16.82 33.87 -40.51
CA GLY I 25 16.62 32.44 -40.71
C GLY I 25 16.75 32.02 -42.14
N GLN I 26 16.36 30.77 -42.38
CA GLN I 26 16.31 30.17 -43.71
C GLN I 26 14.98 29.48 -43.92
N SER I 27 14.72 29.11 -45.18
CA SER I 27 13.47 28.47 -45.55
C SER I 27 13.73 27.54 -46.73
N ARG I 28 12.90 26.50 -46.83
CA ARG I 28 12.99 25.51 -47.89
C ARG I 28 11.61 25.25 -48.45
N CYS I 29 11.47 25.35 -49.78
CA CYS I 29 10.19 25.24 -50.45
C CYS I 29 10.29 24.28 -51.63
N GLY I 30 9.13 24.02 -52.23
CA GLY I 30 9.05 23.43 -53.54
C GLY I 30 8.88 24.49 -54.60
N GLY I 31 8.58 24.02 -55.81
CA GLY I 31 8.50 24.88 -56.97
C GLY I 31 8.69 24.06 -58.22
N PHE I 32 8.30 24.64 -59.35
CA PHE I 32 8.31 23.85 -60.58
C PHE I 32 8.60 24.73 -61.78
N LEU I 33 9.31 24.15 -62.75
CA LEU I 33 9.70 24.85 -63.94
C LEU I 33 8.53 24.98 -64.90
N VAL I 34 8.21 26.21 -65.30
CA VAL I 34 7.20 26.45 -66.31
C VAL I 34 7.80 26.83 -67.66
N ARG I 35 8.92 27.55 -67.66
CA ARG I 35 9.63 27.89 -68.89
C ARG I 35 11.13 27.77 -68.60
N GLU I 36 11.94 27.73 -69.66
CA GLU I 36 13.35 27.40 -69.51
C GLU I 36 14.08 28.37 -68.59
N ASP I 37 13.52 29.56 -68.34
CA ASP I 37 14.14 30.53 -67.44
C ASP I 37 13.21 30.96 -66.31
N PHE I 38 12.09 30.28 -66.10
CA PHE I 38 11.11 30.71 -65.11
C PHE I 38 10.62 29.54 -64.28
N VAL I 39 10.64 29.71 -62.95
CA VAL I 39 10.11 28.75 -62.00
C VAL I 39 8.90 29.37 -61.33
N LEU I 40 7.81 28.62 -61.24
CA LEU I 40 6.61 29.05 -60.53
C LEU I 40 6.56 28.39 -59.17
N THR I 41 6.17 29.17 -58.16
CA THR I 41 6.13 28.68 -56.79
C THR I 41 5.20 29.61 -56.00
N ALA I 42 5.29 29.55 -54.66
CA ALA I 42 4.41 30.32 -53.80
C ALA I 42 5.03 31.66 -53.44
N ALA I 43 4.17 32.63 -53.14
CA ALA I 43 4.61 34.00 -52.89
C ALA I 43 5.25 34.19 -51.52
N HIS I 44 4.99 33.30 -50.56
CA HIS I 44 5.63 33.42 -49.25
C HIS I 44 6.96 32.69 -49.17
N CYS I 45 7.28 31.87 -50.17
CA CYS I 45 8.64 31.36 -50.35
C CYS I 45 9.62 32.41 -50.82
N TRP I 46 9.25 33.69 -50.73
CA TRP I 46 10.10 34.77 -51.18
C TRP I 46 11.19 35.09 -50.15
N GLY I 47 12.32 35.55 -50.65
CA GLY I 47 13.42 35.94 -49.77
C GLY I 47 14.35 36.92 -50.45
N SER I 48 15.63 36.85 -50.10
CA SER I 48 16.64 37.74 -50.67
C SER I 48 17.53 37.03 -51.69
N ASN I 49 17.95 35.80 -51.40
CA ASN I 49 18.63 34.95 -52.36
C ASN I 49 17.91 33.61 -52.40
N ILE I 50 17.93 32.98 -53.57
CA ILE I 50 17.22 31.71 -53.78
C ILE I 50 18.07 30.78 -54.63
N ASN I 51 18.56 29.70 -54.03
CA ASN I 51 19.21 28.62 -54.78
C ASN I 51 18.13 27.69 -55.32
N VAL I 52 17.88 27.76 -56.63
CA VAL I 52 16.96 26.84 -57.28
C VAL I 52 17.75 25.63 -57.77
N THR I 53 17.20 24.44 -57.55
CA THR I 53 17.91 23.19 -57.81
C THR I 53 16.98 22.29 -58.62
N LEU I 54 17.27 22.13 -59.90
CA LEU I 54 16.43 21.39 -60.82
C LEU I 54 16.95 19.97 -61.00
N GLY I 55 16.03 19.05 -61.31
CA GLY I 55 16.39 17.70 -61.66
C GLY I 55 17.03 16.92 -60.54
N ALA I 56 16.65 17.18 -59.30
CA ALA I 56 17.20 16.45 -58.18
C ALA I 56 16.27 15.32 -57.76
N HIS I 57 16.82 14.38 -57.00
CA HIS I 57 16.01 13.39 -56.30
C HIS I 57 16.44 13.31 -54.85
N ASN I 58 17.73 13.06 -54.61
CA ASN I 58 18.32 13.10 -53.28
C ASN I 58 18.98 14.48 -53.13
N ILE I 59 18.19 15.46 -52.70
CA ILE I 59 18.68 16.83 -52.60
C ILE I 59 19.82 16.95 -51.61
N GLN I 60 20.00 15.97 -50.73
CA GLN I 60 21.09 15.96 -49.76
C GLN I 60 22.38 15.38 -50.34
N ARG I 61 22.43 15.17 -51.65
CA ARG I 61 23.66 14.93 -52.38
C ARG I 61 23.87 16.07 -53.37
N ARG I 62 24.99 16.01 -54.09
CA ARG I 62 25.18 16.86 -55.26
C ARG I 62 25.40 15.92 -56.45
N GLU I 63 24.28 15.39 -56.96
CA GLU I 63 24.27 14.57 -58.15
C GLU I 63 24.65 15.42 -59.36
N ASN I 64 25.11 14.75 -60.42
CA ASN I 64 25.42 15.45 -61.65
C ASN I 64 24.17 15.82 -62.44
N THR I 65 23.03 15.20 -62.13
CA THR I 65 21.78 15.58 -62.77
C THR I 65 21.26 16.92 -62.27
N GLN I 66 21.68 17.36 -61.09
CA GLN I 66 21.23 18.61 -60.53
C GLN I 66 21.86 19.80 -61.25
N GLN I 67 21.10 20.88 -61.35
CA GLN I 67 21.57 22.16 -61.86
C GLN I 67 21.18 23.24 -60.87
N HIS I 68 22.17 23.86 -60.25
CA HIS I 68 21.92 24.89 -59.25
C HIS I 68 21.95 26.26 -59.91
N ILE I 69 20.82 26.97 -59.83
CA ILE I 69 20.68 28.29 -60.43
C ILE I 69 20.08 29.24 -59.40
N THR I 70 20.69 30.41 -59.25
CA THR I 70 20.08 31.44 -58.43
C THR I 70 18.97 32.14 -59.21
N ALA I 71 18.08 32.82 -58.48
CA ALA I 71 16.96 33.54 -59.08
C ALA I 71 17.35 35.01 -59.20
N ARG I 72 17.38 35.52 -60.43
CA ARG I 72 17.80 36.90 -60.65
C ARG I 72 16.76 37.88 -60.11
N ARG I 73 15.49 37.65 -60.39
CA ARG I 73 14.39 38.40 -59.83
C ARG I 73 13.29 37.43 -59.38
N ALA I 74 12.66 37.74 -58.25
CA ALA I 74 11.62 36.91 -57.66
C ALA I 74 10.34 37.74 -57.60
N ILE I 75 9.46 37.56 -58.59
CA ILE I 75 8.33 38.46 -58.80
C ILE I 75 7.11 37.90 -58.06
N ARG I 76 6.79 38.48 -56.92
CA ARG I 76 5.59 38.12 -56.19
C ARG I 76 4.37 38.75 -56.86
N HIS I 77 3.20 38.15 -56.62
CA HIS I 77 1.99 38.67 -57.25
C HIS I 77 1.61 40.00 -56.61
N PRO I 78 1.24 41.01 -57.41
CA PRO I 78 0.99 42.34 -56.85
C PRO I 78 -0.19 42.42 -55.88
N GLN I 79 -1.02 41.39 -55.79
CA GLN I 79 -2.13 41.40 -54.84
C GLN I 79 -1.95 40.35 -53.74
N TYR I 80 -0.71 39.96 -53.45
CA TYR I 80 -0.47 38.95 -52.43
C TYR I 80 -0.63 39.55 -51.04
N ASN I 81 -1.55 39.01 -50.26
CA ASN I 81 -1.82 39.44 -48.89
C ASN I 81 -1.27 38.37 -47.97
N GLN I 82 -0.19 38.70 -47.24
CA GLN I 82 0.51 37.67 -46.48
C GLN I 82 -0.23 37.27 -45.20
N ARG I 83 -1.10 38.13 -44.67
CA ARG I 83 -1.85 37.73 -43.48
C ARG I 83 -2.93 36.72 -43.82
N THR I 84 -3.65 36.92 -44.92
CA THR I 84 -4.68 36.00 -45.34
C THR I 84 -4.17 34.90 -46.26
N ILE I 85 -2.92 35.00 -46.71
CA ILE I 85 -2.37 34.16 -47.77
C ILE I 85 -3.36 34.14 -48.93
N GLN I 86 -3.54 35.31 -49.54
CA GLN I 86 -4.37 35.47 -50.72
C GLN I 86 -3.48 35.81 -51.90
N ASN I 87 -3.83 35.30 -53.08
CA ASN I 87 -3.01 35.47 -54.29
C ASN I 87 -1.58 34.97 -54.05
N ASP I 88 -1.47 33.75 -53.53
CA ASP I 88 -0.18 33.18 -53.15
C ASP I 88 0.47 32.53 -54.37
N ILE I 89 1.16 33.37 -55.15
CA ILE I 89 1.82 32.93 -56.37
C ILE I 89 2.98 33.89 -56.67
N MET I 90 4.08 33.33 -57.15
CA MET I 90 5.30 34.07 -57.44
C MET I 90 6.02 33.41 -58.59
N LEU I 91 6.77 34.23 -59.35
CA LEU I 91 7.55 33.77 -60.49
C LEU I 91 9.03 33.99 -60.21
N LEU I 92 9.83 32.96 -60.45
CA LEU I 92 11.29 33.02 -60.27
C LEU I 92 11.93 33.08 -61.66
N GLN I 93 12.54 34.20 -61.99
CA GLN I 93 13.32 34.31 -63.22
C GLN I 93 14.75 33.88 -62.90
N LEU I 94 15.15 32.72 -63.42
CA LEU I 94 16.50 32.23 -63.22
C LEU I 94 17.50 33.19 -63.88
N SER I 95 18.68 33.31 -63.27
CA SER I 95 19.75 34.10 -63.86
C SER I 95 20.32 33.46 -65.12
N ARG I 96 20.00 32.20 -65.37
CA ARG I 96 20.38 31.51 -66.60
C ARG I 96 19.35 30.42 -66.84
N ARG I 97 19.15 30.05 -68.11
CA ARG I 97 18.16 29.02 -68.37
C ARG I 97 18.72 27.64 -68.04
N VAL I 98 17.82 26.68 -67.92
CA VAL I 98 18.19 25.30 -67.62
C VAL I 98 18.60 24.62 -68.91
N ARG I 99 18.98 23.35 -68.82
CA ARG I 99 19.58 22.65 -69.97
C ARG I 99 18.61 21.77 -70.74
N ARG I 100 17.46 21.42 -70.16
CA ARG I 100 16.46 20.52 -70.74
C ARG I 100 17.05 19.13 -71.01
N ASN I 101 16.50 18.10 -70.37
CA ASN I 101 16.98 16.73 -70.55
C ASN I 101 16.00 15.77 -69.88
N ARG I 102 16.42 14.51 -69.67
CA ARG I 102 15.58 13.54 -68.99
C ARG I 102 15.17 14.01 -67.60
N ASN I 103 16.02 14.80 -66.95
CA ASN I 103 15.81 15.19 -65.57
C ASN I 103 15.29 16.62 -65.42
N VAL I 104 15.32 17.42 -66.47
CA VAL I 104 14.94 18.83 -66.39
C VAL I 104 14.12 19.17 -67.63
N ASN I 105 12.83 19.47 -67.43
CA ASN I 105 12.01 20.10 -68.47
C ASN I 105 10.76 20.67 -67.81
N PRO I 106 10.16 21.72 -68.39
CA PRO I 106 9.01 22.35 -67.76
C PRO I 106 7.75 21.51 -67.88
N VAL I 107 6.76 21.91 -67.09
CA VAL I 107 5.47 21.25 -67.03
C VAL I 107 4.43 22.14 -67.71
N ALA I 108 3.34 21.51 -68.15
CA ALA I 108 2.28 22.22 -68.85
C ALA I 108 1.40 22.97 -67.87
N LEU I 109 1.18 24.29 -68.13
CA LEU I 109 0.25 25.14 -67.42
C LEU I 109 -1.15 25.00 -68.00
N PRO I 110 -2.18 25.18 -67.16
CA PRO I 110 -3.54 25.19 -67.70
C PRO I 110 -3.82 26.44 -68.51
N ARG I 111 -5.04 26.60 -69.01
CA ARG I 111 -5.42 27.76 -69.79
C ARG I 111 -6.37 28.64 -68.99
N ALA I 112 -6.44 29.91 -69.39
CA ALA I 112 -7.14 30.98 -68.68
C ALA I 112 -8.42 30.50 -68.00
N GLN I 113 -8.41 30.56 -66.66
CA GLN I 113 -9.41 29.99 -65.76
C GLN I 113 -10.07 28.72 -66.30
N GLU I 114 -9.28 27.68 -66.53
CA GLU I 114 -9.80 26.33 -66.56
C GLU I 114 -10.44 25.99 -65.22
N GLY I 115 -11.32 25.00 -65.23
CA GLY I 115 -11.88 24.47 -64.01
C GLY I 115 -11.09 23.28 -63.49
N LEU I 116 -11.61 22.66 -62.46
CA LEU I 116 -11.07 21.42 -61.92
C LEU I 116 -12.13 20.79 -61.03
N ARG I 117 -12.94 19.90 -61.59
CA ARG I 117 -14.16 19.50 -60.93
C ARG I 117 -13.87 18.65 -59.68
N PRO I 118 -14.62 18.84 -58.61
CA PRO I 118 -14.48 17.98 -57.43
C PRO I 118 -14.58 16.50 -57.79
N GLY I 119 -13.84 15.68 -57.06
CA GLY I 119 -13.68 14.27 -57.36
C GLY I 119 -12.43 13.95 -58.15
N THR I 120 -11.86 14.94 -58.84
CA THR I 120 -10.64 14.73 -59.61
C THR I 120 -9.49 14.35 -58.70
N LEU I 121 -8.84 13.23 -59.01
CA LEU I 121 -7.66 12.79 -58.29
C LEU I 121 -6.42 13.36 -58.97
N CYS I 122 -5.50 13.89 -58.16
CA CYS I 122 -4.32 14.58 -58.66
C CYS I 122 -3.09 14.07 -57.91
N THR I 123 -1.93 14.60 -58.27
CA THR I 123 -0.66 14.24 -57.64
C THR I 123 0.07 15.51 -57.22
N VAL I 124 0.74 15.44 -56.06
CA VAL I 124 1.46 16.58 -55.50
C VAL I 124 2.78 16.08 -54.93
N ALA I 125 3.85 16.85 -55.15
CA ALA I 125 5.20 16.40 -54.81
C ALA I 125 5.97 17.50 -54.12
N GLY I 126 7.11 17.12 -53.54
CA GLY I 126 7.96 18.06 -52.84
C GLY I 126 8.97 17.31 -51.99
N TRP I 127 9.68 18.09 -51.16
CA TRP I 127 10.68 17.56 -50.24
C TRP I 127 10.37 17.99 -48.81
N GLY I 128 9.09 17.97 -48.45
CA GLY I 128 8.70 18.40 -47.12
C GLY I 128 8.69 17.28 -46.10
N ARG I 129 8.50 17.67 -44.84
CA ARG I 129 8.41 16.70 -43.76
C ARG I 129 7.25 15.74 -44.01
N VAL I 130 7.44 14.48 -43.60
CA VAL I 130 6.45 13.44 -43.82
C VAL I 130 5.66 13.10 -42.57
N SER I 131 6.05 13.62 -41.42
CA SER I 131 5.29 13.52 -40.18
C SER I 131 5.71 14.68 -39.30
N MET I 132 5.03 14.81 -38.16
CA MET I 132 5.44 15.89 -37.26
C MET I 132 6.80 15.64 -36.60
N ARG I 133 7.51 14.57 -36.96
CA ARG I 133 8.79 14.23 -36.32
C ARG I 133 9.90 13.86 -37.30
N ARG I 134 9.59 13.32 -38.48
CA ARG I 134 10.60 12.87 -39.42
C ARG I 134 10.32 13.48 -40.80
N GLY I 135 11.39 13.78 -41.52
CA GLY I 135 11.26 14.35 -42.85
C GLY I 135 11.76 13.41 -43.93
N THR I 136 12.26 13.97 -45.04
CA THR I 136 12.77 13.13 -46.12
C THR I 136 13.88 13.87 -46.86
N ASP I 137 14.83 13.10 -47.37
CA ASP I 137 15.88 13.60 -48.24
C ASP I 137 15.55 13.43 -49.71
N THR I 138 14.59 12.58 -50.04
CA THR I 138 14.21 12.29 -51.41
C THR I 138 12.82 12.81 -51.72
N LEU I 139 12.59 13.13 -53.00
CA LEU I 139 11.30 13.60 -53.46
C LEU I 139 10.23 12.53 -53.21
N ARG I 140 9.07 12.98 -52.72
CA ARG I 140 7.95 12.10 -52.49
C ARG I 140 6.72 12.68 -53.17
N GLU I 141 5.67 11.86 -53.24
CA GLU I 141 4.44 12.29 -53.90
C GLU I 141 3.27 11.51 -53.32
N VAL I 142 2.07 12.05 -53.53
CA VAL I 142 0.83 11.47 -53.03
C VAL I 142 -0.31 11.92 -53.92
N GLN I 143 -1.44 11.23 -53.83
CA GLN I 143 -2.59 11.50 -54.67
C GLN I 143 -3.75 12.00 -53.83
N LEU I 144 -4.33 13.13 -54.22
CA LEU I 144 -5.33 13.83 -53.45
C LEU I 144 -6.59 14.05 -54.29
N ARG I 145 -7.73 14.16 -53.61
CA ARG I 145 -9.02 14.32 -54.27
C ARG I 145 -9.52 15.75 -54.07
N VAL I 146 -9.92 16.39 -55.16
CA VAL I 146 -10.41 17.76 -55.09
C VAL I 146 -11.78 17.78 -54.41
N GLN I 147 -12.01 18.80 -53.58
CA GLN I 147 -13.21 18.91 -52.78
C GLN I 147 -14.14 20.00 -53.32
N ARG I 148 -15.39 19.96 -52.87
CA ARG I 148 -16.29 21.08 -53.09
C ARG I 148 -15.84 22.26 -52.24
N ASP I 149 -16.15 23.47 -52.70
CA ASP I 149 -15.72 24.67 -51.99
C ASP I 149 -16.34 24.76 -50.60
N ARG I 150 -17.48 24.10 -50.39
CA ARG I 150 -18.15 24.15 -49.09
C ARG I 150 -17.26 23.63 -47.97
N GLN I 151 -16.35 22.70 -48.29
CA GLN I 151 -15.52 22.09 -47.25
C GLN I 151 -14.51 23.08 -46.69
N CYS I 152 -13.88 23.90 -47.54
CA CYS I 152 -12.86 24.83 -47.09
C CYS I 152 -13.43 26.16 -46.60
N LEU I 153 -14.56 26.60 -47.13
CA LEU I 153 -15.20 27.80 -46.59
C LEU I 153 -15.59 27.61 -45.13
N ARG I 154 -15.90 26.38 -44.73
CA ARG I 154 -16.24 26.08 -43.35
C ARG I 154 -15.03 26.27 -42.43
N ILE I 155 -13.88 25.75 -42.84
CA ILE I 155 -12.73 25.67 -41.96
C ILE I 155 -11.83 26.91 -42.03
N PHE I 156 -11.68 27.50 -43.22
CA PHE I 156 -10.72 28.57 -43.44
C PHE I 156 -11.43 29.90 -43.63
N GLY I 157 -11.02 30.90 -42.87
CA GLY I 157 -11.66 32.20 -42.85
C GLY I 157 -11.30 33.14 -43.98
N SER I 158 -10.41 32.73 -44.88
CA SER I 158 -10.02 33.57 -46.00
C SER I 158 -9.84 32.75 -47.27
N TYR I 159 -10.76 31.82 -47.52
CA TYR I 159 -10.74 31.00 -48.73
C TYR I 159 -11.56 31.70 -49.82
N ASP I 160 -10.92 31.97 -50.95
CA ASP I 160 -11.55 32.63 -52.10
C ASP I 160 -11.61 31.64 -53.26
N PRO I 161 -12.74 30.97 -53.48
CA PRO I 161 -12.79 29.93 -54.52
C PRO I 161 -12.55 30.44 -55.93
N ARG I 162 -12.57 31.76 -56.14
CA ARG I 162 -12.20 32.31 -57.44
C ARG I 162 -10.77 31.92 -57.81
N ARG I 163 -9.87 31.91 -56.82
CA ARG I 163 -8.45 31.81 -57.09
C ARG I 163 -7.75 30.75 -56.23
N GLN I 164 -8.50 29.86 -55.59
CA GLN I 164 -7.92 28.84 -54.74
C GLN I 164 -8.69 27.54 -54.90
N ILE I 165 -7.98 26.42 -54.70
CA ILE I 165 -8.55 25.08 -54.83
C ILE I 165 -8.57 24.44 -53.46
N CYS I 166 -9.64 23.69 -53.18
CA CYS I 166 -9.81 22.95 -51.94
C CYS I 166 -9.55 21.48 -52.21
N VAL I 167 -8.43 20.95 -51.73
CA VAL I 167 -7.99 19.60 -52.03
C VAL I 167 -7.83 18.82 -50.72
N GLY I 168 -7.90 17.50 -50.85
CA GLY I 168 -7.68 16.62 -49.71
C GLY I 168 -8.93 15.98 -49.16
N ASP I 169 -8.99 14.64 -49.24
CA ASP I 169 -10.08 13.91 -48.60
C ASP I 169 -9.90 13.98 -47.09
N ARG I 170 -10.93 14.46 -46.40
CA ARG I 170 -10.86 14.65 -44.96
C ARG I 170 -10.52 13.37 -44.21
N ARG I 171 -10.78 12.21 -44.80
CA ARG I 171 -10.76 10.96 -44.07
C ARG I 171 -9.47 10.15 -44.25
N GLU I 172 -8.63 10.50 -45.22
CA GLU I 172 -7.34 9.85 -45.41
C GLU I 172 -6.22 10.75 -44.92
N ARG I 173 -5.08 10.11 -44.60
CA ARG I 173 -3.92 10.83 -44.09
C ARG I 173 -2.97 11.19 -45.24
N LYS I 174 -3.49 11.97 -46.17
CA LYS I 174 -2.72 12.39 -47.34
C LYS I 174 -2.85 13.90 -47.50
N ALA I 175 -1.72 14.57 -47.58
CA ALA I 175 -1.67 16.02 -47.69
C ALA I 175 -0.22 16.45 -47.95
N ALA I 176 -0.08 17.64 -48.53
CA ALA I 176 1.22 18.30 -48.61
C ALA I 176 1.49 19.02 -47.29
N PHE I 177 2.77 19.16 -46.96
CA PHE I 177 3.12 19.66 -45.64
C PHE I 177 4.35 20.57 -45.75
N LYS I 178 4.95 20.86 -44.58
CA LYS I 178 6.01 21.84 -44.42
C LYS I 178 7.20 21.60 -45.33
N GLY I 179 7.34 22.43 -46.36
CA GLY I 179 8.38 22.28 -47.36
C GLY I 179 7.85 21.95 -48.75
N ASP I 180 6.66 21.35 -48.84
CA ASP I 180 6.03 21.14 -50.14
C ASP I 180 5.49 22.42 -50.73
N SER I 181 5.38 23.48 -49.92
CA SER I 181 4.91 24.80 -50.33
C SER I 181 5.53 25.22 -51.66
N GLY I 182 4.71 25.76 -52.56
CA GLY I 182 5.17 26.13 -53.88
C GLY I 182 5.22 24.98 -54.88
N GLY I 183 5.03 23.74 -54.44
CA GLY I 183 5.03 22.61 -55.33
C GLY I 183 3.79 22.58 -56.21
N PRO I 184 3.84 21.79 -57.28
CA PRO I 184 2.71 21.71 -58.21
C PRO I 184 1.73 20.61 -57.90
N LEU I 185 0.47 20.87 -58.24
CA LEU I 185 -0.58 19.87 -58.23
C LEU I 185 -0.86 19.45 -59.68
N LEU I 186 -0.72 18.16 -59.96
CA LEU I 186 -0.80 17.65 -61.32
C LEU I 186 -2.05 16.79 -61.47
N CYS I 187 -2.93 17.19 -62.39
CA CYS I 187 -4.16 16.47 -62.69
C CYS I 187 -4.20 16.26 -64.20
N ASN I 188 -3.86 15.06 -64.65
CA ASN I 188 -3.67 14.76 -66.07
C ASN I 188 -2.56 15.62 -66.68
N ASN I 189 -1.47 15.77 -65.91
CA ASN I 189 -0.22 16.38 -66.38
C ASN I 189 -0.39 17.85 -66.73
N VAL I 190 -1.10 18.59 -65.88
CA VAL I 190 -1.15 20.05 -65.95
C VAL I 190 -1.08 20.58 -64.53
N ALA I 191 -0.18 21.54 -64.31
CA ALA I 191 0.07 22.11 -62.99
C ALA I 191 -1.05 23.09 -62.65
N HIS I 192 -2.12 22.55 -62.07
CA HIS I 192 -3.30 23.36 -61.76
C HIS I 192 -3.19 24.05 -60.40
N GLY I 193 -2.41 23.50 -59.48
CA GLY I 193 -2.35 24.00 -58.13
C GLY I 193 -0.94 24.31 -57.70
N ILE I 194 -0.81 25.31 -56.82
CA ILE I 194 0.41 25.59 -56.10
C ILE I 194 0.13 25.34 -54.63
N VAL I 195 0.95 24.52 -53.99
CA VAL I 195 0.78 24.25 -52.56
C VAL I 195 0.88 25.56 -51.80
N SER I 196 -0.08 25.79 -50.90
CA SER I 196 -0.14 27.06 -50.20
C SER I 196 -0.16 26.89 -48.68
N TYR I 197 -1.30 26.49 -48.12
CA TYR I 197 -1.39 26.41 -46.67
C TYR I 197 -2.47 25.39 -46.29
N GLY I 198 -2.67 25.27 -44.98
CA GLY I 198 -3.67 24.37 -44.45
C GLY I 198 -3.66 24.47 -42.94
N LYS I 199 -4.27 23.49 -42.28
CA LYS I 199 -4.20 23.45 -40.82
C LYS I 199 -2.78 23.06 -40.40
N SER I 200 -2.36 23.58 -39.25
CA SER I 200 -1.05 23.23 -38.71
C SER I 200 -1.00 21.78 -38.24
N SER I 201 -2.15 21.14 -38.06
CA SER I 201 -2.20 19.73 -37.71
C SER I 201 -1.87 18.81 -38.89
N GLY I 202 -1.83 19.34 -40.11
CA GLY I 202 -1.65 18.50 -41.27
C GLY I 202 -2.84 17.73 -41.72
N VAL I 203 -3.97 17.86 -41.02
CA VAL I 203 -5.17 17.13 -41.43
C VAL I 203 -5.82 17.86 -42.61
N PRO I 204 -6.14 17.19 -43.71
CA PRO I 204 -6.84 17.85 -44.81
C PRO I 204 -8.24 18.26 -44.39
N PRO I 205 -8.93 19.09 -45.18
CA PRO I 205 -8.53 19.67 -46.48
C PRO I 205 -7.55 20.83 -46.34
N GLU I 206 -6.93 21.21 -47.45
CA GLU I 206 -5.93 22.27 -47.51
C GLU I 206 -6.23 23.16 -48.70
N VAL I 207 -5.43 24.21 -48.86
CA VAL I 207 -5.68 25.25 -49.84
C VAL I 207 -4.52 25.30 -50.83
N PHE I 208 -4.85 25.29 -52.12
CA PHE I 208 -3.89 25.46 -53.21
C PHE I 208 -4.25 26.72 -53.97
N THR I 209 -3.24 27.42 -54.48
CA THR I 209 -3.48 28.54 -55.37
C THR I 209 -3.91 28.02 -56.74
N ARG I 210 -5.06 28.47 -57.21
CA ARG I 210 -5.58 28.02 -58.50
C ARG I 210 -4.79 28.72 -59.60
N VAL I 211 -3.98 27.96 -60.33
CA VAL I 211 -3.05 28.57 -61.29
C VAL I 211 -3.79 29.21 -62.44
N SER I 212 -4.86 28.56 -62.92
CA SER I 212 -5.60 29.06 -64.07
C SER I 212 -6.16 30.46 -63.83
N SER I 213 -6.48 30.78 -62.58
CA SER I 213 -7.02 32.09 -62.23
C SER I 213 -5.94 33.17 -62.12
N PHE I 214 -4.73 32.91 -62.60
CA PHE I 214 -3.66 33.91 -62.62
C PHE I 214 -2.91 33.94 -63.94
N LEU I 215 -3.41 33.26 -64.97
CA LEU I 215 -2.63 32.99 -66.17
C LEU I 215 -2.26 34.24 -66.97
N PRO I 216 -3.15 35.22 -67.17
CA PRO I 216 -2.72 36.43 -67.90
C PRO I 216 -1.59 37.17 -67.20
N TRP I 217 -1.54 37.13 -65.86
CA TRP I 217 -0.42 37.74 -65.15
C TRP I 217 0.87 36.97 -65.37
N ILE I 218 0.79 35.62 -65.33
CA ILE I 218 1.97 34.80 -65.57
C ILE I 218 2.63 35.16 -66.90
N ARG I 219 1.84 35.21 -67.96
CA ARG I 219 2.39 35.45 -69.29
C ARG I 219 2.89 36.87 -69.44
N THR I 220 2.19 37.84 -68.85
CA THR I 220 2.65 39.23 -68.90
C THR I 220 4.01 39.39 -68.22
N THR I 221 4.22 38.67 -67.11
CA THR I 221 5.48 38.79 -66.38
C THR I 221 6.65 38.18 -67.14
N MET I 222 6.42 37.07 -67.85
CA MET I 222 7.48 36.39 -68.58
C MET I 222 7.91 37.12 -69.85
N ARG I 223 7.39 38.32 -70.07
CA ARG I 223 7.93 39.24 -71.08
C ARG I 223 8.31 40.55 -70.40
N ILE J 1 -0.58 68.37 -28.25
CA ILE J 1 0.70 67.99 -28.84
C ILE J 1 1.82 68.11 -27.80
N VAL J 2 2.50 66.99 -27.56
CA VAL J 2 3.55 66.91 -26.55
C VAL J 2 4.88 67.27 -27.20
N GLY J 3 5.51 68.32 -26.69
CA GLY J 3 6.80 68.74 -27.20
C GLY J 3 6.77 69.64 -28.40
N GLY J 4 5.66 70.34 -28.63
CA GLY J 4 5.51 71.21 -29.78
C GLY J 4 5.51 72.68 -29.41
N ARG J 5 5.28 73.50 -30.42
CA ARG J 5 5.29 74.95 -30.30
C ARG J 5 3.94 75.52 -30.73
N ARG J 6 3.75 76.80 -30.46
CA ARG J 6 2.56 77.48 -30.93
C ARG J 6 2.62 77.69 -32.43
N ALA J 7 1.58 77.25 -33.13
CA ALA J 7 1.44 77.57 -34.54
C ALA J 7 1.14 79.05 -34.68
N ARG J 8 1.78 79.69 -35.66
CA ARG J 8 1.47 81.09 -35.94
C ARG J 8 -0.03 81.22 -36.22
N PRO J 9 -0.69 82.28 -35.73
CA PRO J 9 -2.16 82.32 -35.79
C PRO J 9 -2.71 82.12 -37.20
N HIS J 10 -3.61 81.14 -37.31
CA HIS J 10 -4.28 80.83 -38.58
C HIS J 10 -3.29 80.44 -39.68
N ALA J 11 -2.11 79.96 -39.29
CA ALA J 11 -1.20 79.38 -40.27
C ALA J 11 -1.77 78.11 -40.88
N TRP J 12 -2.72 77.48 -40.20
CA TRP J 12 -3.36 76.25 -40.68
C TRP J 12 -4.86 76.50 -40.67
N PRO J 13 -5.40 77.12 -41.73
CA PRO J 13 -6.83 77.46 -41.74
C PRO J 13 -7.76 76.28 -41.97
N PHE J 14 -7.24 75.18 -42.52
CA PHE J 14 -8.00 73.95 -42.68
C PHE J 14 -8.21 73.19 -41.37
N MET J 15 -7.62 73.69 -40.29
CA MET J 15 -7.70 73.03 -39.00
C MET J 15 -9.08 73.21 -38.38
N VAL J 16 -9.56 72.17 -37.72
CA VAL J 16 -10.91 72.12 -37.19
C VAL J 16 -10.85 71.70 -35.72
N SER J 17 -11.65 72.37 -34.89
CA SER J 17 -11.84 72.01 -33.49
C SER J 17 -13.24 71.45 -33.32
N LEU J 18 -13.34 70.16 -32.99
CA LEU J 18 -14.59 69.55 -32.60
C LEU J 18 -14.77 69.73 -31.10
N GLN J 19 -15.92 70.24 -30.69
CA GLN J 19 -16.13 70.62 -29.30
C GLN J 19 -17.45 70.07 -28.78
N LEU J 20 -17.44 69.65 -27.51
CA LEU J 20 -18.57 69.02 -26.85
C LEU J 20 -18.95 69.88 -25.65
N ARG J 21 -20.05 70.62 -25.77
CA ARG J 21 -20.52 71.53 -24.71
C ARG J 21 -19.43 72.52 -24.33
N GLY J 22 -18.80 73.10 -25.36
CA GLY J 22 -17.78 74.11 -25.17
C GLY J 22 -16.40 73.59 -24.89
N GLY J 23 -16.20 72.28 -24.90
CA GLY J 23 -14.91 71.68 -24.61
C GLY J 23 -14.35 70.89 -25.77
N HIS J 24 -13.14 71.24 -26.22
CA HIS J 24 -12.52 70.54 -27.34
C HIS J 24 -12.24 69.09 -26.96
N PHE J 25 -12.47 68.19 -27.92
CA PHE J 25 -12.21 66.77 -27.70
C PHE J 25 -11.62 66.05 -28.91
N CYS J 26 -11.81 66.52 -30.13
CA CYS J 26 -11.14 65.95 -31.29
C CYS J 26 -10.83 67.08 -32.28
N GLY J 27 -9.79 66.85 -33.09
CA GLY J 27 -9.56 67.71 -34.23
C GLY J 27 -10.19 67.15 -35.48
N ALA J 28 -10.21 67.96 -36.53
CA ALA J 28 -10.70 67.53 -37.82
C ALA J 28 -10.01 68.37 -38.89
N THR J 29 -10.28 68.03 -40.15
CA THR J 29 -9.69 68.73 -41.28
C THR J 29 -10.81 69.26 -42.17
N LEU J 30 -10.67 70.51 -42.60
CA LEU J 30 -11.63 71.10 -43.52
C LEU J 30 -11.26 70.68 -44.93
N ILE J 31 -12.11 69.85 -45.54
CA ILE J 31 -11.84 69.27 -46.85
C ILE J 31 -12.83 69.74 -47.91
N ALA J 32 -13.78 70.61 -47.55
CA ALA J 32 -14.79 71.15 -48.45
C ALA J 32 -15.53 72.27 -47.73
N PRO J 33 -16.31 73.09 -48.44
CA PRO J 33 -17.11 74.10 -47.73
C PRO J 33 -18.05 73.52 -46.68
N ASN J 34 -18.54 72.29 -46.87
CA ASN J 34 -19.53 71.71 -45.97
C ASN J 34 -19.15 70.29 -45.53
N PHE J 35 -17.85 69.99 -45.46
CA PHE J 35 -17.41 68.66 -45.06
C PHE J 35 -16.11 68.77 -44.26
N VAL J 36 -16.04 68.01 -43.18
CA VAL J 36 -14.83 67.89 -42.39
C VAL J 36 -14.43 66.43 -42.32
N MET J 37 -13.12 66.18 -42.28
CA MET J 37 -12.56 64.84 -42.26
C MET J 37 -11.92 64.59 -40.90
N SER J 38 -12.30 63.49 -40.26
CA SER J 38 -11.91 63.24 -38.88
C SER J 38 -11.76 61.73 -38.66
N ALA J 39 -11.37 61.38 -37.44
CA ALA J 39 -11.19 59.98 -37.06
C ALA J 39 -12.53 59.35 -36.71
N ALA J 40 -12.76 58.13 -37.19
CA ALA J 40 -14.07 57.51 -37.08
C ALA J 40 -14.48 57.31 -35.62
N HIS J 41 -13.52 57.03 -34.74
CA HIS J 41 -13.83 56.74 -33.36
C HIS J 41 -14.25 57.98 -32.56
N CYS J 42 -13.91 59.18 -33.05
CA CYS J 42 -14.40 60.39 -32.41
C CYS J 42 -15.92 60.42 -32.38
N VAL J 43 -16.54 60.13 -33.54
CA VAL J 43 -17.99 60.20 -33.64
C VAL J 43 -18.68 58.87 -33.39
N ALA J 44 -17.93 57.76 -33.40
CA ALA J 44 -18.54 56.44 -33.28
C ALA J 44 -19.24 56.22 -31.94
N ASN J 45 -19.00 57.08 -30.95
CA ASN J 45 -19.67 56.98 -29.66
C ASN J 45 -20.22 58.31 -29.18
N VAL J 46 -20.19 59.35 -30.00
CA VAL J 46 -20.37 60.71 -29.52
C VAL J 46 -21.83 61.13 -29.61
N ASN J 47 -22.16 62.19 -28.87
CA ASN J 47 -23.46 62.84 -28.92
C ASN J 47 -23.44 63.82 -30.10
N VAL J 48 -23.90 63.35 -31.26
CA VAL J 48 -23.82 64.14 -32.47
C VAL J 48 -24.53 65.47 -32.33
N ARG J 49 -25.61 65.51 -31.53
CA ARG J 49 -26.43 66.70 -31.41
C ARG J 49 -25.77 67.79 -30.57
N ALA J 50 -24.85 67.42 -29.67
CA ALA J 50 -24.09 68.39 -28.89
C ALA J 50 -22.72 68.68 -29.47
N VAL J 51 -22.27 67.91 -30.46
CA VAL J 51 -21.00 68.16 -31.11
C VAL J 51 -21.09 69.44 -31.93
N ARG J 52 -20.07 70.30 -31.83
CA ARG J 52 -20.07 71.51 -32.62
C ARG J 52 -18.69 71.78 -33.21
N VAL J 53 -18.69 72.03 -34.52
CA VAL J 53 -17.49 72.06 -35.34
C VAL J 53 -17.03 73.52 -35.44
N VAL J 54 -15.79 73.78 -35.02
CA VAL J 54 -15.27 75.14 -34.94
C VAL J 54 -14.18 75.29 -35.99
N LEU J 55 -14.45 76.11 -37.00
CA LEU J 55 -13.50 76.42 -38.06
C LEU J 55 -12.84 77.76 -37.78
N GLY J 56 -11.58 77.88 -38.20
CA GLY J 56 -10.87 79.14 -38.09
C GLY J 56 -10.62 79.64 -36.68
N ALA J 57 -10.25 78.75 -35.76
CA ALA J 57 -9.86 79.13 -34.42
C ALA J 57 -8.34 79.09 -34.28
N HIS J 58 -7.85 79.66 -33.18
CA HIS J 58 -6.43 79.59 -32.88
C HIS J 58 -6.21 79.47 -31.38
N ASN J 59 -6.82 80.35 -30.61
CA ASN J 59 -6.82 80.28 -29.16
C ASN J 59 -8.24 79.91 -28.72
N LEU J 60 -8.42 78.66 -28.28
CA LEU J 60 -9.74 78.15 -27.94
C LEU J 60 -10.29 78.77 -26.67
N SER J 61 -9.44 79.35 -25.84
CA SER J 61 -9.92 79.98 -24.61
C SER J 61 -10.43 81.40 -24.86
N ARG J 62 -9.86 82.10 -25.84
CA ARG J 62 -10.30 83.45 -26.14
C ARG J 62 -11.63 83.47 -26.89
N ARG J 63 -12.37 84.55 -26.71
CA ARG J 63 -13.42 84.91 -27.66
C ARG J 63 -12.78 85.24 -28.99
N GLU J 64 -13.05 84.46 -30.02
CA GLU J 64 -12.51 84.74 -31.34
C GLU J 64 -13.63 85.09 -32.30
N PRO J 65 -13.52 86.20 -33.03
CA PRO J 65 -14.54 86.53 -34.02
C PRO J 65 -14.31 85.91 -35.38
N THR J 66 -13.12 85.36 -35.61
CA THR J 66 -12.80 84.74 -36.90
C THR J 66 -13.39 83.34 -37.03
N ARG J 67 -13.83 82.73 -35.94
CA ARG J 67 -14.36 81.38 -36.01
C ARG J 67 -15.71 81.33 -36.70
N GLN J 68 -16.00 80.18 -37.30
CA GLN J 68 -17.33 79.81 -37.74
C GLN J 68 -17.67 78.45 -37.13
N VAL J 69 -18.91 78.27 -36.73
CA VAL J 69 -19.34 77.09 -35.98
C VAL J 69 -20.51 76.44 -36.70
N PHE J 70 -20.44 75.12 -36.85
CA PHE J 70 -21.50 74.32 -37.45
C PHE J 70 -21.81 73.12 -36.57
N ALA J 71 -22.95 72.49 -36.84
CA ALA J 71 -23.34 71.23 -36.25
C ALA J 71 -23.19 70.11 -37.28
N VAL J 72 -23.32 68.87 -36.82
CA VAL J 72 -23.12 67.69 -37.65
C VAL J 72 -24.47 67.22 -38.20
N GLN J 73 -24.54 67.02 -39.52
CA GLN J 73 -25.75 66.59 -40.19
C GLN J 73 -25.73 65.14 -40.65
N ARG J 74 -24.63 64.69 -41.24
CA ARG J 74 -24.48 63.29 -41.63
C ARG J 74 -23.10 62.78 -41.27
N ILE J 75 -23.02 61.49 -41.02
CA ILE J 75 -21.78 60.79 -40.73
C ILE J 75 -21.52 59.80 -41.85
N PHE J 76 -20.27 59.74 -42.32
CA PHE J 76 -19.88 58.88 -43.42
C PHE J 76 -18.71 58.00 -42.97
N GLU J 77 -19.01 56.77 -42.56
CA GLU J 77 -17.98 55.79 -42.25
C GLU J 77 -17.49 55.11 -43.52
N ASN J 78 -16.44 54.32 -43.37
CA ASN J 78 -15.86 53.54 -44.47
C ASN J 78 -15.39 52.19 -43.95
N GLY J 79 -16.27 51.51 -43.21
CA GLY J 79 -15.92 50.22 -42.63
C GLY J 79 -14.95 50.32 -41.48
N TYR J 80 -15.15 51.29 -40.60
CA TYR J 80 -14.27 51.43 -39.44
C TYR J 80 -14.33 50.17 -38.58
N ASP J 81 -13.15 49.67 -38.20
CA ASP J 81 -13.01 48.51 -37.33
C ASP J 81 -12.47 48.98 -35.99
N PRO J 82 -13.31 49.10 -34.95
CA PRO J 82 -12.82 49.57 -33.66
C PRO J 82 -11.98 48.56 -32.90
N VAL J 83 -11.98 47.29 -33.31
CA VAL J 83 -11.19 46.27 -32.62
C VAL J 83 -9.73 46.30 -33.08
N ASN J 84 -9.51 46.43 -34.38
CA ASN J 84 -8.17 46.50 -34.94
C ASN J 84 -7.75 47.90 -35.37
N LEU J 85 -8.58 48.90 -35.12
CA LEU J 85 -8.32 50.29 -35.49
C LEU J 85 -7.90 50.41 -36.95
N LEU J 86 -8.76 49.88 -37.81
CA LEU J 86 -8.57 49.90 -39.26
C LEU J 86 -9.61 50.79 -39.91
N ASN J 87 -9.22 51.43 -41.02
CA ASN J 87 -10.09 52.36 -41.74
C ASN J 87 -10.70 53.38 -40.78
N ASP J 88 -9.82 53.98 -39.98
CA ASP J 88 -10.21 54.92 -38.93
C ASP J 88 -10.37 56.34 -39.49
N ILE J 89 -11.34 56.47 -40.40
CA ILE J 89 -11.58 57.73 -41.08
C ILE J 89 -13.09 57.94 -41.19
N VAL J 90 -13.54 59.18 -41.01
CA VAL J 90 -14.95 59.54 -41.08
C VAL J 90 -15.06 60.93 -41.68
N ILE J 91 -16.05 61.11 -42.55
CA ILE J 91 -16.41 62.42 -43.09
C ILE J 91 -17.69 62.87 -42.44
N LEU J 92 -17.70 64.09 -41.91
CA LEU J 92 -18.86 64.66 -41.24
C LEU J 92 -19.42 65.77 -42.11
N GLN J 93 -20.65 65.59 -42.59
CA GLN J 93 -21.33 66.66 -43.30
C GLN J 93 -21.84 67.69 -42.30
N LEU J 94 -21.73 68.96 -42.66
CA LEU J 94 -22.14 70.05 -41.79
C LEU J 94 -23.57 70.48 -42.10
N ASN J 95 -24.20 71.15 -41.13
CA ASN J 95 -25.54 71.69 -41.29
C ASN J 95 -25.57 72.95 -42.15
N GLY J 96 -24.42 73.33 -42.71
CA GLY J 96 -24.33 74.47 -43.59
C GLY J 96 -23.04 74.41 -44.37
N SER J 97 -22.65 75.55 -44.94
CA SER J 97 -21.40 75.67 -45.68
C SER J 97 -20.61 76.87 -45.15
N ALA J 98 -19.30 76.70 -45.06
CA ALA J 98 -18.44 77.72 -44.47
C ALA J 98 -18.11 78.81 -45.48
N THR J 99 -17.89 80.02 -44.97
CA THR J 99 -17.47 81.15 -45.80
C THR J 99 -15.95 81.08 -45.93
N ILE J 100 -15.48 80.84 -47.15
CA ILE J 100 -14.05 80.67 -47.38
C ILE J 100 -13.36 82.03 -47.35
N ASN J 101 -12.27 82.13 -46.59
CA ASN J 101 -11.49 83.36 -46.51
C ASN J 101 -10.10 83.03 -45.99
N ALA J 102 -9.41 84.03 -45.44
CA ALA J 102 -8.02 83.83 -45.06
C ALA J 102 -7.89 82.88 -43.87
N ASN J 103 -8.93 82.79 -43.03
CA ASN J 103 -8.87 81.99 -41.82
C ASN J 103 -9.51 80.61 -41.96
N VAL J 104 -10.28 80.37 -43.02
CA VAL J 104 -10.99 79.11 -43.21
C VAL J 104 -10.86 78.68 -44.66
N GLN J 105 -10.03 77.65 -44.90
CA GLN J 105 -9.75 77.20 -46.26
C GLN J 105 -9.79 75.68 -46.33
N VAL J 106 -10.09 75.18 -47.52
CA VAL J 106 -10.10 73.75 -47.77
C VAL J 106 -8.68 73.21 -47.82
N ALA J 107 -8.51 71.98 -47.35
CA ALA J 107 -7.20 71.32 -47.35
C ALA J 107 -6.96 70.61 -48.66
N GLN J 108 -5.68 70.37 -48.96
CA GLN J 108 -5.25 69.65 -50.15
C GLN J 108 -4.85 68.24 -49.77
N LEU J 109 -5.47 67.25 -50.41
CA LEU J 109 -5.25 65.84 -50.14
C LEU J 109 -4.43 65.22 -51.26
N PRO J 110 -3.67 64.14 -50.97
CA PRO J 110 -2.83 63.55 -52.02
C PRO J 110 -3.62 62.76 -53.02
N ALA J 111 -3.00 62.24 -54.08
CA ALA J 111 -3.69 61.33 -54.97
C ALA J 111 -3.81 59.96 -54.30
N GLN J 112 -4.85 59.23 -54.70
CA GLN J 112 -5.10 57.90 -54.17
C GLN J 112 -3.85 57.03 -54.28
N GLY J 113 -3.56 56.28 -53.22
CA GLY J 113 -2.47 55.32 -53.21
C GLY J 113 -1.10 55.89 -52.96
N ARG J 114 -0.93 57.21 -52.98
CA ARG J 114 0.39 57.81 -52.80
C ARG J 114 0.96 57.46 -51.42
N ARG J 115 1.86 56.49 -51.40
CA ARG J 115 2.51 56.06 -50.18
C ARG J 115 3.70 56.94 -49.87
N LEU J 116 3.97 57.12 -48.58
CA LEU J 116 5.11 57.89 -48.10
C LEU J 116 6.24 56.97 -47.72
N GLY J 117 7.46 57.33 -48.14
CA GLY J 117 8.62 56.53 -47.83
C GLY J 117 9.15 56.76 -46.43
N ASN J 118 10.12 55.94 -46.05
CA ASN J 118 10.76 56.08 -44.76
C ASN J 118 11.52 57.41 -44.71
N GLY J 119 11.26 58.18 -43.65
CA GLY J 119 12.03 59.37 -43.38
C GLY J 119 11.47 60.67 -43.90
N VAL J 120 10.27 60.66 -44.47
CA VAL J 120 9.67 61.89 -44.96
C VAL J 120 9.36 62.81 -43.79
N GLN J 121 9.69 64.10 -43.95
CA GLN J 121 9.48 65.09 -42.91
C GLN J 121 8.04 65.61 -43.00
N CYS J 122 7.31 65.50 -41.89
CA CYS J 122 5.90 65.87 -41.82
C CYS J 122 5.70 66.83 -40.66
N LEU J 123 4.46 67.27 -40.49
CA LEU J 123 4.09 68.24 -39.46
C LEU J 123 2.73 67.86 -38.89
N ALA J 124 2.70 67.45 -37.64
CA ALA J 124 1.48 67.15 -36.91
C ALA J 124 1.01 68.37 -36.13
N MET J 125 -0.25 68.35 -35.73
CA MET J 125 -0.85 69.52 -35.10
C MET J 125 -2.12 69.08 -34.37
N GLY J 126 -2.66 70.00 -33.58
CA GLY J 126 -3.88 69.75 -32.84
C GLY J 126 -3.89 70.56 -31.55
N TRP J 127 -5.05 70.56 -30.91
CA TRP J 127 -5.23 71.19 -29.60
C TRP J 127 -5.15 70.20 -28.45
N GLY J 128 -4.40 69.12 -28.62
CA GLY J 128 -4.36 68.06 -27.63
C GLY J 128 -3.60 68.46 -26.38
N LEU J 129 -3.28 67.44 -25.58
CA LEU J 129 -2.54 67.66 -24.35
C LEU J 129 -1.15 68.20 -24.65
N LEU J 130 -0.76 69.25 -23.94
CA LEU J 130 0.58 69.80 -24.09
C LEU J 130 1.62 68.87 -23.51
N GLY J 131 1.21 67.99 -22.61
CA GLY J 131 2.01 66.88 -22.15
C GLY J 131 1.11 65.96 -21.37
N ARG J 132 1.54 64.69 -21.25
CA ARG J 132 0.89 63.81 -20.30
C ARG J 132 0.95 64.47 -18.93
N ASN J 133 -0.24 64.71 -18.34
CA ASN J 133 -0.39 65.35 -17.03
C ASN J 133 -0.25 66.88 -17.12
N ARG J 134 -0.41 67.47 -18.29
CA ARG J 134 -0.16 68.90 -18.44
C ARG J 134 -1.35 69.74 -18.89
N GLY J 135 -2.38 69.14 -19.48
CA GLY J 135 -3.61 69.87 -19.73
C GLY J 135 -3.80 70.18 -21.21
N ILE J 136 -5.04 70.55 -21.56
CA ILE J 136 -5.39 70.85 -22.94
C ILE J 136 -4.84 72.22 -23.34
N ALA J 137 -4.44 72.33 -24.61
CA ALA J 137 -3.92 73.59 -25.11
C ALA J 137 -5.04 74.62 -25.31
N SER J 138 -4.69 75.88 -25.11
CA SER J 138 -5.53 76.96 -25.60
C SER J 138 -5.11 77.41 -26.99
N VAL J 139 -3.80 77.50 -27.23
CA VAL J 139 -3.25 77.87 -28.53
C VAL J 139 -2.95 76.59 -29.31
N LEU J 140 -3.24 76.61 -30.60
CA LEU J 140 -2.94 75.47 -31.45
C LEU J 140 -1.44 75.19 -31.45
N GLN J 141 -1.10 73.91 -31.43
CA GLN J 141 0.29 73.46 -31.42
C GLN J 141 0.64 72.76 -32.72
N GLU J 142 1.93 72.76 -33.05
CA GLU J 142 2.46 72.05 -34.21
C GLU J 142 3.75 71.34 -33.79
N LEU J 143 4.23 70.47 -34.67
CA LEU J 143 5.36 69.61 -34.31
C LEU J 143 6.02 68.95 -35.52
N ASN J 144 7.29 69.27 -35.77
CA ASN J 144 8.05 68.62 -36.83
C ASN J 144 8.31 67.15 -36.47
N VAL J 145 7.79 66.25 -37.29
CA VAL J 145 7.95 64.82 -37.04
C VAL J 145 8.61 64.16 -38.24
N THR J 146 8.76 62.84 -38.20
CA THR J 146 9.45 62.09 -39.24
C THR J 146 8.75 60.74 -39.41
N VAL J 147 8.51 60.36 -40.67
CA VAL J 147 7.80 59.13 -41.00
C VAL J 147 8.72 57.93 -40.78
N VAL J 148 8.17 56.86 -40.22
CA VAL J 148 8.89 55.61 -40.02
C VAL J 148 8.07 54.45 -40.54
N THR J 149 8.75 53.36 -40.86
CA THR J 149 8.11 52.11 -41.22
C THR J 149 8.36 51.00 -40.21
N SER J 150 9.26 51.21 -39.25
CA SER J 150 9.56 50.20 -38.24
C SER J 150 8.51 50.20 -37.13
N LEU J 151 8.22 49.02 -36.60
CA LEU J 151 7.18 48.83 -35.59
C LEU J 151 5.82 49.35 -36.06
N CYS J 152 5.59 49.34 -37.36
CA CYS J 152 4.35 49.83 -37.93
C CYS J 152 3.86 48.86 -39.00
N ARG J 153 2.56 48.93 -39.28
CA ARG J 153 1.93 48.11 -40.30
C ARG J 153 1.54 48.98 -41.49
N ARG J 154 1.21 48.33 -42.61
CA ARG J 154 0.86 49.06 -43.82
C ARG J 154 -0.47 49.77 -43.70
N SER J 155 -1.32 49.37 -42.74
CA SER J 155 -2.64 49.95 -42.60
C SER J 155 -2.65 51.30 -41.90
N ASN J 156 -1.52 51.76 -41.37
CA ASN J 156 -1.45 53.04 -40.68
C ASN J 156 -0.22 53.80 -41.17
N VAL J 157 -0.24 55.11 -40.93
CA VAL J 157 0.90 55.99 -41.18
C VAL J 157 1.53 56.33 -39.83
N CYS J 158 2.78 55.94 -39.64
CA CYS J 158 3.45 56.06 -38.35
C CYS J 158 4.52 57.15 -38.41
N THR J 159 4.50 58.04 -37.43
CA THR J 159 5.48 59.11 -37.29
C THR J 159 6.21 58.97 -35.96
N LEU J 160 7.35 59.63 -35.86
CA LEU J 160 8.19 59.51 -34.67
C LEU J 160 9.14 60.69 -34.58
N VAL J 161 9.15 61.36 -33.44
CA VAL J 161 10.14 62.39 -33.16
C VAL J 161 11.38 61.71 -32.57
N ARG J 162 12.50 61.81 -33.29
CA ARG J 162 13.70 61.07 -32.93
C ARG J 162 14.50 61.83 -31.88
N GLY J 163 14.84 61.15 -30.79
CA GLY J 163 15.74 61.67 -29.77
C GLY J 163 15.05 62.35 -28.60
N ARG J 164 13.84 62.85 -28.77
CA ARG J 164 13.14 63.63 -27.76
C ARG J 164 11.80 62.97 -27.44
N GLN J 165 11.28 63.29 -26.25
CA GLN J 165 9.95 62.85 -25.86
C GLN J 165 8.93 63.80 -26.47
N ALA J 166 8.47 63.47 -27.67
CA ALA J 166 7.52 64.31 -28.38
C ALA J 166 6.61 63.44 -29.24
N GLY J 167 5.34 63.83 -29.32
CA GLY J 167 4.38 63.08 -30.10
C GLY J 167 2.99 63.59 -29.81
N VAL J 168 2.02 62.94 -30.46
CA VAL J 168 0.62 63.30 -30.26
C VAL J 168 0.18 62.87 -28.86
N CYS J 169 -0.92 63.45 -28.42
CA CYS J 169 -1.54 63.08 -27.15
C CYS J 169 -3.05 63.17 -27.31
N PHE J 170 -3.76 63.03 -26.20
CA PHE J 170 -5.21 62.90 -26.23
C PHE J 170 -5.86 64.24 -26.53
N GLY J 171 -6.78 64.23 -27.49
CA GLY J 171 -7.32 65.44 -28.08
C GLY J 171 -6.80 65.70 -29.48
N ASP J 172 -5.70 65.06 -29.86
CA ASP J 172 -5.13 65.19 -31.19
C ASP J 172 -5.74 64.23 -32.20
N SER J 173 -6.62 63.33 -31.78
CA SER J 173 -7.30 62.43 -32.71
C SER J 173 -8.07 63.25 -33.75
N GLY J 174 -8.17 62.69 -34.96
CA GLY J 174 -8.82 63.38 -36.05
C GLY J 174 -8.05 64.56 -36.61
N SER J 175 -7.07 65.09 -35.90
CA SER J 175 -6.29 66.20 -36.42
C SER J 175 -5.46 65.71 -37.60
N PRO J 176 -5.08 66.60 -38.52
CA PRO J 176 -4.39 66.15 -39.72
C PRO J 176 -2.89 65.97 -39.51
N LEU J 177 -2.30 65.22 -40.44
CA LEU J 177 -0.85 65.12 -40.60
C LEU J 177 -0.49 65.72 -41.95
N VAL J 178 0.25 66.83 -41.94
CA VAL J 178 0.54 67.60 -43.13
C VAL J 178 1.94 67.25 -43.60
N CYS J 179 2.04 66.63 -44.77
CA CYS J 179 3.31 66.33 -45.44
C CYS J 179 3.27 66.94 -46.82
N ASN J 180 4.21 67.84 -47.11
CA ASN J 180 4.31 68.49 -48.42
C ASN J 180 3.02 69.24 -48.76
N GLY J 181 2.41 69.84 -47.75
CA GLY J 181 1.14 70.52 -47.93
C GLY J 181 -0.02 69.61 -48.28
N LEU J 182 0.07 68.33 -47.99
CA LEU J 182 -1.00 67.37 -48.31
C LEU J 182 -1.38 66.58 -47.08
N ILE J 183 -2.67 66.50 -46.80
CA ILE J 183 -3.16 65.72 -45.67
C ILE J 183 -2.93 64.24 -45.96
N HIS J 184 -1.83 63.69 -45.44
CA HIS J 184 -1.55 62.27 -45.66
C HIS J 184 -1.99 61.37 -44.53
N GLY J 185 -2.24 61.92 -43.34
CA GLY J 185 -2.59 61.11 -42.19
C GLY J 185 -3.58 61.81 -41.30
N ILE J 186 -4.35 61.01 -40.57
CA ILE J 186 -5.30 61.48 -39.58
C ILE J 186 -4.95 60.79 -38.26
N ALA J 187 -4.67 61.59 -37.23
CA ALA J 187 -4.16 61.05 -35.98
C ALA J 187 -5.14 60.06 -35.37
N SER J 188 -4.65 58.87 -35.01
CA SER J 188 -5.50 57.76 -34.59
C SER J 188 -5.16 57.31 -33.17
N PHE J 189 -4.05 56.60 -32.96
CA PHE J 189 -3.79 56.02 -31.65
C PHE J 189 -2.30 56.09 -31.32
N VAL J 190 -2.00 55.93 -30.04
CA VAL J 190 -0.65 55.88 -29.50
C VAL J 190 -0.42 54.53 -28.85
N ARG J 191 0.84 54.26 -28.53
CA ARG J 191 1.24 53.03 -27.86
C ARG J 191 2.10 53.36 -26.66
N GLY J 192 1.84 52.70 -25.53
CA GLY J 192 2.58 52.92 -24.31
C GLY J 192 2.26 54.20 -23.58
N GLY J 193 1.34 55.02 -24.07
CA GLY J 193 1.08 56.32 -23.51
C GLY J 193 1.63 57.43 -24.40
N CYS J 194 1.19 58.65 -24.12
CA CYS J 194 1.57 59.79 -24.94
C CYS J 194 3.08 59.97 -24.97
N ALA J 195 3.60 60.29 -26.17
CA ALA J 195 5.01 60.60 -26.36
C ALA J 195 5.90 59.57 -25.70
N SER J 196 5.62 58.29 -25.96
CA SER J 196 6.40 57.22 -25.34
C SER J 196 7.88 57.28 -25.73
N GLY J 197 8.22 58.05 -26.76
CA GLY J 197 9.57 58.06 -27.30
C GLY J 197 10.09 56.71 -27.74
N LEU J 198 9.28 55.66 -27.69
CA LEU J 198 9.66 54.32 -28.11
C LEU J 198 8.84 53.82 -29.29
N TYR J 199 7.51 53.92 -29.21
CA TYR J 199 6.59 53.42 -30.21
C TYR J 199 6.01 54.57 -31.01
N PRO J 200 6.10 54.51 -32.33
CA PRO J 200 5.63 55.64 -33.15
C PRO J 200 4.13 55.84 -33.05
N ASP J 201 3.70 57.09 -33.20
CA ASP J 201 2.29 57.42 -33.24
C ASP J 201 1.70 56.93 -34.56
N ALA J 202 0.38 56.73 -34.56
CA ALA J 202 -0.33 56.11 -35.68
C ALA J 202 -1.38 57.05 -36.25
N PHE J 203 -1.36 57.19 -37.58
CA PHE J 203 -2.30 58.03 -38.31
C PHE J 203 -3.08 57.17 -39.31
N ALA J 204 -4.35 57.50 -39.50
CA ALA J 204 -5.12 56.83 -40.55
C ALA J 204 -4.56 57.24 -41.91
N PRO J 205 -4.41 56.29 -42.84
CA PRO J 205 -3.74 56.61 -44.11
C PRO J 205 -4.67 57.31 -45.10
N VAL J 206 -4.66 58.65 -45.08
CA VAL J 206 -5.60 59.41 -45.91
C VAL J 206 -5.51 58.99 -47.36
N ALA J 207 -4.28 58.86 -47.87
CA ALA J 207 -4.08 58.59 -49.29
C ALA J 207 -4.77 57.32 -49.77
N GLN J 208 -5.12 56.41 -48.86
CA GLN J 208 -5.79 55.18 -49.24
C GLN J 208 -7.31 55.31 -49.31
N PHE J 209 -7.86 56.48 -48.97
CA PHE J 209 -9.30 56.70 -49.00
C PHE J 209 -9.68 57.84 -49.93
N VAL J 210 -8.75 58.35 -50.74
CA VAL J 210 -9.01 59.53 -51.56
C VAL J 210 -10.19 59.29 -52.50
N ASN J 211 -10.27 58.11 -53.09
CA ASN J 211 -11.39 57.80 -53.99
C ASN J 211 -12.72 57.86 -53.24
N TRP J 212 -12.76 57.31 -52.03
CA TRP J 212 -13.99 57.33 -51.25
C TRP J 212 -14.33 58.73 -50.80
N ILE J 213 -13.33 59.49 -50.35
CA ILE J 213 -13.57 60.87 -49.92
C ILE J 213 -14.15 61.69 -51.08
N ASP J 214 -13.52 61.61 -52.25
CA ASP J 214 -13.99 62.38 -53.40
C ASP J 214 -15.44 62.04 -53.71
N SER J 215 -15.80 60.77 -53.62
CA SER J 215 -17.16 60.36 -53.95
C SER J 215 -18.18 60.95 -52.99
N ILE J 216 -17.76 61.26 -51.76
CA ILE J 216 -18.65 61.93 -50.81
C ILE J 216 -18.81 63.40 -51.19
N ILE J 217 -17.71 64.07 -51.49
CA ILE J 217 -17.72 65.52 -51.63
C ILE J 217 -17.81 66.00 -53.09
N GLN J 218 -17.43 65.16 -54.06
CA GLN J 218 -17.67 65.43 -55.47
C GLN J 218 -17.06 66.75 -55.94
N SER K 2 -20.99 68.86 -9.48
CA SER K 2 -19.62 68.99 -9.97
C SER K 2 -18.94 67.64 -10.12
N THR K 3 -19.49 66.62 -9.45
CA THR K 3 -18.96 65.26 -9.48
C THR K 3 -20.12 64.29 -9.63
N ILE K 4 -19.93 63.24 -10.44
CA ILE K 4 -20.98 62.27 -10.70
C ILE K 4 -20.50 60.87 -10.30
N GLN K 5 -21.44 59.94 -10.26
CA GLN K 5 -21.20 58.55 -9.90
C GLN K 5 -21.67 57.66 -11.05
N ILE K 6 -20.74 56.92 -11.63
CA ILE K 6 -21.04 56.05 -12.77
C ILE K 6 -20.90 54.60 -12.30
N PRO K 7 -21.92 53.77 -12.45
CA PRO K 7 -21.85 52.42 -11.90
C PRO K 7 -20.92 51.54 -12.71
N TYR K 8 -20.27 50.59 -12.02
CA TYR K 8 -19.41 49.63 -12.69
C TYR K 8 -19.60 48.25 -12.07
N THR K 9 -19.26 47.24 -12.88
CA THR K 9 -19.28 45.84 -12.46
C THR K 9 -17.98 45.18 -12.86
N ILE K 10 -17.57 44.19 -12.09
CA ILE K 10 -16.31 43.48 -12.31
C ILE K 10 -16.60 42.00 -12.43
N THR K 11 -15.85 41.32 -13.29
CA THR K 11 -15.92 39.87 -13.42
C THR K 11 -14.53 39.30 -13.59
N VAL K 12 -14.11 38.47 -12.62
CA VAL K 12 -12.86 37.74 -12.74
C VAL K 12 -13.08 36.29 -13.14
N ASN K 13 -14.23 35.72 -12.80
CA ASN K 13 -14.63 34.41 -13.30
C ASN K 13 -16.06 34.13 -12.87
N GLY K 14 -16.97 35.00 -13.28
CA GLY K 14 -18.33 34.89 -12.81
C GLY K 14 -18.50 35.47 -11.42
N THR K 15 -19.31 36.54 -11.35
CA THR K 15 -19.72 37.17 -10.08
C THR K 15 -20.98 38.00 -10.27
N SER K 16 -22.15 37.33 -10.26
CA SER K 16 -23.45 38.00 -10.37
C SER K 16 -23.75 38.91 -9.20
N GLN K 17 -23.00 38.81 -8.13
CA GLN K 17 -23.41 39.42 -6.89
C GLN K 17 -22.23 40.13 -6.25
N ASN K 18 -21.41 40.77 -7.08
CA ASN K 18 -20.65 41.90 -6.60
C ASN K 18 -21.66 42.90 -6.01
N ILE K 19 -21.17 43.95 -5.36
CA ILE K 19 -22.04 44.93 -4.72
C ILE K 19 -22.64 45.83 -5.79
N LEU K 20 -23.22 46.95 -5.39
CA LEU K 20 -23.61 47.98 -6.35
C LEU K 20 -22.49 49.01 -6.34
N SER K 21 -21.57 48.87 -7.29
CA SER K 21 -20.35 49.67 -7.30
C SER K 21 -20.55 50.92 -8.15
N SER K 22 -19.63 51.87 -7.98
CA SER K 22 -19.76 53.18 -8.60
C SER K 22 -18.44 53.94 -8.55
N LEU K 23 -18.03 54.53 -9.68
CA LEU K 23 -16.81 55.32 -9.77
C LEU K 23 -17.13 56.81 -9.71
N THR K 24 -16.17 57.59 -9.18
CA THR K 24 -16.35 59.02 -8.98
C THR K 24 -15.67 59.78 -10.11
N PHE K 25 -16.47 60.53 -10.88
CA PHE K 25 -15.98 61.36 -11.97
C PHE K 25 -16.46 62.79 -11.77
N ASN K 26 -15.76 63.71 -12.44
CA ASN K 26 -16.21 65.10 -12.49
C ASN K 26 -17.35 65.22 -13.48
N LYS K 27 -18.42 65.90 -13.07
CA LYS K 27 -19.55 66.13 -13.97
C LYS K 27 -19.09 66.93 -15.18
N ASN K 28 -19.33 66.38 -16.37
CA ASN K 28 -19.07 67.06 -17.64
C ASN K 28 -17.59 67.41 -17.77
N GLN K 29 -16.77 66.42 -18.12
CA GLN K 29 -15.34 66.65 -18.30
C GLN K 29 -14.84 65.70 -19.37
N ASN K 30 -13.94 66.19 -20.21
CA ASN K 30 -13.34 65.39 -21.28
C ASN K 30 -12.07 64.73 -20.75
N ILE K 31 -12.07 63.40 -20.73
CA ILE K 31 -10.98 62.62 -20.16
C ILE K 31 -10.48 61.63 -21.21
N SER K 32 -9.25 61.18 -21.02
CA SER K 32 -8.61 60.27 -21.96
C SER K 32 -8.91 58.82 -21.58
N TYR K 33 -8.57 57.91 -22.50
CA TYR K 33 -8.70 56.48 -22.20
C TYR K 33 -7.57 55.97 -21.31
N LYS K 34 -6.47 56.71 -21.20
CA LYS K 34 -5.46 56.40 -20.20
C LYS K 34 -5.95 56.74 -18.80
N ASP K 35 -6.76 57.80 -18.67
CA ASP K 35 -7.39 58.11 -17.40
C ASP K 35 -8.34 56.99 -16.98
N ILE K 36 -9.17 56.53 -17.92
CA ILE K 36 -10.13 55.46 -17.62
C ILE K 36 -9.39 54.17 -17.27
N GLU K 37 -8.29 53.88 -17.96
CA GLU K 37 -7.51 52.70 -17.62
C GLU K 37 -7.03 52.75 -16.18
N ASN K 38 -6.65 53.95 -15.70
CA ASN K 38 -6.14 54.06 -14.33
C ASN K 38 -7.22 53.77 -13.30
N LYS K 39 -8.47 54.12 -13.60
CA LYS K 39 -9.56 53.85 -12.66
C LYS K 39 -10.02 52.39 -12.73
N VAL K 40 -10.02 51.80 -13.93
CA VAL K 40 -10.40 50.40 -14.06
C VAL K 40 -9.35 49.50 -13.43
N LYS K 41 -8.08 49.75 -13.73
CA LYS K 41 -7.01 49.02 -13.05
C LYS K 41 -7.02 49.25 -11.55
N SER K 42 -7.65 50.34 -11.09
CA SER K 42 -7.71 50.63 -9.66
C SER K 42 -8.73 49.73 -8.97
N VAL K 43 -10.00 49.83 -9.39
CA VAL K 43 -11.06 49.00 -8.80
C VAL K 43 -10.81 47.51 -9.04
N LEU K 44 -10.04 47.16 -10.07
CA LEU K 44 -9.67 45.76 -10.24
C LEU K 44 -8.82 45.27 -9.08
N TYR K 45 -8.01 46.15 -8.48
CA TYR K 45 -7.21 45.72 -7.34
C TYR K 45 -7.99 45.80 -6.05
N PHE K 46 -8.84 46.82 -5.88
CA PHE K 46 -9.51 46.99 -4.61
C PHE K 46 -10.68 46.03 -4.42
N ASN K 47 -11.32 45.62 -5.51
CA ASN K 47 -12.50 44.78 -5.40
C ASN K 47 -12.21 43.29 -5.53
N ARG K 48 -11.43 42.91 -6.54
CA ARG K 48 -11.11 41.51 -6.77
C ARG K 48 -9.61 41.22 -6.70
N GLY K 49 -8.80 42.21 -6.32
CA GLY K 49 -7.37 41.98 -6.14
C GLY K 49 -6.60 41.65 -7.40
N ILE K 50 -6.94 42.27 -8.52
CA ILE K 50 -6.26 42.01 -9.79
C ILE K 50 -5.21 43.10 -9.97
N SER K 51 -3.94 42.73 -9.79
CA SER K 51 -2.85 43.67 -9.92
C SER K 51 -2.36 43.71 -11.37
N ASP K 52 -1.36 44.55 -11.63
CA ASP K 52 -0.80 44.68 -12.96
C ASP K 52 -0.28 43.33 -13.47
N ILE K 53 0.47 42.62 -12.63
CA ILE K 53 1.00 41.31 -13.00
C ILE K 53 -0.12 40.36 -13.36
N ASP K 54 -1.21 40.37 -12.58
CA ASP K 54 -2.32 39.47 -12.83
C ASP K 54 -3.02 39.76 -14.15
N LEU K 55 -3.06 41.04 -14.55
CA LEU K 55 -3.64 41.37 -15.85
C LEU K 55 -2.78 40.85 -16.98
N ARG K 56 -1.48 41.16 -16.95
CA ARG K 56 -0.57 40.77 -18.03
C ARG K 56 -0.57 39.27 -18.25
N LEU K 57 -0.71 38.49 -17.17
CA LEU K 57 -0.68 37.04 -17.28
C LEU K 57 -2.05 36.43 -17.48
N SER K 58 -3.13 37.21 -17.35
CA SER K 58 -4.46 36.71 -17.65
C SER K 58 -4.62 36.52 -19.15
N LYS K 59 -5.40 35.51 -19.54
CA LYS K 59 -5.57 35.20 -20.95
C LYS K 59 -6.39 36.25 -21.67
N GLN K 60 -7.22 37.01 -20.95
CA GLN K 60 -8.03 38.07 -21.52
C GLN K 60 -8.32 39.12 -20.46
N ALA K 61 -8.29 40.39 -20.87
CA ALA K 61 -8.55 41.51 -19.97
C ALA K 61 -9.15 42.65 -20.79
N GLU K 62 -10.38 43.01 -20.49
CA GLU K 62 -11.08 44.04 -21.26
C GLU K 62 -12.10 44.73 -20.37
N TYR K 63 -12.53 45.91 -20.82
CA TYR K 63 -13.65 46.61 -20.21
C TYR K 63 -14.44 47.31 -21.31
N THR K 64 -15.75 47.39 -21.13
CA THR K 64 -16.66 47.97 -22.11
C THR K 64 -17.28 49.23 -21.53
N VAL K 65 -17.13 50.35 -22.24
CA VAL K 65 -17.77 51.61 -21.87
C VAL K 65 -19.14 51.65 -22.52
N HIS K 66 -20.18 51.68 -21.69
CA HIS K 66 -21.56 51.74 -22.17
C HIS K 66 -22.00 53.21 -22.11
N PHE K 67 -22.18 53.81 -23.28
CA PHE K 67 -22.54 55.23 -23.37
C PHE K 67 -24.04 55.40 -23.30
N LYS K 68 -24.46 56.64 -23.00
CA LYS K 68 -25.87 56.90 -22.74
C LYS K 68 -26.72 56.78 -23.99
N ASN K 69 -26.14 57.06 -25.17
CA ASN K 69 -26.90 56.92 -26.41
C ASN K 69 -27.05 55.48 -26.85
N GLY K 70 -26.45 54.53 -26.14
CA GLY K 70 -26.63 53.11 -26.40
C GLY K 70 -25.46 52.45 -27.11
N THR K 71 -24.52 53.21 -27.65
CA THR K 71 -23.33 52.65 -28.27
C THR K 71 -22.31 52.28 -27.19
N LYS K 72 -21.44 51.34 -27.53
CA LYS K 72 -20.43 50.87 -26.58
C LYS K 72 -19.08 50.76 -27.27
N ARG K 73 -18.05 50.63 -26.43
CA ARG K 73 -16.67 50.54 -26.90
C ARG K 73 -15.92 49.59 -25.98
N VAL K 74 -15.35 48.54 -26.55
CA VAL K 74 -14.61 47.51 -25.81
C VAL K 74 -13.12 47.80 -25.95
N ILE K 75 -12.44 47.91 -24.81
CA ILE K 75 -11.03 48.27 -24.74
C ILE K 75 -10.23 47.06 -24.30
N ASP K 76 -9.12 46.79 -24.97
CA ASP K 76 -8.23 45.70 -24.61
C ASP K 76 -7.24 46.19 -23.55
N LEU K 77 -7.28 45.58 -22.37
CA LEU K 77 -6.37 45.99 -21.31
C LEU K 77 -4.96 45.46 -21.51
N LYS K 78 -4.78 44.45 -22.36
CA LYS K 78 -3.48 43.87 -22.63
C LYS K 78 -2.87 44.35 -23.95
N SER K 79 -3.40 45.45 -24.51
CA SER K 79 -2.96 45.95 -25.80
C SER K 79 -1.96 47.10 -25.69
N GLY K 80 -2.06 47.92 -24.65
CA GLY K 80 -1.20 49.09 -24.56
C GLY K 80 -1.46 50.13 -25.61
N ILE K 81 -2.60 50.05 -26.30
CA ILE K 81 -2.98 51.00 -27.34
C ILE K 81 -4.10 51.88 -26.78
N TYR K 82 -3.91 53.20 -26.91
CA TYR K 82 -4.90 54.18 -26.48
C TYR K 82 -5.21 55.06 -27.68
N THR K 83 -6.48 55.16 -28.04
CA THR K 83 -6.87 56.11 -29.06
C THR K 83 -6.72 57.53 -28.53
N ALA K 84 -6.24 58.43 -29.38
CA ALA K 84 -5.83 59.76 -28.98
C ALA K 84 -6.99 60.75 -28.86
N ASP K 85 -8.11 60.33 -28.29
CA ASP K 85 -9.29 61.16 -28.19
C ASP K 85 -9.63 61.43 -26.72
N LEU K 86 -10.63 62.28 -26.50
CA LEU K 86 -11.23 62.49 -25.19
C LEU K 86 -12.73 62.23 -25.29
N ILE K 87 -13.32 61.72 -24.20
CA ILE K 87 -14.76 61.51 -24.14
C ILE K 87 -15.29 62.18 -22.88
N ASN K 88 -16.57 62.55 -22.93
CA ASN K 88 -17.18 63.40 -21.90
C ASN K 88 -17.83 62.55 -20.82
N THR K 89 -17.55 62.89 -19.56
CA THR K 89 -17.99 62.06 -18.44
C THR K 89 -19.51 62.01 -18.33
N SER K 90 -20.20 63.08 -18.74
CA SER K 90 -21.65 63.14 -18.56
C SER K 90 -22.41 62.19 -19.48
N ASP K 91 -21.75 61.60 -20.47
CA ASP K 91 -22.42 60.72 -21.43
C ASP K 91 -22.18 59.25 -21.17
N ILE K 92 -21.36 58.90 -20.18
CA ILE K 92 -21.11 57.49 -19.87
C ILE K 92 -22.22 56.97 -18.97
N LYS K 93 -22.85 55.88 -19.39
CA LYS K 93 -23.93 55.27 -18.61
C LYS K 93 -23.40 54.27 -17.59
N ALA K 94 -22.43 53.45 -17.98
CA ALA K 94 -21.91 52.43 -17.08
C ALA K 94 -20.61 51.88 -17.65
N ILE K 95 -19.88 51.15 -16.82
CA ILE K 95 -18.66 50.47 -17.20
C ILE K 95 -18.74 49.03 -16.72
N SER K 96 -18.26 48.09 -17.54
CA SER K 96 -18.20 46.69 -17.18
C SER K 96 -16.82 46.14 -17.52
N VAL K 97 -16.25 45.36 -16.60
CA VAL K 97 -14.88 44.85 -16.70
C VAL K 97 -14.91 43.33 -16.66
N ASN K 98 -14.06 42.71 -17.47
CA ASN K 98 -13.99 41.26 -17.58
C ASN K 98 -12.54 40.83 -17.71
N VAL K 99 -12.10 39.96 -16.82
CA VAL K 99 -10.73 39.44 -16.78
C VAL K 99 -10.80 37.93 -16.61
N ASP K 100 -9.87 37.22 -17.25
CA ASP K 100 -9.74 35.77 -17.13
C ASP K 100 -8.29 35.37 -16.81
N ILE L 1 -33.29 42.77 -6.47
CA ILE L 1 -33.84 41.42 -6.33
C ILE L 1 -34.53 40.99 -7.62
N ILE L 2 -33.95 40.00 -8.29
CA ILE L 2 -34.45 39.53 -9.58
C ILE L 2 -35.60 38.55 -9.33
N GLY L 3 -36.75 38.81 -9.94
CA GLY L 3 -37.90 37.94 -9.79
C GLY L 3 -38.62 38.02 -8.47
N GLY L 4 -38.44 39.12 -7.74
CA GLY L 4 -39.05 39.28 -6.43
C GLY L 4 -40.22 40.24 -6.43
N ARG L 5 -40.95 40.20 -5.32
CA ARG L 5 -42.08 41.08 -5.05
C ARG L 5 -41.64 42.20 -4.11
N GLU L 6 -42.43 43.26 -4.08
CA GLU L 6 -42.21 44.28 -3.07
C GLU L 6 -42.56 43.73 -1.70
N SER L 7 -41.71 43.97 -0.72
CA SER L 7 -41.86 43.36 0.59
C SER L 7 -42.93 44.07 1.42
N ARG L 8 -43.58 43.29 2.29
CA ARG L 8 -44.45 43.85 3.30
C ARG L 8 -43.61 44.75 4.20
N PRO L 9 -43.89 46.06 4.26
CA PRO L 9 -42.93 47.00 4.86
C PRO L 9 -42.58 46.66 6.30
N HIS L 10 -41.29 46.81 6.61
CA HIS L 10 -40.69 46.63 7.94
C HIS L 10 -40.92 45.23 8.52
N SER L 11 -41.35 44.26 7.70
CA SER L 11 -41.54 42.90 8.18
C SER L 11 -40.23 42.20 8.48
N ARG L 12 -39.09 42.77 8.07
CA ARG L 12 -37.77 42.20 8.29
C ARG L 12 -36.91 43.24 8.99
N PRO L 13 -37.08 43.40 10.31
CA PRO L 13 -36.47 44.53 11.02
C PRO L 13 -34.96 44.47 11.15
N TYR L 14 -34.35 43.31 10.91
CA TYR L 14 -32.91 43.13 11.05
C TYR L 14 -32.11 43.76 9.92
N MET L 15 -32.74 44.13 8.81
CA MET L 15 -32.01 44.54 7.63
C MET L 15 -31.25 45.84 7.86
N ALA L 16 -30.10 45.96 7.20
CA ALA L 16 -29.26 47.15 7.24
C ALA L 16 -28.96 47.62 5.83
N TYR L 17 -29.03 48.91 5.61
CA TYR L 17 -28.60 49.52 4.35
C TYR L 17 -27.17 50.03 4.54
N LEU L 18 -26.24 49.45 3.78
CA LEU L 18 -24.82 49.73 3.95
C LEU L 18 -24.37 50.69 2.84
N GLN L 19 -23.95 51.88 3.23
CA GLN L 19 -23.38 52.88 2.34
C GLN L 19 -21.87 52.89 2.55
N ILE L 20 -21.12 52.55 1.51
CA ILE L 20 -19.69 52.25 1.62
C ILE L 20 -18.92 53.19 0.71
N GLN L 21 -17.79 53.68 1.21
CA GLN L 21 -16.94 54.60 0.47
C GLN L 21 -15.59 53.95 0.23
N SER L 22 -15.34 53.55 -1.00
CA SER L 22 -14.04 53.09 -1.44
C SER L 22 -13.24 54.26 -1.99
N PRO L 23 -11.93 54.13 -2.09
CA PRO L 23 -11.17 55.13 -2.85
C PRO L 23 -11.62 55.14 -4.31
N ALA L 24 -11.78 56.35 -4.85
CA ALA L 24 -12.19 56.64 -6.22
C ALA L 24 -13.63 56.24 -6.53
N GLY L 25 -14.43 55.89 -5.54
CA GLY L 25 -15.80 55.52 -5.82
C GLY L 25 -16.62 55.22 -4.58
N GLN L 26 -17.74 54.52 -4.80
CA GLN L 26 -18.71 54.21 -3.77
C GLN L 26 -19.26 52.81 -3.98
N SER L 27 -20.07 52.37 -3.03
CA SER L 27 -20.68 51.05 -3.07
C SER L 27 -21.93 51.05 -2.19
N ARG L 28 -22.88 50.18 -2.55
CA ARG L 28 -24.10 49.98 -1.77
C ARG L 28 -24.28 48.49 -1.55
N CYS L 29 -24.57 48.11 -0.30
CA CYS L 29 -24.67 46.71 0.09
C CYS L 29 -25.92 46.47 0.91
N GLY L 30 -26.20 45.19 1.13
CA GLY L 30 -27.11 44.75 2.17
C GLY L 30 -26.36 44.48 3.46
N GLY L 31 -27.06 43.87 4.40
CA GLY L 31 -26.52 43.62 5.72
C GLY L 31 -27.62 43.46 6.74
N PHE L 32 -27.30 42.77 7.82
CA PHE L 32 -28.32 42.42 8.80
C PHE L 32 -27.75 42.48 10.21
N LEU L 33 -28.62 42.80 11.15
CA LEU L 33 -28.26 42.99 12.54
C LEU L 33 -28.31 41.65 13.27
N VAL L 34 -27.22 41.32 13.98
CA VAL L 34 -27.16 40.09 14.75
C VAL L 34 -27.15 40.35 16.25
N ARG L 35 -26.64 41.50 16.69
CA ARG L 35 -26.70 41.91 18.08
C ARG L 35 -26.99 43.41 18.11
N GLU L 36 -27.18 43.95 19.31
CA GLU L 36 -27.48 45.37 19.43
C GLU L 36 -26.36 46.25 18.90
N ASP L 37 -25.14 45.71 18.74
CA ASP L 37 -24.00 46.50 18.28
C ASP L 37 -23.25 45.85 17.13
N PHE L 38 -23.90 44.99 16.35
CA PHE L 38 -23.19 44.28 15.29
C PHE L 38 -24.10 44.00 14.10
N VAL L 39 -23.58 44.30 12.91
CA VAL L 39 -24.21 43.96 11.64
C VAL L 39 -23.29 42.99 10.91
N LEU L 40 -23.87 41.93 10.35
CA LEU L 40 -23.10 40.95 9.60
C LEU L 40 -23.30 41.17 8.11
N THR L 41 -22.23 41.03 7.34
CA THR L 41 -22.28 41.26 5.91
C THR L 41 -21.06 40.62 5.24
N ALA L 42 -20.75 41.01 4.02
CA ALA L 42 -19.65 40.44 3.25
C ALA L 42 -18.39 41.28 3.37
N ALA L 43 -17.25 40.62 3.13
CA ALA L 43 -15.93 41.24 3.26
C ALA L 43 -15.54 42.10 2.07
N HIS L 44 -16.23 41.96 0.92
CA HIS L 44 -15.99 42.85 -0.20
C HIS L 44 -16.87 44.09 -0.15
N CYS L 45 -17.77 44.18 0.84
CA CYS L 45 -18.44 45.42 1.18
C CYS L 45 -17.60 46.29 2.10
N TRP L 46 -16.32 45.99 2.25
CA TRP L 46 -15.44 46.75 3.12
C TRP L 46 -15.07 48.07 2.48
N GLY L 47 -15.01 49.13 3.30
CA GLY L 47 -14.64 50.43 2.79
C GLY L 47 -13.89 51.26 3.81
N SER L 48 -13.92 52.59 3.63
CA SER L 48 -13.26 53.50 4.56
C SER L 48 -14.20 53.91 5.68
N ASN L 49 -15.40 54.36 5.33
CA ASN L 49 -16.45 54.68 6.29
C ASN L 49 -17.74 54.05 5.82
N ILE L 50 -18.64 53.77 6.77
CA ILE L 50 -19.88 53.06 6.49
C ILE L 50 -21.01 53.66 7.33
N ASN L 51 -22.05 54.14 6.67
CA ASN L 51 -23.29 54.53 7.32
C ASN L 51 -24.24 53.34 7.27
N VAL L 52 -24.51 52.73 8.43
CA VAL L 52 -25.44 51.61 8.53
C VAL L 52 -26.82 52.17 8.81
N THR L 53 -27.83 51.68 8.08
CA THR L 53 -29.18 52.22 8.14
C THR L 53 -30.14 51.09 8.48
N LEU L 54 -30.70 51.14 9.69
CA LEU L 54 -31.58 50.11 10.20
C LEU L 54 -33.02 50.57 10.19
N GLY L 55 -33.94 49.61 10.14
CA GLY L 55 -35.36 49.91 10.23
C GLY L 55 -35.89 50.69 9.05
N ALA L 56 -35.27 50.55 7.90
CA ALA L 56 -35.67 51.32 6.72
C ALA L 56 -36.60 50.49 5.84
N HIS L 57 -37.28 51.18 4.93
CA HIS L 57 -37.99 50.52 3.84
C HIS L 57 -37.78 51.31 2.56
N ASN L 58 -38.21 52.57 2.55
CA ASN L 58 -37.97 53.47 1.42
C ASN L 58 -36.67 54.21 1.71
N ILE L 59 -35.57 53.65 1.22
CA ILE L 59 -34.26 54.27 1.45
C ILE L 59 -34.15 55.60 0.70
N GLN L 60 -34.90 55.76 -0.39
CA GLN L 60 -34.89 57.00 -1.17
C GLN L 60 -35.84 58.05 -0.60
N ARG L 61 -36.52 57.76 0.51
CA ARG L 61 -37.14 58.76 1.36
C ARG L 61 -36.32 58.88 2.64
N ARG L 62 -36.77 59.78 3.51
CA ARG L 62 -36.24 59.87 4.88
C ARG L 62 -37.41 59.54 5.81
N GLU L 63 -37.51 58.28 6.20
CA GLU L 63 -38.58 57.82 7.06
C GLU L 63 -38.26 58.11 8.52
N ASN L 64 -39.30 58.13 9.35
CA ASN L 64 -39.14 58.43 10.77
C ASN L 64 -38.79 57.21 11.61
N THR L 65 -38.96 56.00 11.06
CA THR L 65 -38.61 54.79 11.80
C THR L 65 -37.15 54.41 11.65
N GLN L 66 -36.39 55.11 10.80
CA GLN L 66 -35.02 54.69 10.50
C GLN L 66 -34.07 55.07 11.63
N GLN L 67 -32.90 54.44 11.60
CA GLN L 67 -31.81 54.75 12.52
C GLN L 67 -30.51 54.69 11.72
N HIS L 68 -29.78 55.80 11.68
CA HIS L 68 -28.53 55.91 10.93
C HIS L 68 -27.37 55.83 11.91
N ILE L 69 -26.47 54.87 11.69
CA ILE L 69 -25.31 54.67 12.55
C ILE L 69 -24.10 54.42 11.69
N THR L 70 -22.99 55.09 12.01
CA THR L 70 -21.72 54.76 11.40
C THR L 70 -21.15 53.50 12.05
N ALA L 71 -20.10 52.95 11.43
CA ALA L 71 -19.46 51.74 11.91
C ALA L 71 -18.17 52.08 12.64
N ARG L 72 -18.05 51.62 13.89
CA ARG L 72 -16.85 51.89 14.67
C ARG L 72 -15.65 51.12 14.15
N ARG L 73 -15.85 49.84 13.81
CA ARG L 73 -14.80 49.00 13.24
C ARG L 73 -15.39 48.19 12.10
N ALA L 74 -14.54 47.83 11.15
CA ALA L 74 -14.91 46.95 10.04
C ALA L 74 -13.86 45.85 9.99
N ILE L 75 -14.25 44.63 10.37
CA ILE L 75 -13.32 43.53 10.55
C ILE L 75 -13.61 42.50 9.47
N ARG L 76 -12.75 42.46 8.45
CA ARG L 76 -12.80 41.40 7.46
C ARG L 76 -12.22 40.11 8.04
N HIS L 77 -12.70 38.99 7.53
CA HIS L 77 -12.20 37.70 7.99
C HIS L 77 -10.72 37.57 7.63
N PRO L 78 -9.89 37.08 8.55
CA PRO L 78 -8.44 37.02 8.28
C PRO L 78 -8.06 36.15 7.10
N GLN L 79 -8.92 35.22 6.69
CA GLN L 79 -8.67 34.41 5.50
C GLN L 79 -9.49 34.85 4.30
N TYR L 80 -9.94 36.11 4.28
CA TYR L 80 -10.71 36.59 3.15
C TYR L 80 -9.82 36.68 1.91
N ASN L 81 -10.29 36.11 0.81
CA ASN L 81 -9.59 36.09 -0.47
C ASN L 81 -10.46 36.79 -1.49
N GLN L 82 -10.07 38.00 -1.91
CA GLN L 82 -10.92 38.75 -2.81
C GLN L 82 -10.79 38.31 -4.26
N ARG L 83 -9.70 37.64 -4.64
CA ARG L 83 -9.59 37.13 -6.01
C ARG L 83 -10.59 36.02 -6.27
N THR L 84 -10.78 35.13 -5.28
CA THR L 84 -11.71 34.02 -5.40
C THR L 84 -13.03 34.25 -4.66
N ILE L 85 -13.14 35.34 -3.90
CA ILE L 85 -14.29 35.62 -3.04
C ILE L 85 -14.47 34.44 -2.10
N GLN L 86 -13.45 34.17 -1.30
CA GLN L 86 -13.42 33.04 -0.36
C GLN L 86 -13.33 33.59 1.05
N ASN L 87 -14.01 32.92 1.98
CA ASN L 87 -14.17 33.40 3.36
C ASN L 87 -14.68 34.83 3.35
N ASP L 88 -15.79 35.03 2.63
CA ASP L 88 -16.33 36.37 2.36
C ASP L 88 -17.35 36.72 3.44
N ILE L 89 -16.83 37.08 4.61
CA ILE L 89 -17.69 37.41 5.76
C ILE L 89 -16.99 38.49 6.58
N MET L 90 -17.76 39.49 6.99
CA MET L 90 -17.23 40.68 7.67
C MET L 90 -18.20 41.12 8.77
N LEU L 91 -17.63 41.60 9.87
CA LEU L 91 -18.41 42.08 11.01
C LEU L 91 -18.26 43.58 11.15
N LEU L 92 -19.38 44.26 11.39
CA LEU L 92 -19.43 45.70 11.60
C LEU L 92 -19.86 45.98 13.03
N GLN L 93 -18.93 46.48 13.85
CA GLN L 93 -19.29 46.96 15.18
C GLN L 93 -19.83 48.37 15.04
N LEU L 94 -21.14 48.53 15.23
CA LEU L 94 -21.74 49.86 15.21
C LEU L 94 -21.13 50.73 16.29
N SER L 95 -21.14 52.05 16.06
CA SER L 95 -20.57 52.98 17.02
C SER L 95 -21.43 53.10 18.27
N ARG L 96 -22.74 52.90 18.15
CA ARG L 96 -23.64 52.85 19.29
C ARG L 96 -24.67 51.75 19.06
N ARG L 97 -25.22 51.23 20.15
CA ARG L 97 -26.25 50.21 20.03
C ARG L 97 -27.54 50.82 19.51
N VAL L 98 -28.29 50.01 18.75
CA VAL L 98 -29.59 50.42 18.23
C VAL L 98 -30.59 50.40 19.38
N ARG L 99 -31.80 50.89 19.14
CA ARG L 99 -32.76 51.06 20.24
C ARG L 99 -33.72 49.89 20.37
N ARG L 100 -33.96 49.17 19.27
CA ARG L 100 -34.76 47.95 19.23
C ARG L 100 -36.26 48.22 19.38
N ASN L 101 -37.02 47.95 18.33
CA ASN L 101 -38.45 48.24 18.29
C ASN L 101 -39.11 47.28 17.29
N ARG L 102 -40.29 47.66 16.80
CA ARG L 102 -40.96 46.88 15.76
C ARG L 102 -40.10 46.75 14.50
N ASN L 103 -39.23 47.71 14.25
CA ASN L 103 -38.59 47.86 12.96
C ASN L 103 -37.08 47.67 13.00
N VAL L 104 -36.47 47.58 14.18
CA VAL L 104 -35.02 47.45 14.34
C VAL L 104 -34.81 46.41 15.44
N ASN L 105 -34.36 45.21 15.07
CA ASN L 105 -33.97 44.22 16.05
C ASN L 105 -33.16 43.13 15.37
N PRO L 106 -32.29 42.44 16.10
CA PRO L 106 -31.43 41.44 15.47
C PRO L 106 -32.19 40.20 15.03
N VAL L 107 -31.44 39.31 14.38
CA VAL L 107 -31.99 38.08 13.82
C VAL L 107 -31.14 36.92 14.30
N ALA L 108 -31.68 35.72 14.13
CA ALA L 108 -31.08 34.52 14.66
C ALA L 108 -30.00 33.99 13.74
N LEU L 109 -28.80 33.74 14.30
CA LEU L 109 -27.69 33.10 13.63
C LEU L 109 -27.78 31.59 13.78
N PRO L 110 -27.16 30.82 12.91
CA PRO L 110 -27.17 29.36 13.05
C PRO L 110 -26.23 28.92 14.16
N ARG L 111 -26.36 27.65 14.55
CA ARG L 111 -25.51 27.04 15.56
C ARG L 111 -24.22 26.55 14.91
N ALA L 112 -23.20 26.32 15.75
CA ALA L 112 -21.85 25.96 15.31
C ALA L 112 -21.84 24.88 14.23
N GLN L 113 -21.41 25.25 13.02
CA GLN L 113 -21.64 24.54 11.77
C GLN L 113 -22.94 23.75 11.75
N GLU L 114 -24.07 24.46 11.78
CA GLU L 114 -25.33 23.87 11.39
C GLU L 114 -25.33 23.53 9.90
N GLY L 115 -26.01 22.45 9.55
CA GLY L 115 -26.20 22.10 8.16
C GLY L 115 -27.34 22.90 7.54
N LEU L 116 -27.61 22.58 6.28
CA LEU L 116 -28.70 23.23 5.54
C LEU L 116 -28.94 22.39 4.29
N ARG L 117 -29.88 21.45 4.38
CA ARG L 117 -30.07 20.43 3.35
C ARG L 117 -30.67 21.05 2.09
N PRO L 118 -30.19 20.64 0.91
CA PRO L 118 -30.77 21.14 -0.34
C PRO L 118 -32.27 20.89 -0.41
N GLY L 119 -32.95 21.72 -1.20
CA GLY L 119 -34.39 21.74 -1.24
C GLY L 119 -35.03 22.66 -0.22
N THR L 120 -34.29 23.07 0.80
CA THR L 120 -34.81 24.00 1.79
C THR L 120 -35.13 25.35 1.14
N LEU L 121 -36.38 25.79 1.28
CA LEU L 121 -36.82 27.05 0.72
C LEU L 121 -36.57 28.17 1.71
N CYS L 122 -35.89 29.23 1.26
CA CYS L 122 -35.51 30.34 2.12
C CYS L 122 -35.76 31.64 1.37
N THR L 123 -35.77 32.75 2.12
CA THR L 123 -36.09 34.07 1.59
C THR L 123 -34.89 34.98 1.76
N VAL L 124 -34.56 35.72 0.69
CA VAL L 124 -33.52 36.73 0.74
C VAL L 124 -34.13 38.07 0.36
N ALA L 125 -33.67 39.13 1.02
CA ALA L 125 -34.19 40.48 0.78
C ALA L 125 -33.04 41.46 0.69
N GLY L 126 -33.29 42.57 0.01
CA GLY L 126 -32.29 43.62 -0.15
C GLY L 126 -32.87 44.75 -0.97
N TRP L 127 -32.04 45.79 -1.13
CA TRP L 127 -32.41 46.97 -1.91
C TRP L 127 -31.67 47.02 -3.25
N GLY L 128 -31.28 45.86 -3.76
CA GLY L 128 -30.53 45.81 -5.00
C GLY L 128 -31.42 45.96 -6.22
N ARG L 129 -30.76 46.00 -7.37
CA ARG L 129 -31.45 46.15 -8.64
C ARG L 129 -32.36 44.95 -8.89
N VAL L 130 -33.37 45.16 -9.73
CA VAL L 130 -34.34 44.11 -10.09
C VAL L 130 -34.16 43.61 -11.51
N SER L 131 -33.35 44.28 -12.33
CA SER L 131 -32.89 43.76 -13.61
C SER L 131 -31.57 44.46 -13.92
N MET L 132 -31.08 44.30 -15.15
CA MET L 132 -29.85 44.98 -15.53
C MET L 132 -30.07 46.44 -15.91
N ARG L 133 -31.25 47.01 -15.63
CA ARG L 133 -31.51 48.40 -15.96
C ARG L 133 -32.35 49.17 -14.94
N ARG L 134 -32.96 48.52 -13.95
CA ARG L 134 -33.71 49.25 -12.93
C ARG L 134 -33.42 48.68 -11.54
N GLY L 135 -33.33 49.57 -10.56
CA GLY L 135 -33.22 49.20 -9.16
C GLY L 135 -34.55 49.29 -8.45
N THR L 136 -34.48 49.49 -7.13
CA THR L 136 -35.68 49.62 -6.34
C THR L 136 -35.44 50.60 -5.19
N ASP L 137 -36.50 51.32 -4.82
CA ASP L 137 -36.43 52.22 -3.66
C ASP L 137 -36.91 51.54 -2.39
N THR L 138 -37.84 50.61 -2.49
CA THR L 138 -38.37 49.90 -1.34
C THR L 138 -37.79 48.49 -1.27
N LEU L 139 -37.76 47.95 -0.05
CA LEU L 139 -37.22 46.62 0.16
C LEU L 139 -38.01 45.58 -0.62
N ARG L 140 -37.30 44.66 -1.27
CA ARG L 140 -37.93 43.57 -1.98
C ARG L 140 -37.34 42.26 -1.49
N GLU L 141 -38.08 41.17 -1.70
CA GLU L 141 -37.67 39.85 -1.25
C GLU L 141 -38.05 38.82 -2.29
N VAL L 142 -37.50 37.61 -2.14
CA VAL L 142 -37.72 36.53 -3.10
C VAL L 142 -37.39 35.23 -2.39
N GLN L 143 -37.95 34.13 -2.90
CA GLN L 143 -37.77 32.80 -2.31
C GLN L 143 -36.86 31.97 -3.20
N LEU L 144 -35.77 31.48 -2.63
CA LEU L 144 -34.79 30.67 -3.36
C LEU L 144 -34.70 29.29 -2.73
N ARG L 145 -34.20 28.33 -3.51
CA ARG L 145 -34.07 26.95 -3.06
C ARG L 145 -32.60 26.56 -3.01
N VAL L 146 -32.18 25.99 -1.88
CA VAL L 146 -30.82 25.49 -1.76
C VAL L 146 -30.64 24.32 -2.72
N GLN L 147 -29.46 24.26 -3.35
CA GLN L 147 -29.17 23.27 -4.38
C GLN L 147 -28.19 22.24 -3.85
N ARG L 148 -28.10 21.13 -4.59
CA ARG L 148 -26.99 20.20 -4.40
C ARG L 148 -25.67 20.91 -4.71
N ASP L 149 -24.61 20.49 -4.03
CA ASP L 149 -23.32 21.14 -4.22
C ASP L 149 -22.81 20.98 -5.65
N ARG L 150 -23.27 19.94 -6.36
CA ARG L 150 -22.78 19.69 -7.71
C ARG L 150 -23.15 20.82 -8.66
N GLN L 151 -24.26 21.52 -8.40
CA GLN L 151 -24.73 22.52 -9.35
C GLN L 151 -23.79 23.73 -9.41
N CYS L 152 -23.31 24.19 -8.26
CA CYS L 152 -22.40 25.32 -8.24
C CYS L 152 -20.95 24.92 -8.51
N LEU L 153 -20.59 23.66 -8.29
CA LEU L 153 -19.26 23.20 -8.66
C LEU L 153 -19.09 23.18 -10.17
N ARG L 154 -20.18 23.00 -10.92
CA ARG L 154 -20.11 23.10 -12.38
C ARG L 154 -19.79 24.50 -12.82
N ILE L 155 -20.42 25.49 -12.19
CA ILE L 155 -20.42 26.85 -12.73
C ILE L 155 -19.24 27.67 -12.21
N PHE L 156 -18.95 27.58 -10.91
CA PHE L 156 -18.00 28.47 -10.26
C PHE L 156 -16.79 27.68 -9.78
N GLY L 157 -15.59 28.14 -10.17
CA GLY L 157 -14.38 27.37 -9.95
C GLY L 157 -13.87 27.41 -8.52
N SER L 158 -14.32 28.39 -7.73
CA SER L 158 -13.84 28.59 -6.37
C SER L 158 -14.92 28.34 -5.33
N TYR L 159 -15.95 27.56 -5.68
CA TYR L 159 -16.98 27.18 -4.73
C TYR L 159 -16.45 26.10 -3.81
N ASP L 160 -16.76 26.22 -2.51
CA ASP L 160 -16.20 25.38 -1.46
C ASP L 160 -17.29 25.09 -0.44
N PRO L 161 -18.00 23.98 -0.58
CA PRO L 161 -19.13 23.69 0.33
C PRO L 161 -18.74 23.56 1.80
N ARG L 162 -17.44 23.54 2.13
CA ARG L 162 -17.05 23.69 3.52
C ARG L 162 -17.41 25.07 4.06
N ARG L 163 -17.51 26.06 3.18
CA ARG L 163 -17.61 27.44 3.59
C ARG L 163 -18.63 28.27 2.81
N GLN L 164 -19.42 27.65 1.94
CA GLN L 164 -20.34 28.40 1.08
C GLN L 164 -21.58 27.57 0.78
N ILE L 165 -22.66 28.26 0.41
CA ILE L 165 -23.95 27.63 0.10
C ILE L 165 -24.30 27.90 -1.36
N CYS L 166 -24.83 26.87 -2.02
CA CYS L 166 -25.29 26.99 -3.41
C CYS L 166 -26.79 27.24 -3.39
N VAL L 167 -27.22 28.36 -3.97
CA VAL L 167 -28.58 28.85 -3.81
C VAL L 167 -29.15 29.24 -5.16
N GLY L 168 -30.45 29.01 -5.34
CA GLY L 168 -31.16 29.48 -6.52
C GLY L 168 -31.63 28.35 -7.41
N ASP L 169 -32.92 28.34 -7.74
CA ASP L 169 -33.45 27.27 -8.59
C ASP L 169 -32.91 27.43 -10.01
N ARG L 170 -32.31 26.34 -10.51
CA ARG L 170 -31.80 26.26 -11.87
C ARG L 170 -32.77 26.86 -12.89
N ARG L 171 -34.06 26.54 -12.76
CA ARG L 171 -35.01 26.80 -13.83
C ARG L 171 -35.61 28.20 -13.77
N GLU L 172 -35.85 28.72 -12.57
CA GLU L 172 -36.64 29.93 -12.40
C GLU L 172 -35.77 31.17 -12.29
N ARG L 173 -36.35 32.31 -12.68
CA ARG L 173 -35.64 33.60 -12.74
C ARG L 173 -35.76 34.33 -11.40
N LYS L 174 -35.25 33.68 -10.35
CA LYS L 174 -35.25 34.24 -9.01
C LYS L 174 -33.85 34.17 -8.46
N ALA L 175 -33.31 35.33 -8.08
CA ALA L 175 -31.96 35.43 -7.56
C ALA L 175 -31.78 36.79 -6.91
N ALA L 176 -30.65 36.95 -6.22
CA ALA L 176 -30.21 38.23 -5.71
C ALA L 176 -29.20 38.85 -6.69
N PHE L 177 -29.16 40.17 -6.73
CA PHE L 177 -28.40 40.87 -7.76
C PHE L 177 -27.64 42.03 -7.13
N LYS L 178 -27.25 42.99 -7.98
CA LYS L 178 -26.28 44.01 -7.62
C LYS L 178 -26.84 44.93 -6.55
N GLY L 179 -26.18 44.95 -5.39
CA GLY L 179 -26.63 45.75 -4.26
C GLY L 179 -27.21 44.95 -3.11
N ASP L 180 -27.64 43.71 -3.36
CA ASP L 180 -28.06 42.86 -2.26
C ASP L 180 -26.89 42.34 -1.44
N SER L 181 -25.68 42.38 -2.01
CA SER L 181 -24.50 41.77 -1.41
C SER L 181 -24.36 42.13 0.07
N GLY L 182 -24.33 41.11 0.92
CA GLY L 182 -24.29 41.28 2.36
C GLY L 182 -25.58 40.93 3.07
N GLY L 183 -26.69 40.81 2.34
CA GLY L 183 -27.96 40.43 2.92
C GLY L 183 -28.01 38.98 3.31
N PRO L 184 -29.01 38.60 4.12
CA PRO L 184 -29.04 37.25 4.69
C PRO L 184 -29.93 36.26 3.94
N LEU L 185 -29.69 34.97 4.19
CA LEU L 185 -30.57 33.90 3.73
C LEU L 185 -31.29 33.33 4.94
N LEU L 186 -32.61 33.30 4.89
CA LEU L 186 -33.45 33.05 6.07
C LEU L 186 -34.33 31.82 5.86
N CYS L 187 -34.17 30.83 6.73
CA CYS L 187 -34.98 29.62 6.73
C CYS L 187 -35.46 29.39 8.16
N ASN L 188 -36.75 29.55 8.40
CA ASN L 188 -37.33 29.62 9.75
C ASN L 188 -36.62 30.71 10.56
N ASN L 189 -36.87 31.95 10.13
CA ASN L 189 -36.17 33.17 10.51
C ASN L 189 -34.81 32.94 11.18
N VAL L 190 -33.90 32.25 10.49
CA VAL L 190 -32.52 32.07 10.94
C VAL L 190 -31.60 32.33 9.75
N ALA L 191 -30.58 33.15 9.96
CA ALA L 191 -29.74 33.64 8.87
C ALA L 191 -28.61 32.66 8.63
N HIS L 192 -28.81 31.73 7.68
CA HIS L 192 -27.80 30.72 7.39
C HIS L 192 -26.77 31.19 6.38
N GLY L 193 -27.09 32.19 5.55
CA GLY L 193 -26.24 32.54 4.43
C GLY L 193 -26.11 34.03 4.25
N ILE L 194 -25.11 34.40 3.45
CA ILE L 194 -24.84 35.79 3.07
C ILE L 194 -24.62 35.82 1.56
N VAL L 195 -25.33 36.70 0.87
CA VAL L 195 -25.20 36.81 -0.58
C VAL L 195 -23.76 37.19 -0.94
N SER L 196 -23.20 36.51 -1.95
CA SER L 196 -21.78 36.66 -2.25
C SER L 196 -21.48 36.85 -3.73
N TYR L 197 -21.80 35.88 -4.58
CA TYR L 197 -21.57 36.05 -6.02
C TYR L 197 -22.39 35.03 -6.81
N GLY L 198 -22.28 35.12 -8.14
CA GLY L 198 -22.98 34.26 -9.08
C GLY L 198 -22.41 34.41 -10.48
N LYS L 199 -23.26 34.41 -11.51
CA LYS L 199 -22.84 34.70 -12.88
C LYS L 199 -23.39 36.05 -13.29
N SER L 200 -22.50 37.01 -13.58
CA SER L 200 -22.84 38.43 -13.74
C SER L 200 -24.12 38.68 -14.54
N SER L 201 -24.61 37.68 -15.25
CA SER L 201 -25.88 37.81 -15.96
C SER L 201 -27.05 37.88 -14.97
N GLY L 202 -26.90 37.32 -13.78
CA GLY L 202 -27.98 37.28 -12.80
C GLY L 202 -28.70 35.95 -12.74
N VAL L 203 -28.36 35.01 -13.60
CA VAL L 203 -29.05 33.71 -13.64
C VAL L 203 -28.59 32.86 -12.47
N PRO L 204 -29.49 32.18 -11.77
CA PRO L 204 -29.07 31.22 -10.75
C PRO L 204 -28.47 29.97 -11.38
N PRO L 205 -27.76 29.14 -10.60
CA PRO L 205 -27.48 29.25 -9.17
C PRO L 205 -26.45 30.32 -8.84
N GLU L 206 -26.33 30.66 -7.56
CA GLU L 206 -25.37 31.65 -7.09
C GLU L 206 -24.77 31.15 -5.77
N VAL L 207 -23.80 31.89 -5.27
CA VAL L 207 -22.98 31.45 -4.15
C VAL L 207 -23.23 32.36 -2.95
N PHE L 208 -23.53 31.74 -1.80
CA PHE L 208 -23.65 32.41 -0.52
C PHE L 208 -22.50 32.00 0.38
N THR L 209 -22.27 32.78 1.43
CA THR L 209 -21.36 32.38 2.50
C THR L 209 -22.15 31.61 3.55
N ARG L 210 -21.65 30.43 3.94
CA ARG L 210 -22.33 29.63 4.96
C ARG L 210 -21.95 30.18 6.33
N VAL L 211 -22.89 30.90 6.96
CA VAL L 211 -22.62 31.55 8.24
C VAL L 211 -22.24 30.51 9.30
N SER L 212 -22.79 29.31 9.21
CA SER L 212 -22.51 28.29 10.21
C SER L 212 -21.03 27.94 10.25
N SER L 213 -20.32 28.07 9.13
CA SER L 213 -18.91 27.70 9.04
C SER L 213 -17.97 28.73 9.66
N PHE L 214 -18.48 29.86 10.15
CA PHE L 214 -17.65 30.92 10.71
C PHE L 214 -18.08 31.32 12.11
N LEU L 215 -18.84 30.47 12.81
CA LEU L 215 -19.45 30.90 14.08
C LEU L 215 -18.41 31.14 15.18
N PRO L 216 -17.43 30.26 15.43
CA PRO L 216 -16.44 30.58 16.46
C PRO L 216 -15.74 31.91 16.23
N TRP L 217 -15.48 32.25 14.97
CA TRP L 217 -14.84 33.53 14.67
C TRP L 217 -15.78 34.69 14.92
N ILE L 218 -17.07 34.53 14.61
CA ILE L 218 -18.06 35.57 14.90
C ILE L 218 -18.09 35.85 16.40
N ARG L 219 -18.13 34.80 17.22
CA ARG L 219 -18.26 34.98 18.65
C ARG L 219 -17.00 35.59 19.25
N THR L 220 -15.83 35.08 18.86
CA THR L 220 -14.57 35.61 19.40
C THR L 220 -14.40 37.09 19.09
N THR L 221 -14.97 37.55 17.97
CA THR L 221 -14.83 38.96 17.58
C THR L 221 -15.75 39.86 18.38
N MET L 222 -17.00 39.46 18.59
CA MET L 222 -17.97 40.27 19.32
C MET L 222 -17.62 40.49 20.83
N ARG L 223 -16.46 40.06 21.30
CA ARG L 223 -16.02 40.26 22.69
C ARG L 223 -14.54 40.63 22.74
N ILE M 1 21.20 -49.55 -11.06
CA ILE M 1 21.57 -48.48 -11.98
C ILE M 1 21.63 -48.99 -13.41
N VAL M 2 20.91 -48.32 -14.31
CA VAL M 2 20.93 -48.64 -15.73
C VAL M 2 22.04 -47.84 -16.39
N GLY M 3 23.02 -48.55 -16.95
CA GLY M 3 24.06 -47.91 -17.74
C GLY M 3 25.24 -47.38 -16.97
N GLY M 4 25.48 -47.89 -15.78
CA GLY M 4 26.62 -47.48 -14.96
C GLY M 4 27.81 -48.40 -15.13
N ARG M 5 28.55 -48.57 -14.04
CA ARG M 5 29.73 -49.40 -14.01
C ARG M 5 29.92 -49.96 -12.61
N ARG M 6 30.67 -51.05 -12.52
CA ARG M 6 31.08 -51.55 -11.22
C ARG M 6 31.90 -50.49 -10.50
N ALA M 7 31.50 -50.16 -9.28
CA ALA M 7 32.27 -49.23 -8.47
C ALA M 7 33.49 -49.93 -7.89
N ARG M 8 34.54 -49.16 -7.65
CA ARG M 8 35.71 -49.71 -6.97
C ARG M 8 35.30 -50.13 -5.56
N PRO M 9 35.73 -51.30 -5.09
CA PRO M 9 35.26 -51.79 -3.78
C PRO M 9 35.45 -50.79 -2.65
N HIS M 10 34.36 -50.50 -1.95
CA HIS M 10 34.34 -49.62 -0.78
C HIS M 10 34.79 -48.19 -1.09
N ALA M 11 34.74 -47.80 -2.38
CA ALA M 11 35.08 -46.43 -2.74
C ALA M 11 34.09 -45.41 -2.17
N TRP M 12 32.88 -45.85 -1.78
CA TRP M 12 31.91 -44.99 -1.13
C TRP M 12 31.52 -45.66 0.18
N PRO M 13 32.24 -45.35 1.27
CA PRO M 13 31.97 -46.05 2.53
C PRO M 13 30.66 -45.66 3.20
N PHE M 14 30.10 -44.49 2.87
CA PHE M 14 28.83 -44.08 3.48
C PHE M 14 27.62 -44.77 2.83
N MET M 15 27.82 -45.47 1.73
CA MET M 15 26.72 -46.17 1.07
C MET M 15 26.26 -47.35 1.92
N VAL M 16 24.94 -47.48 2.09
CA VAL M 16 24.35 -48.51 2.93
C VAL M 16 23.19 -49.17 2.20
N SER M 17 23.05 -50.49 2.37
CA SER M 17 21.97 -51.26 1.78
C SER M 17 20.91 -51.56 2.84
N LEU M 18 19.66 -51.20 2.55
CA LEU M 18 18.53 -51.54 3.41
C LEU M 18 17.94 -52.86 2.96
N GLN M 19 17.67 -53.76 3.89
CA GLN M 19 17.34 -55.14 3.55
C GLN M 19 16.17 -55.66 4.37
N LEU M 20 15.22 -56.28 3.68
CA LEU M 20 14.16 -57.08 4.29
C LEU M 20 14.37 -58.53 3.91
N ARG M 21 14.59 -59.37 4.92
CA ARG M 21 14.80 -60.81 4.71
C ARG M 21 15.98 -61.05 3.76
N GLY M 22 17.06 -60.30 4.00
CA GLY M 22 18.29 -60.47 3.24
C GLY M 22 18.27 -59.93 1.83
N GLY M 23 17.22 -59.22 1.44
CA GLY M 23 17.09 -58.69 0.09
C GLY M 23 17.10 -57.17 0.11
N HIS M 24 17.96 -56.59 -0.73
CA HIS M 24 18.02 -55.15 -0.86
C HIS M 24 16.78 -54.61 -1.57
N PHE M 25 16.23 -53.54 -1.01
CA PHE M 25 15.10 -52.83 -1.61
C PHE M 25 15.32 -51.33 -1.70
N CYS M 26 16.17 -50.75 -0.86
CA CYS M 26 16.46 -49.31 -0.87
C CYS M 26 17.87 -49.07 -0.37
N GLY M 27 18.43 -47.95 -0.80
CA GLY M 27 19.68 -47.47 -0.25
C GLY M 27 19.46 -46.37 0.78
N ALA M 28 20.57 -45.87 1.31
CA ALA M 28 20.56 -44.75 2.23
C ALA M 28 21.97 -44.17 2.30
N THR M 29 22.16 -43.19 3.17
CA THR M 29 23.45 -42.56 3.36
C THR M 29 23.76 -42.52 4.85
N LEU M 30 24.90 -43.09 5.22
CA LEU M 30 25.38 -42.98 6.60
C LEU M 30 25.87 -41.55 6.84
N ILE M 31 25.14 -40.81 7.67
CA ILE M 31 25.45 -39.40 7.94
C ILE M 31 25.98 -39.17 9.35
N ALA M 32 26.00 -40.19 10.19
CA ALA M 32 26.55 -40.12 11.53
C ALA M 32 26.87 -41.53 12.00
N PRO M 33 27.72 -41.70 13.01
CA PRO M 33 28.03 -43.06 13.48
C PRO M 33 26.82 -43.92 13.80
N ASN M 34 25.64 -43.31 13.97
CA ASN M 34 24.43 -44.05 14.32
C ASN M 34 23.19 -43.49 13.64
N PHE M 35 23.35 -42.87 12.45
CA PHE M 35 22.24 -42.30 11.71
C PHE M 35 22.45 -42.51 10.22
N VAL M 36 21.48 -43.16 9.57
CA VAL M 36 21.41 -43.25 8.12
C VAL M 36 20.22 -42.42 7.65
N MET M 37 20.35 -41.87 6.44
CA MET M 37 19.39 -40.95 5.86
C MET M 37 18.92 -41.50 4.52
N SER M 38 17.62 -41.65 4.38
CA SER M 38 17.07 -42.29 3.19
C SER M 38 15.81 -41.53 2.76
N ALA M 39 15.12 -42.08 1.78
CA ALA M 39 13.87 -41.51 1.30
C ALA M 39 12.72 -41.98 2.17
N ALA M 40 11.73 -41.12 2.37
CA ALA M 40 10.67 -41.42 3.33
C ALA M 40 9.67 -42.44 2.79
N HIS M 41 9.64 -42.66 1.47
CA HIS M 41 8.71 -43.64 0.91
C HIS M 41 9.24 -45.08 1.03
N CYS M 42 10.56 -45.25 1.14
CA CYS M 42 11.12 -46.58 1.37
C CYS M 42 10.57 -47.18 2.64
N VAL M 43 10.46 -46.38 3.71
CA VAL M 43 10.12 -46.89 5.03
C VAL M 43 8.65 -46.71 5.38
N ALA M 44 7.90 -45.96 4.58
CA ALA M 44 6.52 -45.63 4.97
C ALA M 44 5.60 -46.85 4.95
N ASN M 45 5.98 -47.93 4.25
CA ASN M 45 5.15 -49.12 4.18
C ASN M 45 5.88 -50.37 4.66
N VAL M 46 6.98 -50.22 5.38
CA VAL M 46 7.82 -51.34 5.76
C VAL M 46 7.75 -51.55 7.27
N ASN M 47 8.03 -52.78 7.69
CA ASN M 47 8.13 -53.14 9.11
C ASN M 47 9.50 -52.71 9.60
N VAL M 48 9.56 -51.52 10.18
CA VAL M 48 10.82 -50.94 10.64
C VAL M 48 11.53 -51.88 11.61
N ARG M 49 10.76 -52.68 12.36
CA ARG M 49 11.33 -53.69 13.23
C ARG M 49 11.98 -54.84 12.46
N ALA M 50 11.81 -54.92 11.14
CA ALA M 50 12.36 -56.00 10.34
C ALA M 50 13.44 -55.56 9.38
N VAL M 51 13.67 -54.26 9.24
CA VAL M 51 14.71 -53.75 8.35
C VAL M 51 16.07 -53.92 9.01
N ARG M 52 17.05 -54.33 8.21
CA ARG M 52 18.43 -54.43 8.66
C ARG M 52 19.31 -53.54 7.80
N VAL M 53 20.11 -52.71 8.46
CA VAL M 53 20.88 -51.64 7.82
C VAL M 53 22.31 -52.13 7.66
N VAL M 54 22.72 -52.39 6.41
CA VAL M 54 24.00 -53.01 6.10
C VAL M 54 24.96 -51.92 5.66
N LEU M 55 25.99 -51.65 6.46
CA LEU M 55 26.98 -50.64 6.18
C LEU M 55 28.24 -51.27 5.60
N GLY M 56 28.87 -50.55 4.66
CA GLY M 56 30.13 -51.00 4.12
C GLY M 56 30.09 -52.29 3.34
N ALA M 57 28.98 -52.56 2.67
CA ALA M 57 28.91 -53.71 1.77
C ALA M 57 29.38 -53.29 0.38
N HIS M 58 29.58 -54.29 -0.49
CA HIS M 58 30.00 -54.00 -1.86
C HIS M 58 29.35 -54.96 -2.84
N ASN M 59 29.50 -56.27 -2.59
CA ASN M 59 28.85 -57.31 -3.36
C ASN M 59 27.79 -57.96 -2.48
N LEU M 60 26.52 -57.64 -2.73
CA LEU M 60 25.43 -58.21 -1.96
C LEU M 60 25.28 -59.72 -2.19
N SER M 61 25.83 -60.23 -3.29
CA SER M 61 25.81 -61.67 -3.55
C SER M 61 26.76 -62.43 -2.63
N ARG M 62 27.72 -61.76 -2.01
CA ARG M 62 28.75 -62.41 -1.21
C ARG M 62 28.54 -62.16 0.28
N ARG M 63 28.99 -63.13 1.07
CA ARG M 63 29.20 -62.88 2.50
C ARG M 63 30.46 -62.03 2.66
N GLU M 64 30.31 -60.85 3.22
CA GLU M 64 31.42 -59.91 3.29
C GLU M 64 31.68 -59.52 4.73
N PRO M 65 32.88 -59.78 5.26
CA PRO M 65 33.16 -59.42 6.66
C PRO M 65 33.42 -57.94 6.86
N THR M 66 33.61 -57.19 5.78
CA THR M 66 33.74 -55.74 5.84
C THR M 66 32.43 -55.07 6.24
N ARG M 67 31.37 -55.83 6.46
CA ARG M 67 30.05 -55.29 6.73
C ARG M 67 29.81 -55.11 8.21
N GLN M 68 28.85 -54.24 8.51
CA GLN M 68 28.32 -54.07 9.86
C GLN M 68 26.82 -53.88 9.72
N VAL M 69 26.05 -54.71 10.43
CA VAL M 69 24.60 -54.78 10.26
C VAL M 69 23.92 -54.24 11.52
N PHE M 70 22.87 -53.46 11.33
CA PHE M 70 22.17 -52.81 12.43
C PHE M 70 20.67 -52.92 12.22
N ALA M 71 19.93 -52.63 13.29
CA ALA M 71 18.48 -52.52 13.26
C ALA M 71 18.09 -51.05 13.40
N VAL M 72 16.83 -50.76 13.12
CA VAL M 72 16.31 -49.39 13.16
C VAL M 72 15.59 -49.18 14.48
N GLN M 73 15.99 -48.15 15.20
CA GLN M 73 15.49 -47.85 16.54
C GLN M 73 14.46 -46.73 16.54
N ARG M 74 14.65 -45.70 15.72
CA ARG M 74 13.69 -44.61 15.59
C ARG M 74 13.62 -44.14 14.14
N ILE M 75 12.53 -43.44 13.82
CA ILE M 75 12.30 -42.84 12.53
C ILE M 75 12.00 -41.36 12.73
N PHE M 76 12.75 -40.51 12.04
CA PHE M 76 12.54 -39.07 12.07
C PHE M 76 12.20 -38.61 10.66
N GLU M 77 10.92 -38.33 10.41
CA GLU M 77 10.48 -37.80 9.13
C GLU M 77 10.45 -36.28 9.17
N ASN M 78 10.24 -35.68 8.01
CA ASN M 78 10.16 -34.22 7.88
C ASN M 78 8.97 -33.84 7.00
N GLY M 79 7.79 -34.34 7.34
CA GLY M 79 6.57 -33.99 6.64
C GLY M 79 6.46 -34.54 5.24
N TYR M 80 6.68 -35.85 5.09
CA TYR M 80 6.66 -36.46 3.77
C TYR M 80 5.25 -36.49 3.20
N ASP M 81 5.09 -35.97 1.98
CA ASP M 81 3.81 -35.91 1.27
C ASP M 81 3.80 -36.96 0.17
N PRO M 82 3.17 -38.11 0.37
CA PRO M 82 3.24 -39.19 -0.64
C PRO M 82 2.33 -38.98 -1.84
N VAL M 83 1.48 -37.96 -1.82
CA VAL M 83 0.63 -37.67 -2.97
C VAL M 83 1.38 -36.84 -3.99
N ASN M 84 2.12 -35.82 -3.53
CA ASN M 84 2.91 -34.97 -4.41
C ASN M 84 4.40 -35.26 -4.31
N LEU M 85 4.80 -36.25 -3.51
CA LEU M 85 6.20 -36.68 -3.39
C LEU M 85 7.12 -35.53 -2.99
N LEU M 86 6.72 -34.80 -1.95
CA LEU M 86 7.50 -33.73 -1.37
C LEU M 86 8.15 -34.18 -0.07
N ASN M 87 9.28 -33.55 0.27
CA ASN M 87 10.00 -33.78 1.52
C ASN M 87 10.28 -35.28 1.72
N ASP M 88 10.89 -35.89 0.71
CA ASP M 88 11.07 -37.34 0.67
C ASP M 88 12.37 -37.73 1.36
N ILE M 89 12.48 -37.35 2.63
CA ILE M 89 13.67 -37.60 3.43
C ILE M 89 13.24 -38.13 4.78
N VAL M 90 14.01 -39.07 5.32
CA VAL M 90 13.73 -39.69 6.61
C VAL M 90 15.06 -40.07 7.25
N ILE M 91 15.16 -39.84 8.56
CA ILE M 91 16.33 -40.19 9.35
C ILE M 91 15.99 -41.42 10.19
N LEU M 92 16.90 -42.41 10.19
CA LEU M 92 16.74 -43.63 10.95
C LEU M 92 17.86 -43.71 11.97
N GLN M 93 17.50 -43.80 13.25
CA GLN M 93 18.48 -44.06 14.30
C GLN M 93 18.68 -45.56 14.44
N LEU M 94 19.94 -45.97 14.58
CA LEU M 94 20.29 -47.38 14.58
C LEU M 94 20.24 -47.98 15.99
N ASN M 95 20.27 -49.32 16.06
CA ASN M 95 20.35 -50.04 17.32
C ASN M 95 21.79 -50.13 17.84
N GLY M 96 22.70 -49.40 17.25
CA GLY M 96 24.07 -49.32 17.72
C GLY M 96 24.80 -48.19 17.03
N SER M 97 26.13 -48.18 17.16
CA SER M 97 26.98 -47.20 16.51
C SER M 97 27.99 -47.90 15.62
N ALA M 98 28.09 -47.43 14.37
CA ALA M 98 29.04 -48.02 13.43
C ALA M 98 30.47 -47.81 13.91
N THR M 99 31.31 -48.81 13.67
CA THR M 99 32.74 -48.67 13.88
C THR M 99 33.32 -48.07 12.61
N ILE M 100 33.65 -46.78 12.66
CA ILE M 100 34.12 -46.06 11.48
C ILE M 100 35.53 -46.53 11.15
N ASN M 101 35.73 -47.01 9.93
CA ASN M 101 37.04 -47.40 9.44
C ASN M 101 37.17 -47.04 7.97
N ALA M 102 38.04 -47.74 7.24
CA ALA M 102 38.21 -47.45 5.82
C ALA M 102 37.00 -47.88 5.00
N ASN M 103 36.19 -48.80 5.51
CA ASN M 103 35.04 -49.33 4.79
C ASN M 103 33.72 -48.64 5.15
N VAL M 104 33.65 -47.99 6.31
CA VAL M 104 32.42 -47.36 6.79
C VAL M 104 32.78 -45.98 7.31
N GLN M 105 32.26 -44.93 6.67
CA GLN M 105 32.59 -43.56 7.05
C GLN M 105 31.36 -42.68 6.92
N VAL M 106 31.45 -41.51 7.53
CA VAL M 106 30.35 -40.54 7.58
C VAL M 106 30.45 -39.63 6.37
N ALA M 107 29.32 -39.39 5.71
CA ALA M 107 29.25 -38.52 4.56
C ALA M 107 29.06 -37.06 4.97
N GLN M 108 29.54 -36.17 4.13
CA GLN M 108 29.42 -34.73 4.36
C GLN M 108 28.25 -34.17 3.55
N LEU M 109 27.45 -33.35 4.19
CA LEU M 109 26.28 -32.72 3.60
C LEU M 109 26.55 -31.25 3.32
N PRO M 110 25.91 -30.67 2.31
CA PRO M 110 26.16 -29.28 1.94
C PRO M 110 25.59 -28.34 2.99
N ALA M 111 25.73 -27.05 2.72
CA ALA M 111 25.16 -26.05 3.59
C ALA M 111 23.68 -25.87 3.29
N GLN M 112 22.94 -25.43 4.30
CA GLN M 112 21.51 -25.20 4.12
C GLN M 112 21.28 -24.16 3.02
N GLY M 113 20.55 -24.57 1.98
CA GLY M 113 20.17 -23.68 0.91
C GLY M 113 21.08 -23.72 -0.31
N ARG M 114 22.33 -24.16 -0.16
CA ARG M 114 23.27 -24.22 -1.28
C ARG M 114 22.71 -25.09 -2.39
N ARG M 115 22.17 -24.47 -3.43
CA ARG M 115 21.49 -25.16 -4.51
C ARG M 115 22.40 -25.23 -5.73
N LEU M 116 22.34 -26.35 -6.44
CA LEU M 116 23.09 -26.56 -7.67
C LEU M 116 22.32 -25.99 -8.85
N GLY M 117 23.01 -25.22 -9.69
CA GLY M 117 22.42 -24.72 -10.91
C GLY M 117 22.52 -25.74 -12.05
N ASN M 118 21.90 -25.38 -13.17
CA ASN M 118 21.90 -26.22 -14.35
C ASN M 118 23.33 -26.56 -14.79
N GLY M 119 23.60 -27.85 -14.97
CA GLY M 119 24.83 -28.29 -15.60
C GLY M 119 25.86 -28.92 -14.69
N VAL M 120 25.75 -28.77 -13.36
CA VAL M 120 26.75 -29.31 -12.47
C VAL M 120 26.82 -30.83 -12.63
N GLN M 121 28.05 -31.36 -12.60
CA GLN M 121 28.28 -32.79 -12.81
C GLN M 121 28.25 -33.53 -11.48
N CYS M 122 27.45 -34.59 -11.42
CA CYS M 122 27.28 -35.38 -10.20
C CYS M 122 27.54 -36.85 -10.47
N LEU M 123 27.21 -37.70 -9.50
CA LEU M 123 27.53 -39.12 -9.58
C LEU M 123 26.49 -39.88 -8.75
N ALA M 124 25.58 -40.58 -9.41
CA ALA M 124 24.58 -41.39 -8.73
C ALA M 124 25.11 -42.81 -8.52
N MET M 125 24.46 -43.53 -7.62
CA MET M 125 24.91 -44.87 -7.25
C MET M 125 23.75 -45.64 -6.64
N GLY M 126 23.98 -46.93 -6.39
CA GLY M 126 23.01 -47.81 -5.78
C GLY M 126 23.01 -49.23 -6.31
N TRP M 127 22.30 -50.13 -5.63
CA TRP M 127 22.19 -51.53 -6.06
C TRP M 127 20.95 -51.78 -6.90
N GLY M 128 20.41 -50.75 -7.56
CA GLY M 128 19.15 -50.87 -8.28
C GLY M 128 19.23 -51.79 -9.48
N LEU M 129 18.15 -51.90 -10.25
CA LEU M 129 18.15 -52.79 -11.41
C LEU M 129 19.15 -52.29 -12.45
N LEU M 130 19.85 -53.25 -13.07
CA LEU M 130 20.78 -52.92 -14.14
C LEU M 130 20.06 -52.66 -15.45
N GLY M 131 18.81 -53.07 -15.56
CA GLY M 131 17.98 -52.77 -16.69
C GLY M 131 16.57 -53.19 -16.37
N ARG M 132 15.57 -52.46 -16.87
CA ARG M 132 14.22 -52.98 -16.85
C ARG M 132 14.22 -54.36 -17.51
N ASN M 133 13.85 -55.38 -16.71
CA ASN M 133 13.84 -56.82 -16.99
C ASN M 133 15.25 -57.45 -17.01
N ARG M 134 16.19 -56.90 -16.23
CA ARG M 134 17.53 -57.47 -16.17
C ARG M 134 18.02 -57.79 -14.77
N GLY M 135 17.26 -57.44 -13.74
CA GLY M 135 17.52 -57.94 -12.39
C GLY M 135 18.26 -56.94 -11.52
N ILE M 136 18.25 -57.24 -10.22
CA ILE M 136 18.94 -56.41 -9.24
C ILE M 136 20.44 -56.58 -9.38
N ALA M 137 21.19 -55.51 -9.12
CA ALA M 137 22.64 -55.55 -9.17
C ALA M 137 23.20 -56.20 -7.90
N SER M 138 24.22 -57.03 -8.07
CA SER M 138 24.95 -57.61 -6.95
C SER M 138 26.14 -56.78 -6.50
N VAL M 139 26.85 -56.16 -7.44
CA VAL M 139 27.95 -55.26 -7.15
C VAL M 139 27.43 -53.83 -7.22
N LEU M 140 27.92 -52.96 -6.35
CA LEU M 140 27.48 -51.58 -6.36
C LEU M 140 27.76 -50.94 -7.72
N GLN M 141 26.84 -50.10 -8.17
CA GLN M 141 26.94 -49.40 -9.43
C GLN M 141 27.08 -47.90 -9.19
N GLU M 142 27.75 -47.23 -10.11
CA GLU M 142 27.87 -45.78 -10.08
C GLU M 142 27.71 -45.23 -11.48
N LEU M 143 27.44 -43.94 -11.57
CA LEU M 143 27.04 -43.34 -12.84
C LEU M 143 27.21 -41.82 -12.82
N ASN M 144 28.07 -41.31 -13.70
CA ASN M 144 28.16 -39.87 -13.91
C ASN M 144 26.83 -39.36 -14.44
N VAL M 145 26.39 -38.19 -13.94
CA VAL M 145 25.14 -37.56 -14.36
C VAL M 145 25.37 -36.06 -14.51
N THR M 146 24.34 -35.39 -15.01
CA THR M 146 24.34 -33.95 -15.19
C THR M 146 23.08 -33.38 -14.55
N VAL M 147 23.25 -32.38 -13.69
CA VAL M 147 22.09 -31.69 -13.13
C VAL M 147 21.39 -30.91 -14.23
N VAL M 148 20.05 -30.99 -14.24
CA VAL M 148 19.24 -30.27 -15.21
C VAL M 148 18.21 -29.45 -14.45
N THR M 149 17.77 -28.36 -15.09
CA THR M 149 16.67 -27.55 -14.61
C THR M 149 15.43 -27.64 -15.49
N SER M 150 15.57 -27.98 -16.76
CA SER M 150 14.42 -28.18 -17.63
C SER M 150 13.72 -29.49 -17.27
N LEU M 151 12.40 -29.50 -17.51
CA LEU M 151 11.53 -30.64 -17.16
C LEU M 151 11.56 -30.96 -15.67
N CYS M 152 12.04 -30.03 -14.84
CA CYS M 152 12.15 -30.24 -13.40
C CYS M 152 11.38 -29.16 -12.66
N ARG M 153 11.14 -29.41 -11.37
CA ARG M 153 10.51 -28.45 -10.49
C ARG M 153 11.47 -28.03 -9.39
N ARG M 154 11.20 -26.86 -8.81
CA ARG M 154 12.03 -26.31 -7.75
C ARG M 154 12.04 -27.17 -6.50
N SER M 155 11.13 -28.15 -6.41
CA SER M 155 11.00 -29.00 -5.24
C SER M 155 11.94 -30.21 -5.26
N ASN M 156 12.65 -30.44 -6.37
CA ASN M 156 13.50 -31.61 -6.50
C ASN M 156 14.83 -31.24 -7.15
N VAL M 157 15.81 -32.12 -6.97
CA VAL M 157 17.05 -32.10 -7.76
C VAL M 157 16.88 -33.10 -8.89
N CYS M 158 17.10 -32.65 -10.13
CA CYS M 158 16.91 -33.50 -11.29
C CYS M 158 18.22 -33.71 -12.03
N THR M 159 18.41 -34.93 -12.52
CA THR M 159 19.62 -35.32 -13.24
C THR M 159 19.24 -35.97 -14.57
N LEU M 160 20.17 -35.94 -15.51
CA LEU M 160 19.91 -36.50 -16.84
C LEU M 160 21.23 -36.92 -17.48
N VAL M 161 21.29 -38.18 -17.90
CA VAL M 161 22.39 -38.65 -18.74
C VAL M 161 22.10 -38.25 -20.18
N ARG M 162 23.01 -37.49 -20.79
CA ARG M 162 22.79 -36.98 -22.13
C ARG M 162 23.43 -37.91 -23.14
N GLY M 163 22.70 -38.24 -24.20
CA GLY M 163 23.20 -39.04 -25.30
C GLY M 163 22.90 -40.51 -25.22
N ARG M 164 22.53 -41.03 -24.05
CA ARG M 164 22.21 -42.45 -23.89
C ARG M 164 20.90 -42.60 -23.15
N GLN M 165 20.41 -43.83 -23.11
CA GLN M 165 19.33 -44.21 -22.22
C GLN M 165 19.98 -44.82 -20.97
N ALA M 166 20.03 -44.04 -19.90
CA ALA M 166 20.68 -44.47 -18.67
C ALA M 166 20.15 -43.63 -17.52
N GLY M 167 19.95 -44.26 -16.37
CA GLY M 167 19.44 -43.55 -15.21
C GLY M 167 19.34 -44.47 -14.02
N VAL M 168 18.63 -44.00 -13.00
CA VAL M 168 18.42 -44.79 -11.80
C VAL M 168 17.21 -45.68 -12.01
N CYS M 169 17.21 -46.84 -11.35
CA CYS M 169 16.12 -47.78 -11.49
C CYS M 169 15.71 -48.28 -10.11
N PHE M 170 14.72 -49.17 -10.07
CA PHE M 170 14.12 -49.57 -8.80
C PHE M 170 15.13 -50.32 -7.95
N GLY M 171 15.22 -49.95 -6.68
CA GLY M 171 16.30 -50.36 -5.82
C GLY M 171 17.32 -49.28 -5.59
N ASP M 172 17.30 -48.22 -6.40
CA ASP M 172 18.16 -47.06 -6.19
C ASP M 172 17.54 -46.01 -5.27
N SER M 173 16.26 -46.17 -4.90
CA SER M 173 15.63 -45.22 -4.00
C SER M 173 16.42 -45.08 -2.71
N GLY M 174 16.40 -43.89 -2.13
CA GLY M 174 17.12 -43.61 -0.92
C GLY M 174 18.62 -43.40 -1.09
N SER M 175 19.17 -43.77 -2.24
CA SER M 175 20.61 -43.71 -2.45
C SER M 175 21.07 -42.27 -2.68
N PRO M 176 22.29 -41.93 -2.27
CA PRO M 176 22.75 -40.54 -2.37
C PRO M 176 23.15 -40.14 -3.78
N LEU M 177 23.06 -38.85 -4.02
CA LEU M 177 23.59 -38.21 -5.21
C LEU M 177 24.77 -37.34 -4.78
N VAL M 178 25.97 -37.71 -5.23
CA VAL M 178 27.20 -37.06 -4.80
C VAL M 178 27.60 -36.02 -5.84
N CYS M 179 27.81 -34.78 -5.39
CA CYS M 179 28.22 -33.68 -6.26
C CYS M 179 29.33 -32.93 -5.54
N ASN M 180 30.54 -32.97 -6.10
CA ASN M 180 31.71 -32.31 -5.48
C ASN M 180 31.94 -32.81 -4.06
N GLY M 181 31.57 -34.07 -3.81
CA GLY M 181 31.85 -34.70 -2.54
C GLY M 181 30.82 -34.46 -1.45
N LEU M 182 29.67 -33.87 -1.78
CA LEU M 182 28.63 -33.61 -0.80
C LEU M 182 27.36 -34.33 -1.21
N ILE M 183 26.69 -34.96 -0.24
CA ILE M 183 25.42 -35.64 -0.49
C ILE M 183 24.36 -34.59 -0.79
N HIS M 184 24.11 -34.32 -2.07
CA HIS M 184 23.18 -33.27 -2.47
C HIS M 184 21.78 -33.80 -2.79
N GLY M 185 21.60 -35.11 -2.89
CA GLY M 185 20.32 -35.64 -3.30
C GLY M 185 20.10 -37.05 -2.80
N ILE M 186 18.84 -37.38 -2.58
CA ILE M 186 18.39 -38.74 -2.25
C ILE M 186 17.45 -39.19 -3.36
N ALA M 187 17.75 -40.34 -3.95
CA ALA M 187 16.97 -40.81 -5.09
C ALA M 187 15.50 -41.02 -4.71
N SER M 188 14.59 -40.43 -5.51
CA SER M 188 13.17 -40.38 -5.16
C SER M 188 12.31 -41.13 -6.17
N PHE M 189 12.12 -40.58 -7.38
CA PHE M 189 11.21 -41.20 -8.34
C PHE M 189 11.72 -40.98 -9.77
N VAL M 190 11.22 -41.81 -10.67
CA VAL M 190 11.52 -41.73 -12.09
C VAL M 190 10.21 -41.56 -12.85
N ARG M 191 10.30 -41.04 -14.07
CA ARG M 191 9.14 -40.69 -14.88
C ARG M 191 9.07 -41.59 -16.10
N GLY M 192 7.93 -42.24 -16.29
CA GLY M 192 7.68 -43.09 -17.44
C GLY M 192 8.32 -44.46 -17.40
N GLY M 193 9.36 -44.65 -16.62
CA GLY M 193 10.13 -45.89 -16.59
C GLY M 193 11.61 -45.57 -16.53
N CYS M 194 12.39 -46.55 -16.12
CA CYS M 194 13.83 -46.33 -15.93
C CYS M 194 14.50 -45.92 -17.23
N ALA M 195 15.42 -44.95 -17.14
CA ALA M 195 16.28 -44.57 -18.25
C ALA M 195 15.49 -44.17 -19.49
N SER M 196 14.46 -43.33 -19.29
CA SER M 196 13.61 -42.95 -20.41
C SER M 196 14.39 -42.17 -21.46
N GLY M 197 15.36 -41.36 -21.04
CA GLY M 197 16.11 -40.51 -21.94
C GLY M 197 15.50 -39.16 -22.23
N LEU M 198 14.20 -39.00 -21.99
CA LEU M 198 13.51 -37.73 -22.14
C LEU M 198 13.38 -36.97 -20.82
N TYR M 199 12.91 -37.66 -19.76
CA TYR M 199 12.54 -37.05 -18.50
C TYR M 199 13.64 -37.27 -17.47
N PRO M 200 14.07 -36.22 -16.77
CA PRO M 200 15.15 -36.39 -15.80
C PRO M 200 14.71 -37.18 -14.57
N ASP M 201 15.68 -37.88 -13.97
CA ASP M 201 15.46 -38.48 -12.67
C ASP M 201 15.24 -37.40 -11.63
N ALA M 202 14.63 -37.79 -10.51
CA ALA M 202 14.23 -36.85 -9.47
C ALA M 202 14.86 -37.25 -8.15
N PHE M 203 15.40 -36.27 -7.42
CA PHE M 203 16.10 -36.51 -6.17
C PHE M 203 15.55 -35.61 -5.09
N ALA M 204 15.60 -36.10 -3.86
CA ALA M 204 15.21 -35.27 -2.72
C ALA M 204 16.32 -34.27 -2.44
N PRO M 205 16.02 -32.97 -2.35
CA PRO M 205 17.10 -31.97 -2.22
C PRO M 205 17.65 -31.89 -0.81
N VAL M 206 18.78 -32.56 -0.57
CA VAL M 206 19.35 -32.62 0.77
C VAL M 206 19.67 -31.21 1.27
N ALA M 207 20.11 -30.33 0.38
CA ALA M 207 20.56 -29.00 0.79
C ALA M 207 19.42 -28.18 1.42
N GLN M 208 18.17 -28.50 1.12
CA GLN M 208 17.05 -27.74 1.66
C GLN M 208 16.64 -28.19 3.05
N PHE M 209 17.16 -29.32 3.53
CA PHE M 209 16.80 -29.84 4.85
C PHE M 209 17.99 -29.88 5.81
N VAL M 210 19.13 -29.29 5.43
CA VAL M 210 20.32 -29.37 6.27
C VAL M 210 20.04 -28.86 7.68
N ASN M 211 19.24 -27.79 7.78
CA ASN M 211 18.85 -27.30 9.11
C ASN M 211 18.11 -28.38 9.89
N TRP M 212 17.22 -29.12 9.24
CA TRP M 212 16.41 -30.11 9.94
C TRP M 212 17.24 -31.34 10.32
N ILE M 213 18.04 -31.84 9.38
CA ILE M 213 18.86 -33.02 9.66
C ILE M 213 19.78 -32.77 10.83
N ASP M 214 20.34 -31.55 10.93
CA ASP M 214 21.23 -31.22 12.04
C ASP M 214 20.53 -31.39 13.38
N SER M 215 19.24 -31.01 13.46
CA SER M 215 18.54 -31.08 14.73
C SER M 215 18.26 -32.51 15.16
N ILE M 216 18.16 -33.44 14.22
CA ILE M 216 17.88 -34.83 14.56
C ILE M 216 19.10 -35.48 15.20
N ILE M 217 20.27 -35.30 14.57
CA ILE M 217 21.49 -35.95 15.06
C ILE M 217 22.23 -35.11 16.08
N GLN M 218 21.74 -33.92 16.41
CA GLN M 218 22.21 -33.11 17.53
C GLN M 218 23.74 -32.96 17.60
N SER N 2 5.37 -71.24 -3.18
CA SER N 2 6.11 -71.06 -4.42
C SER N 2 5.61 -69.86 -5.21
N THR N 3 4.30 -69.80 -5.45
CA THR N 3 3.64 -68.63 -6.01
C THR N 3 2.36 -68.38 -5.22
N ILE N 4 2.00 -67.10 -5.10
CA ILE N 4 0.89 -66.70 -4.22
C ILE N 4 -0.21 -66.01 -5.00
N GLN N 5 -1.30 -65.66 -4.32
CA GLN N 5 -2.44 -64.95 -4.90
C GLN N 5 -2.77 -63.75 -4.04
N ILE N 6 -2.85 -62.59 -4.66
CA ILE N 6 -3.18 -61.33 -3.98
C ILE N 6 -4.54 -60.86 -4.47
N PRO N 7 -5.47 -60.49 -3.59
CA PRO N 7 -6.82 -60.12 -4.02
C PRO N 7 -6.91 -58.67 -4.49
N TYR N 8 -7.74 -58.45 -5.51
CA TYR N 8 -7.94 -57.11 -6.02
C TYR N 8 -9.41 -56.85 -6.30
N THR N 9 -9.78 -55.57 -6.19
CA THR N 9 -11.14 -55.11 -6.45
C THR N 9 -11.09 -53.90 -7.38
N ILE N 10 -12.11 -53.78 -8.21
CA ILE N 10 -12.19 -52.71 -9.22
C ILE N 10 -13.48 -51.94 -9.03
N THR N 11 -13.38 -50.61 -9.09
CA THR N 11 -14.52 -49.71 -9.12
C THR N 11 -14.37 -48.77 -10.31
N VAL N 12 -15.43 -48.65 -11.12
CA VAL N 12 -15.45 -47.77 -12.27
C VAL N 12 -16.49 -46.67 -12.06
N ASN N 13 -17.76 -47.04 -12.02
CA ASN N 13 -18.77 -46.10 -11.56
C ASN N 13 -19.51 -46.66 -10.36
N GLY N 14 -19.08 -47.82 -9.85
CA GLY N 14 -19.88 -48.62 -8.96
C GLY N 14 -19.92 -50.02 -9.51
N THR N 15 -19.08 -50.89 -8.97
CA THR N 15 -19.04 -52.31 -9.33
C THR N 15 -18.54 -53.10 -8.12
N SER N 16 -19.45 -53.85 -7.49
CA SER N 16 -19.15 -54.54 -6.25
C SER N 16 -19.20 -56.03 -6.47
N GLN N 17 -20.33 -56.70 -6.24
CA GLN N 17 -20.43 -58.14 -6.00
C GLN N 17 -19.77 -59.02 -7.05
N ASN N 18 -18.77 -58.48 -7.74
CA ASN N 18 -18.22 -59.06 -8.96
C ASN N 18 -17.62 -60.45 -8.72
N ILE N 19 -16.36 -60.56 -8.31
CA ILE N 19 -15.72 -61.84 -8.58
C ILE N 19 -14.85 -62.40 -7.46
N LEU N 20 -14.57 -61.64 -6.42
CA LEU N 20 -13.55 -62.03 -5.47
C LEU N 20 -12.26 -62.35 -6.23
N SER N 21 -11.80 -61.35 -6.99
CA SER N 21 -10.75 -61.52 -7.98
C SER N 21 -9.37 -61.52 -7.30
N SER N 22 -8.39 -62.05 -8.03
CA SER N 22 -7.08 -62.28 -7.45
C SER N 22 -5.99 -62.26 -8.52
N LEU N 23 -4.87 -61.63 -8.18
CA LEU N 23 -3.67 -61.60 -9.02
C LEU N 23 -2.68 -62.67 -8.57
N THR N 24 -1.76 -63.02 -9.48
CA THR N 24 -0.76 -64.04 -9.22
C THR N 24 0.63 -63.41 -9.24
N PHE N 25 1.23 -63.26 -8.06
CA PHE N 25 2.61 -62.85 -7.91
C PHE N 25 3.43 -64.03 -7.39
N ASN N 26 4.75 -63.83 -7.34
CA ASN N 26 5.65 -64.85 -6.82
C ASN N 26 5.80 -64.71 -5.32
N LYS N 27 5.89 -65.84 -4.63
CA LYS N 27 6.13 -65.82 -3.19
C LYS N 27 7.54 -65.28 -2.92
N ASN N 28 7.62 -64.24 -2.10
CA ASN N 28 8.89 -63.66 -1.64
C ASN N 28 9.74 -63.20 -2.84
N GLN N 29 9.28 -62.12 -3.46
CA GLN N 29 9.98 -61.52 -4.59
C GLN N 29 9.78 -60.01 -4.56
N ASN N 30 10.88 -59.27 -4.69
CA ASN N 30 10.82 -57.82 -4.72
C ASN N 30 10.44 -57.36 -6.12
N ILE N 31 9.37 -56.58 -6.22
CA ILE N 31 8.93 -56.01 -7.49
C ILE N 31 8.84 -54.50 -7.31
N SER N 32 8.62 -53.81 -8.43
CA SER N 32 8.53 -52.36 -8.46
C SER N 32 7.08 -51.93 -8.68
N TYR N 33 6.85 -50.62 -8.50
CA TYR N 33 5.52 -50.08 -8.73
C TYR N 33 5.15 -50.04 -10.21
N LYS N 34 6.14 -50.04 -11.10
CA LYS N 34 5.87 -50.19 -12.53
C LYS N 34 5.48 -51.63 -12.85
N ASP N 35 6.10 -52.60 -12.16
CA ASP N 35 5.67 -53.99 -12.29
C ASP N 35 4.21 -54.15 -11.90
N ILE N 36 3.83 -53.56 -10.76
CA ILE N 36 2.45 -53.68 -10.28
C ILE N 36 1.49 -53.01 -11.24
N GLU N 37 1.83 -51.80 -11.70
CA GLU N 37 0.95 -51.07 -12.60
C GLU N 37 0.63 -51.90 -13.85
N ASN N 38 1.58 -52.69 -14.33
CA ASN N 38 1.34 -53.46 -15.55
C ASN N 38 0.33 -54.58 -15.33
N LYS N 39 0.31 -55.18 -14.13
CA LYS N 39 -0.71 -56.17 -13.82
C LYS N 39 -2.06 -55.52 -13.53
N VAL N 40 -2.05 -54.31 -12.97
CA VAL N 40 -3.31 -53.61 -12.69
C VAL N 40 -3.94 -53.11 -13.98
N LYS N 41 -3.16 -52.41 -14.81
CA LYS N 41 -3.65 -52.00 -16.13
C LYS N 41 -4.12 -53.19 -16.95
N SER N 42 -3.67 -54.40 -16.62
CA SER N 42 -4.07 -55.60 -17.35
C SER N 42 -5.46 -56.07 -16.92
N VAL N 43 -5.67 -56.29 -15.62
CA VAL N 43 -6.95 -56.77 -15.14
C VAL N 43 -8.03 -55.70 -15.25
N LEU N 44 -7.64 -54.43 -15.37
CA LEU N 44 -8.63 -53.38 -15.56
C LEU N 44 -9.34 -53.52 -16.90
N TYR N 45 -8.65 -54.04 -17.91
CA TYR N 45 -9.22 -54.26 -19.23
C TYR N 45 -9.87 -55.64 -19.35
N PHE N 46 -9.29 -56.66 -18.71
CA PHE N 46 -9.84 -58.01 -18.84
C PHE N 46 -11.23 -58.11 -18.23
N ASN N 47 -11.44 -57.45 -17.09
CA ASN N 47 -12.74 -57.53 -16.41
C ASN N 47 -13.69 -56.41 -16.81
N ARG N 48 -13.17 -55.26 -17.23
CA ARG N 48 -13.99 -54.08 -17.48
C ARG N 48 -13.77 -53.40 -18.81
N GLY N 49 -12.88 -53.92 -19.66
CA GLY N 49 -12.63 -53.27 -20.94
C GLY N 49 -12.07 -51.87 -20.82
N ILE N 50 -11.32 -51.60 -19.75
CA ILE N 50 -10.68 -50.29 -19.55
C ILE N 50 -9.29 -50.35 -20.16
N SER N 51 -9.12 -49.72 -21.32
CA SER N 51 -7.86 -49.73 -22.04
C SER N 51 -7.01 -48.53 -21.63
N ASP N 52 -5.85 -48.39 -22.29
CA ASP N 52 -5.00 -47.23 -22.04
C ASP N 52 -5.73 -45.94 -22.43
N ILE N 53 -6.55 -46.00 -23.49
CA ILE N 53 -7.32 -44.83 -23.91
C ILE N 53 -8.31 -44.42 -22.83
N ASP N 54 -8.99 -45.39 -22.21
CA ASP N 54 -9.96 -45.05 -21.18
C ASP N 54 -9.30 -44.43 -19.96
N LEU N 55 -8.12 -44.93 -19.59
CA LEU N 55 -7.40 -44.35 -18.46
C LEU N 55 -6.93 -42.93 -18.75
N ARG N 56 -6.47 -42.68 -19.97
CA ARG N 56 -5.96 -41.36 -20.31
C ARG N 56 -7.04 -40.29 -20.22
N LEU N 57 -8.30 -40.66 -20.45
CA LEU N 57 -9.38 -39.68 -20.51
C LEU N 57 -10.22 -39.61 -19.24
N SER N 58 -9.96 -40.47 -18.26
CA SER N 58 -10.81 -40.54 -17.08
C SER N 58 -10.61 -39.31 -16.19
N LYS N 59 -11.61 -39.04 -15.35
CA LYS N 59 -11.50 -37.96 -14.38
C LYS N 59 -10.34 -38.22 -13.42
N GLN N 60 -10.22 -39.46 -12.94
CA GLN N 60 -9.13 -39.90 -12.09
C GLN N 60 -8.96 -41.39 -12.30
N ALA N 61 -7.78 -41.89 -11.97
CA ALA N 61 -7.50 -43.31 -12.07
C ALA N 61 -6.38 -43.63 -11.08
N GLU N 62 -6.66 -44.53 -10.14
CA GLU N 62 -5.71 -44.82 -9.09
C GLU N 62 -5.91 -46.24 -8.59
N TYR N 63 -4.84 -46.82 -8.07
CA TYR N 63 -4.91 -48.07 -7.34
C TYR N 63 -4.23 -47.89 -5.99
N THR N 64 -4.69 -48.64 -5.00
CA THR N 64 -4.17 -48.58 -3.65
C THR N 64 -3.56 -49.93 -3.30
N VAL N 65 -2.32 -49.91 -2.81
CA VAL N 65 -1.64 -51.11 -2.33
C VAL N 65 -1.87 -51.17 -0.82
N HIS N 66 -2.73 -52.09 -0.39
CA HIS N 66 -2.95 -52.35 1.03
C HIS N 66 -1.91 -53.38 1.47
N PHE N 67 -1.05 -52.98 2.40
CA PHE N 67 -0.02 -53.86 2.92
C PHE N 67 -0.55 -54.62 4.13
N LYS N 68 0.04 -55.80 4.38
CA LYS N 68 -0.41 -56.65 5.48
C LYS N 68 -0.41 -55.94 6.82
N ASN N 69 0.51 -54.98 7.00
CA ASN N 69 0.67 -54.30 8.29
C ASN N 69 -0.37 -53.22 8.54
N GLY N 70 -1.30 -52.98 7.61
CA GLY N 70 -2.34 -52.01 7.80
C GLY N 70 -2.10 -50.67 7.15
N THR N 71 -0.93 -50.43 6.59
CA THR N 71 -0.64 -49.20 5.88
C THR N 71 -1.07 -49.30 4.41
N LYS N 72 -1.35 -48.14 3.83
CA LYS N 72 -1.81 -48.08 2.45
C LYS N 72 -0.98 -47.09 1.66
N ARG N 73 -1.00 -47.26 0.34
CA ARG N 73 -0.20 -46.46 -0.58
C ARG N 73 -1.02 -46.19 -1.82
N VAL N 74 -1.33 -44.92 -2.07
CA VAL N 74 -2.18 -44.51 -3.18
C VAL N 74 -1.29 -44.12 -4.35
N ILE N 75 -1.49 -44.76 -5.50
CA ILE N 75 -0.72 -44.52 -6.71
C ILE N 75 -1.65 -43.94 -7.78
N ASP N 76 -1.18 -42.91 -8.48
CA ASP N 76 -1.93 -42.27 -9.56
C ASP N 76 -1.63 -42.96 -10.88
N LEU N 77 -2.66 -43.51 -11.52
CA LEU N 77 -2.47 -44.20 -12.79
C LEU N 77 -2.16 -43.23 -13.92
N LYS N 78 -2.70 -42.01 -13.86
CA LYS N 78 -2.46 -41.02 -14.91
C LYS N 78 -1.17 -40.24 -14.71
N SER N 79 -0.33 -40.63 -13.74
CA SER N 79 0.86 -39.87 -13.42
C SER N 79 2.07 -40.28 -14.25
N GLY N 80 2.23 -41.57 -14.51
CA GLY N 80 3.47 -42.04 -15.12
C GLY N 80 4.67 -41.78 -14.24
N ILE N 81 4.47 -41.80 -12.93
CA ILE N 81 5.51 -41.54 -11.94
C ILE N 81 5.62 -42.76 -11.04
N TYR N 82 6.85 -43.25 -10.87
CA TYR N 82 7.11 -44.47 -10.11
C TYR N 82 8.23 -44.19 -9.11
N THR N 83 7.96 -44.43 -7.84
CA THR N 83 9.02 -44.38 -6.85
C THR N 83 10.06 -45.46 -7.14
N ALA N 84 11.33 -45.10 -7.06
CA ALA N 84 12.41 -45.98 -7.51
C ALA N 84 12.78 -47.02 -6.46
N ASP N 85 11.79 -47.51 -5.72
CA ASP N 85 12.03 -48.49 -4.68
C ASP N 85 11.38 -49.82 -5.06
N LEU N 86 11.69 -50.84 -4.28
CA LEU N 86 11.12 -52.16 -4.45
C LEU N 86 10.31 -52.53 -3.21
N ILE N 87 9.19 -53.21 -3.44
CA ILE N 87 8.38 -53.74 -2.34
C ILE N 87 8.23 -55.24 -2.55
N ASN N 88 8.07 -55.95 -1.44
CA ASN N 88 8.04 -57.41 -1.43
C ASN N 88 6.61 -57.90 -1.53
N THR N 89 6.37 -58.84 -2.47
CA THR N 89 5.01 -59.27 -2.74
C THR N 89 4.34 -59.89 -1.52
N SER N 90 5.12 -60.44 -0.60
CA SER N 90 4.57 -61.10 0.57
C SER N 90 4.09 -60.12 1.64
N ASP N 91 4.36 -58.83 1.48
CA ASP N 91 3.94 -57.83 2.45
C ASP N 91 2.61 -57.15 2.08
N ILE N 92 2.01 -57.52 0.95
CA ILE N 92 0.80 -56.88 0.45
C ILE N 92 -0.41 -57.70 0.89
N LYS N 93 -1.40 -57.04 1.46
CA LYS N 93 -2.66 -57.72 1.78
C LYS N 93 -3.62 -57.72 0.61
N ALA N 94 -3.82 -56.58 -0.04
CA ALA N 94 -4.79 -56.48 -1.12
C ALA N 94 -4.49 -55.26 -1.98
N ILE N 95 -5.12 -55.21 -3.15
CA ILE N 95 -5.03 -54.08 -4.07
C ILE N 95 -6.44 -53.63 -4.41
N SER N 96 -6.69 -52.32 -4.34
CA SER N 96 -7.98 -51.75 -4.68
C SER N 96 -7.81 -50.68 -5.74
N VAL N 97 -8.65 -50.72 -6.76
CA VAL N 97 -8.55 -49.85 -7.93
C VAL N 97 -9.82 -49.01 -8.04
N ASN N 98 -9.66 -47.79 -8.54
CA ASN N 98 -10.78 -46.85 -8.68
C ASN N 98 -10.52 -45.93 -9.86
N VAL N 99 -11.44 -45.93 -10.82
CA VAL N 99 -11.36 -45.11 -12.02
C VAL N 99 -12.69 -44.38 -12.16
N ASP N 100 -12.65 -43.12 -12.62
CA ASP N 100 -13.88 -42.37 -12.82
C ASP N 100 -13.93 -41.69 -14.18
N ILE O 1 -21.45 -63.22 1.14
CA ILE O 1 -22.82 -62.94 1.55
C ILE O 1 -22.81 -62.15 2.86
N ILE O 2 -23.17 -60.88 2.78
CA ILE O 2 -23.10 -59.97 3.92
C ILE O 2 -24.39 -60.08 4.73
N GLY O 3 -24.24 -60.34 6.02
CA GLY O 3 -25.38 -60.35 6.92
C GLY O 3 -26.29 -61.55 6.80
N GLY O 4 -25.73 -62.76 6.75
CA GLY O 4 -26.52 -63.96 6.56
C GLY O 4 -26.15 -65.05 7.54
N ARG O 5 -26.90 -66.15 7.44
CA ARG O 5 -26.69 -67.35 8.20
C ARG O 5 -26.17 -68.46 7.30
N GLU O 6 -25.47 -69.42 7.90
CA GLU O 6 -25.14 -70.63 7.19
C GLU O 6 -26.42 -71.33 6.75
N SER O 7 -26.43 -71.80 5.51
CA SER O 7 -27.60 -72.49 4.99
C SER O 7 -27.68 -73.89 5.56
N ARG O 8 -28.90 -74.37 5.76
CA ARG O 8 -29.11 -75.78 6.08
C ARG O 8 -28.47 -76.60 4.96
N PRO O 9 -27.48 -77.43 5.26
CA PRO O 9 -26.65 -78.00 4.20
C PRO O 9 -27.48 -78.76 3.15
N HIS O 10 -27.26 -78.40 1.89
CA HIS O 10 -27.92 -78.98 0.73
C HIS O 10 -29.41 -78.65 0.66
N SER O 11 -29.86 -77.60 1.32
CA SER O 11 -31.19 -77.05 1.08
C SER O 11 -31.26 -76.25 -0.21
N ARG O 12 -30.13 -76.12 -0.92
CA ARG O 12 -30.08 -75.42 -2.20
C ARG O 12 -29.27 -76.27 -3.17
N PRO O 13 -29.87 -77.34 -3.71
CA PRO O 13 -29.11 -78.27 -4.55
C PRO O 13 -28.63 -77.66 -5.87
N TYR O 14 -29.23 -76.56 -6.32
CA TYR O 14 -28.86 -75.96 -7.59
C TYR O 14 -27.57 -75.15 -7.49
N MET O 15 -27.13 -74.83 -6.28
CA MET O 15 -25.99 -73.93 -6.10
C MET O 15 -24.71 -74.55 -6.63
N ALA O 16 -23.95 -73.76 -7.39
CA ALA O 16 -22.69 -74.19 -7.97
C ALA O 16 -21.59 -73.24 -7.54
N TYR O 17 -20.39 -73.79 -7.35
CA TYR O 17 -19.21 -73.03 -6.99
C TYR O 17 -18.24 -73.06 -8.17
N LEU O 18 -17.90 -71.89 -8.68
CA LEU O 18 -17.12 -71.75 -9.91
C LEU O 18 -15.70 -71.30 -9.58
N GLN O 19 -14.71 -72.03 -10.11
CA GLN O 19 -13.32 -71.61 -10.09
C GLN O 19 -12.93 -71.23 -11.52
N ILE O 20 -12.34 -70.06 -11.69
CA ILE O 20 -12.13 -69.45 -13.00
C ILE O 20 -10.65 -69.15 -13.17
N GLN O 21 -10.06 -69.69 -14.22
CA GLN O 21 -8.67 -69.42 -14.58
C GLN O 21 -8.64 -68.33 -15.65
N SER O 22 -8.22 -67.15 -15.26
CA SER O 22 -7.97 -66.04 -16.17
C SER O 22 -6.49 -65.94 -16.46
N PRO O 23 -6.11 -65.14 -17.45
CA PRO O 23 -4.69 -64.75 -17.55
C PRO O 23 -4.30 -63.89 -16.36
N ALA O 24 -3.18 -64.26 -15.72
CA ALA O 24 -2.57 -63.55 -14.59
C ALA O 24 -3.37 -63.64 -13.29
N GLY O 25 -4.22 -64.65 -13.12
CA GLY O 25 -4.91 -64.77 -11.86
C GLY O 25 -6.02 -65.81 -11.91
N GLN O 26 -6.78 -65.85 -10.82
CA GLN O 26 -7.93 -66.73 -10.70
C GLN O 26 -9.09 -65.94 -10.09
N SER O 27 -10.30 -66.43 -10.32
CA SER O 27 -11.51 -65.79 -9.80
C SER O 27 -12.48 -66.86 -9.34
N ARG O 28 -13.37 -66.47 -8.41
CA ARG O 28 -14.32 -67.39 -7.79
C ARG O 28 -15.71 -66.79 -7.85
N CYS O 29 -16.65 -67.52 -8.47
CA CYS O 29 -18.02 -67.06 -8.63
C CYS O 29 -18.99 -68.09 -8.07
N GLY O 30 -20.28 -67.72 -8.10
CA GLY O 30 -21.35 -68.66 -7.90
C GLY O 30 -22.04 -68.97 -9.22
N GLY O 31 -23.15 -69.68 -9.12
CA GLY O 31 -23.89 -70.13 -10.28
C GLY O 31 -24.89 -71.17 -9.89
N PHE O 32 -25.92 -71.29 -10.71
CA PHE O 32 -27.01 -72.21 -10.40
C PHE O 32 -27.31 -73.11 -11.58
N LEU O 33 -27.74 -74.33 -11.26
CA LEU O 33 -28.09 -75.33 -12.26
C LEU O 33 -29.48 -75.05 -12.81
N VAL O 34 -29.58 -74.95 -14.13
CA VAL O 34 -30.87 -74.82 -14.80
C VAL O 34 -31.23 -76.07 -15.59
N ARG O 35 -30.25 -76.87 -16.00
CA ARG O 35 -30.51 -78.19 -16.57
C ARG O 35 -29.28 -79.04 -16.30
N GLU O 36 -29.44 -80.37 -16.43
CA GLU O 36 -28.37 -81.29 -16.04
C GLU O 36 -27.06 -81.04 -16.78
N ASP O 37 -27.10 -80.27 -17.86
CA ASP O 37 -25.91 -80.00 -18.67
C ASP O 37 -25.54 -78.53 -18.72
N PHE O 38 -26.25 -77.66 -17.99
CA PHE O 38 -26.03 -76.23 -18.09
C PHE O 38 -26.07 -75.56 -16.72
N VAL O 39 -25.06 -74.74 -16.45
CA VAL O 39 -25.01 -73.87 -15.28
C VAL O 39 -25.21 -72.43 -15.75
N LEU O 40 -26.17 -71.73 -15.15
CA LEU O 40 -26.37 -70.32 -15.44
C LEU O 40 -25.57 -69.49 -14.44
N THR O 41 -25.00 -68.40 -14.92
CA THR O 41 -24.11 -67.57 -14.11
C THR O 41 -24.01 -66.19 -14.77
N ALA O 42 -23.11 -65.37 -14.24
CA ALA O 42 -22.88 -64.02 -14.74
C ALA O 42 -21.77 -64.02 -15.78
N ALA O 43 -21.84 -63.05 -16.70
CA ALA O 43 -20.94 -63.02 -17.84
C ALA O 43 -19.54 -62.54 -17.50
N HIS O 44 -19.37 -61.77 -16.42
CA HIS O 44 -18.02 -61.35 -16.03
C HIS O 44 -17.27 -62.44 -15.29
N CYS O 45 -17.92 -63.54 -14.96
CA CYS O 45 -17.25 -64.72 -14.43
C CYS O 45 -16.56 -65.55 -15.51
N TRP O 46 -16.39 -64.98 -16.70
CA TRP O 46 -15.82 -65.74 -17.81
C TRP O 46 -14.29 -65.79 -17.69
N GLY O 47 -13.74 -66.99 -17.84
CA GLY O 47 -12.31 -67.18 -17.93
C GLY O 47 -11.94 -68.17 -19.01
N SER O 48 -10.74 -68.73 -18.94
CA SER O 48 -10.29 -69.69 -19.94
C SER O 48 -10.80 -71.11 -19.66
N ASN O 49 -10.70 -71.56 -18.41
CA ASN O 49 -11.22 -72.86 -18.00
C ASN O 49 -11.93 -72.68 -16.67
N ILE O 50 -13.02 -73.43 -16.47
CA ILE O 50 -13.85 -73.27 -15.29
C ILE O 50 -14.15 -74.64 -14.69
N ASN O 51 -13.78 -74.84 -13.43
CA ASN O 51 -14.22 -75.98 -12.64
C ASN O 51 -15.55 -75.61 -11.98
N VAL O 52 -16.60 -76.37 -12.31
CA VAL O 52 -17.92 -76.20 -11.71
C VAL O 52 -18.10 -77.27 -10.64
N THR O 53 -18.67 -76.89 -9.51
CA THR O 53 -18.74 -77.74 -8.32
C THR O 53 -20.16 -77.73 -7.79
N LEU O 54 -20.90 -78.81 -8.04
CA LEU O 54 -22.29 -78.95 -7.64
C LEU O 54 -22.39 -79.71 -6.33
N GLY O 55 -23.54 -79.56 -5.67
CA GLY O 55 -23.82 -80.32 -4.45
C GLY O 55 -22.85 -80.03 -3.32
N ALA O 56 -22.31 -78.83 -3.27
CA ALA O 56 -21.33 -78.49 -2.25
C ALA O 56 -22.00 -77.77 -1.08
N HIS O 57 -21.30 -77.81 0.06
CA HIS O 57 -21.64 -76.97 1.19
C HIS O 57 -20.38 -76.33 1.74
N ASN O 58 -19.36 -77.13 1.98
CA ASN O 58 -18.05 -76.67 2.43
C ASN O 58 -17.10 -76.82 1.25
N ILE O 59 -16.78 -75.69 0.59
CA ILE O 59 -15.91 -75.75 -0.57
C ILE O 59 -14.45 -75.98 -0.19
N GLN O 60 -14.09 -75.75 1.06
CA GLN O 60 -12.73 -75.95 1.53
C GLN O 60 -12.50 -77.35 2.08
N ARG O 61 -13.44 -78.27 1.86
CA ARG O 61 -13.22 -79.69 2.06
C ARG O 61 -13.42 -80.40 0.72
N ARG O 62 -13.50 -81.73 0.78
CA ARG O 62 -13.88 -82.56 -0.35
C ARG O 62 -15.02 -83.45 0.12
N GLU O 63 -16.23 -82.88 0.10
CA GLU O 63 -17.42 -83.64 0.44
C GLU O 63 -17.72 -84.66 -0.65
N ASN O 64 -18.06 -85.88 -0.23
CA ASN O 64 -18.42 -86.91 -1.20
C ASN O 64 -19.74 -86.62 -1.90
N THR O 65 -20.52 -85.64 -1.42
CA THR O 65 -21.72 -85.22 -2.12
C THR O 65 -21.42 -84.37 -3.35
N GLN O 66 -20.22 -83.79 -3.42
CA GLN O 66 -19.88 -82.87 -4.50
C GLN O 66 -19.68 -83.62 -5.81
N GLN O 67 -19.77 -82.85 -6.91
CA GLN O 67 -19.53 -83.36 -8.25
C GLN O 67 -18.81 -82.27 -9.03
N HIS O 68 -17.58 -82.55 -9.45
CA HIS O 68 -16.73 -81.57 -10.13
C HIS O 68 -16.80 -81.80 -11.64
N ILE O 69 -17.19 -80.76 -12.38
CA ILE O 69 -17.27 -80.80 -13.83
C ILE O 69 -16.58 -79.57 -14.39
N THR O 70 -15.70 -79.79 -15.36
CA THR O 70 -15.18 -78.68 -16.15
C THR O 70 -16.19 -78.29 -17.21
N ALA O 71 -16.23 -77.00 -17.53
CA ALA O 71 -17.17 -76.47 -18.51
C ALA O 71 -16.61 -76.62 -19.93
N ARG O 72 -17.36 -77.29 -20.80
CA ARG O 72 -16.92 -77.43 -22.19
C ARG O 72 -16.99 -76.10 -22.92
N ARG O 73 -18.08 -75.35 -22.73
CA ARG O 73 -18.26 -74.06 -23.37
C ARG O 73 -18.74 -73.03 -22.36
N ALA O 74 -18.27 -71.79 -22.54
CA ALA O 74 -18.67 -70.64 -21.73
C ALA O 74 -19.25 -69.61 -22.68
N ILE O 75 -20.56 -69.64 -22.86
CA ILE O 75 -21.24 -68.79 -23.84
C ILE O 75 -21.70 -67.53 -23.10
N ARG O 76 -20.95 -66.45 -23.25
CA ARG O 76 -21.40 -65.16 -22.77
C ARG O 76 -22.50 -64.62 -23.68
N HIS O 77 -23.37 -63.78 -23.13
CA HIS O 77 -24.38 -63.14 -23.95
C HIS O 77 -23.69 -62.30 -25.03
N PRO O 78 -24.16 -62.34 -26.28
CA PRO O 78 -23.44 -61.65 -27.36
C PRO O 78 -23.26 -60.16 -27.14
N GLN O 79 -24.22 -59.49 -26.48
CA GLN O 79 -24.13 -58.06 -26.24
C GLN O 79 -23.61 -57.74 -24.84
N TYR O 80 -22.88 -58.68 -24.21
CA TYR O 80 -22.30 -58.40 -22.91
C TYR O 80 -21.32 -57.23 -23.01
N ASN O 81 -21.53 -56.24 -22.15
CA ASN O 81 -20.75 -55.01 -22.11
C ASN O 81 -19.98 -55.01 -20.78
N GLN O 82 -18.69 -55.33 -20.83
CA GLN O 82 -17.91 -55.48 -19.59
C GLN O 82 -17.65 -54.16 -18.88
N ARG O 83 -17.89 -53.02 -19.53
CA ARG O 83 -17.73 -51.74 -18.85
C ARG O 83 -18.97 -51.38 -18.03
N THR O 84 -20.14 -51.36 -18.68
CA THR O 84 -21.38 -50.98 -18.04
C THR O 84 -22.05 -52.12 -17.27
N ILE O 85 -21.49 -53.32 -17.33
CA ILE O 85 -22.15 -54.55 -16.85
C ILE O 85 -23.58 -54.56 -17.34
N GLN O 86 -23.75 -54.65 -18.66
CA GLN O 86 -25.08 -54.70 -19.27
C GLN O 86 -25.23 -56.02 -20.00
N ASN O 87 -26.40 -56.66 -19.82
CA ASN O 87 -26.65 -58.00 -20.35
C ASN O 87 -25.65 -59.00 -19.78
N ASP O 88 -25.52 -58.99 -18.46
CA ASP O 88 -24.47 -59.71 -17.74
C ASP O 88 -24.97 -61.11 -17.39
N ILE O 89 -24.95 -62.00 -18.38
CA ILE O 89 -25.41 -63.38 -18.20
C ILE O 89 -24.58 -64.30 -19.08
N MET O 90 -24.26 -65.49 -18.56
CA MET O 90 -23.48 -66.48 -19.27
C MET O 90 -24.00 -67.88 -18.95
N LEU O 91 -24.11 -68.71 -19.97
CA LEU O 91 -24.45 -70.12 -19.82
C LEU O 91 -23.19 -70.95 -19.91
N LEU O 92 -23.02 -71.88 -18.98
CA LEU O 92 -21.89 -72.80 -18.97
C LEU O 92 -22.38 -74.19 -19.38
N GLN O 93 -21.82 -74.72 -20.45
CA GLN O 93 -22.12 -76.08 -20.88
C GLN O 93 -21.11 -77.02 -20.22
N LEU O 94 -21.59 -77.81 -19.25
CA LEU O 94 -20.72 -78.75 -18.57
C LEU O 94 -20.14 -79.77 -19.55
N SER O 95 -19.03 -80.39 -19.13
CA SER O 95 -18.45 -81.47 -19.92
C SER O 95 -19.24 -82.76 -19.84
N ARG O 96 -20.14 -82.89 -18.86
CA ARG O 96 -20.96 -84.08 -18.72
C ARG O 96 -22.19 -83.75 -17.87
N ARG O 97 -23.22 -84.58 -18.01
CA ARG O 97 -24.45 -84.37 -17.25
C ARG O 97 -24.22 -84.71 -15.77
N VAL O 98 -24.96 -84.02 -14.91
CA VAL O 98 -24.85 -84.25 -13.47
C VAL O 98 -25.59 -85.53 -13.10
N ARG O 99 -25.19 -86.13 -11.98
CA ARG O 99 -25.80 -87.38 -11.56
C ARG O 99 -27.26 -87.20 -11.17
N ARG O 100 -27.64 -86.00 -10.72
CA ARG O 100 -28.97 -85.68 -10.25
C ARG O 100 -29.36 -86.54 -9.04
N ASN O 101 -29.30 -85.95 -7.86
CA ASN O 101 -29.65 -86.63 -6.62
C ASN O 101 -30.27 -85.59 -5.68
N ARG O 102 -30.30 -85.90 -4.39
CA ARG O 102 -30.91 -85.00 -3.42
C ARG O 102 -30.05 -83.78 -3.12
N ASN O 103 -28.81 -83.76 -3.61
CA ASN O 103 -27.93 -82.62 -3.43
C ASN O 103 -27.62 -81.87 -4.71
N VAL O 104 -27.97 -82.43 -5.88
CA VAL O 104 -27.67 -81.82 -7.17
C VAL O 104 -28.91 -81.97 -8.06
N ASN O 105 -29.57 -80.85 -8.37
CA ASN O 105 -30.63 -80.81 -9.36
C ASN O 105 -30.95 -79.34 -9.66
N PRO O 106 -31.52 -79.05 -10.83
CA PRO O 106 -31.67 -77.66 -11.25
C PRO O 106 -32.82 -76.93 -10.55
N VAL O 107 -32.72 -75.61 -10.57
CA VAL O 107 -33.73 -74.72 -10.02
C VAL O 107 -34.60 -74.22 -11.16
N ALA O 108 -35.82 -73.79 -10.83
CA ALA O 108 -36.77 -73.33 -11.82
C ALA O 108 -36.41 -71.94 -12.33
N LEU O 109 -36.47 -71.76 -13.68
CA LEU O 109 -36.32 -70.49 -14.36
C LEU O 109 -37.67 -69.79 -14.47
N PRO O 110 -37.69 -68.45 -14.52
CA PRO O 110 -38.97 -67.74 -14.60
C PRO O 110 -39.65 -67.96 -15.93
N ARG O 111 -40.84 -67.39 -16.10
CA ARG O 111 -41.50 -67.47 -17.39
C ARG O 111 -41.04 -66.31 -18.27
N ALA O 112 -41.48 -66.34 -19.53
CA ALA O 112 -41.07 -65.31 -20.49
C ALA O 112 -41.36 -63.90 -19.98
N GLN O 113 -40.28 -63.15 -19.74
CA GLN O 113 -40.31 -61.78 -19.20
C GLN O 113 -41.32 -61.63 -18.05
N GLU O 114 -41.08 -62.42 -17.02
CA GLU O 114 -41.85 -62.31 -15.79
C GLU O 114 -41.35 -61.13 -14.96
N GLY O 115 -42.28 -60.31 -14.46
CA GLY O 115 -41.93 -59.25 -13.57
C GLY O 115 -41.54 -59.78 -12.20
N LEU O 116 -41.16 -58.83 -11.33
CA LEU O 116 -40.82 -59.14 -9.95
C LEU O 116 -41.14 -57.89 -9.15
N ARG O 117 -42.38 -57.82 -8.66
CA ARG O 117 -42.89 -56.55 -8.16
C ARG O 117 -42.16 -56.13 -6.89
N PRO O 118 -41.95 -54.82 -6.69
CA PRO O 118 -41.14 -54.36 -5.55
C PRO O 118 -41.74 -54.79 -4.22
N GLY O 119 -40.89 -54.81 -3.20
CA GLY O 119 -41.25 -55.33 -1.90
C GLY O 119 -41.23 -56.83 -1.79
N THR O 120 -41.11 -57.54 -2.90
CA THR O 120 -41.00 -59.00 -2.87
C THR O 120 -39.74 -59.42 -2.14
N LEU O 121 -39.88 -60.35 -1.21
CA LEU O 121 -38.77 -60.84 -0.42
C LEU O 121 -38.16 -62.06 -1.11
N CYS O 122 -36.90 -61.95 -1.49
CA CYS O 122 -36.17 -63.00 -2.19
C CYS O 122 -35.03 -63.50 -1.31
N THR O 123 -34.39 -64.58 -1.75
CA THR O 123 -33.25 -65.17 -1.08
C THR O 123 -32.10 -65.30 -2.06
N VAL O 124 -30.89 -64.97 -1.62
CA VAL O 124 -29.70 -65.05 -2.45
C VAL O 124 -28.58 -65.70 -1.64
N ALA O 125 -27.82 -66.59 -2.29
CA ALA O 125 -26.86 -67.45 -1.61
C ALA O 125 -25.55 -67.50 -2.39
N GLY O 126 -24.47 -67.80 -1.67
CA GLY O 126 -23.17 -67.90 -2.28
C GLY O 126 -22.09 -68.09 -1.23
N TRP O 127 -20.87 -68.32 -1.72
CA TRP O 127 -19.68 -68.51 -0.90
C TRP O 127 -18.81 -67.26 -0.82
N GLY O 128 -19.41 -66.09 -0.90
CA GLY O 128 -18.64 -64.88 -0.98
C GLY O 128 -18.20 -64.34 0.37
N ARG O 129 -17.40 -63.29 0.32
CA ARG O 129 -16.95 -62.62 1.53
C ARG O 129 -18.15 -62.13 2.34
N VAL O 130 -18.01 -62.21 3.67
CA VAL O 130 -19.06 -61.75 4.57
C VAL O 130 -18.75 -60.41 5.21
N SER O 131 -17.53 -59.90 5.05
CA SER O 131 -17.18 -58.53 5.39
C SER O 131 -16.03 -58.13 4.49
N MET O 132 -15.50 -56.93 4.71
CA MET O 132 -14.33 -56.52 3.95
C MET O 132 -13.04 -57.12 4.49
N ARG O 133 -13.10 -57.97 5.51
CA ARG O 133 -11.90 -58.59 6.07
C ARG O 133 -12.02 -60.08 6.32
N ARG O 134 -13.20 -60.67 6.20
CA ARG O 134 -13.43 -62.07 6.56
C ARG O 134 -14.38 -62.71 5.57
N GLY O 135 -14.14 -63.98 5.25
CA GLY O 135 -15.00 -64.71 4.34
C GLY O 135 -15.70 -65.88 5.00
N THR O 136 -16.02 -66.91 4.22
CA THR O 136 -16.65 -68.11 4.77
C THR O 136 -16.26 -69.32 3.93
N ASP O 137 -16.11 -70.46 4.59
CA ASP O 137 -15.86 -71.71 3.90
C ASP O 137 -17.15 -72.42 3.49
N THR O 138 -18.28 -72.02 4.06
CA THR O 138 -19.53 -72.72 3.87
C THR O 138 -20.59 -71.81 3.27
N LEU O 139 -21.55 -72.42 2.58
CA LEU O 139 -22.59 -71.69 1.88
C LEU O 139 -23.50 -70.95 2.86
N ARG O 140 -23.92 -69.75 2.46
CA ARG O 140 -24.75 -68.90 3.31
C ARG O 140 -25.83 -68.25 2.45
N GLU O 141 -26.82 -67.64 3.11
CA GLU O 141 -27.94 -67.03 2.43
C GLU O 141 -28.45 -65.83 3.23
N VAL O 142 -29.10 -64.90 2.52
CA VAL O 142 -29.80 -63.77 3.13
C VAL O 142 -31.14 -63.61 2.44
N GLN O 143 -31.96 -62.72 3.00
CA GLN O 143 -33.22 -62.32 2.39
C GLN O 143 -33.16 -60.84 2.07
N LEU O 144 -33.50 -60.49 0.83
CA LEU O 144 -33.46 -59.11 0.37
C LEU O 144 -34.81 -58.72 -0.19
N ARG O 145 -35.10 -57.42 -0.14
CA ARG O 145 -36.37 -56.89 -0.61
C ARG O 145 -36.15 -56.19 -1.94
N VAL O 146 -37.01 -56.50 -2.92
CA VAL O 146 -36.94 -55.81 -4.20
C VAL O 146 -37.31 -54.35 -4.00
N GLN O 147 -36.54 -53.47 -4.64
CA GLN O 147 -36.78 -52.04 -4.57
C GLN O 147 -37.41 -51.54 -5.86
N ARG O 148 -38.03 -50.37 -5.80
CA ARG O 148 -38.44 -49.71 -7.03
C ARG O 148 -37.20 -49.22 -7.79
N ASP O 149 -37.36 -49.03 -9.10
CA ASP O 149 -36.23 -48.61 -9.91
C ASP O 149 -35.75 -47.21 -9.55
N ARG O 150 -36.56 -46.42 -8.86
CA ARG O 150 -36.12 -45.11 -8.37
C ARG O 150 -34.85 -45.24 -7.54
N GLN O 151 -34.72 -46.34 -6.78
CA GLN O 151 -33.56 -46.49 -5.90
C GLN O 151 -32.28 -46.71 -6.68
N CYS O 152 -32.33 -47.51 -7.75
CA CYS O 152 -31.12 -47.87 -8.49
C CYS O 152 -30.84 -46.93 -9.65
N LEU O 153 -31.87 -46.28 -10.20
CA LEU O 153 -31.65 -45.32 -11.27
C LEU O 153 -30.89 -44.09 -10.76
N ARG O 154 -31.01 -43.78 -9.47
CA ARG O 154 -30.28 -42.64 -8.94
C ARG O 154 -28.79 -42.93 -8.79
N ILE O 155 -28.43 -44.15 -8.42
CA ILE O 155 -27.06 -44.41 -8.00
C ILE O 155 -26.19 -44.94 -9.14
N PHE O 156 -26.74 -45.82 -9.98
CA PHE O 156 -25.97 -46.50 -11.01
C PHE O 156 -26.32 -45.94 -12.38
N GLY O 157 -25.29 -45.48 -13.10
CA GLY O 157 -25.50 -44.81 -14.37
C GLY O 157 -25.86 -45.72 -15.53
N SER O 158 -25.62 -47.03 -15.39
CA SER O 158 -25.95 -47.99 -16.44
C SER O 158 -26.95 -49.04 -15.96
N TYR O 159 -27.80 -48.67 -15.00
CA TYR O 159 -28.91 -49.53 -14.61
C TYR O 159 -29.99 -49.49 -15.68
N ASP O 160 -30.55 -50.66 -16.00
CA ASP O 160 -31.55 -50.80 -17.05
C ASP O 160 -32.65 -51.72 -16.52
N PRO O 161 -33.77 -51.16 -16.03
CA PRO O 161 -34.84 -52.00 -15.49
C PRO O 161 -35.41 -52.98 -16.50
N ARG O 162 -35.24 -52.72 -17.81
CA ARG O 162 -35.63 -53.69 -18.81
C ARG O 162 -34.85 -55.00 -18.67
N ARG O 163 -33.62 -54.94 -18.16
CA ARG O 163 -32.74 -56.09 -18.13
C ARG O 163 -32.22 -56.44 -16.75
N GLN O 164 -32.55 -55.67 -15.72
CA GLN O 164 -31.90 -55.82 -14.43
C GLN O 164 -32.90 -55.59 -13.31
N ILE O 165 -32.59 -56.16 -12.15
CA ILE O 165 -33.43 -56.07 -10.96
C ILE O 165 -32.74 -55.17 -9.95
N CYS O 166 -33.50 -54.28 -9.32
CA CYS O 166 -33.00 -53.45 -8.24
C CYS O 166 -33.32 -54.13 -6.92
N VAL O 167 -32.28 -54.55 -6.19
CA VAL O 167 -32.42 -55.41 -5.02
C VAL O 167 -31.68 -54.78 -3.85
N GLY O 168 -32.26 -54.90 -2.65
CA GLY O 168 -31.55 -54.56 -1.43
C GLY O 168 -32.08 -53.35 -0.69
N ASP O 169 -32.48 -53.54 0.57
CA ASP O 169 -32.94 -52.44 1.40
C ASP O 169 -31.73 -51.70 1.96
N ARG O 170 -31.69 -50.38 1.72
CA ARG O 170 -30.54 -49.58 2.11
C ARG O 170 -30.34 -49.56 3.62
N ARG O 171 -31.41 -49.74 4.39
CA ARG O 171 -31.34 -49.57 5.83
C ARG O 171 -30.82 -50.82 6.56
N GLU O 172 -30.94 -52.00 5.96
CA GLU O 172 -30.38 -53.20 6.54
C GLU O 172 -28.99 -53.48 5.98
N ARG O 173 -28.16 -54.13 6.79
CA ARG O 173 -26.82 -54.52 6.35
C ARG O 173 -26.86 -55.92 5.71
N LYS O 174 -27.71 -56.04 4.69
CA LYS O 174 -27.91 -57.30 3.98
C LYS O 174 -27.72 -57.05 2.49
N ALA O 175 -26.85 -57.85 1.88
CA ALA O 175 -26.55 -57.75 0.45
C ALA O 175 -25.65 -58.91 0.06
N ALA O 176 -25.54 -59.14 -1.24
CA ALA O 176 -24.53 -60.04 -1.77
C ALA O 176 -23.18 -59.31 -1.80
N PHE O 177 -22.12 -60.04 -2.10
CA PHE O 177 -20.80 -59.40 -2.11
C PHE O 177 -19.84 -60.20 -2.98
N LYS O 178 -18.54 -60.10 -2.68
CA LYS O 178 -17.48 -60.61 -3.55
C LYS O 178 -17.50 -62.12 -3.62
N GLY O 179 -17.78 -62.67 -4.80
CA GLY O 179 -17.82 -64.10 -4.99
C GLY O 179 -19.20 -64.71 -5.00
N ASP O 180 -20.24 -63.89 -4.78
CA ASP O 180 -21.61 -64.36 -4.90
C ASP O 180 -22.19 -64.17 -6.29
N SER O 181 -21.49 -63.43 -7.17
CA SER O 181 -22.00 -63.21 -8.52
C SER O 181 -22.23 -64.53 -9.22
N GLY O 182 -23.20 -64.52 -10.15
CA GLY O 182 -23.68 -65.74 -10.76
C GLY O 182 -24.65 -66.52 -9.91
N GLY O 183 -24.65 -66.31 -8.60
CA GLY O 183 -25.64 -66.90 -7.74
C GLY O 183 -27.02 -66.44 -8.11
N PRO O 184 -28.01 -67.28 -7.86
CA PRO O 184 -29.39 -66.95 -8.21
C PRO O 184 -30.06 -66.10 -7.16
N LEU O 185 -31.01 -65.28 -7.62
CA LEU O 185 -31.95 -64.58 -6.76
C LEU O 185 -33.27 -65.33 -6.82
N LEU O 186 -33.70 -65.87 -5.69
CA LEU O 186 -34.84 -66.79 -5.63
C LEU O 186 -36.02 -66.12 -4.96
N CYS O 187 -37.13 -66.02 -5.70
CA CYS O 187 -38.37 -65.44 -5.19
C CYS O 187 -39.49 -66.41 -5.56
N ASN O 188 -40.10 -67.03 -4.55
CA ASN O 188 -41.18 -67.99 -4.74
C ASN O 188 -40.72 -69.17 -5.60
N ASN O 189 -39.55 -69.72 -5.25
CA ASN O 189 -39.00 -70.94 -5.84
C ASN O 189 -38.63 -70.77 -7.32
N VAL O 190 -38.24 -69.56 -7.72
CA VAL O 190 -37.91 -69.29 -9.11
C VAL O 190 -36.71 -68.35 -9.15
N ALA O 191 -35.71 -68.69 -9.97
CA ALA O 191 -34.48 -67.94 -10.10
C ALA O 191 -34.70 -66.75 -11.00
N HIS O 192 -35.14 -65.63 -10.41
CA HIS O 192 -35.43 -64.42 -11.18
C HIS O 192 -34.18 -63.62 -11.52
N GLY O 193 -33.14 -63.69 -10.70
CA GLY O 193 -32.01 -62.80 -10.83
C GLY O 193 -30.68 -63.53 -10.81
N ILE O 194 -29.65 -62.80 -11.23
CA ILE O 194 -28.27 -63.24 -11.20
C ILE O 194 -27.44 -62.14 -10.55
N VAL O 195 -26.67 -62.50 -9.52
CA VAL O 195 -25.91 -61.49 -8.79
C VAL O 195 -24.91 -60.84 -9.73
N SER O 196 -24.88 -59.50 -9.71
CA SER O 196 -24.02 -58.78 -10.63
C SER O 196 -23.15 -57.75 -9.92
N TYR O 197 -23.73 -56.63 -9.49
CA TYR O 197 -22.90 -55.54 -8.99
C TYR O 197 -23.67 -54.63 -8.05
N GLY O 198 -22.91 -53.79 -7.37
CA GLY O 198 -23.41 -52.77 -6.49
C GLY O 198 -22.31 -51.78 -6.20
N LYS O 199 -22.50 -50.98 -5.15
CA LYS O 199 -21.43 -50.09 -4.70
C LYS O 199 -20.38 -50.89 -3.93
N SER O 200 -19.11 -50.56 -4.17
CA SER O 200 -18.00 -51.36 -3.65
C SER O 200 -17.99 -51.47 -2.12
N SER O 201 -18.75 -50.63 -1.43
CA SER O 201 -18.86 -50.76 0.02
C SER O 201 -19.71 -51.95 0.45
N GLY O 202 -20.41 -52.60 -0.50
CA GLY O 202 -21.38 -53.61 -0.18
C GLY O 202 -22.73 -53.06 0.24
N VAL O 203 -22.82 -51.76 0.52
CA VAL O 203 -24.06 -51.14 0.99
C VAL O 203 -25.12 -51.22 -0.10
N PRO O 204 -26.27 -51.82 0.18
CA PRO O 204 -27.32 -51.93 -0.84
C PRO O 204 -27.95 -50.57 -1.11
N PRO O 205 -28.76 -50.43 -2.18
CA PRO O 205 -29.20 -51.47 -3.12
C PRO O 205 -28.13 -51.91 -4.10
N GLU O 206 -28.41 -53.00 -4.81
CA GLU O 206 -27.50 -53.60 -5.76
C GLU O 206 -28.29 -54.07 -6.97
N VAL O 207 -27.57 -54.43 -8.03
CA VAL O 207 -28.18 -54.77 -9.31
C VAL O 207 -28.00 -56.25 -9.58
N PHE O 208 -29.08 -56.90 -9.99
CA PHE O 208 -29.07 -58.28 -10.42
C PHE O 208 -29.48 -58.34 -11.89
N THR O 209 -28.91 -59.28 -12.62
CA THR O 209 -29.35 -59.51 -13.99
C THR O 209 -30.73 -60.17 -13.97
N ARG O 210 -31.69 -59.55 -14.65
CA ARG O 210 -33.06 -60.05 -14.67
C ARG O 210 -33.13 -61.24 -15.62
N VAL O 211 -33.28 -62.44 -15.07
CA VAL O 211 -33.22 -63.67 -15.87
C VAL O 211 -34.36 -63.69 -16.89
N SER O 212 -35.55 -63.24 -16.47
CA SER O 212 -36.73 -63.34 -17.33
C SER O 212 -36.54 -62.61 -18.65
N SER O 213 -35.76 -61.53 -18.65
CA SER O 213 -35.56 -60.72 -19.83
C SER O 213 -34.55 -61.32 -20.81
N PHE O 214 -34.09 -62.54 -20.57
CA PHE O 214 -33.19 -63.22 -21.50
C PHE O 214 -33.60 -64.64 -21.82
N LEU O 215 -34.77 -65.08 -21.38
CA LEU O 215 -35.13 -66.49 -21.53
C LEU O 215 -35.15 -66.97 -22.97
N PRO O 216 -35.63 -66.19 -23.95
CA PRO O 216 -35.52 -66.65 -25.35
C PRO O 216 -34.09 -66.99 -25.76
N TRP O 217 -33.11 -66.23 -25.29
CA TRP O 217 -31.72 -66.52 -25.64
C TRP O 217 -31.22 -67.78 -24.93
N ILE O 218 -31.60 -67.95 -23.66
CA ILE O 218 -31.16 -69.12 -22.89
C ILE O 218 -31.60 -70.40 -23.58
N ARG O 219 -32.89 -70.46 -23.94
CA ARG O 219 -33.41 -71.65 -24.61
C ARG O 219 -32.73 -71.88 -25.95
N THR O 220 -32.48 -70.81 -26.71
CA THR O 220 -31.84 -70.96 -28.00
C THR O 220 -30.43 -71.52 -27.87
N THR O 221 -29.69 -71.07 -26.85
CA THR O 221 -28.32 -71.55 -26.66
C THR O 221 -28.29 -73.03 -26.28
N MET O 222 -29.30 -73.50 -25.55
CA MET O 222 -29.33 -74.88 -25.08
C MET O 222 -29.87 -75.87 -26.13
N ARG O 223 -29.91 -75.48 -27.39
CA ARG O 223 -30.37 -76.38 -28.45
C ARG O 223 -29.20 -77.14 -29.07
N ILE P 1 -0.59 -36.81 -43.54
CA ILE P 1 -0.16 -38.17 -43.21
C ILE P 1 1.34 -38.21 -43.05
N VAL P 2 1.80 -38.69 -41.90
CA VAL P 2 3.22 -38.74 -41.59
C VAL P 2 3.80 -40.03 -42.13
N GLY P 3 4.83 -39.92 -42.95
CA GLY P 3 5.52 -41.08 -43.49
C GLY P 3 4.82 -41.78 -44.64
N GLY P 4 3.79 -41.17 -45.20
CA GLY P 4 3.04 -41.77 -46.29
C GLY P 4 3.60 -41.42 -47.65
N ARG P 5 2.71 -41.48 -48.63
CA ARG P 5 3.03 -41.17 -50.02
C ARG P 5 1.89 -40.36 -50.60
N ARG P 6 2.11 -39.84 -51.81
CA ARG P 6 1.06 -39.18 -52.55
C ARG P 6 0.17 -40.21 -53.23
N ALA P 7 -1.14 -39.95 -53.22
CA ALA P 7 -2.11 -40.86 -53.79
C ALA P 7 -2.35 -40.52 -55.25
N ARG P 8 -2.80 -41.53 -56.00
CA ARG P 8 -3.13 -41.31 -57.41
C ARG P 8 -4.18 -40.22 -57.53
N PRO P 9 -4.01 -39.27 -58.46
CA PRO P 9 -5.02 -38.21 -58.65
C PRO P 9 -6.45 -38.72 -58.71
N HIS P 10 -7.26 -38.32 -57.74
CA HIS P 10 -8.69 -38.64 -57.66
C HIS P 10 -8.95 -40.13 -57.49
N ALA P 11 -7.94 -40.92 -57.11
CA ALA P 11 -8.14 -42.35 -56.91
C ALA P 11 -9.13 -42.64 -55.78
N TRP P 12 -9.33 -41.71 -54.85
CA TRP P 12 -10.30 -41.86 -53.78
C TRP P 12 -11.33 -40.75 -53.95
N PRO P 13 -12.38 -40.99 -54.74
CA PRO P 13 -13.31 -39.90 -55.08
C PRO P 13 -14.25 -39.52 -53.95
N PHE P 14 -14.49 -40.43 -53.00
CA PHE P 14 -15.29 -40.13 -51.81
C PHE P 14 -14.55 -39.26 -50.80
N MET P 15 -13.26 -39.00 -51.01
CA MET P 15 -12.51 -38.17 -50.09
C MET P 15 -13.00 -36.73 -50.15
N VAL P 16 -13.02 -36.07 -49.00
CA VAL P 16 -13.58 -34.73 -48.85
C VAL P 16 -12.59 -33.84 -48.12
N SER P 17 -12.51 -32.58 -48.53
CA SER P 17 -11.74 -31.56 -47.83
C SER P 17 -12.71 -30.50 -47.30
N LEU P 18 -12.81 -30.40 -45.98
CA LEU P 18 -13.58 -29.33 -45.34
C LEU P 18 -12.67 -28.14 -45.12
N GLN P 19 -13.12 -26.96 -45.54
CA GLN P 19 -12.24 -25.79 -45.62
C GLN P 19 -12.90 -24.57 -45.01
N LEU P 20 -12.13 -23.83 -44.22
CA LEU P 20 -12.56 -22.57 -43.63
C LEU P 20 -11.64 -21.46 -44.11
N ARG P 21 -12.23 -20.42 -44.70
CA ARG P 21 -11.49 -19.29 -45.23
C ARG P 21 -10.43 -19.75 -46.23
N GLY P 22 -10.85 -20.62 -47.15
CA GLY P 22 -9.97 -21.16 -48.17
C GLY P 22 -8.90 -22.09 -47.67
N GLY P 23 -8.94 -22.47 -46.40
CA GLY P 23 -7.94 -23.33 -45.82
C GLY P 23 -8.50 -24.64 -45.28
N HIS P 24 -7.95 -25.75 -45.76
CA HIS P 24 -8.35 -27.07 -45.29
C HIS P 24 -8.04 -27.23 -43.79
N PHE P 25 -8.93 -27.96 -43.10
CA PHE P 25 -8.74 -28.25 -41.68
C PHE P 25 -9.22 -29.64 -41.26
N CYS P 26 -10.21 -30.23 -41.93
CA CYS P 26 -10.66 -31.58 -41.65
C CYS P 26 -10.97 -32.29 -42.96
N GLY P 27 -10.76 -33.61 -42.97
CA GLY P 27 -11.23 -34.45 -44.05
C GLY P 27 -12.62 -34.98 -43.76
N ALA P 28 -13.17 -35.69 -44.75
CA ALA P 28 -14.51 -36.26 -44.63
C ALA P 28 -14.71 -37.28 -45.74
N THR P 29 -15.87 -37.93 -45.73
CA THR P 29 -16.22 -38.96 -46.69
C THR P 29 -17.61 -38.70 -47.22
N LEU P 30 -17.75 -38.71 -48.55
CA LEU P 30 -19.05 -38.61 -49.21
C LEU P 30 -19.69 -40.00 -49.24
N ILE P 31 -20.86 -40.13 -48.61
CA ILE P 31 -21.51 -41.42 -48.45
C ILE P 31 -22.89 -41.48 -49.10
N ALA P 32 -23.35 -40.39 -49.70
CA ALA P 32 -24.71 -40.32 -50.23
C ALA P 32 -24.77 -39.18 -51.24
N PRO P 33 -25.84 -39.11 -52.04
CA PRO P 33 -25.96 -38.00 -52.99
C PRO P 33 -25.76 -36.62 -52.38
N ASN P 34 -26.36 -36.33 -51.23
CA ASN P 34 -26.23 -35.02 -50.61
C ASN P 34 -25.78 -35.09 -49.17
N PHE P 35 -25.16 -36.20 -48.76
CA PHE P 35 -24.67 -36.38 -47.40
C PHE P 35 -23.17 -36.66 -47.44
N VAL P 36 -22.42 -35.99 -46.56
CA VAL P 36 -21.03 -36.31 -46.29
C VAL P 36 -20.90 -36.73 -44.83
N MET P 37 -19.87 -37.53 -44.55
CA MET P 37 -19.64 -38.09 -43.23
C MET P 37 -18.26 -37.69 -42.76
N SER P 38 -18.17 -37.17 -41.54
CA SER P 38 -16.91 -36.70 -40.99
C SER P 38 -16.89 -37.00 -39.50
N ALA P 39 -15.91 -36.44 -38.81
CA ALA P 39 -15.77 -36.58 -37.36
C ALA P 39 -16.56 -35.47 -36.66
N ALA P 40 -17.11 -35.82 -35.49
CA ALA P 40 -18.02 -34.90 -34.80
C ALA P 40 -17.28 -33.68 -34.24
N HIS P 41 -16.06 -33.86 -33.75
CA HIS P 41 -15.34 -32.75 -33.13
C HIS P 41 -14.87 -31.70 -34.12
N CYS P 42 -14.95 -31.97 -35.42
CA CYS P 42 -14.63 -30.94 -36.41
C CYS P 42 -15.72 -29.88 -36.47
N VAL P 43 -16.96 -30.24 -36.15
CA VAL P 43 -18.11 -29.33 -36.29
C VAL P 43 -18.62 -28.81 -34.96
N ALA P 44 -18.13 -29.33 -33.83
CA ALA P 44 -18.68 -28.93 -32.54
C ALA P 44 -18.42 -27.46 -32.22
N ASN P 45 -17.36 -26.87 -32.78
CA ASN P 45 -16.95 -25.52 -32.44
C ASN P 45 -16.84 -24.60 -33.66
N VAL P 46 -17.21 -25.06 -34.83
CA VAL P 46 -17.12 -24.24 -36.02
C VAL P 46 -18.44 -23.51 -36.23
N ASN P 47 -18.37 -22.34 -36.86
CA ASN P 47 -19.57 -21.68 -37.35
C ASN P 47 -20.13 -22.53 -38.49
N VAL P 48 -21.35 -23.06 -38.30
CA VAL P 48 -21.83 -24.16 -39.12
C VAL P 48 -21.85 -23.81 -40.61
N ARG P 49 -22.13 -22.56 -40.96
CA ARG P 49 -21.95 -22.15 -42.35
C ARG P 49 -20.47 -21.83 -42.56
N ALA P 50 -20.15 -20.77 -43.31
CA ALA P 50 -18.78 -20.28 -43.43
C ALA P 50 -17.79 -21.32 -43.95
N VAL P 51 -18.00 -22.57 -43.59
CA VAL P 51 -17.19 -23.68 -44.07
C VAL P 51 -17.78 -24.16 -45.38
N ARG P 52 -16.91 -24.63 -46.28
CA ARG P 52 -17.31 -25.12 -47.59
C ARG P 52 -16.73 -26.51 -47.81
N VAL P 53 -17.60 -27.48 -48.07
CA VAL P 53 -17.21 -28.87 -48.24
C VAL P 53 -16.83 -29.11 -49.70
N VAL P 54 -15.55 -29.45 -49.93
CA VAL P 54 -15.00 -29.62 -51.28
C VAL P 54 -14.91 -31.10 -51.59
N LEU P 55 -15.65 -31.54 -52.61
CA LEU P 55 -15.63 -32.92 -53.07
C LEU P 55 -14.76 -33.05 -54.32
N GLY P 56 -14.02 -34.15 -54.41
CA GLY P 56 -13.29 -34.47 -55.61
C GLY P 56 -12.16 -33.53 -55.95
N ALA P 57 -11.34 -33.21 -54.95
CA ALA P 57 -10.12 -32.44 -55.16
C ALA P 57 -8.93 -33.38 -55.21
N HIS P 58 -7.73 -32.81 -55.40
CA HIS P 58 -6.51 -33.59 -55.29
C HIS P 58 -5.32 -32.75 -54.84
N ASN P 59 -4.97 -31.73 -55.62
CA ASN P 59 -3.91 -30.79 -55.25
C ASN P 59 -4.54 -29.45 -54.90
N LEU P 60 -4.60 -29.15 -53.61
CA LEU P 60 -5.24 -27.93 -53.12
C LEU P 60 -4.47 -26.67 -53.50
N SER P 61 -3.17 -26.76 -53.74
CA SER P 61 -2.40 -25.58 -54.13
C SER P 61 -2.55 -25.26 -55.61
N ARG P 62 -2.77 -26.28 -56.45
CA ARG P 62 -3.01 -26.05 -57.86
C ARG P 62 -4.46 -25.63 -58.09
N ARG P 63 -4.70 -24.96 -59.22
CA ARG P 63 -6.06 -24.61 -59.62
C ARG P 63 -6.77 -25.84 -60.16
N GLU P 64 -7.92 -26.15 -59.61
CA GLU P 64 -8.70 -27.32 -60.02
C GLU P 64 -10.07 -26.88 -60.51
N PRO P 65 -10.34 -26.92 -61.81
CA PRO P 65 -11.72 -26.74 -62.29
C PRO P 65 -12.57 -27.99 -62.12
N THR P 66 -11.99 -29.08 -61.63
CA THR P 66 -12.67 -30.35 -61.46
C THR P 66 -13.49 -30.43 -60.18
N ARG P 67 -13.38 -29.44 -59.29
CA ARG P 67 -13.96 -29.54 -57.97
C ARG P 67 -15.48 -29.38 -58.01
N GLN P 68 -16.09 -29.78 -56.90
CA GLN P 68 -17.47 -29.45 -56.57
C GLN P 68 -17.49 -29.02 -55.11
N VAL P 69 -18.03 -27.84 -54.83
CA VAL P 69 -17.96 -27.22 -53.51
C VAL P 69 -19.38 -26.93 -53.04
N PHE P 70 -19.64 -27.18 -51.75
CA PHE P 70 -20.97 -27.05 -51.18
C PHE P 70 -20.89 -26.44 -49.79
N ALA P 71 -22.07 -26.17 -49.24
CA ALA P 71 -22.23 -25.68 -47.87
C ALA P 71 -23.12 -26.64 -47.11
N VAL P 72 -23.14 -26.51 -45.77
CA VAL P 72 -23.82 -27.44 -44.89
C VAL P 72 -25.22 -26.90 -44.57
N GLN P 73 -26.23 -27.77 -44.66
CA GLN P 73 -27.61 -27.40 -44.34
C GLN P 73 -28.03 -27.89 -42.96
N ARG P 74 -27.75 -29.16 -42.63
CA ARG P 74 -28.14 -29.72 -41.34
C ARG P 74 -26.96 -30.49 -40.75
N ILE P 75 -27.06 -30.76 -39.45
CA ILE P 75 -26.07 -31.52 -38.71
C ILE P 75 -26.79 -32.54 -37.83
N PHE P 76 -26.40 -33.81 -37.97
CA PHE P 76 -26.94 -34.91 -37.18
C PHE P 76 -25.82 -35.51 -36.35
N GLU P 77 -25.85 -35.26 -35.05
CA GLU P 77 -24.95 -35.90 -34.12
C GLU P 77 -25.63 -37.11 -33.47
N ASN P 78 -24.81 -38.05 -33.00
CA ASN P 78 -25.30 -39.27 -32.36
C ASN P 78 -24.70 -39.41 -30.97
N GLY P 79 -24.79 -38.34 -30.18
CA GLY P 79 -24.24 -38.36 -28.84
C GLY P 79 -22.73 -38.28 -28.82
N TYR P 80 -22.18 -37.30 -29.53
CA TYR P 80 -20.74 -37.07 -29.48
C TYR P 80 -20.32 -36.63 -28.08
N ASP P 81 -19.31 -37.29 -27.55
CA ASP P 81 -18.84 -37.08 -26.18
C ASP P 81 -17.43 -36.50 -26.23
N PRO P 82 -17.26 -35.19 -26.05
CA PRO P 82 -15.95 -34.57 -26.28
C PRO P 82 -14.90 -34.87 -25.21
N VAL P 83 -15.30 -35.34 -24.03
CA VAL P 83 -14.32 -35.62 -22.98
C VAL P 83 -13.81 -37.05 -23.06
N ASN P 84 -14.66 -38.00 -23.45
CA ASN P 84 -14.25 -39.38 -23.66
C ASN P 84 -14.06 -39.73 -25.13
N LEU P 85 -14.41 -38.81 -26.04
CA LEU P 85 -14.21 -39.00 -27.48
C LEU P 85 -14.90 -40.27 -27.97
N LEU P 86 -16.11 -40.50 -27.47
CA LEU P 86 -17.02 -41.53 -27.97
C LEU P 86 -17.99 -40.93 -28.98
N ASN P 87 -18.40 -41.76 -29.94
CA ASN P 87 -19.35 -41.35 -30.98
C ASN P 87 -18.87 -40.10 -31.72
N ASP P 88 -17.62 -40.14 -32.16
CA ASP P 88 -16.98 -39.01 -32.85
C ASP P 88 -17.30 -39.05 -34.34
N ILE P 89 -18.60 -38.97 -34.63
CA ILE P 89 -19.12 -39.12 -35.99
C ILE P 89 -20.21 -38.08 -36.22
N VAL P 90 -20.26 -37.54 -37.43
CA VAL P 90 -21.28 -36.56 -37.79
C VAL P 90 -21.56 -36.69 -39.29
N ILE P 91 -22.79 -36.35 -39.67
CA ILE P 91 -23.23 -36.36 -41.05
C ILE P 91 -23.79 -34.98 -41.39
N LEU P 92 -23.47 -34.49 -42.59
CA LEU P 92 -23.77 -33.12 -42.98
C LEU P 92 -24.57 -33.11 -44.28
N GLN P 93 -25.70 -32.42 -44.27
CA GLN P 93 -26.50 -32.24 -45.48
C GLN P 93 -26.05 -30.97 -46.21
N LEU P 94 -25.91 -31.08 -47.53
CA LEU P 94 -25.30 -30.03 -48.32
C LEU P 94 -26.33 -29.05 -48.87
N ASN P 95 -25.85 -27.91 -49.39
CA ASN P 95 -26.71 -26.98 -50.13
C ASN P 95 -26.96 -27.43 -51.56
N GLY P 96 -26.76 -28.71 -51.83
CA GLY P 96 -27.04 -29.26 -53.13
C GLY P 96 -26.87 -30.76 -53.09
N SER P 97 -26.68 -31.34 -54.28
CA SER P 97 -26.39 -32.75 -54.43
C SER P 97 -25.24 -32.92 -55.42
N ALA P 98 -24.42 -33.93 -55.17
CA ALA P 98 -23.17 -34.10 -55.89
C ALA P 98 -23.37 -34.75 -57.26
N THR P 99 -22.47 -34.43 -58.18
CA THR P 99 -22.46 -35.00 -59.52
C THR P 99 -21.37 -36.06 -59.60
N ILE P 100 -21.76 -37.28 -59.93
CA ILE P 100 -20.82 -38.38 -59.97
C ILE P 100 -20.00 -38.31 -61.25
N ASN P 101 -18.70 -38.59 -61.13
CA ASN P 101 -17.79 -38.68 -62.26
C ASN P 101 -16.52 -39.39 -61.79
N ALA P 102 -15.43 -39.23 -62.52
CA ALA P 102 -14.16 -39.83 -62.14
C ALA P 102 -13.57 -39.18 -60.89
N ASN P 103 -13.96 -37.94 -60.59
CA ASN P 103 -13.43 -37.24 -59.42
C ASN P 103 -14.28 -37.43 -58.16
N VAL P 104 -15.58 -37.68 -58.32
CA VAL P 104 -16.55 -37.60 -57.23
C VAL P 104 -17.42 -38.85 -57.26
N GLN P 105 -17.32 -39.67 -56.21
CA GLN P 105 -18.15 -40.87 -56.09
C GLN P 105 -18.48 -41.10 -54.62
N VAL P 106 -19.34 -42.09 -54.39
CA VAL P 106 -19.81 -42.47 -53.06
C VAL P 106 -19.07 -43.73 -52.62
N ALA P 107 -18.75 -43.81 -51.33
CA ALA P 107 -18.10 -44.98 -50.77
C ALA P 107 -19.13 -45.97 -50.22
N GLN P 108 -18.69 -47.22 -50.09
CA GLN P 108 -19.54 -48.30 -49.58
C GLN P 108 -19.17 -48.59 -48.13
N LEU P 109 -20.19 -48.65 -47.28
CA LEU P 109 -20.05 -48.87 -45.85
C LEU P 109 -20.49 -50.28 -45.46
N PRO P 110 -19.90 -50.86 -44.42
CA PRO P 110 -20.16 -52.27 -44.11
C PRO P 110 -21.42 -52.51 -43.30
N ALA P 111 -21.60 -53.74 -42.86
CA ALA P 111 -22.77 -54.12 -42.08
C ALA P 111 -22.54 -53.80 -40.60
N GLN P 112 -23.65 -53.82 -39.85
CA GLN P 112 -23.60 -53.44 -38.44
C GLN P 112 -22.84 -54.49 -37.63
N GLY P 113 -21.80 -54.04 -36.93
CA GLY P 113 -21.08 -54.88 -36.00
C GLY P 113 -20.02 -55.77 -36.60
N ARG P 114 -20.08 -56.06 -37.91
CA ARG P 114 -19.05 -56.89 -38.50
C ARG P 114 -17.73 -56.12 -38.42
N ARG P 115 -16.85 -56.58 -37.54
CA ARG P 115 -15.67 -55.85 -37.15
C ARG P 115 -14.43 -56.47 -37.75
N LEU P 116 -13.39 -55.66 -37.87
CA LEU P 116 -12.10 -56.13 -38.35
C LEU P 116 -11.29 -56.62 -37.17
N GLY P 117 -10.70 -57.81 -37.30
CA GLY P 117 -9.88 -58.38 -36.26
C GLY P 117 -8.46 -57.84 -36.27
N ASN P 118 -7.69 -58.26 -35.26
CA ASN P 118 -6.30 -57.84 -35.14
C ASN P 118 -5.49 -58.32 -36.32
N GLY P 119 -4.83 -57.38 -37.01
CA GLY P 119 -3.93 -57.71 -38.10
C GLY P 119 -4.44 -57.38 -39.49
N VAL P 120 -5.67 -56.88 -39.63
CA VAL P 120 -6.21 -56.58 -40.96
C VAL P 120 -5.53 -55.34 -41.53
N GLN P 121 -5.20 -55.41 -42.83
CA GLN P 121 -4.60 -54.28 -43.51
C GLN P 121 -5.67 -53.30 -43.97
N CYS P 122 -5.34 -52.02 -43.89
CA CYS P 122 -6.26 -50.94 -44.22
C CYS P 122 -5.50 -49.82 -44.90
N LEU P 123 -6.18 -48.69 -45.12
CA LEU P 123 -5.55 -47.54 -45.76
C LEU P 123 -6.09 -46.26 -45.15
N ALA P 124 -5.18 -45.41 -44.68
CA ALA P 124 -5.53 -44.08 -44.19
C ALA P 124 -5.28 -43.05 -45.28
N MET P 125 -5.84 -41.85 -45.08
CA MET P 125 -5.69 -40.77 -46.05
C MET P 125 -6.07 -39.46 -45.38
N GLY P 126 -5.80 -38.37 -46.07
CA GLY P 126 -6.09 -37.03 -45.57
C GLY P 126 -5.06 -36.03 -46.04
N TRP P 127 -5.38 -34.75 -45.82
CA TRP P 127 -4.53 -33.64 -46.22
C TRP P 127 -3.76 -33.04 -45.03
N GLY P 128 -3.65 -33.76 -43.94
CA GLY P 128 -2.99 -33.26 -42.75
C GLY P 128 -1.50 -33.07 -42.96
N LEU P 129 -0.82 -32.86 -41.82
CA LEU P 129 0.60 -32.60 -41.83
C LEU P 129 1.37 -33.78 -42.43
N LEU P 130 2.39 -33.45 -43.23
CA LEU P 130 3.31 -34.47 -43.72
C LEU P 130 4.21 -35.00 -42.61
N GLY P 131 4.28 -34.29 -41.50
CA GLY P 131 5.09 -34.71 -40.39
C GLY P 131 5.08 -33.64 -39.32
N ARG P 132 5.38 -34.06 -38.10
CA ARG P 132 5.55 -33.12 -37.01
C ARG P 132 6.56 -32.06 -37.43
N ASN P 133 6.08 -30.82 -37.61
CA ASN P 133 6.90 -29.63 -37.90
C ASN P 133 7.14 -29.49 -39.41
N ARG P 134 6.36 -30.19 -40.24
CA ARG P 134 6.68 -30.26 -41.67
C ARG P 134 5.69 -29.58 -42.60
N GLY P 135 4.47 -29.27 -42.17
CA GLY P 135 3.61 -28.47 -43.02
C GLY P 135 2.43 -29.24 -43.57
N ILE P 136 1.34 -28.51 -43.83
CA ILE P 136 0.11 -29.13 -44.35
C ILE P 136 0.39 -29.79 -45.68
N ALA P 137 -0.17 -30.98 -45.88
CA ALA P 137 -0.04 -31.65 -47.17
C ALA P 137 -0.75 -30.84 -48.25
N SER P 138 -0.10 -30.73 -49.40
CA SER P 138 -0.72 -30.14 -50.57
C SER P 138 -1.38 -31.19 -51.45
N VAL P 139 -0.70 -32.32 -51.65
CA VAL P 139 -1.23 -33.44 -52.42
C VAL P 139 -1.84 -34.44 -51.46
N LEU P 140 -2.96 -35.06 -51.87
CA LEU P 140 -3.61 -36.06 -51.04
C LEU P 140 -2.65 -37.21 -50.71
N GLN P 141 -2.58 -37.55 -49.43
CA GLN P 141 -1.67 -38.56 -48.92
C GLN P 141 -2.44 -39.82 -48.51
N GLU P 142 -1.76 -40.97 -48.58
CA GLU P 142 -2.32 -42.23 -48.13
C GLU P 142 -1.22 -43.03 -47.44
N LEU P 143 -1.60 -44.18 -46.89
CA LEU P 143 -0.67 -44.94 -46.05
C LEU P 143 -1.21 -46.32 -45.75
N ASN P 144 -0.45 -47.36 -46.11
CA ASN P 144 -0.77 -48.72 -45.67
C ASN P 144 -0.53 -48.83 -44.17
N VAL P 145 -1.54 -49.29 -43.43
CA VAL P 145 -1.46 -49.44 -41.98
C VAL P 145 -2.11 -50.77 -41.58
N THR P 146 -2.00 -51.09 -40.30
CA THR P 146 -2.54 -52.32 -39.72
C THR P 146 -3.43 -51.98 -38.53
N VAL P 147 -4.60 -52.62 -38.47
CA VAL P 147 -5.50 -52.43 -37.33
C VAL P 147 -5.04 -53.35 -36.20
N VAL P 148 -5.02 -52.82 -34.98
CA VAL P 148 -4.55 -53.58 -33.83
C VAL P 148 -5.62 -53.57 -32.76
N THR P 149 -5.57 -54.58 -31.89
CA THR P 149 -6.41 -54.61 -30.70
C THR P 149 -5.66 -54.21 -29.45
N SER P 150 -4.34 -54.32 -29.45
CA SER P 150 -3.55 -53.98 -28.27
C SER P 150 -3.53 -52.47 -28.05
N LEU P 151 -3.55 -52.08 -26.77
CA LEU P 151 -3.63 -50.68 -26.35
C LEU P 151 -4.83 -49.98 -26.97
N CYS P 152 -5.84 -50.75 -27.33
CA CYS P 152 -7.05 -50.26 -27.97
C CYS P 152 -8.25 -50.71 -27.15
N ARG P 153 -9.38 -50.08 -27.40
CA ARG P 153 -10.64 -50.39 -26.73
C ARG P 153 -11.69 -50.72 -27.77
N ARG P 154 -12.79 -51.32 -27.30
CA ARG P 154 -13.88 -51.75 -28.16
C ARG P 154 -14.59 -50.57 -28.83
N SER P 155 -14.43 -49.36 -28.28
CA SER P 155 -15.14 -48.20 -28.78
C SER P 155 -14.45 -47.54 -29.99
N ASN P 156 -13.25 -47.98 -30.37
CA ASN P 156 -12.52 -47.33 -31.46
C ASN P 156 -11.87 -48.38 -32.35
N VAL P 157 -11.67 -48.00 -33.61
CA VAL P 157 -10.80 -48.74 -34.53
C VAL P 157 -9.42 -48.11 -34.43
N CYS P 158 -8.43 -48.90 -34.05
CA CYS P 158 -7.07 -48.40 -33.87
C CYS P 158 -6.17 -48.97 -34.97
N THR P 159 -5.33 -48.10 -35.54
CA THR P 159 -4.35 -48.52 -36.54
C THR P 159 -2.95 -48.17 -36.06
N LEU P 160 -1.97 -48.91 -36.56
CA LEU P 160 -0.59 -48.80 -36.10
C LEU P 160 0.36 -49.25 -37.21
N VAL P 161 1.18 -48.33 -37.70
CA VAL P 161 2.39 -48.70 -38.44
C VAL P 161 3.43 -49.14 -37.41
N ARG P 162 3.68 -50.44 -37.34
CA ARG P 162 4.61 -50.97 -36.34
C ARG P 162 6.04 -50.72 -36.80
N GLY P 163 6.88 -50.26 -35.88
CA GLY P 163 8.30 -50.13 -36.12
C GLY P 163 8.76 -48.81 -36.69
N ARG P 164 7.95 -48.19 -37.56
CA ARG P 164 8.27 -46.89 -38.13
C ARG P 164 7.43 -45.80 -37.48
N GLN P 165 7.93 -44.56 -37.59
CA GLN P 165 7.19 -43.38 -37.14
C GLN P 165 6.28 -42.93 -38.29
N ALA P 166 5.12 -43.58 -38.37
CA ALA P 166 4.14 -43.28 -39.41
C ALA P 166 2.74 -43.36 -38.83
N GLY P 167 1.92 -42.37 -39.15
CA GLY P 167 0.55 -42.36 -38.67
C GLY P 167 -0.17 -41.12 -39.17
N VAL P 168 -1.40 -40.94 -38.68
CA VAL P 168 -2.13 -39.74 -39.04
C VAL P 168 -1.57 -38.54 -38.28
N CYS P 169 -1.90 -37.35 -38.78
CA CYS P 169 -1.49 -36.12 -38.14
C CYS P 169 -2.63 -35.11 -38.25
N PHE P 170 -2.38 -33.91 -37.72
CA PHE P 170 -3.43 -32.92 -37.59
C PHE P 170 -3.83 -32.38 -38.96
N GLY P 171 -5.14 -32.34 -39.21
CA GLY P 171 -5.68 -32.11 -40.53
C GLY P 171 -6.22 -33.36 -41.19
N ASP P 172 -5.91 -34.54 -40.65
CA ASP P 172 -6.42 -35.80 -41.17
C ASP P 172 -7.71 -36.24 -40.48
N SER P 173 -8.13 -35.54 -39.44
CA SER P 173 -9.38 -35.88 -38.75
C SER P 173 -10.55 -35.88 -39.71
N GLY P 174 -11.46 -36.82 -39.53
CA GLY P 174 -12.64 -36.96 -40.36
C GLY P 174 -12.44 -37.77 -41.63
N SER P 175 -11.21 -37.83 -42.14
CA SER P 175 -10.94 -38.60 -43.34
C SER P 175 -11.25 -40.08 -43.11
N PRO P 176 -11.55 -40.83 -44.18
CA PRO P 176 -11.94 -42.23 -43.94
C PRO P 176 -10.81 -43.23 -44.05
N LEU P 177 -10.84 -44.27 -43.23
CA LEU P 177 -9.86 -45.33 -43.41
C LEU P 177 -10.58 -46.37 -44.22
N VAL P 178 -9.91 -46.94 -45.21
CA VAL P 178 -10.57 -47.88 -46.10
C VAL P 178 -10.06 -49.30 -45.90
N CYS P 179 -10.96 -50.22 -45.59
CA CYS P 179 -10.54 -51.61 -45.42
C CYS P 179 -11.45 -52.47 -46.28
N ASN P 180 -10.85 -53.31 -47.13
CA ASN P 180 -11.59 -54.20 -48.00
C ASN P 180 -12.57 -53.41 -48.87
N GLY P 181 -12.15 -52.21 -49.28
CA GLY P 181 -13.01 -51.31 -50.01
C GLY P 181 -14.14 -50.69 -49.20
N LEU P 182 -14.16 -50.90 -47.89
CA LEU P 182 -15.24 -50.45 -47.03
C LEU P 182 -14.70 -49.44 -46.03
N ILE P 183 -15.38 -48.30 -45.89
CA ILE P 183 -15.00 -47.30 -44.90
C ILE P 183 -15.30 -47.85 -43.51
N HIS P 184 -14.27 -48.26 -42.78
CA HIS P 184 -14.47 -48.78 -41.44
C HIS P 184 -14.16 -47.75 -40.36
N GLY P 185 -13.61 -46.60 -40.73
CA GLY P 185 -13.11 -45.67 -39.75
C GLY P 185 -13.22 -44.23 -40.21
N ILE P 186 -13.52 -43.36 -39.26
CA ILE P 186 -13.39 -41.92 -39.38
C ILE P 186 -12.32 -41.49 -38.39
N ALA P 187 -11.34 -40.73 -38.89
CA ALA P 187 -10.17 -40.39 -38.08
C ALA P 187 -10.53 -39.51 -36.90
N SER P 188 -10.08 -39.89 -35.70
CA SER P 188 -10.43 -39.20 -34.46
C SER P 188 -9.22 -38.54 -33.81
N PHE P 189 -8.33 -39.31 -33.17
CA PHE P 189 -7.31 -38.68 -32.34
C PHE P 189 -6.05 -39.52 -32.29
N VAL P 190 -4.95 -38.86 -31.91
CA VAL P 190 -3.66 -39.50 -31.71
C VAL P 190 -3.31 -39.45 -30.23
N ARG P 191 -2.18 -40.07 -29.88
CA ARG P 191 -1.71 -40.13 -28.50
C ARG P 191 -0.21 -39.85 -28.48
N GLY P 192 0.21 -38.98 -27.58
CA GLY P 192 1.61 -38.62 -27.44
C GLY P 192 2.19 -37.80 -28.58
N GLY P 193 1.39 -37.45 -29.58
CA GLY P 193 1.89 -36.73 -30.74
C GLY P 193 1.72 -37.51 -32.02
N CYS P 194 1.69 -36.81 -33.16
CA CYS P 194 1.57 -37.46 -34.45
C CYS P 194 2.65 -38.53 -34.62
N ALA P 195 2.24 -39.67 -35.18
CA ALA P 195 3.15 -40.74 -35.56
C ALA P 195 4.16 -41.05 -34.45
N SER P 196 3.64 -41.28 -33.24
CA SER P 196 4.50 -41.69 -32.14
C SER P 196 5.22 -42.99 -32.43
N GLY P 197 4.72 -43.80 -33.36
CA GLY P 197 5.28 -45.10 -33.63
C GLY P 197 4.96 -46.15 -32.59
N LEU P 198 4.46 -45.76 -31.43
CA LEU P 198 4.12 -46.66 -30.33
C LEU P 198 2.63 -46.76 -30.08
N TYR P 199 1.95 -45.63 -29.96
CA TYR P 199 0.53 -45.69 -29.65
C TYR P 199 -0.28 -45.67 -30.93
N PRO P 200 -1.22 -46.59 -31.09
CA PRO P 200 -2.05 -46.60 -32.30
C PRO P 200 -2.85 -45.31 -32.45
N ASP P 201 -3.01 -44.89 -33.69
CA ASP P 201 -3.99 -43.87 -34.00
C ASP P 201 -5.39 -44.44 -33.84
N ALA P 202 -6.34 -43.56 -33.50
CA ALA P 202 -7.68 -43.97 -33.09
C ALA P 202 -8.72 -43.40 -34.03
N PHE P 203 -9.59 -44.28 -34.54
CA PHE P 203 -10.61 -43.91 -35.52
C PHE P 203 -12.01 -44.12 -34.94
N ALA P 204 -12.96 -43.33 -35.42
CA ALA P 204 -14.35 -43.54 -35.08
C ALA P 204 -14.87 -44.77 -35.79
N PRO P 205 -15.52 -45.71 -35.10
CA PRO P 205 -15.90 -46.97 -35.75
C PRO P 205 -17.12 -46.84 -36.64
N VAL P 206 -16.90 -46.70 -37.95
CA VAL P 206 -18.01 -46.58 -38.90
C VAL P 206 -18.94 -47.78 -38.80
N ALA P 207 -18.36 -48.99 -38.69
CA ALA P 207 -19.17 -50.21 -38.68
C ALA P 207 -20.12 -50.30 -37.50
N GLN P 208 -19.97 -49.44 -36.49
CA GLN P 208 -20.80 -49.48 -35.29
C GLN P 208 -21.99 -48.54 -35.34
N PHE P 209 -22.05 -47.63 -36.32
CA PHE P 209 -23.17 -46.69 -36.43
C PHE P 209 -23.93 -46.83 -37.74
N VAL P 210 -23.72 -47.90 -38.50
CA VAL P 210 -24.32 -47.98 -39.84
C VAL P 210 -25.84 -47.95 -39.76
N ASN P 211 -26.41 -48.56 -38.71
CA ASN P 211 -27.86 -48.45 -38.53
C ASN P 211 -28.28 -47.00 -38.33
N TRP P 212 -27.55 -46.25 -37.51
CA TRP P 212 -27.85 -44.84 -37.33
C TRP P 212 -27.62 -44.07 -38.62
N ILE P 213 -26.53 -44.36 -39.32
CA ILE P 213 -26.29 -43.73 -40.61
C ILE P 213 -27.37 -44.12 -41.61
N ASP P 214 -27.79 -45.39 -41.57
CA ASP P 214 -28.85 -45.84 -42.48
C ASP P 214 -30.14 -45.06 -42.25
N SER P 215 -30.50 -44.84 -40.98
CA SER P 215 -31.72 -44.08 -40.68
C SER P 215 -31.59 -42.62 -41.11
N ILE P 216 -30.37 -42.09 -41.22
CA ILE P 216 -30.18 -40.71 -41.66
C ILE P 216 -30.24 -40.63 -43.18
N ILE P 217 -29.67 -41.62 -43.87
CA ILE P 217 -29.56 -41.54 -45.33
C ILE P 217 -30.78 -42.11 -46.04
N GLN P 218 -31.51 -43.03 -45.40
CA GLN P 218 -32.73 -43.64 -45.94
C GLN P 218 -32.48 -44.50 -47.18
N SER Q 2 -0.23 -8.65 -38.33
CA SER Q 2 0.74 -9.73 -38.46
C SER Q 2 0.64 -10.71 -37.30
N THR Q 3 0.37 -10.18 -36.12
CA THR Q 3 0.33 -10.99 -34.90
C THR Q 3 -0.87 -10.56 -34.05
N ILE Q 4 -1.34 -11.49 -33.21
CA ILE Q 4 -2.53 -11.29 -32.40
C ILE Q 4 -2.21 -11.63 -30.95
N GLN Q 5 -3.13 -11.25 -30.06
CA GLN Q 5 -3.01 -11.49 -28.62
C GLN Q 5 -4.30 -12.12 -28.13
N ILE Q 6 -4.22 -13.37 -27.69
CA ILE Q 6 -5.34 -14.08 -27.09
C ILE Q 6 -5.13 -14.13 -25.57
N PRO Q 7 -6.09 -13.69 -24.77
CA PRO Q 7 -5.87 -13.61 -23.32
C PRO Q 7 -6.06 -14.96 -22.65
N TYR Q 8 -5.36 -15.14 -21.53
CA TYR Q 8 -5.48 -16.35 -20.74
C TYR Q 8 -5.48 -16.02 -19.24
N THR Q 9 -6.01 -16.96 -18.45
CA THR Q 9 -6.12 -16.84 -17.00
C THR Q 9 -5.73 -18.16 -16.35
N ILE Q 10 -4.99 -18.08 -15.25
CA ILE Q 10 -4.48 -19.23 -14.53
C ILE Q 10 -5.17 -19.31 -13.17
N THR Q 11 -5.48 -20.53 -12.74
CA THR Q 11 -6.12 -20.75 -11.44
C THR Q 11 -5.53 -21.99 -10.78
N VAL Q 12 -4.85 -21.77 -9.65
CA VAL Q 12 -4.33 -22.86 -8.85
C VAL Q 12 -4.84 -22.29 -7.56
N ASN Q 13 -4.38 -21.09 -7.22
CA ASN Q 13 -4.92 -20.37 -6.06
C ASN Q 13 -5.51 -19.20 -6.81
N GLY Q 14 -5.44 -19.24 -8.13
CA GLY Q 14 -5.94 -18.21 -8.98
C GLY Q 14 -5.13 -16.93 -8.86
N THR Q 15 -4.21 -16.68 -9.80
CA THR Q 15 -3.50 -15.40 -9.80
C THR Q 15 -4.45 -14.22 -10.15
N SER Q 16 -5.71 -14.65 -10.30
CA SER Q 16 -6.96 -13.92 -10.34
C SER Q 16 -6.92 -12.40 -10.49
N GLN Q 17 -6.10 -11.70 -9.71
CA GLN Q 17 -5.84 -10.30 -10.03
C GLN Q 17 -4.90 -10.16 -11.20
N ASN Q 18 -4.67 -11.30 -11.85
CA ASN Q 18 -3.92 -11.58 -13.07
C ASN Q 18 -3.17 -10.41 -13.67
N ILE Q 19 -1.87 -10.61 -13.84
CA ILE Q 19 -1.03 -9.83 -14.73
C ILE Q 19 -1.63 -9.88 -16.14
N LEU Q 20 -2.89 -9.38 -16.28
CA LEU Q 20 -3.77 -9.48 -17.46
C LEU Q 20 -3.03 -9.92 -18.72
N SER Q 21 -2.83 -11.23 -18.85
CA SER Q 21 -1.84 -11.77 -19.78
C SER Q 21 -2.48 -12.27 -21.06
N SER Q 22 -1.62 -12.44 -22.07
CA SER Q 22 -2.06 -12.80 -23.41
C SER Q 22 -0.92 -13.52 -24.11
N LEU Q 23 -1.28 -14.44 -25.01
CA LEU Q 23 -0.32 -15.23 -25.77
C LEU Q 23 -0.21 -14.70 -27.19
N THR Q 24 0.98 -14.86 -27.78
CA THR Q 24 1.25 -14.38 -29.13
C THR Q 24 1.00 -15.51 -30.12
N PHE Q 25 0.00 -15.34 -30.98
CA PHE Q 25 -0.27 -16.25 -32.07
C PHE Q 25 -0.18 -15.50 -33.39
N ASN Q 26 -0.31 -16.23 -34.49
CA ASN Q 26 -0.29 -15.63 -35.82
C ASN Q 26 -1.71 -15.30 -36.26
N LYS Q 27 -1.86 -14.16 -36.93
CA LYS Q 27 -3.12 -13.79 -37.55
C LYS Q 27 -3.64 -14.91 -38.44
N ASN Q 28 -4.83 -15.41 -38.12
CA ASN Q 28 -5.60 -16.26 -39.02
C ASN Q 28 -4.77 -17.45 -39.50
N GLN Q 29 -4.59 -18.46 -38.64
CA GLN Q 29 -3.73 -19.58 -38.97
C GLN Q 29 -4.23 -20.83 -38.25
N ASN Q 30 -4.09 -21.97 -38.93
CA ASN Q 30 -4.55 -23.26 -38.43
C ASN Q 30 -3.48 -23.88 -37.54
N ILE Q 31 -3.86 -24.18 -36.29
CA ILE Q 31 -2.97 -24.82 -35.33
C ILE Q 31 -3.70 -26.02 -34.73
N SER Q 32 -2.93 -26.88 -34.06
CA SER Q 32 -3.45 -28.09 -33.45
C SER Q 32 -3.52 -27.92 -31.93
N TYR Q 33 -4.24 -28.85 -31.29
CA TYR Q 33 -4.34 -28.82 -29.84
C TYR Q 33 -3.04 -29.22 -29.17
N LYS Q 34 -2.12 -29.88 -29.89
CA LYS Q 34 -0.78 -30.09 -29.37
C LYS Q 34 0.00 -28.78 -29.34
N ASP Q 35 -0.21 -27.93 -30.35
CA ASP Q 35 0.43 -26.62 -30.39
C ASP Q 35 -0.06 -25.75 -29.23
N ILE Q 36 -1.37 -25.72 -29.02
CA ILE Q 36 -1.94 -24.94 -27.93
C ILE Q 36 -1.41 -25.44 -26.58
N GLU Q 37 -1.27 -26.76 -26.45
CA GLU Q 37 -0.86 -27.31 -25.16
C GLU Q 37 0.55 -26.86 -24.79
N ASN Q 38 1.43 -26.73 -25.77
CA ASN Q 38 2.79 -26.28 -25.49
C ASN Q 38 2.80 -24.85 -24.93
N LYS Q 39 1.91 -23.99 -25.43
CA LYS Q 39 1.79 -22.65 -24.86
C LYS Q 39 1.24 -22.70 -23.44
N VAL Q 40 0.26 -23.57 -23.19
CA VAL Q 40 -0.32 -23.69 -21.86
C VAL Q 40 0.75 -24.13 -20.86
N LYS Q 41 1.38 -25.27 -21.12
CA LYS Q 41 2.44 -25.76 -20.26
C LYS Q 41 3.60 -24.77 -20.16
N SER Q 42 3.73 -23.86 -21.11
CA SER Q 42 4.76 -22.82 -21.02
C SER Q 42 4.37 -21.77 -20.00
N VAL Q 43 3.23 -21.11 -20.21
CA VAL Q 43 2.81 -20.06 -19.28
C VAL Q 43 2.40 -20.62 -17.92
N LEU Q 44 2.12 -21.92 -17.83
CA LEU Q 44 1.95 -22.53 -16.52
C LEU Q 44 3.24 -22.44 -15.71
N TYR Q 45 4.39 -22.49 -16.38
CA TYR Q 45 5.64 -22.48 -15.64
C TYR Q 45 6.05 -21.07 -15.25
N PHE Q 46 6.03 -20.14 -16.20
CA PHE Q 46 6.55 -18.80 -15.92
C PHE Q 46 5.65 -17.99 -15.02
N ASN Q 47 4.38 -18.38 -14.85
CA ASN Q 47 3.48 -17.63 -14.00
C ASN Q 47 3.25 -18.26 -12.64
N ARG Q 48 3.26 -19.60 -12.56
CA ARG Q 48 3.01 -20.29 -11.30
C ARG Q 48 4.04 -21.37 -10.99
N GLY Q 49 5.11 -21.49 -11.79
CA GLY Q 49 6.15 -22.45 -11.50
C GLY Q 49 5.71 -23.89 -11.54
N ILE Q 50 4.74 -24.22 -12.40
CA ILE Q 50 4.19 -25.56 -12.49
C ILE Q 50 4.89 -26.30 -13.62
N SER Q 51 5.59 -27.38 -13.30
CA SER Q 51 6.41 -28.10 -14.25
C SER Q 51 5.74 -29.41 -14.64
N ASP Q 52 6.48 -30.22 -15.41
CA ASP Q 52 5.97 -31.51 -15.85
C ASP Q 52 5.63 -32.40 -14.66
N ILE Q 53 6.49 -32.40 -13.63
CA ILE Q 53 6.21 -33.17 -12.42
C ILE Q 53 4.90 -32.69 -11.78
N ASP Q 54 4.69 -31.38 -11.74
CA ASP Q 54 3.52 -30.83 -11.06
C ASP Q 54 2.22 -31.26 -11.73
N LEU Q 55 2.17 -31.18 -13.07
CA LEU Q 55 0.97 -31.55 -13.80
C LEU Q 55 0.65 -33.03 -13.68
N ARG Q 56 1.67 -33.89 -13.64
CA ARG Q 56 1.44 -35.33 -13.52
C ARG Q 56 0.84 -35.69 -12.17
N LEU Q 57 1.17 -34.96 -11.12
CA LEU Q 57 0.69 -35.28 -9.78
C LEU Q 57 -0.60 -34.58 -9.42
N SER Q 58 -1.06 -33.63 -10.23
CA SER Q 58 -2.24 -32.86 -9.88
C SER Q 58 -3.50 -33.73 -9.94
N LYS Q 59 -4.47 -33.39 -9.09
CA LYS Q 59 -5.74 -34.11 -9.09
C LYS Q 59 -6.46 -33.95 -10.42
N GLN Q 60 -6.52 -32.71 -10.93
CA GLN Q 60 -7.06 -32.40 -12.24
C GLN Q 60 -6.27 -31.25 -12.84
N ALA Q 61 -5.96 -31.36 -14.13
CA ALA Q 61 -5.25 -30.31 -14.84
C ALA Q 61 -5.84 -30.19 -16.23
N GLU Q 62 -6.25 -28.99 -16.62
CA GLU Q 62 -6.94 -28.81 -17.88
C GLU Q 62 -6.96 -27.33 -18.25
N TYR Q 63 -7.17 -27.07 -19.53
CA TYR Q 63 -7.44 -25.73 -20.04
C TYR Q 63 -8.70 -25.78 -20.90
N THR Q 64 -9.38 -24.65 -21.00
CA THR Q 64 -10.63 -24.53 -21.74
C THR Q 64 -10.47 -23.47 -22.81
N VAL Q 65 -10.57 -23.88 -24.07
CA VAL Q 65 -10.53 -22.96 -25.21
C VAL Q 65 -11.92 -22.42 -25.43
N HIS Q 66 -12.10 -21.12 -25.23
CA HIS Q 66 -13.37 -20.44 -25.46
C HIS Q 66 -13.33 -19.79 -26.84
N PHE Q 67 -14.16 -20.28 -27.76
CA PHE Q 67 -14.16 -19.74 -29.10
C PHE Q 67 -15.03 -18.48 -29.18
N LYS Q 68 -14.78 -17.69 -30.22
CA LYS Q 68 -15.51 -16.44 -30.40
C LYS Q 68 -16.98 -16.67 -30.75
N ASN Q 69 -17.36 -17.87 -31.17
CA ASN Q 69 -18.74 -18.18 -31.52
C ASN Q 69 -19.57 -18.65 -30.33
N GLY Q 70 -19.05 -18.52 -29.11
CA GLY Q 70 -19.78 -18.81 -27.91
C GLY Q 70 -19.55 -20.18 -27.31
N THR Q 71 -19.00 -21.12 -28.08
CA THR Q 71 -18.76 -22.46 -27.58
C THR Q 71 -17.37 -22.55 -26.93
N LYS Q 72 -17.23 -23.51 -26.04
CA LYS Q 72 -15.97 -23.81 -25.38
C LYS Q 72 -15.60 -25.27 -25.65
N ARG Q 73 -14.33 -25.58 -25.42
CA ARG Q 73 -13.81 -26.95 -25.58
C ARG Q 73 -12.84 -27.22 -24.45
N VAL Q 74 -13.10 -28.25 -23.67
CA VAL Q 74 -12.31 -28.57 -22.47
C VAL Q 74 -11.34 -29.68 -22.82
N ILE Q 75 -10.05 -29.42 -22.61
CA ILE Q 75 -8.98 -30.36 -22.96
C ILE Q 75 -8.32 -30.84 -21.68
N ASP Q 76 -8.16 -32.16 -21.55
CA ASP Q 76 -7.49 -32.76 -20.40
C ASP Q 76 -5.98 -32.69 -20.63
N LEU Q 77 -5.28 -32.01 -19.73
CA LEU Q 77 -3.82 -31.88 -19.85
C LEU Q 77 -3.09 -33.17 -19.52
N LYS Q 78 -3.69 -34.02 -18.68
CA LYS Q 78 -3.05 -35.27 -18.26
C LYS Q 78 -3.30 -36.43 -19.21
N SER Q 79 -3.99 -36.20 -20.33
CA SER Q 79 -4.33 -37.29 -21.25
C SER Q 79 -3.24 -37.59 -22.27
N GLY Q 80 -2.53 -36.58 -22.75
CA GLY Q 80 -1.67 -36.78 -23.91
C GLY Q 80 -2.44 -37.16 -25.15
N ILE Q 81 -3.74 -36.85 -25.19
CA ILE Q 81 -4.62 -37.23 -26.29
C ILE Q 81 -5.00 -35.97 -27.05
N TYR Q 82 -4.76 -36.00 -28.37
CA TYR Q 82 -5.01 -34.84 -29.22
C TYR Q 82 -5.86 -35.29 -30.40
N THR Q 83 -7.02 -34.66 -30.56
CA THR Q 83 -7.81 -34.85 -31.76
C THR Q 83 -7.02 -34.33 -32.97
N ALA Q 84 -7.01 -35.12 -34.04
CA ALA Q 84 -6.18 -34.83 -35.22
C ALA Q 84 -6.75 -33.72 -36.10
N ASP Q 85 -7.33 -32.69 -35.50
CA ASP Q 85 -7.94 -31.59 -36.24
C ASP Q 85 -7.11 -30.32 -36.09
N LEU Q 86 -7.53 -29.30 -36.84
CA LEU Q 86 -6.89 -27.98 -36.83
C LEU Q 86 -7.92 -26.91 -36.54
N ILE Q 87 -7.49 -25.84 -35.87
CA ILE Q 87 -8.35 -24.71 -35.58
C ILE Q 87 -7.60 -23.43 -35.88
N ASN Q 88 -8.35 -22.39 -36.26
CA ASN Q 88 -7.80 -21.14 -36.75
C ASN Q 88 -7.68 -20.15 -35.60
N THR Q 89 -6.48 -19.56 -35.43
CA THR Q 89 -6.22 -18.71 -34.28
C THR Q 89 -7.17 -17.51 -34.22
N SER Q 90 -7.69 -17.07 -35.36
CA SER Q 90 -8.59 -15.91 -35.36
C SER Q 90 -9.97 -16.23 -34.80
N ASP Q 91 -10.25 -17.49 -34.48
CA ASP Q 91 -11.55 -17.90 -33.99
C ASP Q 91 -11.61 -18.05 -32.48
N ILE Q 92 -10.51 -17.81 -31.76
CA ILE Q 92 -10.45 -18.01 -30.32
C ILE Q 92 -10.72 -16.70 -29.61
N LYS Q 93 -11.61 -16.73 -28.62
CA LYS Q 93 -11.84 -15.55 -27.79
C LYS Q 93 -10.84 -15.47 -26.65
N ALA Q 94 -10.64 -16.58 -25.94
CA ALA Q 94 -9.75 -16.63 -24.78
C ALA Q 94 -9.50 -18.08 -24.40
N ILE Q 95 -8.58 -18.28 -23.46
CA ILE Q 95 -8.24 -19.59 -22.91
C ILE Q 95 -8.14 -19.45 -21.39
N SER Q 96 -8.75 -20.37 -20.66
CA SER Q 96 -8.62 -20.41 -19.21
C SER Q 96 -7.95 -21.72 -18.81
N VAL Q 97 -7.10 -21.65 -17.80
CA VAL Q 97 -6.34 -22.80 -17.32
C VAL Q 97 -6.66 -23.00 -15.84
N ASN Q 98 -6.68 -24.27 -15.42
CA ASN Q 98 -6.98 -24.63 -14.04
C ASN Q 98 -6.22 -25.90 -13.69
N VAL Q 99 -5.53 -25.89 -12.55
CA VAL Q 99 -4.76 -27.02 -12.05
C VAL Q 99 -5.11 -27.25 -10.59
N ASP Q 100 -5.28 -28.51 -10.20
CA ASP Q 100 -5.53 -28.88 -8.80
C ASP Q 100 -4.46 -29.84 -8.30
N ILE R 1 -11.32 -3.01 -12.25
CA ILE R 1 -11.89 -2.81 -10.93
C ILE R 1 -13.36 -3.16 -10.93
N ILE R 2 -13.70 -4.26 -10.25
CA ILE R 2 -15.09 -4.68 -10.17
C ILE R 2 -15.82 -3.82 -9.16
N GLY R 3 -16.97 -3.27 -9.57
CA GLY R 3 -17.83 -2.56 -8.65
C GLY R 3 -17.40 -1.14 -8.31
N GLY R 4 -16.49 -0.56 -9.09
CA GLY R 4 -15.95 0.74 -8.79
C GLY R 4 -16.51 1.86 -9.66
N ARG R 5 -16.00 3.05 -9.42
CA ARG R 5 -16.32 4.25 -10.17
C ARG R 5 -15.11 4.71 -10.95
N GLU R 6 -15.35 5.41 -12.06
CA GLU R 6 -14.26 6.05 -12.77
C GLU R 6 -13.65 7.12 -11.90
N SER R 7 -12.32 7.18 -11.88
CA SER R 7 -11.63 8.17 -11.06
C SER R 7 -11.77 9.55 -11.67
N ARG R 8 -11.75 10.56 -10.82
CA ARG R 8 -11.59 11.92 -11.31
C ARG R 8 -10.19 12.01 -11.92
N PRO R 9 -10.05 12.54 -13.14
CA PRO R 9 -8.78 12.40 -13.86
C PRO R 9 -7.59 12.94 -13.09
N HIS R 10 -6.54 12.12 -12.99
CA HIS R 10 -5.27 12.46 -12.35
C HIS R 10 -5.42 12.78 -10.87
N SER R 11 -6.55 12.41 -10.25
CA SER R 11 -6.72 12.59 -8.82
C SER R 11 -5.87 11.63 -8.00
N ARG R 12 -5.29 10.61 -8.62
CA ARG R 12 -4.45 9.62 -7.95
C ARG R 12 -3.09 9.61 -8.64
N PRO R 13 -2.23 10.58 -8.33
CA PRO R 13 -1.00 10.77 -9.13
C PRO R 13 0.03 9.68 -8.96
N TYR R 14 -0.04 8.87 -7.90
CA TYR R 14 0.99 7.87 -7.64
C TYR R 14 0.90 6.67 -8.58
N MET R 15 -0.23 6.50 -9.26
CA MET R 15 -0.46 5.28 -10.02
C MET R 15 0.51 5.13 -11.18
N ALA R 16 0.79 3.88 -11.54
CA ALA R 16 1.60 3.54 -12.70
C ALA R 16 0.92 2.44 -13.49
N TYR R 17 0.88 2.60 -14.81
CA TYR R 17 0.39 1.58 -15.71
C TYR R 17 1.58 0.85 -16.33
N LEU R 18 1.61 -0.47 -16.16
CA LEU R 18 2.75 -1.29 -16.56
C LEU R 18 2.45 -2.07 -17.83
N GLN R 19 3.43 -2.12 -18.72
CA GLN R 19 3.39 -2.95 -19.92
C GLN R 19 4.51 -3.97 -19.81
N ILE R 20 4.16 -5.25 -19.89
CA ILE R 20 5.04 -6.34 -19.51
C ILE R 20 5.14 -7.33 -20.66
N GLN R 21 6.36 -7.74 -20.99
CA GLN R 21 6.60 -8.72 -22.03
C GLN R 21 7.20 -9.97 -21.39
N SER R 22 6.49 -11.08 -21.50
CA SER R 22 7.00 -12.38 -21.14
C SER R 22 7.37 -13.15 -22.40
N PRO R 23 8.15 -14.23 -22.26
CA PRO R 23 8.25 -15.18 -23.38
C PRO R 23 6.88 -15.79 -23.64
N ALA R 24 6.48 -15.78 -24.91
CA ALA R 24 5.24 -16.29 -25.48
C ALA R 24 4.05 -15.33 -25.33
N GLY R 25 4.24 -14.11 -24.81
CA GLY R 25 3.11 -13.20 -24.74
C GLY R 25 3.43 -11.91 -24.01
N GLN R 26 2.37 -11.16 -23.71
CA GLN R 26 2.45 -9.83 -23.11
C GLN R 26 1.51 -9.76 -21.91
N SER R 27 1.60 -8.65 -21.18
CA SER R 27 0.90 -8.56 -19.90
C SER R 27 0.77 -7.11 -19.49
N ARG R 28 -0.29 -6.81 -18.72
CA ARG R 28 -0.57 -5.46 -18.25
C ARG R 28 -0.93 -5.52 -16.76
N CYS R 29 -0.21 -4.78 -15.93
CA CYS R 29 -0.43 -4.74 -14.49
C CYS R 29 -0.77 -3.33 -14.03
N GLY R 30 -0.96 -3.19 -12.73
CA GLY R 30 -0.96 -1.90 -12.08
C GLY R 30 0.39 -1.63 -11.46
N GLY R 31 0.41 -0.69 -10.54
CA GLY R 31 1.63 -0.29 -9.87
C GLY R 31 1.56 1.15 -9.45
N PHE R 32 2.36 1.50 -8.45
CA PHE R 32 2.30 2.84 -7.89
C PHE R 32 3.69 3.42 -7.66
N LEU R 33 3.82 4.71 -7.91
CA LEU R 33 5.03 5.44 -7.65
C LEU R 33 5.21 5.62 -6.14
N VAL R 34 6.29 5.06 -5.60
CA VAL R 34 6.65 5.30 -4.20
C VAL R 34 7.70 6.40 -4.05
N ARG R 35 8.37 6.77 -5.14
CA ARG R 35 9.38 7.83 -5.14
C ARG R 35 9.57 8.23 -6.60
N GLU R 36 10.24 9.36 -6.81
CA GLU R 36 10.70 9.61 -8.17
C GLU R 36 11.67 8.56 -8.68
N ASP R 37 11.99 7.57 -7.85
CA ASP R 37 13.07 6.62 -8.04
C ASP R 37 12.62 5.19 -8.27
N PHE R 38 11.52 4.77 -7.64
CA PHE R 38 11.02 3.42 -7.72
C PHE R 38 9.51 3.43 -7.89
N VAL R 39 9.03 2.52 -8.73
CA VAL R 39 7.61 2.17 -8.80
C VAL R 39 7.47 0.80 -8.15
N LEU R 40 6.65 0.73 -7.09
CA LEU R 40 6.39 -0.53 -6.42
C LEU R 40 5.25 -1.25 -7.12
N THR R 41 5.34 -2.57 -7.10
CA THR R 41 4.36 -3.44 -7.75
C THR R 41 4.54 -4.85 -7.20
N ALA R 42 3.89 -5.82 -7.84
CA ALA R 42 3.95 -7.22 -7.44
C ALA R 42 5.05 -7.96 -8.19
N ALA R 43 5.61 -8.98 -7.53
CA ALA R 43 6.71 -9.74 -8.11
C ALA R 43 6.26 -10.65 -9.26
N HIS R 44 4.97 -10.99 -9.33
CA HIS R 44 4.46 -11.77 -10.46
C HIS R 44 4.07 -10.90 -11.64
N CYS R 45 4.18 -9.57 -11.51
CA CYS R 45 4.16 -8.68 -12.66
C CYS R 45 5.52 -8.56 -13.31
N TRP R 46 6.48 -9.39 -12.92
CA TRP R 46 7.81 -9.36 -13.49
C TRP R 46 7.78 -9.77 -14.96
N GLY R 47 8.73 -9.25 -15.73
CA GLY R 47 8.84 -9.61 -17.13
C GLY R 47 10.25 -9.45 -17.65
N SER R 48 10.41 -9.43 -18.98
CA SER R 48 11.72 -9.19 -19.58
C SER R 48 12.00 -7.70 -19.78
N ASN R 49 11.02 -6.95 -20.24
CA ASN R 49 11.09 -5.50 -20.32
C ASN R 49 9.77 -4.92 -19.82
N ILE R 50 9.84 -3.74 -19.21
CA ILE R 50 8.66 -3.14 -18.58
C ILE R 50 8.62 -1.65 -18.93
N ASN R 51 7.49 -1.20 -19.48
CA ASN R 51 7.26 0.21 -19.79
C ASN R 51 6.28 0.77 -18.77
N VAL R 52 6.74 1.73 -17.97
CA VAL R 52 5.91 2.38 -16.95
C VAL R 52 5.32 3.65 -17.56
N THR R 53 4.07 3.94 -17.21
CA THR R 53 3.34 5.11 -17.71
C THR R 53 2.76 5.85 -16.51
N LEU R 54 3.44 6.91 -16.08
CA LEU R 54 3.03 7.67 -14.91
C LEU R 54 2.08 8.80 -15.31
N GLY R 55 1.29 9.25 -14.32
CA GLY R 55 0.45 10.41 -14.50
C GLY R 55 -0.57 10.25 -15.60
N ALA R 56 -1.15 9.07 -15.72
CA ALA R 56 -2.12 8.78 -16.77
C ALA R 56 -3.53 8.77 -16.20
N HIS R 57 -4.49 9.09 -17.07
CA HIS R 57 -5.89 8.75 -16.82
C HIS R 57 -6.42 7.86 -17.93
N ASN R 58 -6.41 8.32 -19.17
CA ASN R 58 -6.79 7.51 -20.32
C ASN R 58 -5.51 6.93 -20.90
N ILE R 59 -5.30 5.62 -20.68
CA ILE R 59 -4.05 4.98 -21.12
C ILE R 59 -4.10 4.54 -22.58
N GLN R 60 -5.26 4.62 -23.23
CA GLN R 60 -5.37 4.36 -24.65
C GLN R 60 -5.31 5.63 -25.50
N ARG R 61 -5.19 6.79 -24.85
CA ARG R 61 -4.73 8.02 -25.50
C ARG R 61 -3.25 8.23 -25.18
N ARG R 62 -2.71 9.31 -25.71
CA ARG R 62 -1.41 9.83 -25.26
C ARG R 62 -1.65 11.30 -24.88
N GLU R 63 -2.20 11.48 -23.67
CA GLU R 63 -2.49 12.81 -23.17
C GLU R 63 -1.21 13.56 -22.87
N ASN R 64 -1.24 14.88 -23.09
CA ASN R 64 -0.07 15.72 -22.85
C ASN R 64 0.35 15.73 -21.38
N THR R 65 -0.40 15.08 -20.49
CA THR R 65 -0.07 15.03 -19.08
C THR R 65 0.80 13.83 -18.71
N GLN R 66 0.89 12.83 -19.57
CA GLN R 66 1.53 11.58 -19.24
C GLN R 66 3.05 11.67 -19.36
N GLN R 67 3.71 10.68 -18.75
CA GLN R 67 5.15 10.47 -18.89
C GLN R 67 5.39 8.98 -19.02
N HIS R 68 6.09 8.57 -20.07
CA HIS R 68 6.35 7.16 -20.35
C HIS R 68 7.83 6.87 -20.14
N ILE R 69 8.12 5.86 -19.32
CA ILE R 69 9.48 5.57 -18.86
C ILE R 69 9.67 4.06 -18.78
N THR R 70 10.83 3.58 -19.26
CA THR R 70 11.18 2.18 -19.19
C THR R 70 11.86 1.87 -17.85
N ALA R 71 12.19 0.60 -17.63
CA ALA R 71 12.70 0.13 -16.36
C ALA R 71 14.16 -0.30 -16.47
N ARG R 72 14.96 0.07 -15.48
CA ARG R 72 16.38 -0.28 -15.50
C ARG R 72 16.58 -1.71 -14.99
N ARG R 73 16.05 -2.00 -13.80
CA ARG R 73 16.02 -3.34 -13.24
C ARG R 73 14.69 -3.55 -12.55
N ALA R 74 14.25 -4.81 -12.51
CA ALA R 74 12.97 -5.21 -11.92
C ALA R 74 13.27 -6.28 -10.88
N ILE R 75 13.30 -5.88 -9.61
CA ILE R 75 13.77 -6.74 -8.53
C ILE R 75 12.56 -7.40 -7.88
N ARG R 76 12.31 -8.66 -8.23
CA ARG R 76 11.40 -9.48 -7.45
C ARG R 76 11.97 -9.69 -6.06
N HIS R 77 11.09 -10.03 -5.12
CA HIS R 77 11.54 -10.37 -3.78
C HIS R 77 12.37 -11.65 -3.85
N PRO R 78 13.49 -11.72 -3.12
CA PRO R 78 14.36 -12.90 -3.23
C PRO R 78 13.74 -14.20 -2.71
N GLN R 79 12.58 -14.14 -2.04
CA GLN R 79 11.87 -15.34 -1.62
C GLN R 79 10.50 -15.43 -2.30
N TYR R 80 10.36 -14.83 -3.48
CA TYR R 80 9.12 -14.91 -4.23
C TYR R 80 8.83 -16.36 -4.60
N ASN R 81 7.64 -16.83 -4.23
CA ASN R 81 7.20 -18.21 -4.46
C ASN R 81 6.02 -18.14 -5.42
N GLN R 82 6.24 -18.50 -6.69
CA GLN R 82 5.20 -18.35 -7.69
C GLN R 82 4.13 -19.43 -7.63
N ARG R 83 4.40 -20.56 -6.95
CA ARG R 83 3.37 -21.58 -6.80
C ARG R 83 2.31 -21.16 -5.79
N THR R 84 2.73 -20.58 -4.67
CA THR R 84 1.82 -20.16 -3.61
C THR R 84 1.51 -18.67 -3.67
N ILE R 85 2.15 -17.93 -4.57
CA ILE R 85 2.07 -16.47 -4.66
C ILE R 85 2.36 -15.87 -3.28
N GLN R 86 3.54 -16.16 -2.74
CA GLN R 86 3.97 -15.61 -1.47
C GLN R 86 5.16 -14.69 -1.70
N ASN R 87 5.24 -13.64 -0.87
CA ASN R 87 6.24 -12.58 -1.01
C ASN R 87 6.11 -11.90 -2.38
N ASP R 88 4.87 -11.62 -2.77
CA ASP R 88 4.58 -11.05 -4.09
C ASP R 88 4.80 -9.54 -4.03
N ILE R 89 6.07 -9.14 -4.12
CA ILE R 89 6.45 -7.74 -4.08
C ILE R 89 7.66 -7.53 -4.98
N MET R 90 7.68 -6.40 -5.69
CA MET R 90 8.74 -6.10 -6.65
C MET R 90 8.98 -4.61 -6.73
N LEU R 91 10.24 -4.21 -6.64
CA LEU R 91 10.64 -2.81 -6.78
C LEU R 91 11.17 -2.60 -8.19
N LEU R 92 10.52 -1.73 -8.95
CA LEU R 92 10.94 -1.37 -10.30
C LEU R 92 11.88 -0.17 -10.23
N GLN R 93 13.06 -0.31 -10.80
CA GLN R 93 14.04 0.76 -10.84
C GLN R 93 13.89 1.46 -12.19
N LEU R 94 13.31 2.66 -12.17
CA LEU R 94 13.05 3.41 -13.39
C LEU R 94 14.36 3.72 -14.12
N SER R 95 14.23 4.07 -15.40
CA SER R 95 15.38 4.43 -16.21
C SER R 95 15.73 5.91 -16.11
N ARG R 96 14.74 6.77 -15.92
CA ARG R 96 14.96 8.19 -15.69
C ARG R 96 13.92 8.71 -14.71
N ARG R 97 14.27 9.76 -13.98
CA ARG R 97 13.35 10.34 -13.02
C ARG R 97 12.15 10.96 -13.70
N VAL R 98 11.02 10.93 -13.01
CA VAL R 98 9.86 11.71 -13.43
C VAL R 98 10.10 13.18 -13.07
N ARG R 99 9.36 14.07 -13.72
CA ARG R 99 9.44 15.48 -13.35
C ARG R 99 8.85 15.73 -11.98
N ARG R 100 7.92 14.88 -11.55
CA ARG R 100 7.07 15.08 -10.38
C ARG R 100 6.30 16.40 -10.47
N ASN R 101 5.00 16.31 -10.73
CA ASN R 101 4.14 17.48 -10.87
C ASN R 101 2.77 17.22 -10.26
N ARG R 102 1.73 17.86 -10.77
CA ARG R 102 0.39 17.63 -10.25
C ARG R 102 -0.13 16.25 -10.62
N ASN R 103 0.43 15.61 -11.65
CA ASN R 103 -0.05 14.31 -12.11
C ASN R 103 0.83 13.15 -11.70
N VAL R 104 2.07 13.41 -11.31
CA VAL R 104 3.05 12.39 -10.98
C VAL R 104 3.72 12.78 -9.67
N ASN R 105 3.57 11.95 -8.65
CA ASN R 105 4.28 12.15 -7.39
C ASN R 105 4.19 10.88 -6.57
N PRO R 106 5.11 10.67 -5.63
CA PRO R 106 5.11 9.43 -4.83
C PRO R 106 3.94 9.37 -3.87
N VAL R 107 3.82 8.21 -3.23
CA VAL R 107 2.78 7.93 -2.25
C VAL R 107 3.42 7.46 -0.96
N ALA R 108 2.66 7.54 0.12
CA ALA R 108 3.15 7.27 1.47
C ALA R 108 3.11 5.76 1.77
N LEU R 109 4.29 5.16 2.02
CA LEU R 109 4.36 3.83 2.59
C LEU R 109 4.08 3.90 4.09
N PRO R 110 3.59 2.81 4.69
CA PRO R 110 3.41 2.78 6.14
C PRO R 110 4.73 2.53 6.85
N ARG R 111 4.72 2.70 8.16
CA ARG R 111 5.91 2.56 8.98
C ARG R 111 6.16 1.09 9.32
N ALA R 112 7.41 0.80 9.70
CA ALA R 112 7.88 -0.55 9.99
C ALA R 112 6.90 -1.33 10.85
N GLN R 113 6.26 -2.33 10.26
CA GLN R 113 5.31 -3.21 10.95
C GLN R 113 4.09 -2.44 11.43
N GLU R 114 3.56 -1.57 10.57
CA GLU R 114 2.29 -0.92 10.86
C GLU R 114 1.15 -1.91 10.60
N GLY R 115 0.23 -1.99 11.54
CA GLY R 115 -0.89 -2.88 11.40
C GLY R 115 -1.97 -2.31 10.51
N LEU R 116 -2.98 -3.14 10.24
CA LEU R 116 -4.17 -2.69 9.54
C LEU R 116 -5.32 -3.56 10.04
N ARG R 117 -6.24 -2.96 10.88
CA ARG R 117 -7.09 -3.96 11.53
C ARG R 117 -8.40 -4.15 10.79
N PRO R 118 -9.02 -5.32 10.93
CA PRO R 118 -10.23 -5.63 10.15
C PRO R 118 -11.36 -4.63 10.38
N GLY R 119 -12.24 -4.55 9.39
CA GLY R 119 -13.28 -3.54 9.35
C GLY R 119 -12.87 -2.24 8.70
N THR R 120 -11.57 -2.01 8.52
CA THR R 120 -11.09 -0.74 7.99
C THR R 120 -11.52 -0.56 6.52
N LEU R 121 -12.04 0.62 6.23
CA LEU R 121 -12.49 0.97 4.88
C LEU R 121 -11.35 1.63 4.11
N CYS R 122 -11.04 1.07 2.94
CA CYS R 122 -9.93 1.55 2.13
C CYS R 122 -10.31 1.56 0.65
N THR R 123 -9.43 2.13 -0.17
CA THR R 123 -9.67 2.32 -1.59
C THR R 123 -8.54 1.68 -2.40
N VAL R 124 -8.90 1.08 -3.54
CA VAL R 124 -7.96 0.42 -4.43
C VAL R 124 -8.25 0.86 -5.87
N ALA R 125 -7.20 0.91 -6.69
CA ALA R 125 -7.32 1.45 -8.05
C ALA R 125 -6.43 0.67 -9.01
N GLY R 126 -6.73 0.83 -10.29
CA GLY R 126 -5.99 0.18 -11.36
C GLY R 126 -6.72 0.34 -12.67
N TRP R 127 -6.13 -0.27 -13.71
CA TRP R 127 -6.69 -0.25 -15.05
C TRP R 127 -7.17 -1.63 -15.50
N GLY R 128 -7.72 -2.41 -14.57
CA GLY R 128 -8.08 -3.78 -14.87
C GLY R 128 -9.46 -3.92 -15.46
N ARG R 129 -9.73 -5.13 -15.95
CA ARG R 129 -11.08 -5.47 -16.42
C ARG R 129 -12.08 -5.25 -15.30
N VAL R 130 -13.32 -4.93 -15.68
CA VAL R 130 -14.40 -4.70 -14.72
C VAL R 130 -15.44 -5.81 -14.73
N SER R 131 -15.23 -6.85 -15.55
CA SER R 131 -16.04 -8.07 -15.51
C SER R 131 -15.24 -9.13 -16.27
N MET R 132 -15.81 -10.33 -16.36
CA MET R 132 -15.13 -11.33 -17.18
C MET R 132 -15.24 -11.05 -18.67
N ARG R 133 -15.79 -9.91 -19.12
CA ARG R 133 -16.02 -9.69 -20.54
C ARG R 133 -15.67 -8.29 -21.06
N ARG R 134 -15.62 -7.26 -20.22
CA ARG R 134 -15.27 -5.91 -20.68
C ARG R 134 -14.24 -5.28 -19.75
N GLY R 135 -13.38 -4.44 -20.34
CA GLY R 135 -12.31 -3.79 -19.60
C GLY R 135 -12.50 -2.30 -19.49
N THR R 136 -11.41 -1.52 -19.61
CA THR R 136 -11.53 -0.08 -19.48
C THR R 136 -10.33 0.61 -20.13
N ASP R 137 -10.54 1.86 -20.54
CA ASP R 137 -9.48 2.73 -21.02
C ASP R 137 -8.94 3.66 -19.96
N THR R 138 -9.66 3.86 -18.86
CA THR R 138 -9.33 4.89 -17.89
C THR R 138 -9.22 4.30 -16.49
N LEU R 139 -8.49 5.01 -15.64
CA LEU R 139 -8.28 4.57 -14.26
C LEU R 139 -9.58 4.58 -13.48
N ARG R 140 -9.76 3.58 -12.62
CA ARG R 140 -10.97 3.43 -11.84
C ARG R 140 -10.61 3.00 -10.42
N GLU R 141 -11.61 2.98 -9.55
CA GLU R 141 -11.36 2.81 -8.12
C GLU R 141 -12.64 2.37 -7.41
N VAL R 142 -12.45 1.74 -6.25
CA VAL R 142 -13.55 1.23 -5.44
C VAL R 142 -13.09 1.20 -3.99
N GLN R 143 -14.06 1.19 -3.07
CA GLN R 143 -13.78 1.14 -1.64
C GLN R 143 -14.03 -0.27 -1.10
N LEU R 144 -13.03 -0.82 -0.41
CA LEU R 144 -13.07 -2.18 0.11
C LEU R 144 -12.88 -2.17 1.62
N ARG R 145 -13.38 -3.22 2.27
CA ARG R 145 -13.30 -3.38 3.70
C ARG R 145 -12.30 -4.48 4.04
N VAL R 146 -11.35 -4.15 4.91
CA VAL R 146 -10.39 -5.15 5.38
C VAL R 146 -11.13 -6.20 6.19
N GLN R 147 -10.81 -7.47 5.93
CA GLN R 147 -11.51 -8.58 6.55
C GLN R 147 -10.68 -9.18 7.69
N ARG R 148 -11.37 -9.95 8.52
CA ARG R 148 -10.68 -10.83 9.46
C ARG R 148 -9.80 -11.82 8.69
N ASP R 149 -8.70 -12.22 9.31
CA ASP R 149 -7.89 -13.29 8.73
C ASP R 149 -8.67 -14.60 8.65
N ARG R 150 -9.75 -14.72 9.43
CA ARG R 150 -10.59 -15.91 9.36
C ARG R 150 -11.19 -16.10 7.97
N GLN R 151 -11.40 -15.01 7.22
CA GLN R 151 -12.03 -15.13 5.91
C GLN R 151 -11.09 -15.76 4.89
N CYS R 152 -9.83 -15.33 4.87
CA CYS R 152 -8.89 -15.77 3.85
C CYS R 152 -8.20 -17.09 4.18
N LEU R 153 -7.92 -17.36 5.46
CA LEU R 153 -7.37 -18.66 5.80
C LEU R 153 -8.37 -19.78 5.52
N ARG R 154 -9.66 -19.44 5.52
CA ARG R 154 -10.68 -20.41 5.12
C ARG R 154 -10.62 -20.71 3.63
N ILE R 155 -10.60 -19.66 2.81
CA ILE R 155 -10.76 -19.78 1.36
C ILE R 155 -9.44 -20.08 0.65
N PHE R 156 -8.35 -19.45 1.07
CA PHE R 156 -7.06 -19.61 0.40
C PHE R 156 -6.11 -20.39 1.30
N GLY R 157 -5.44 -21.40 0.73
CA GLY R 157 -4.66 -22.34 1.51
C GLY R 157 -3.23 -21.94 1.78
N SER R 158 -2.66 -21.08 0.94
CA SER R 158 -1.31 -20.59 1.13
C SER R 158 -1.29 -19.13 1.59
N TYR R 159 -2.37 -18.66 2.20
CA TYR R 159 -2.43 -17.28 2.67
C TYR R 159 -1.65 -17.13 3.97
N ASP R 160 -0.85 -16.08 4.05
CA ASP R 160 0.02 -15.85 5.21
C ASP R 160 -0.25 -14.46 5.77
N PRO R 161 -1.04 -14.34 6.84
CA PRO R 161 -1.34 -13.01 7.40
C PRO R 161 -0.13 -12.28 7.95
N ARG R 162 1.02 -12.95 8.06
CA ARG R 162 2.25 -12.23 8.38
C ARG R 162 2.65 -11.28 7.25
N ARG R 163 2.28 -11.60 6.01
CA ARG R 163 2.76 -10.87 4.85
C ARG R 163 1.64 -10.37 3.95
N GLN R 164 0.38 -10.69 4.23
CA GLN R 164 -0.68 -10.44 3.27
C GLN R 164 -1.95 -9.99 3.99
N ILE R 165 -2.76 -9.20 3.29
CA ILE R 165 -3.95 -8.58 3.84
C ILE R 165 -5.19 -9.24 3.23
N CYS R 166 -6.16 -9.54 4.07
CA CYS R 166 -7.46 -10.06 3.62
C CYS R 166 -8.41 -8.90 3.44
N VAL R 167 -8.86 -8.68 2.20
CA VAL R 167 -9.59 -7.48 1.83
C VAL R 167 -10.83 -7.88 1.04
N GLY R 168 -11.93 -7.16 1.25
CA GLY R 168 -13.11 -7.30 0.43
C GLY R 168 -14.31 -7.91 1.13
N ASP R 169 -15.41 -7.17 1.18
CA ASP R 169 -16.65 -7.69 1.73
C ASP R 169 -17.23 -8.73 0.80
N ARG R 170 -17.46 -9.95 1.31
CA ARG R 170 -17.92 -11.04 0.47
C ARG R 170 -19.28 -10.73 -0.16
N ARG R 171 -20.18 -10.13 0.62
CA ARG R 171 -21.55 -9.90 0.17
C ARG R 171 -21.69 -8.74 -0.80
N GLU R 172 -20.64 -7.91 -0.96
CA GLU R 172 -20.65 -6.81 -1.91
C GLU R 172 -19.84 -7.18 -3.13
N ARG R 173 -20.28 -6.70 -4.30
CA ARG R 173 -19.60 -6.98 -5.56
C ARG R 173 -18.55 -5.89 -5.82
N LYS R 174 -17.54 -5.90 -4.95
CA LYS R 174 -16.45 -4.93 -5.00
C LYS R 174 -15.14 -5.67 -4.81
N ALA R 175 -14.24 -5.55 -5.79
CA ALA R 175 -12.97 -6.27 -5.76
C ALA R 175 -12.09 -5.73 -6.86
N ALA R 176 -10.78 -5.97 -6.72
CA ALA R 176 -9.85 -5.78 -7.82
C ALA R 176 -9.97 -6.96 -8.78
N PHE R 177 -9.37 -6.83 -9.95
CA PHE R 177 -9.51 -7.91 -10.92
C PHE R 177 -8.35 -7.87 -11.93
N LYS R 178 -8.54 -8.52 -13.08
CA LYS R 178 -7.50 -8.80 -14.06
C LYS R 178 -6.85 -7.53 -14.59
N GLY R 179 -5.60 -7.28 -14.19
CA GLY R 179 -4.88 -6.09 -14.60
C GLY R 179 -4.67 -5.09 -13.48
N ASP R 180 -5.28 -5.31 -12.32
CA ASP R 180 -5.08 -4.45 -11.17
C ASP R 180 -3.92 -4.90 -10.28
N SER R 181 -3.37 -6.09 -10.52
CA SER R 181 -2.23 -6.58 -9.75
C SER R 181 -1.12 -5.54 -9.71
N GLY R 182 -0.45 -5.46 -8.57
CA GLY R 182 0.58 -4.47 -8.36
C GLY R 182 0.08 -3.10 -7.94
N GLY R 183 -1.22 -2.83 -8.09
CA GLY R 183 -1.78 -1.57 -7.66
C GLY R 183 -1.81 -1.44 -6.15
N PRO R 184 -1.95 -0.21 -5.67
CA PRO R 184 -1.94 0.03 -4.22
C PRO R 184 -3.32 -0.08 -3.58
N LEU R 185 -3.30 -0.57 -2.35
CA LEU R 185 -4.42 -0.45 -1.42
C LEU R 185 -4.14 0.73 -0.51
N LEU R 186 -5.07 1.68 -0.47
CA LEU R 186 -4.84 2.97 0.19
C LEU R 186 -5.82 3.18 1.32
N CYS R 187 -5.29 3.49 2.50
CA CYS R 187 -6.07 3.86 3.68
C CYS R 187 -5.45 5.12 4.27
N ASN R 188 -6.21 6.22 4.25
CA ASN R 188 -5.73 7.52 4.70
C ASN R 188 -4.56 8.01 3.86
N ASN R 189 -4.67 7.79 2.55
CA ASN R 189 -3.64 8.14 1.58
C ASN R 189 -2.27 7.61 2.01
N VAL R 190 -2.28 6.37 2.47
CA VAL R 190 -1.06 5.63 2.82
C VAL R 190 -1.16 4.25 2.16
N ALA R 191 -0.10 3.85 1.46
CA ALA R 191 -0.14 2.66 0.61
C ALA R 191 0.24 1.43 1.43
N HIS R 192 -0.77 0.72 1.93
CA HIS R 192 -0.54 -0.42 2.81
C HIS R 192 -0.39 -1.75 2.07
N GLY R 193 -0.98 -1.90 0.89
CA GLY R 193 -1.03 -3.20 0.24
C GLY R 193 -0.73 -3.12 -1.25
N ILE R 194 -0.51 -4.30 -1.82
CA ILE R 194 -0.26 -4.48 -3.25
C ILE R 194 -1.21 -5.55 -3.75
N VAL R 195 -1.97 -5.24 -4.80
CA VAL R 195 -2.93 -6.20 -5.35
C VAL R 195 -2.18 -7.45 -5.79
N SER R 196 -2.67 -8.62 -5.38
CA SER R 196 -1.94 -9.86 -5.62
C SER R 196 -2.79 -10.92 -6.30
N TYR R 197 -3.65 -11.60 -5.55
CA TYR R 197 -4.47 -12.68 -6.10
C TYR R 197 -5.80 -12.78 -5.36
N GLY R 198 -6.68 -13.61 -5.89
CA GLY R 198 -8.00 -13.82 -5.33
C GLY R 198 -8.63 -15.04 -5.99
N LYS R 199 -9.96 -15.08 -6.01
CA LYS R 199 -10.67 -16.14 -6.72
C LYS R 199 -10.79 -15.77 -8.20
N SER R 200 -10.65 -16.76 -9.08
CA SER R 200 -10.79 -16.51 -10.51
C SER R 200 -12.16 -15.97 -10.88
N SER R 201 -13.18 -16.26 -10.06
CA SER R 201 -14.50 -15.69 -10.29
C SER R 201 -14.54 -14.19 -10.02
N GLY R 202 -13.61 -13.69 -9.20
CA GLY R 202 -13.61 -12.30 -8.82
C GLY R 202 -14.40 -11.97 -7.57
N VAL R 203 -15.13 -12.93 -7.03
CA VAL R 203 -15.91 -12.67 -5.81
C VAL R 203 -14.96 -12.51 -4.64
N PRO R 204 -15.11 -11.46 -3.83
CA PRO R 204 -14.24 -11.30 -2.66
C PRO R 204 -14.53 -12.34 -1.59
N PRO R 205 -13.69 -12.46 -0.55
CA PRO R 205 -12.48 -11.70 -0.25
C PRO R 205 -11.31 -11.98 -1.19
N GLU R 206 -10.29 -11.14 -1.13
CA GLU R 206 -9.10 -11.27 -1.96
C GLU R 206 -7.87 -10.96 -1.12
N VAL R 207 -6.70 -11.16 -1.72
CA VAL R 207 -5.43 -11.12 -1.00
C VAL R 207 -4.55 -10.02 -1.59
N PHE R 208 -4.06 -9.14 -0.72
CA PHE R 208 -3.03 -8.16 -1.04
C PHE R 208 -1.72 -8.58 -0.38
N THR R 209 -0.61 -8.08 -0.91
CA THR R 209 0.67 -8.23 -0.23
C THR R 209 0.85 -7.06 0.74
N ARG R 210 1.11 -7.38 2.01
CA ARG R 210 1.17 -6.38 3.06
C ARG R 210 2.49 -5.62 2.97
N VAL R 211 2.44 -4.34 2.62
CA VAL R 211 3.65 -3.58 2.37
C VAL R 211 4.49 -3.47 3.64
N SER R 212 3.83 -3.33 4.79
CA SER R 212 4.54 -3.04 6.03
C SER R 212 5.55 -4.13 6.38
N SER R 213 5.33 -5.36 5.92
CA SER R 213 6.17 -6.50 6.30
C SER R 213 7.39 -6.66 5.42
N PHE R 214 7.60 -5.76 4.45
CA PHE R 214 8.72 -5.90 3.52
C PHE R 214 9.60 -4.64 3.44
N LEU R 215 9.47 -3.73 4.40
CA LEU R 215 10.20 -2.46 4.30
C LEU R 215 11.72 -2.61 4.38
N PRO R 216 12.31 -3.46 5.24
CA PRO R 216 13.78 -3.55 5.25
C PRO R 216 14.37 -3.91 3.89
N TRP R 217 13.75 -4.87 3.19
CA TRP R 217 14.17 -5.16 1.83
C TRP R 217 13.87 -4.01 0.90
N ILE R 218 12.72 -3.34 1.08
CA ILE R 218 12.39 -2.19 0.25
C ILE R 218 13.43 -1.08 0.44
N ARG R 219 13.74 -0.75 1.69
CA ARG R 219 14.64 0.36 1.97
C ARG R 219 16.08 0.04 1.54
N THR R 220 16.54 -1.18 1.81
CA THR R 220 17.88 -1.57 1.39
C THR R 220 18.02 -1.50 -0.13
N THR R 221 16.96 -1.89 -0.84
CA THR R 221 17.02 -1.91 -2.30
C THR R 221 17.03 -0.50 -2.88
N MET R 222 16.39 0.46 -2.23
CA MET R 222 16.20 1.79 -2.78
C MET R 222 17.40 2.72 -2.59
N ARG R 223 18.58 2.19 -2.28
CA ARG R 223 19.78 3.03 -2.19
C ARG R 223 20.68 2.81 -3.41
#